data_7V9R
#
_entry.id   7V9R
#
_cell.length_a   140.055
_cell.length_b   140.967
_cell.length_c   240.339
_cell.angle_alpha   90.000
_cell.angle_beta   90.000
_cell.angle_gamma   90.000
#
_symmetry.space_group_name_H-M   'P 21 21 21'
#
_entity_poly.entity_id   1
_entity_poly.type   'polypeptide(L)'
_entity_poly.pdbx_seq_one_letter_code
;MFRLPTVMKQVRPVCRALAPHLTRAYAKDVKFGADARALMLQGVDLLADAVAVTMGPKGRTVIIEQSWGSPKVTKDGVTV
AKSIDLKDKYKNIGAKLVQDVANNTNEEAGDGTTTATVLARAIAKEGFDTISKGANPVEIRRGVMMAVETVIKELKNLSK
PVTTPEEIAQVATISANGDVEIGNIISNAMKKVGRKGVITVKDGKTLHDELEIIEGMKFDRGYISPYFINTAKGQKCEFQ
DAYLLLSEKKISSVQSIVPALEIANQHRKPLVIVAEDVDGEALSTLVLNRLKVGLQVVAVKAPGFGDNRKNQLRDMAVAT
GGTVFGDEAVGLALEDIQAHDFGKIGEVQITKDDTLLLKGGGSPAEVEKRAAEIVEQLENTTSDYEKEKLNERLAKLSDG
VAVLKVGGTSDVEVNEKKDRVTDALNATRAAVEEGIVPGGGCALLRCIPSLDAIQTANADQKIGVEIIRRALRIPAMTIA
KNAGVEGSLVVEKILQGSAELGYDAMQGEYVNMVEKGIIDPTKVVRTALLDAAGVASLLSTAEAVVTEIPKEDIHMFRLP
TGMGFLEHHHHHH
;
_entity_poly.pdbx_strand_id   A,B,C,D,E,F,G
#
# COMPACT_ATOMS: atom_id res chain seq x y z
N TYR A 26 20.78 -7.24 8.00
CA TYR A 26 22.07 -7.21 8.69
C TYR A 26 22.63 -8.62 8.80
N ALA A 27 21.87 -9.62 8.35
CA ALA A 27 22.32 -11.00 8.41
C ALA A 27 23.49 -11.22 7.46
N LYS A 28 24.34 -12.17 7.83
CA LYS A 28 25.56 -12.45 7.08
C LYS A 28 25.61 -13.92 6.68
N ASP A 29 26.11 -14.18 5.48
CA ASP A 29 26.44 -15.53 5.02
C ASP A 29 27.93 -15.58 4.77
N VAL A 30 28.59 -16.62 5.28
CA VAL A 30 30.04 -16.76 5.19
C VAL A 30 30.38 -18.10 4.58
N LYS A 31 31.26 -18.08 3.58
CA LYS A 31 31.79 -19.27 2.94
C LYS A 31 33.29 -19.32 3.15
N PHE A 32 33.86 -20.52 3.06
CA PHE A 32 35.23 -20.75 3.46
C PHE A 32 36.04 -21.41 2.35
N GLY A 33 37.28 -20.94 2.19
CA GLY A 33 38.27 -21.63 1.40
C GLY A 33 37.86 -21.81 -0.04
N ALA A 34 38.12 -23.03 -0.56
CA ALA A 34 37.93 -23.30 -1.97
C ALA A 34 36.49 -23.11 -2.41
N ASP A 35 35.53 -23.31 -1.51
CA ASP A 35 34.13 -23.15 -1.87
C ASP A 35 33.84 -21.71 -2.30
N ALA A 36 34.30 -20.74 -1.51
CA ALA A 36 34.11 -19.33 -1.87
C ALA A 36 35.06 -18.89 -2.99
N ARG A 37 36.27 -19.44 -3.00
CA ARG A 37 37.21 -19.10 -4.05
C ARG A 37 36.70 -19.54 -5.41
N ALA A 38 35.94 -20.64 -5.46
CA ALA A 38 35.34 -21.06 -6.73
C ALA A 38 34.35 -20.03 -7.24
N LEU A 39 33.50 -19.51 -6.35
CA LEU A 39 32.53 -18.50 -6.76
C LEU A 39 33.24 -17.23 -7.24
N MET A 40 34.26 -16.79 -6.50
CA MET A 40 34.98 -15.59 -6.90
C MET A 40 35.69 -15.80 -8.23
N LEU A 41 36.27 -16.99 -8.43
CA LEU A 41 36.91 -17.30 -9.70
C LEU A 41 35.90 -17.35 -10.83
N GLN A 42 34.68 -17.82 -10.56
CA GLN A 42 33.65 -17.79 -11.58
C GLN A 42 33.32 -16.35 -11.97
N GLY A 43 33.25 -15.46 -10.99
CA GLY A 43 33.01 -14.06 -11.29
C GLY A 43 34.10 -13.44 -12.15
N VAL A 44 35.35 -13.68 -11.76
CA VAL A 44 36.46 -13.13 -12.56
C VAL A 44 36.51 -13.81 -13.92
N ASP A 45 36.06 -15.06 -14.01
CA ASP A 45 35.98 -15.74 -15.30
C ASP A 45 35.00 -15.03 -16.22
N LEU A 46 33.82 -14.70 -15.70
CA LEU A 46 32.84 -13.97 -16.49
C LEU A 46 33.38 -12.62 -16.92
N LEU A 47 33.99 -11.88 -15.99
CA LEU A 47 34.51 -10.56 -16.31
C LEU A 47 35.60 -10.62 -17.37
N ALA A 48 36.56 -11.53 -17.20
CA ALA A 48 37.67 -11.60 -18.14
C ALA A 48 37.23 -12.18 -19.48
N ASP A 49 36.24 -13.07 -19.49
CA ASP A 49 35.70 -13.55 -20.75
C ASP A 49 35.03 -12.43 -21.52
N ALA A 50 34.32 -11.54 -20.82
CA ALA A 50 33.75 -10.37 -21.47
C ALA A 50 34.86 -9.45 -22.00
N VAL A 51 35.90 -9.23 -21.19
CA VAL A 51 36.91 -8.24 -21.54
C VAL A 51 37.81 -8.72 -22.68
N ALA A 52 38.22 -10.00 -22.65
CA ALA A 52 39.29 -10.48 -23.51
C ALA A 52 38.94 -10.48 -25.00
N VAL A 53 37.65 -10.52 -25.34
CA VAL A 53 37.27 -10.51 -26.76
C VAL A 53 37.61 -9.21 -27.45
N THR A 54 37.91 -8.15 -26.69
CA THR A 54 38.31 -6.87 -27.24
C THR A 54 39.83 -6.74 -27.38
N MET A 55 40.59 -7.73 -26.93
CA MET A 55 42.04 -7.61 -26.92
C MET A 55 42.61 -7.64 -28.33
N GLY A 56 43.65 -6.84 -28.56
CA GLY A 56 44.37 -6.85 -29.81
C GLY A 56 43.77 -5.89 -30.83
N PRO A 57 44.55 -5.57 -31.87
CA PRO A 57 44.02 -4.68 -32.92
C PRO A 57 42.91 -5.32 -33.74
N LYS A 58 42.76 -6.64 -33.70
CA LYS A 58 41.69 -7.34 -34.40
C LYS A 58 40.65 -7.86 -33.40
N GLY A 59 40.40 -7.09 -32.34
CA GLY A 59 39.45 -7.49 -31.32
C GLY A 59 38.02 -7.49 -31.83
N ARG A 60 37.16 -8.13 -31.05
CA ARG A 60 35.76 -8.29 -31.40
C ARG A 60 34.93 -7.20 -30.71
N THR A 61 33.61 -7.32 -30.83
CA THR A 61 32.67 -6.30 -30.38
C THR A 61 31.89 -6.81 -29.17
N VAL A 62 31.68 -5.92 -28.20
CA VAL A 62 30.82 -6.17 -27.06
C VAL A 62 29.64 -5.22 -27.12
N ILE A 63 28.44 -5.75 -26.96
CA ILE A 63 27.21 -4.97 -26.95
C ILE A 63 26.74 -4.82 -25.52
N ILE A 64 26.65 -3.59 -25.04
CA ILE A 64 26.20 -3.28 -23.69
C ILE A 64 24.87 -2.57 -23.79
N GLU A 65 23.84 -3.16 -23.18
CA GLU A 65 22.51 -2.58 -23.23
C GLU A 65 22.46 -1.32 -22.38
N GLN A 66 22.30 -0.17 -23.03
CA GLN A 66 22.04 1.06 -22.31
C GLN A 66 20.59 1.07 -21.82
N SER A 67 20.40 1.56 -20.60
CA SER A 67 19.06 1.59 -20.02
C SER A 67 18.13 2.46 -20.86
N TRP A 68 18.62 3.61 -21.32
CA TRP A 68 17.87 4.50 -22.20
C TRP A 68 18.63 4.64 -23.51
N GLY A 69 17.91 4.51 -24.62
CA GLY A 69 18.49 4.69 -25.93
C GLY A 69 18.87 3.38 -26.60
N SER A 70 19.79 3.49 -27.56
CA SER A 70 20.24 2.36 -28.34
C SER A 70 21.32 1.59 -27.59
N PRO A 71 21.51 0.31 -27.92
CA PRO A 71 22.60 -0.45 -27.30
C PRO A 71 23.95 0.14 -27.67
N LYS A 72 24.91 -0.01 -26.76
CA LYS A 72 26.24 0.54 -26.93
C LYS A 72 27.16 -0.53 -27.50
N VAL A 73 27.72 -0.25 -28.67
CA VAL A 73 28.66 -1.14 -29.35
C VAL A 73 30.06 -0.61 -29.14
N THR A 74 30.93 -1.43 -28.55
CA THR A 74 32.27 -0.97 -28.21
C THR A 74 33.26 -2.11 -28.33
N LYS A 75 34.53 -1.74 -28.52
CA LYS A 75 35.66 -2.66 -28.46
C LYS A 75 36.63 -2.27 -27.37
N ASP A 76 36.22 -1.42 -26.43
CA ASP A 76 37.08 -0.94 -25.37
C ASP A 76 36.93 -1.84 -24.16
N GLY A 77 38.05 -2.43 -23.72
CA GLY A 77 38.01 -3.28 -22.53
C GLY A 77 37.65 -2.52 -21.27
N VAL A 78 38.04 -1.25 -21.19
CA VAL A 78 37.81 -0.46 -19.97
C VAL A 78 36.32 -0.31 -19.70
N THR A 79 35.56 0.12 -20.71
CA THR A 79 34.13 0.34 -20.51
C THR A 79 33.38 -0.98 -20.39
N VAL A 80 33.90 -2.05 -21.01
CA VAL A 80 33.29 -3.37 -20.83
C VAL A 80 33.42 -3.82 -19.38
N ALA A 81 34.63 -3.68 -18.81
CA ALA A 81 34.84 -4.05 -17.42
C ALA A 81 34.05 -3.16 -16.48
N LYS A 82 33.95 -1.87 -16.80
CA LYS A 82 33.19 -0.94 -15.97
C LYS A 82 31.70 -1.27 -15.96
N SER A 83 31.19 -1.92 -17.00
CA SER A 83 29.77 -2.18 -17.15
C SER A 83 29.33 -3.53 -16.60
N ILE A 84 30.25 -4.34 -16.10
CA ILE A 84 29.93 -5.69 -15.61
C ILE A 84 29.61 -5.61 -14.13
N ASP A 85 28.46 -6.18 -13.75
CA ASP A 85 28.06 -6.22 -12.34
C ASP A 85 27.12 -7.42 -12.19
N LEU A 86 27.58 -8.44 -11.48
CA LEU A 86 26.88 -9.72 -11.44
C LEU A 86 25.80 -9.73 -10.36
N LYS A 87 25.02 -10.81 -10.34
CA LYS A 87 23.91 -10.96 -9.41
C LYS A 87 24.33 -11.64 -8.11
N ASP A 88 24.98 -12.80 -8.20
CA ASP A 88 25.42 -13.50 -7.00
C ASP A 88 26.52 -12.72 -6.30
N LYS A 89 26.48 -12.74 -4.97
CA LYS A 89 27.32 -11.84 -4.18
C LYS A 89 28.80 -12.16 -4.30
N TYR A 90 29.16 -13.44 -4.21
CA TYR A 90 30.58 -13.81 -4.15
C TYR A 90 31.29 -13.59 -5.47
N LYS A 91 30.66 -14.01 -6.57
CA LYS A 91 31.26 -13.77 -7.89
C LYS A 91 31.32 -12.28 -8.21
N ASN A 92 30.32 -11.51 -7.75
CA ASN A 92 30.39 -10.07 -7.89
C ASN A 92 31.55 -9.49 -7.09
N ILE A 93 31.82 -10.05 -5.92
CA ILE A 93 32.95 -9.58 -5.10
C ILE A 93 34.26 -9.82 -5.84
N GLY A 94 34.44 -11.03 -6.38
CA GLY A 94 35.65 -11.32 -7.13
C GLY A 94 35.80 -10.41 -8.34
N ALA A 95 34.71 -10.23 -9.09
CA ALA A 95 34.75 -9.37 -10.27
C ALA A 95 35.08 -7.93 -9.89
N LYS A 96 34.53 -7.44 -8.78
CA LYS A 96 34.79 -6.06 -8.36
C LYS A 96 36.24 -5.89 -7.92
N LEU A 97 36.80 -6.89 -7.22
CA LEU A 97 38.21 -6.82 -6.85
C LEU A 97 39.11 -6.72 -8.08
N VAL A 98 38.88 -7.61 -9.05
CA VAL A 98 39.71 -7.58 -10.26
C VAL A 98 39.49 -6.29 -11.03
N GLN A 99 38.25 -5.80 -11.07
CA GLN A 99 37.96 -4.54 -11.75
C GLN A 99 38.73 -3.39 -11.12
N ASP A 100 38.74 -3.33 -9.78
CA ASP A 100 39.45 -2.24 -9.10
C ASP A 100 40.94 -2.32 -9.38
N VAL A 101 41.51 -3.52 -9.35
CA VAL A 101 42.95 -3.65 -9.60
C VAL A 101 43.29 -3.24 -11.03
N ALA A 102 42.50 -3.70 -12.00
CA ALA A 102 42.76 -3.34 -13.39
C ALA A 102 42.57 -1.84 -13.61
N ASN A 103 41.55 -1.25 -12.97
CA ASN A 103 41.29 0.18 -13.13
C ASN A 103 42.44 1.02 -12.56
N ASN A 104 42.94 0.67 -11.38
CA ASN A 104 44.08 1.43 -10.86
C ASN A 104 45.36 1.15 -11.63
N THR A 105 45.42 0.01 -12.34
CA THR A 105 46.49 -0.19 -13.31
C THR A 105 46.37 0.79 -14.47
N ASN A 106 45.13 1.03 -14.94
CA ASN A 106 44.94 1.91 -16.09
C ASN A 106 45.25 3.36 -15.75
N GLU A 107 44.89 3.81 -14.56
CA GLU A 107 45.05 5.23 -14.22
C GLU A 107 46.52 5.62 -14.18
N GLU A 108 47.38 4.74 -13.67
CA GLU A 108 48.80 5.07 -13.52
C GLU A 108 49.55 5.03 -14.84
N ALA A 109 49.19 4.12 -15.75
CA ALA A 109 49.96 3.89 -16.96
C ALA A 109 49.27 4.35 -18.25
N GLY A 110 47.94 4.31 -18.30
CA GLY A 110 47.21 4.72 -19.48
C GLY A 110 46.65 3.58 -20.32
N ASP A 111 47.01 2.34 -20.01
CA ASP A 111 46.51 1.18 -20.74
C ASP A 111 46.74 -0.06 -19.86
N GLY A 112 46.49 -1.24 -20.42
CA GLY A 112 46.76 -2.48 -19.74
C GLY A 112 45.63 -3.03 -18.90
N THR A 113 44.42 -2.49 -19.02
CA THR A 113 43.28 -3.05 -18.29
C THR A 113 42.97 -4.47 -18.76
N THR A 114 42.85 -4.66 -20.08
CA THR A 114 42.56 -5.98 -20.62
C THR A 114 43.68 -6.96 -20.30
N THR A 115 44.93 -6.52 -20.45
CA THR A 115 46.07 -7.39 -20.16
C THR A 115 46.09 -7.80 -18.70
N ALA A 116 45.88 -6.83 -17.80
CA ALA A 116 45.85 -7.14 -16.37
C ALA A 116 44.72 -8.11 -16.05
N THR A 117 43.54 -7.90 -16.64
CA THR A 117 42.40 -8.76 -16.37
C THR A 117 42.65 -10.20 -16.83
N VAL A 118 43.15 -10.36 -18.06
CA VAL A 118 43.34 -11.71 -18.58
C VAL A 118 44.47 -12.43 -17.83
N LEU A 119 45.56 -11.71 -17.53
CA LEU A 119 46.63 -12.31 -16.75
C LEU A 119 46.15 -12.70 -15.37
N ALA A 120 45.35 -11.84 -14.73
CA ALA A 120 44.81 -12.14 -13.41
C ALA A 120 43.94 -13.38 -13.46
N ARG A 121 43.07 -13.49 -14.47
CA ARG A 121 42.23 -14.68 -14.56
C ARG A 121 43.07 -15.95 -14.75
N ALA A 122 44.09 -15.89 -15.61
CA ALA A 122 44.92 -17.07 -15.84
C ALA A 122 45.64 -17.50 -14.56
N ILE A 123 46.28 -16.54 -13.88
CA ILE A 123 47.02 -16.86 -12.65
C ILE A 123 46.06 -17.38 -11.58
N ALA A 124 44.92 -16.72 -11.41
CA ALA A 124 43.96 -17.15 -10.39
C ALA A 124 43.42 -18.53 -10.70
N LYS A 125 43.06 -18.80 -11.96
CA LYS A 125 42.54 -20.11 -12.32
C LYS A 125 43.54 -21.21 -12.00
N GLU A 126 44.77 -21.08 -12.51
CA GLU A 126 45.72 -22.16 -12.32
C GLU A 126 46.13 -22.28 -10.85
N GLY A 127 46.27 -21.15 -10.15
CA GLY A 127 46.59 -21.21 -8.74
C GLY A 127 45.52 -21.89 -7.92
N PHE A 128 44.25 -21.54 -8.17
CA PHE A 128 43.15 -22.19 -7.45
C PHE A 128 43.10 -23.68 -7.75
N ASP A 129 43.31 -24.06 -9.03
CA ASP A 129 43.28 -25.47 -9.37
C ASP A 129 44.37 -26.24 -8.63
N THR A 130 45.60 -25.70 -8.63
CA THR A 130 46.69 -26.40 -7.97
C THR A 130 46.54 -26.41 -6.46
N ILE A 131 46.08 -25.29 -5.88
CA ILE A 131 45.92 -25.20 -4.43
C ILE A 131 44.82 -26.16 -3.95
N SER A 132 43.68 -26.18 -4.65
CA SER A 132 42.59 -27.05 -4.24
C SER A 132 42.95 -28.53 -4.35
N LYS A 133 43.95 -28.87 -5.13
CA LYS A 133 44.43 -30.25 -5.19
C LYS A 133 45.35 -30.61 -4.03
N GLY A 134 45.62 -29.67 -3.12
CA GLY A 134 46.42 -29.93 -1.94
C GLY A 134 47.71 -29.14 -1.86
N ALA A 135 48.03 -28.28 -2.82
CA ALA A 135 49.27 -27.53 -2.78
C ALA A 135 49.21 -26.45 -1.70
N ASN A 136 50.38 -26.05 -1.22
CA ASN A 136 50.47 -25.02 -0.19
C ASN A 136 50.34 -23.65 -0.82
N PRO A 137 49.29 -22.87 -0.51
CA PRO A 137 49.12 -21.57 -1.19
C PRO A 137 50.24 -20.58 -0.92
N VAL A 138 50.78 -20.57 0.30
CA VAL A 138 51.84 -19.63 0.63
C VAL A 138 53.08 -19.92 -0.20
N GLU A 139 53.44 -21.20 -0.34
CA GLU A 139 54.62 -21.59 -1.11
C GLU A 139 54.36 -21.60 -2.61
N ILE A 140 53.13 -21.39 -3.04
CA ILE A 140 52.84 -21.14 -4.45
C ILE A 140 52.98 -19.66 -4.78
N ARG A 141 52.38 -18.82 -3.94
CA ARG A 141 52.54 -17.37 -4.10
C ARG A 141 54.00 -16.97 -3.99
N ARG A 142 54.73 -17.56 -3.04
CA ARG A 142 56.18 -17.47 -3.03
C ARG A 142 56.71 -18.36 -4.15
N GLY A 143 57.15 -17.73 -5.23
CA GLY A 143 57.51 -18.44 -6.44
C GLY A 143 56.74 -17.90 -7.61
N VAL A 144 55.44 -17.65 -7.43
CA VAL A 144 54.73 -16.80 -8.39
C VAL A 144 55.33 -15.41 -8.38
N MET A 145 55.50 -14.84 -7.19
CA MET A 145 56.12 -13.51 -7.08
C MET A 145 57.60 -13.56 -7.46
N MET A 146 58.28 -14.67 -7.18
CA MET A 146 59.68 -14.81 -7.58
C MET A 146 59.82 -14.76 -9.09
N ALA A 147 59.01 -15.52 -9.81
CA ALA A 147 59.07 -15.51 -11.26
C ALA A 147 58.57 -14.19 -11.83
N VAL A 148 57.63 -13.53 -11.15
CA VAL A 148 57.22 -12.19 -11.57
C VAL A 148 58.40 -11.22 -11.46
N GLU A 149 59.16 -11.30 -10.39
CA GLU A 149 60.36 -10.47 -10.25
C GLU A 149 61.35 -10.75 -11.36
N THR A 150 61.58 -12.03 -11.67
CA THR A 150 62.50 -12.38 -12.74
C THR A 150 62.02 -11.82 -14.08
N VAL A 151 60.72 -11.96 -14.36
CA VAL A 151 60.17 -11.46 -15.62
C VAL A 151 60.31 -9.95 -15.71
N ILE A 152 60.02 -9.24 -14.61
CA ILE A 152 60.14 -7.78 -14.62
C ILE A 152 61.60 -7.36 -14.84
N LYS A 153 62.53 -8.06 -14.21
CA LYS A 153 63.95 -7.75 -14.40
C LYS A 153 64.35 -7.90 -15.86
N GLU A 154 63.98 -9.03 -16.48
CA GLU A 154 64.35 -9.23 -17.88
C GLU A 154 63.55 -8.35 -18.82
N LEU A 155 62.36 -7.89 -18.42
CA LEU A 155 61.62 -6.92 -19.21
C LEU A 155 62.32 -5.56 -19.20
N LYS A 156 62.79 -5.13 -18.03
CA LYS A 156 63.56 -3.89 -17.95
C LYS A 156 64.85 -4.00 -18.75
N ASN A 157 65.47 -5.19 -18.75
CA ASN A 157 66.63 -5.41 -19.60
C ASN A 157 66.25 -5.31 -21.07
N LEU A 158 65.09 -5.86 -21.45
CA LEU A 158 64.65 -5.81 -22.84
C LEU A 158 64.15 -4.43 -23.25
N SER A 159 63.79 -3.58 -22.30
CA SER A 159 63.22 -2.28 -22.63
C SER A 159 64.24 -1.40 -23.37
N LYS A 160 63.77 -0.73 -24.42
CA LYS A 160 64.60 0.22 -25.16
C LYS A 160 64.23 1.63 -24.72
N PRO A 161 65.15 2.37 -24.10
CA PRO A 161 64.79 3.70 -23.57
C PRO A 161 64.41 4.68 -24.66
N VAL A 162 63.57 5.64 -24.28
CA VAL A 162 63.13 6.72 -25.17
C VAL A 162 63.55 8.02 -24.50
N THR A 163 64.60 8.65 -25.00
CA THR A 163 65.11 9.87 -24.37
C THR A 163 65.25 11.04 -25.32
N THR A 164 65.69 10.80 -26.56
CA THR A 164 65.93 11.88 -27.50
C THR A 164 64.61 12.40 -28.07
N PRO A 165 64.56 13.70 -28.43
CA PRO A 165 63.30 14.24 -28.99
C PRO A 165 62.86 13.57 -30.27
N GLU A 166 63.80 13.12 -31.11
CA GLU A 166 63.42 12.39 -32.32
C GLU A 166 62.74 11.07 -31.98
N GLU A 167 63.26 10.36 -30.98
CA GLU A 167 62.62 9.13 -30.53
C GLU A 167 61.24 9.41 -29.96
N ILE A 168 61.10 10.51 -29.21
CA ILE A 168 59.80 10.88 -28.66
C ILE A 168 58.81 11.15 -29.78
N ALA A 169 59.23 11.90 -30.80
CA ALA A 169 58.35 12.17 -31.94
C ALA A 169 57.96 10.89 -32.65
N GLN A 170 58.92 9.98 -32.83
CA GLN A 170 58.63 8.71 -33.49
C GLN A 170 57.61 7.91 -32.70
N VAL A 171 57.79 7.83 -31.37
CA VAL A 171 56.87 7.08 -30.53
C VAL A 171 55.48 7.71 -30.56
N ALA A 172 55.42 9.04 -30.51
CA ALA A 172 54.13 9.72 -30.54
C ALA A 172 53.41 9.50 -31.86
N THR A 173 54.15 9.55 -32.98
CA THR A 173 53.53 9.28 -34.28
C THR A 173 53.04 7.84 -34.36
N ILE A 174 53.81 6.89 -33.81
CA ILE A 174 53.38 5.49 -33.81
C ILE A 174 52.10 5.33 -33.00
N SER A 175 52.04 5.96 -31.83
CA SER A 175 50.86 5.84 -30.97
C SER A 175 49.64 6.49 -31.60
N ALA A 176 49.84 7.55 -32.40
CA ALA A 176 48.73 8.24 -33.04
C ALA A 176 48.28 7.57 -34.34
N ASN A 177 48.66 6.31 -34.55
CA ASN A 177 48.27 5.55 -35.73
C ASN A 177 48.72 6.26 -37.02
N GLY A 178 49.99 6.63 -37.06
CA GLY A 178 50.59 7.21 -38.25
C GLY A 178 50.06 8.56 -38.66
N ASP A 179 49.82 9.46 -37.71
CA ASP A 179 49.50 10.84 -38.01
C ASP A 179 50.70 11.69 -37.62
N VAL A 180 51.32 12.34 -38.61
CA VAL A 180 52.59 13.02 -38.38
C VAL A 180 52.40 14.25 -37.50
N GLU A 181 51.34 15.02 -37.74
CA GLU A 181 51.18 16.28 -37.01
C GLU A 181 50.87 16.05 -35.53
N ILE A 182 50.12 14.99 -35.20
CA ILE A 182 49.84 14.71 -33.80
C ILE A 182 51.12 14.34 -33.06
N GLY A 183 51.93 13.47 -33.66
CA GLY A 183 53.22 13.15 -33.05
C GLY A 183 54.12 14.36 -32.93
N ASN A 184 54.14 15.21 -33.96
CA ASN A 184 54.97 16.41 -33.90
C ASN A 184 54.52 17.36 -32.81
N ILE A 185 53.21 17.54 -32.65
CA ILE A 185 52.71 18.47 -31.63
C ILE A 185 52.94 17.91 -30.22
N ILE A 186 52.78 16.59 -30.06
CA ILE A 186 53.07 15.97 -28.76
C ILE A 186 54.54 16.13 -28.42
N SER A 187 55.42 15.85 -29.39
CA SER A 187 56.86 15.99 -29.16
C SER A 187 57.23 17.43 -28.87
N ASN A 188 56.64 18.38 -29.58
CA ASN A 188 56.91 19.79 -29.34
C ASN A 188 56.48 20.20 -27.93
N ALA A 189 55.30 19.77 -27.50
CA ALA A 189 54.85 20.11 -26.16
C ALA A 189 55.79 19.52 -25.10
N MET A 190 56.16 18.25 -25.27
CA MET A 190 57.05 17.62 -24.30
C MET A 190 58.41 18.30 -24.28
N LYS A 191 58.91 18.71 -25.45
CA LYS A 191 60.17 19.45 -25.49
C LYS A 191 60.05 20.79 -24.78
N LYS A 192 58.90 21.44 -24.93
CA LYS A 192 58.73 22.79 -24.40
C LYS A 192 58.51 22.81 -22.89
N VAL A 193 57.94 21.74 -22.31
CA VAL A 193 57.73 21.69 -20.87
C VAL A 193 58.51 20.58 -20.17
N GLY A 194 59.23 19.76 -20.92
CA GLY A 194 59.99 18.68 -20.32
C GLY A 194 59.17 17.41 -20.14
N ARG A 195 59.88 16.31 -19.91
CA ARG A 195 59.20 15.03 -19.67
C ARG A 195 58.43 15.05 -18.35
N LYS A 196 58.92 15.78 -17.36
CA LYS A 196 58.24 15.94 -16.08
C LYS A 196 57.18 17.02 -16.10
N GLY A 197 57.02 17.73 -17.22
CA GLY A 197 56.11 18.86 -17.28
C GLY A 197 54.65 18.44 -17.36
N VAL A 198 53.79 19.45 -17.37
CA VAL A 198 52.34 19.27 -17.35
C VAL A 198 51.80 19.52 -18.75
N ILE A 199 51.11 18.53 -19.30
CA ILE A 199 50.47 18.65 -20.61
C ILE A 199 49.01 18.22 -20.47
N THR A 200 48.10 19.04 -20.98
CA THR A 200 46.69 18.71 -21.03
C THR A 200 46.15 19.02 -22.42
N VAL A 201 45.13 18.27 -22.82
CA VAL A 201 44.53 18.39 -24.14
C VAL A 201 43.09 18.84 -23.97
N LYS A 202 42.67 19.82 -24.77
CA LYS A 202 41.33 20.36 -24.69
C LYS A 202 40.82 20.64 -26.10
N ASP A 203 39.51 20.86 -26.20
CA ASP A 203 38.88 21.13 -27.48
C ASP A 203 39.40 22.43 -28.09
N GLY A 204 39.53 22.44 -29.40
CA GLY A 204 39.99 23.62 -30.12
C GLY A 204 38.95 24.11 -31.10
N LYS A 205 38.81 25.44 -31.19
CA LYS A 205 37.85 26.05 -32.10
C LYS A 205 38.42 26.31 -33.48
N THR A 206 39.72 26.11 -33.68
CA THR A 206 40.38 26.39 -34.95
C THR A 206 40.53 25.10 -35.76
N LEU A 207 40.49 25.24 -37.08
CA LEU A 207 40.65 24.09 -37.95
C LEU A 207 42.01 23.42 -37.77
N HIS A 208 43.04 24.19 -37.41
CA HIS A 208 44.39 23.68 -37.26
C HIS A 208 44.71 23.48 -35.80
N ASP A 209 45.31 22.33 -35.48
CA ASP A 209 45.74 22.06 -34.11
C ASP A 209 46.97 22.90 -33.77
N GLU A 210 47.05 23.34 -32.52
CA GLU A 210 48.15 24.17 -32.06
C GLU A 210 48.35 23.98 -30.56
N LEU A 211 49.59 24.18 -30.11
CA LEU A 211 49.90 24.15 -28.69
C LEU A 211 50.48 25.50 -28.29
N GLU A 212 50.20 25.89 -27.05
CA GLU A 212 50.78 27.09 -26.46
C GLU A 212 51.06 26.81 -24.99
N ILE A 213 52.01 27.56 -24.43
CA ILE A 213 52.40 27.42 -23.04
C ILE A 213 51.88 28.63 -22.27
N ILE A 214 51.13 28.36 -21.21
CA ILE A 214 50.58 29.39 -20.35
C ILE A 214 50.96 29.06 -18.91
N GLU A 215 50.71 30.01 -18.01
CA GLU A 215 50.88 29.74 -16.60
C GLU A 215 49.99 28.58 -16.18
N GLY A 216 50.27 28.00 -15.02
CA GLY A 216 49.49 26.88 -14.55
C GLY A 216 50.01 26.36 -13.23
N MET A 217 49.27 25.39 -12.69
CA MET A 217 49.59 24.76 -11.43
C MET A 217 48.87 23.43 -11.34
N LYS A 218 49.57 22.40 -10.88
CA LYS A 218 49.03 21.04 -10.81
C LYS A 218 49.40 20.42 -9.49
N PHE A 219 48.43 19.80 -8.81
CA PHE A 219 48.71 19.11 -7.56
C PHE A 219 47.77 17.91 -7.44
N ASP A 220 48.28 16.85 -6.81
CA ASP A 220 47.57 15.58 -6.72
C ASP A 220 46.58 15.60 -5.57
N ARG A 221 45.54 16.42 -5.74
CA ARG A 221 44.41 16.45 -4.83
C ARG A 221 43.14 16.63 -5.64
N GLY A 222 42.11 15.86 -5.30
CA GLY A 222 40.85 15.87 -6.01
C GLY A 222 39.72 16.50 -5.22
N TYR A 223 38.54 16.47 -5.83
CA TYR A 223 37.35 16.97 -5.17
C TYR A 223 37.02 16.12 -3.95
N ILE A 224 36.47 16.77 -2.91
CA ILE A 224 36.09 16.06 -1.71
C ILE A 224 34.81 15.24 -1.95
N SER A 225 33.84 15.84 -2.62
CA SER A 225 32.57 15.20 -2.92
C SER A 225 32.21 15.45 -4.38
N PRO A 226 31.38 14.59 -4.98
CA PRO A 226 30.95 14.82 -6.37
C PRO A 226 30.36 16.20 -6.62
N TYR A 227 31.06 16.99 -7.42
CA TYR A 227 30.62 18.31 -7.86
C TYR A 227 30.58 18.41 -9.38
N PHE A 228 30.42 17.27 -10.07
CA PHE A 228 30.69 17.21 -11.51
C PHE A 228 29.78 18.11 -12.33
N ILE A 229 30.34 19.19 -12.87
CA ILE A 229 29.62 19.98 -13.85
C ILE A 229 29.57 19.25 -15.18
N ASN A 230 30.64 18.51 -15.51
CA ASN A 230 30.73 17.77 -16.77
C ASN A 230 30.77 16.28 -16.43
N THR A 231 29.58 15.67 -16.30
CA THR A 231 29.52 14.23 -16.12
C THR A 231 29.91 13.49 -17.40
N ALA A 232 29.65 14.09 -18.56
CA ALA A 232 30.03 13.46 -19.82
C ALA A 232 31.55 13.32 -19.93
N LYS A 233 32.29 14.35 -19.50
CA LYS A 233 33.73 14.25 -19.48
C LYS A 233 34.20 13.15 -18.53
N GLY A 234 33.46 12.91 -17.46
CA GLY A 234 33.72 11.81 -16.57
C GLY A 234 34.43 12.20 -15.30
N GLN A 235 33.66 12.38 -14.22
CA GLN A 235 34.20 12.67 -12.89
C GLN A 235 35.15 13.87 -12.90
N LYS A 236 34.77 14.92 -13.62
CA LYS A 236 35.58 16.12 -13.72
C LYS A 236 34.73 17.36 -13.45
N CYS A 237 35.28 18.30 -12.71
CA CYS A 237 34.62 19.55 -12.34
C CYS A 237 35.42 20.69 -12.96
N GLU A 238 34.97 21.20 -14.10
CA GLU A 238 35.71 22.22 -14.82
C GLU A 238 34.80 23.38 -15.20
N PHE A 239 35.28 24.60 -14.95
CA PHE A 239 34.61 25.82 -15.37
C PHE A 239 35.65 26.92 -15.46
N GLN A 240 35.23 28.07 -16.02
CA GLN A 240 36.13 29.17 -16.34
C GLN A 240 35.80 30.40 -15.50
N ASP A 241 36.82 31.23 -15.28
CA ASP A 241 36.69 32.53 -14.63
C ASP A 241 36.07 32.40 -13.23
N ALA A 242 36.79 31.70 -12.36
CA ALA A 242 36.28 31.36 -11.03
C ALA A 242 37.08 32.04 -9.94
N TYR A 243 36.40 32.32 -8.83
CA TYR A 243 37.04 32.81 -7.62
C TYR A 243 37.73 31.67 -6.88
N LEU A 244 38.69 32.03 -6.04
CA LEU A 244 39.44 31.03 -5.27
C LEU A 244 39.72 31.60 -3.88
N LEU A 245 39.29 30.88 -2.85
CA LEU A 245 39.64 31.21 -1.47
C LEU A 245 40.46 30.06 -0.89
N LEU A 246 41.55 30.42 -0.22
CA LEU A 246 42.45 29.45 0.39
C LEU A 246 42.41 29.65 1.90
N SER A 247 42.15 28.56 2.64
CA SER A 247 42.06 28.61 4.08
C SER A 247 43.02 27.61 4.68
N GLU A 248 43.93 28.08 5.54
CA GLU A 248 44.76 27.17 6.30
C GLU A 248 43.94 26.37 7.29
N LYS A 249 42.94 27.01 7.91
CA LYS A 249 42.11 26.34 8.89
C LYS A 249 41.15 25.35 8.22
N LYS A 250 40.73 24.36 9.00
CA LYS A 250 39.72 23.40 8.55
C LYS A 250 38.37 24.10 8.47
N ILE A 251 37.83 24.22 7.26
CA ILE A 251 36.53 24.86 7.06
C ILE A 251 35.45 23.84 7.40
N SER A 252 34.76 24.04 8.52
CA SER A 252 33.69 23.13 8.91
C SER A 252 32.47 23.86 9.47
N SER A 253 32.43 25.18 9.41
CA SER A 253 31.33 25.97 9.94
C SER A 253 30.64 26.71 8.81
N VAL A 254 29.31 26.60 8.78
CA VAL A 254 28.52 27.28 7.74
C VAL A 254 28.60 28.79 7.89
N GLN A 255 28.66 29.29 9.13
CA GLN A 255 28.67 30.73 9.37
C GLN A 255 29.87 31.39 8.73
N SER A 256 31.02 30.71 8.72
CA SER A 256 32.26 31.27 8.18
C SER A 256 32.37 31.14 6.66
N ILE A 257 31.50 30.35 6.03
CA ILE A 257 31.57 30.16 4.58
C ILE A 257 30.40 30.80 3.84
N VAL A 258 29.30 31.14 4.53
CA VAL A 258 28.19 31.81 3.85
C VAL A 258 28.61 33.12 3.20
N PRO A 259 29.34 34.04 3.87
CA PRO A 259 29.71 35.29 3.18
C PRO A 259 30.50 35.08 1.90
N ALA A 260 31.44 34.13 1.89
CA ALA A 260 32.18 33.87 0.67
C ALA A 260 31.28 33.36 -0.44
N LEU A 261 30.34 32.47 -0.09
CA LEU A 261 29.42 31.93 -1.08
C LEU A 261 28.55 33.03 -1.67
N GLU A 262 28.03 33.93 -0.84
CA GLU A 262 27.17 34.99 -1.38
C GLU A 262 27.97 36.02 -2.15
N ILE A 263 29.23 36.26 -1.78
CA ILE A 263 30.07 37.16 -2.57
C ILE A 263 30.33 36.57 -3.95
N ALA A 264 30.62 35.26 -4.00
CA ALA A 264 30.83 34.62 -5.29
C ALA A 264 29.55 34.59 -6.13
N ASN A 265 28.41 34.36 -5.48
CA ASN A 265 27.14 34.33 -6.20
C ASN A 265 26.73 35.71 -6.71
N GLN A 266 27.08 36.77 -5.99
CA GLN A 266 26.70 38.11 -6.42
C GLN A 266 27.33 38.49 -7.75
N HIS A 267 28.59 38.08 -7.96
CA HIS A 267 29.30 38.38 -9.19
C HIS A 267 29.10 37.32 -10.27
N ARG A 268 28.24 36.33 -10.02
CA ARG A 268 27.98 35.25 -10.98
C ARG A 268 29.27 34.52 -11.36
N LYS A 269 30.12 34.26 -10.37
CA LYS A 269 31.39 33.60 -10.61
C LYS A 269 31.48 32.32 -9.79
N PRO A 270 32.07 31.26 -10.34
CA PRO A 270 32.26 30.03 -9.57
C PRO A 270 33.30 30.23 -8.48
N LEU A 271 33.17 29.41 -7.43
CA LEU A 271 34.04 29.50 -6.26
C LEU A 271 34.75 28.18 -6.04
N VAL A 272 36.07 28.24 -5.84
CA VAL A 272 36.88 27.06 -5.58
C VAL A 272 37.41 27.16 -4.15
N ILE A 273 37.11 26.16 -3.34
CA ILE A 273 37.50 26.12 -1.93
C ILE A 273 38.72 25.23 -1.81
N VAL A 274 39.86 25.81 -1.48
CA VAL A 274 41.07 25.07 -1.15
C VAL A 274 41.34 25.29 0.33
N ALA A 275 41.32 24.21 1.10
CA ALA A 275 41.49 24.31 2.54
C ALA A 275 42.11 23.02 3.06
N GLU A 276 42.59 23.07 4.32
CA GLU A 276 43.18 21.89 4.93
C GLU A 276 42.22 20.72 4.89
N ASP A 277 40.93 20.96 5.16
CA ASP A 277 39.87 19.99 4.93
C ASP A 277 38.52 20.67 5.05
N VAL A 278 37.65 20.46 4.06
CA VAL A 278 36.29 20.98 4.08
C VAL A 278 35.38 19.81 4.43
N ASP A 279 34.72 19.89 5.58
CA ASP A 279 33.89 18.81 6.07
C ASP A 279 32.81 19.38 6.99
N GLY A 280 31.95 18.49 7.49
CA GLY A 280 30.92 18.91 8.41
C GLY A 280 29.78 19.65 7.74
N GLU A 281 29.16 20.57 8.49
CA GLU A 281 28.00 21.29 7.98
C GLU A 281 28.36 22.16 6.77
N ALA A 282 29.59 22.65 6.71
CA ALA A 282 30.00 23.43 5.54
C ALA A 282 29.97 22.58 4.28
N LEU A 283 30.56 21.38 4.34
CA LEU A 283 30.51 20.48 3.20
C LEU A 283 29.09 20.07 2.88
N SER A 284 28.27 19.82 3.91
CA SER A 284 26.88 19.44 3.68
C SER A 284 26.12 20.54 2.95
N THR A 285 26.29 21.79 3.37
CA THR A 285 25.62 22.90 2.70
C THR A 285 26.14 23.08 1.27
N LEU A 286 27.45 22.94 1.08
CA LEU A 286 28.01 23.09 -0.27
C LEU A 286 27.47 22.02 -1.21
N VAL A 287 27.34 20.78 -0.73
CA VAL A 287 26.82 19.72 -1.56
C VAL A 287 25.32 19.93 -1.83
N LEU A 288 24.57 20.23 -0.78
CA LEU A 288 23.11 20.34 -0.91
C LEU A 288 22.72 21.51 -1.81
N ASN A 289 23.35 22.67 -1.61
CA ASN A 289 23.01 23.84 -2.43
C ASN A 289 23.44 23.64 -3.88
N ARG A 290 24.58 22.99 -4.10
CA ARG A 290 25.01 22.70 -5.46
C ARG A 290 24.03 21.77 -6.16
N LEU A 291 23.55 20.73 -5.46
CA LEU A 291 22.63 19.79 -6.08
C LEU A 291 21.25 20.40 -6.30
N LYS A 292 20.77 21.18 -5.33
CA LYS A 292 19.41 21.71 -5.40
C LYS A 292 19.35 23.04 -6.14
N VAL A 293 20.08 24.05 -5.66
CA VAL A 293 20.03 25.37 -6.26
C VAL A 293 20.90 25.43 -7.51
N GLY A 294 22.10 24.87 -7.45
CA GLY A 294 23.01 24.93 -8.58
C GLY A 294 24.22 25.80 -8.31
N LEU A 295 24.69 25.79 -7.07
CA LEU A 295 25.89 26.54 -6.72
C LEU A 295 27.09 26.04 -7.52
N GLN A 296 27.85 26.97 -8.09
CA GLN A 296 29.06 26.63 -8.82
C GLN A 296 30.25 26.66 -7.85
N VAL A 297 30.29 25.65 -6.99
CA VAL A 297 31.31 25.53 -5.96
C VAL A 297 31.92 24.13 -6.01
N VAL A 298 33.24 24.07 -5.89
CA VAL A 298 33.98 22.82 -5.76
C VAL A 298 34.97 22.96 -4.62
N ALA A 299 34.96 22.01 -3.69
CA ALA A 299 35.86 22.00 -2.55
C ALA A 299 36.92 20.93 -2.77
N VAL A 300 38.19 21.30 -2.56
CA VAL A 300 39.32 20.41 -2.76
C VAL A 300 40.25 20.55 -1.56
N LYS A 301 40.72 19.41 -1.05
CA LYS A 301 41.65 19.42 0.08
C LYS A 301 42.97 20.05 -0.34
N ALA A 302 43.56 20.83 0.57
CA ALA A 302 44.80 21.52 0.28
C ALA A 302 45.93 20.50 0.06
N PRO A 303 46.76 20.71 -0.95
CA PRO A 303 47.86 19.76 -1.21
C PRO A 303 48.95 19.86 -0.16
N GLY A 304 49.68 18.75 -0.01
CA GLY A 304 50.79 18.69 0.91
C GLY A 304 50.37 18.30 2.32
N PHE A 305 51.37 18.15 3.17
CA PHE A 305 51.17 17.79 4.56
C PHE A 305 52.21 18.50 5.41
N GLY A 306 51.86 18.75 6.68
CA GLY A 306 52.79 19.40 7.58
C GLY A 306 52.99 20.87 7.24
N ASP A 307 54.19 21.36 7.56
CA ASP A 307 54.51 22.76 7.30
C ASP A 307 54.54 23.07 5.81
N ASN A 308 54.73 22.05 4.96
CA ASN A 308 54.72 22.30 3.52
C ASN A 308 53.34 22.71 3.03
N ARG A 309 52.28 22.22 3.68
CA ARG A 309 50.92 22.54 3.23
C ARG A 309 50.68 24.05 3.31
N LYS A 310 51.09 24.67 4.42
CA LYS A 310 50.95 26.12 4.55
C LYS A 310 51.77 26.85 3.50
N ASN A 311 53.00 26.37 3.25
CA ASN A 311 53.88 27.05 2.30
C ASN A 311 53.30 27.04 0.88
N GLN A 312 52.82 25.88 0.44
CA GLN A 312 52.25 25.84 -0.91
C GLN A 312 50.85 26.43 -0.97
N LEU A 313 50.14 26.53 0.16
CA LEU A 313 48.94 27.36 0.17
C LEU A 313 49.28 28.82 -0.08
N ARG A 314 50.35 29.32 0.57
CA ARG A 314 50.81 30.67 0.29
C ARG A 314 51.24 30.80 -1.17
N ASP A 315 51.91 29.78 -1.70
CA ASP A 315 52.36 29.81 -3.09
C ASP A 315 51.18 29.89 -4.05
N MET A 316 50.14 29.10 -3.78
CA MET A 316 48.93 29.16 -4.61
C MET A 316 48.27 30.52 -4.50
N ALA A 317 48.24 31.10 -3.29
CA ALA A 317 47.64 32.41 -3.12
C ALA A 317 48.37 33.47 -3.93
N VAL A 318 49.70 33.47 -3.87
CA VAL A 318 50.45 34.48 -4.63
C VAL A 318 50.38 34.22 -6.12
N ALA A 319 50.24 32.95 -6.53
CA ALA A 319 50.12 32.64 -7.95
C ALA A 319 48.76 33.08 -8.50
N THR A 320 47.71 33.00 -7.70
CA THR A 320 46.38 33.40 -8.14
C THR A 320 45.99 34.81 -7.74
N GLY A 321 46.75 35.45 -6.86
CA GLY A 321 46.44 36.80 -6.42
C GLY A 321 45.53 36.91 -5.22
N GLY A 322 45.17 35.79 -4.59
CA GLY A 322 44.35 35.81 -3.40
C GLY A 322 45.17 35.87 -2.13
N THR A 323 44.50 35.57 -1.02
CA THR A 323 45.15 35.56 0.29
C THR A 323 44.73 34.32 1.05
N VAL A 324 45.57 33.93 2.02
CA VAL A 324 45.36 32.73 2.81
C VAL A 324 44.68 33.11 4.12
N PHE A 325 43.64 32.37 4.48
CA PHE A 325 42.90 32.60 5.71
C PHE A 325 43.31 31.56 6.76
N GLY A 326 43.73 32.03 7.92
CA GLY A 326 44.19 31.15 8.98
C GLY A 326 44.30 31.84 10.32
N GLY A 331 43.84 39.59 11.83
CA GLY A 331 42.47 39.80 11.40
C GLY A 331 42.12 39.08 10.12
N LEU A 332 43.00 38.16 9.72
CA LEU A 332 42.80 37.38 8.49
C LEU A 332 41.95 36.14 8.74
N ALA A 333 40.80 36.34 9.36
CA ALA A 333 39.86 35.27 9.63
C ALA A 333 38.79 35.23 8.53
N LEU A 334 37.90 34.24 8.63
CA LEU A 334 36.87 34.06 7.61
C LEU A 334 35.77 35.10 7.78
N GLU A 335 34.73 34.97 6.96
CA GLU A 335 33.53 35.83 6.96
C GLU A 335 33.88 37.32 6.92
N ASP A 336 35.11 37.65 6.52
CA ASP A 336 35.53 39.03 6.31
C ASP A 336 36.06 39.25 4.89
N ILE A 337 35.72 38.35 3.98
CA ILE A 337 36.17 38.46 2.60
C ILE A 337 35.55 39.69 1.95
N GLN A 338 36.36 40.43 1.20
CA GLN A 338 35.89 41.60 0.46
C GLN A 338 36.18 41.46 -1.03
N ALA A 339 36.28 40.22 -1.50
CA ALA A 339 36.44 39.88 -2.92
C ALA A 339 37.80 40.29 -3.47
N HIS A 340 38.58 41.02 -2.69
CA HIS A 340 39.99 41.20 -3.00
C HIS A 340 40.85 40.15 -2.31
N ASP A 341 40.25 39.34 -1.44
CA ASP A 341 40.90 38.21 -0.80
C ASP A 341 40.78 36.93 -1.63
N PHE A 342 40.08 36.98 -2.76
CA PHE A 342 39.90 35.83 -3.62
C PHE A 342 40.99 35.78 -4.69
N GLY A 343 41.52 34.59 -4.93
CA GLY A 343 42.34 34.38 -6.11
C GLY A 343 41.49 34.21 -7.35
N LYS A 344 42.05 34.59 -8.49
CA LYS A 344 41.36 34.51 -9.77
C LYS A 344 41.97 33.38 -10.60
N ILE A 345 41.12 32.50 -11.12
CA ILE A 345 41.55 31.36 -11.91
C ILE A 345 40.81 31.41 -13.25
N GLY A 346 41.57 31.48 -14.34
CA GLY A 346 40.95 31.53 -15.66
C GLY A 346 40.28 30.22 -16.05
N GLU A 347 40.92 29.09 -15.72
CA GLU A 347 40.34 27.78 -15.99
C GLU A 347 40.81 26.82 -14.91
N VAL A 348 39.88 25.98 -14.44
CA VAL A 348 40.17 25.00 -13.40
C VAL A 348 39.57 23.66 -13.82
N GLN A 349 40.35 22.60 -13.71
CA GLN A 349 39.87 21.24 -13.93
C GLN A 349 40.20 20.41 -12.70
N ILE A 350 39.18 19.90 -12.04
CA ILE A 350 39.33 19.08 -10.84
C ILE A 350 38.76 17.70 -11.13
N THR A 351 39.60 16.68 -10.97
CA THR A 351 39.20 15.30 -11.17
C THR A 351 39.38 14.52 -9.87
N LYS A 352 39.20 13.20 -9.94
CA LYS A 352 39.21 12.39 -8.73
C LYS A 352 40.55 12.41 -8.03
N ASP A 353 41.64 12.43 -8.80
CA ASP A 353 42.98 12.30 -8.23
C ASP A 353 43.88 13.52 -8.40
N ASP A 354 43.45 14.56 -9.12
CA ASP A 354 44.30 15.72 -9.31
C ASP A 354 43.44 16.94 -9.62
N THR A 355 44.06 18.11 -9.50
CA THR A 355 43.41 19.39 -9.77
C THR A 355 44.33 20.27 -10.60
N LEU A 356 43.76 20.92 -11.60
CA LEU A 356 44.53 21.76 -12.53
C LEU A 356 43.96 23.17 -12.53
N LEU A 357 44.71 24.12 -11.95
CA LEU A 357 44.41 25.54 -12.05
C LEU A 357 45.23 26.11 -13.20
N LEU A 358 44.55 26.68 -14.20
CA LEU A 358 45.22 26.99 -15.45
C LEU A 358 45.75 28.43 -15.49
N LYS A 359 44.86 29.42 -15.45
CA LYS A 359 45.24 30.81 -15.64
C LYS A 359 45.21 31.52 -14.29
N GLY A 360 46.38 31.95 -13.82
CA GLY A 360 46.48 32.62 -12.54
C GLY A 360 46.36 34.12 -12.68
N GLY A 361 45.55 34.73 -11.82
CA GLY A 361 45.40 36.16 -11.81
C GLY A 361 46.45 36.93 -11.06
N GLY A 362 47.38 36.22 -10.41
CA GLY A 362 48.40 36.89 -9.64
C GLY A 362 49.36 37.68 -10.51
N SER A 363 49.92 38.73 -9.92
CA SER A 363 50.86 39.58 -10.65
C SER A 363 52.14 38.81 -10.95
N PRO A 364 52.67 38.93 -12.17
CA PRO A 364 53.96 38.28 -12.46
C PRO A 364 55.08 38.76 -11.56
N ALA A 365 55.10 40.05 -11.21
CA ALA A 365 56.10 40.55 -10.29
C ALA A 365 55.89 40.02 -8.88
N GLU A 366 54.64 39.76 -8.51
CA GLU A 366 54.35 39.18 -7.19
C GLU A 366 54.98 37.80 -7.05
N VAL A 367 54.90 36.99 -8.11
CA VAL A 367 55.42 35.63 -8.03
C VAL A 367 56.92 35.56 -8.33
N GLU A 368 57.46 36.50 -9.13
CA GLU A 368 58.87 36.44 -9.44
C GLU A 368 59.74 36.82 -8.25
N LYS A 369 59.17 37.49 -7.24
CA LYS A 369 59.87 37.77 -6.00
C LYS A 369 59.48 36.82 -4.87
N ARG A 370 58.40 36.05 -5.04
CA ARG A 370 58.11 34.98 -4.08
C ARG A 370 59.10 33.84 -4.24
N ALA A 371 59.48 33.52 -5.48
CA ALA A 371 60.48 32.48 -5.72
C ALA A 371 61.83 32.85 -5.11
N ALA A 372 62.09 34.15 -4.95
CA ALA A 372 63.32 34.58 -4.29
C ALA A 372 63.38 34.08 -2.86
N GLU A 373 62.23 34.06 -2.18
CA GLU A 373 62.17 33.49 -0.83
C GLU A 373 62.54 32.02 -0.84
N ILE A 374 62.04 31.28 -1.82
CA ILE A 374 62.36 29.84 -1.93
C ILE A 374 63.84 29.64 -2.17
N VAL A 375 64.42 30.44 -3.07
CA VAL A 375 65.86 30.33 -3.34
C VAL A 375 66.67 30.65 -2.09
N GLU A 376 66.28 31.70 -1.36
CA GLU A 376 66.99 32.05 -0.14
C GLU A 376 66.90 30.95 0.90
N GLN A 377 65.72 30.32 1.04
CA GLN A 377 65.58 29.19 1.94
C GLN A 377 66.36 27.97 1.46
N LEU A 378 66.63 27.87 0.15
CA LEU A 378 67.41 26.74 -0.36
C LEU A 378 68.86 26.80 0.14
N GLU A 379 69.37 27.99 0.43
CA GLU A 379 70.71 28.09 1.00
C GLU A 379 70.73 27.64 2.45
N ASN A 380 69.65 27.93 3.19
CA ASN A 380 69.61 27.59 4.60
C ASN A 380 69.33 26.11 4.84
N THR A 381 68.56 25.46 3.96
CA THR A 381 68.12 24.10 4.22
C THR A 381 69.30 23.12 4.18
N THR A 382 69.22 22.09 5.03
CA THR A 382 70.23 21.04 5.06
C THR A 382 69.64 19.65 5.16
N SER A 383 68.31 19.51 5.24
CA SER A 383 67.67 18.20 5.39
C SER A 383 67.79 17.35 4.14
N ASP A 384 68.09 17.94 2.98
CA ASP A 384 68.21 17.25 1.72
C ASP A 384 66.87 16.69 1.26
N TYR A 385 65.83 16.89 2.07
CA TYR A 385 64.46 16.60 1.72
C TYR A 385 63.57 17.83 1.71
N GLU A 386 63.85 18.80 2.59
CA GLU A 386 63.23 20.11 2.47
C GLU A 386 63.62 20.77 1.16
N LYS A 387 64.88 20.57 0.73
CA LYS A 387 65.32 21.14 -0.54
C LYS A 387 64.54 20.57 -1.72
N GLU A 388 64.18 19.29 -1.64
CA GLU A 388 63.37 18.67 -2.69
C GLU A 388 62.00 19.33 -2.78
N LYS A 389 61.35 19.54 -1.63
CA LYS A 389 60.04 20.18 -1.63
C LYS A 389 60.13 21.65 -2.01
N LEU A 390 61.19 22.33 -1.57
CA LEU A 390 61.40 23.71 -1.99
C LEU A 390 61.56 23.82 -3.50
N ASN A 391 62.35 22.91 -4.08
CA ASN A 391 62.52 22.90 -5.53
C ASN A 391 61.22 22.58 -6.25
N GLU A 392 60.42 21.65 -5.69
CA GLU A 392 59.13 21.34 -6.29
C GLU A 392 58.20 22.56 -6.28
N ARG A 393 58.16 23.29 -5.16
CA ARG A 393 57.36 24.50 -5.10
C ARG A 393 57.84 25.54 -6.11
N LEU A 394 59.15 25.71 -6.22
CA LEU A 394 59.70 26.67 -7.17
C LEU A 394 59.35 26.29 -8.61
N ALA A 395 59.45 25.00 -8.94
CA ALA A 395 59.08 24.55 -10.28
C ALA A 395 57.60 24.77 -10.55
N LYS A 396 56.75 24.49 -9.56
CA LYS A 396 55.32 24.74 -9.73
C LYS A 396 55.05 26.21 -9.98
N LEU A 397 55.75 27.09 -9.26
CA LEU A 397 55.57 28.53 -9.47
C LEU A 397 56.03 28.96 -10.86
N SER A 398 57.18 28.47 -11.31
CA SER A 398 57.78 28.93 -12.56
C SER A 398 57.28 28.13 -13.76
N ASP A 399 57.49 26.83 -13.75
CA ASP A 399 57.04 26.00 -14.87
C ASP A 399 55.54 26.06 -15.01
N GLY A 400 55.07 26.31 -16.23
CA GLY A 400 53.66 26.37 -16.53
C GLY A 400 53.13 25.05 -17.07
N VAL A 401 52.00 25.14 -17.77
CA VAL A 401 51.41 23.99 -18.44
C VAL A 401 51.34 24.27 -19.93
N ALA A 402 51.44 23.21 -20.72
CA ALA A 402 51.34 23.28 -22.17
C ALA A 402 49.98 22.75 -22.58
N VAL A 403 49.13 23.63 -23.10
CA VAL A 403 47.80 23.26 -23.56
C VAL A 403 47.84 23.18 -25.09
N LEU A 404 47.48 22.01 -25.63
CA LEU A 404 47.39 21.82 -27.06
C LEU A 404 45.95 21.51 -27.43
N LYS A 405 45.41 22.29 -28.37
CA LYS A 405 44.03 22.17 -28.79
C LYS A 405 43.99 21.54 -30.18
N VAL A 406 43.18 20.49 -30.33
CA VAL A 406 43.16 19.71 -31.57
C VAL A 406 42.23 20.38 -32.57
N GLY A 407 42.68 20.45 -33.83
CA GLY A 407 41.87 21.03 -34.88
C GLY A 407 41.04 19.99 -35.63
N GLY A 408 40.11 20.49 -36.43
CA GLY A 408 39.26 19.63 -37.23
C GLY A 408 38.17 20.40 -37.94
N THR A 409 37.58 19.78 -38.96
CA THR A 409 36.52 20.43 -39.73
C THR A 409 35.13 20.25 -39.11
N SER A 410 34.99 19.36 -38.12
CA SER A 410 33.72 19.15 -37.44
C SER A 410 33.96 19.09 -35.95
N ASP A 411 32.96 19.54 -35.19
CA ASP A 411 33.09 19.59 -33.74
C ASP A 411 33.19 18.20 -33.13
N VAL A 412 32.38 17.26 -33.61
CA VAL A 412 32.46 15.88 -33.13
C VAL A 412 33.79 15.26 -33.53
N GLU A 413 34.28 15.57 -34.73
CA GLU A 413 35.62 15.16 -35.13
C GLU A 413 36.67 15.71 -34.18
N VAL A 414 36.49 16.96 -33.74
CA VAL A 414 37.42 17.56 -32.80
C VAL A 414 37.41 16.80 -31.47
N ASN A 415 36.22 16.44 -30.99
CA ASN A 415 36.13 15.70 -29.72
C ASN A 415 36.80 14.34 -29.82
N GLU A 416 36.52 13.62 -30.92
CA GLU A 416 37.12 12.30 -31.09
C GLU A 416 38.64 12.40 -31.22
N LYS A 417 39.12 13.40 -31.97
CA LYS A 417 40.55 13.61 -32.09
C LYS A 417 41.17 13.99 -30.75
N LYS A 418 40.44 14.74 -29.92
CA LYS A 418 40.92 15.03 -28.58
C LYS A 418 41.12 13.75 -27.78
N ASP A 419 40.14 12.82 -27.86
CA ASP A 419 40.31 11.55 -27.17
C ASP A 419 41.52 10.79 -27.69
N ARG A 420 41.68 10.76 -29.03
CA ARG A 420 42.80 10.05 -29.63
C ARG A 420 44.13 10.64 -29.19
N VAL A 421 44.24 11.97 -29.20
CA VAL A 421 45.49 12.63 -28.82
C VAL A 421 45.76 12.44 -27.33
N THR A 422 44.71 12.43 -26.50
CA THR A 422 44.91 12.16 -25.08
C THR A 422 45.48 10.76 -24.86
N ASP A 423 44.92 9.76 -25.55
CA ASP A 423 45.44 8.41 -25.43
C ASP A 423 46.89 8.33 -25.90
N ALA A 424 47.19 8.95 -27.04
CA ALA A 424 48.55 8.94 -27.58
C ALA A 424 49.52 9.64 -26.64
N LEU A 425 49.10 10.76 -26.05
CA LEU A 425 49.96 11.51 -25.14
C LEU A 425 50.25 10.71 -23.88
N ASN A 426 49.25 10.02 -23.34
CA ASN A 426 49.49 9.18 -22.17
C ASN A 426 50.43 8.03 -22.51
N ALA A 427 50.25 7.42 -23.68
CA ALA A 427 51.16 6.35 -24.11
C ALA A 427 52.58 6.87 -24.25
N THR A 428 52.75 8.06 -24.83
CA THR A 428 54.08 8.63 -25.01
C THR A 428 54.72 8.99 -23.67
N ARG A 429 53.91 9.49 -22.73
CA ARG A 429 54.45 9.78 -21.40
C ARG A 429 54.93 8.50 -20.72
N ALA A 430 54.16 7.42 -20.83
CA ALA A 430 54.60 6.15 -20.27
C ALA A 430 55.88 5.65 -20.95
N ALA A 431 55.96 5.81 -22.27
CA ALA A 431 57.15 5.38 -23.01
C ALA A 431 58.38 6.17 -22.59
N VAL A 432 58.24 7.48 -22.40
CA VAL A 432 59.35 8.28 -21.91
C VAL A 432 59.72 7.87 -20.49
N GLU A 433 58.73 7.50 -19.69
CA GLU A 433 59.00 7.11 -18.31
C GLU A 433 59.83 5.83 -18.24
N GLU A 434 59.42 4.80 -19.01
CA GLU A 434 60.08 3.50 -18.83
C GLU A 434 60.41 2.78 -20.13
N GLY A 435 60.49 3.47 -21.26
CA GLY A 435 60.89 2.82 -22.49
C GLY A 435 59.77 2.04 -23.15
N ILE A 436 60.13 1.33 -24.22
CA ILE A 436 59.17 0.58 -25.03
C ILE A 436 59.62 -0.86 -25.17
N VAL A 437 58.65 -1.73 -25.41
CA VAL A 437 58.87 -3.16 -25.66
C VAL A 437 58.02 -3.58 -26.84
N PRO A 438 58.35 -4.71 -27.47
CA PRO A 438 57.51 -5.20 -28.57
C PRO A 438 56.07 -5.42 -28.11
N GLY A 439 55.13 -5.06 -28.98
CA GLY A 439 53.72 -5.09 -28.66
C GLY A 439 53.10 -6.46 -28.85
N GLY A 440 51.77 -6.48 -28.80
CA GLY A 440 51.03 -7.72 -28.97
C GLY A 440 51.32 -8.75 -27.90
N GLY A 441 51.69 -8.32 -26.70
CA GLY A 441 52.03 -9.25 -25.63
C GLY A 441 53.26 -10.08 -25.90
N CYS A 442 54.07 -9.71 -26.90
CA CYS A 442 55.25 -10.48 -27.25
C CYS A 442 56.41 -10.26 -26.29
N ALA A 443 56.41 -9.16 -25.53
CA ALA A 443 57.44 -8.97 -24.51
C ALA A 443 57.33 -10.05 -23.44
N LEU A 444 56.11 -10.30 -22.96
CA LEU A 444 55.89 -11.40 -22.03
C LEU A 444 56.24 -12.73 -22.68
N LEU A 445 56.05 -12.85 -23.98
CA LEU A 445 56.46 -14.06 -24.69
C LEU A 445 57.97 -14.24 -24.67
N ARG A 446 58.71 -13.15 -24.83
CA ARG A 446 60.17 -13.21 -24.85
C ARG A 446 60.77 -13.34 -23.45
N CYS A 447 60.00 -13.04 -22.41
CA CYS A 447 60.48 -13.24 -21.05
C CYS A 447 60.31 -14.68 -20.56
N ILE A 448 59.69 -15.56 -21.36
CA ILE A 448 59.49 -16.94 -20.93
C ILE A 448 60.80 -17.68 -20.69
N PRO A 449 61.79 -17.65 -21.59
CA PRO A 449 63.04 -18.39 -21.32
C PRO A 449 63.81 -17.84 -20.14
N SER A 450 63.50 -16.63 -19.68
CA SER A 450 64.29 -16.00 -18.61
C SER A 450 64.11 -16.73 -17.28
N LEU A 451 62.96 -17.35 -17.05
CA LEU A 451 62.66 -17.95 -15.76
C LEU A 451 62.96 -19.45 -15.71
N ASP A 452 63.66 -19.97 -16.71
CA ASP A 452 64.05 -21.38 -16.68
C ASP A 452 65.14 -21.66 -15.65
N ALA A 453 65.82 -20.63 -15.15
CA ALA A 453 66.88 -20.77 -14.15
C ALA A 453 66.45 -20.04 -12.90
N ILE A 454 65.70 -20.72 -12.03
CA ILE A 454 65.26 -20.18 -10.76
C ILE A 454 65.56 -21.22 -9.68
N GLN A 455 66.15 -20.77 -8.58
CA GLN A 455 66.50 -21.65 -7.45
C GLN A 455 65.21 -21.98 -6.70
N THR A 456 64.48 -22.97 -7.21
CA THR A 456 63.25 -23.40 -6.56
C THR A 456 63.58 -24.21 -5.31
N ALA A 457 62.89 -23.90 -4.21
CA ALA A 457 63.13 -24.60 -2.95
C ALA A 457 62.41 -25.93 -2.93
N ASN A 458 61.09 -25.91 -3.03
CA ASN A 458 60.26 -27.11 -3.05
C ASN A 458 59.48 -27.18 -4.36
N ALA A 459 58.62 -28.19 -4.47
CA ALA A 459 57.86 -28.38 -5.70
C ALA A 459 56.82 -27.29 -5.91
N ASP A 460 56.28 -26.74 -4.82
CA ASP A 460 55.20 -25.75 -4.94
C ASP A 460 55.69 -24.48 -5.61
N GLN A 461 56.93 -24.08 -5.33
CA GLN A 461 57.49 -22.90 -5.99
C GLN A 461 57.63 -23.13 -7.49
N LYS A 462 58.05 -24.34 -7.88
CA LYS A 462 58.09 -24.67 -9.31
C LYS A 462 56.70 -24.64 -9.91
N ILE A 463 55.69 -25.08 -9.16
CA ILE A 463 54.31 -25.04 -9.63
C ILE A 463 53.88 -23.61 -9.90
N GLY A 464 54.20 -22.69 -8.97
CA GLY A 464 53.89 -21.29 -9.18
C GLY A 464 54.62 -20.70 -10.38
N VAL A 465 55.88 -21.09 -10.57
CA VAL A 465 56.64 -20.64 -11.73
C VAL A 465 55.96 -21.10 -13.02
N GLU A 466 55.49 -22.35 -13.05
CA GLU A 466 54.78 -22.84 -14.22
C GLU A 466 53.47 -22.10 -14.44
N ILE A 467 52.78 -21.75 -13.35
CA ILE A 467 51.55 -20.96 -13.47
C ILE A 467 51.85 -19.65 -14.18
N ILE A 468 52.90 -18.95 -13.73
CA ILE A 468 53.20 -17.65 -14.33
C ILE A 468 53.70 -17.83 -15.77
N ARG A 469 54.40 -18.92 -16.06
CA ARG A 469 54.85 -19.18 -17.43
C ARG A 469 53.67 -19.38 -18.36
N ARG A 470 52.67 -20.15 -17.92
CA ARG A 470 51.45 -20.29 -18.72
C ARG A 470 50.75 -18.95 -18.88
N ALA A 471 50.77 -18.13 -17.83
CA ALA A 471 50.15 -16.81 -17.91
C ALA A 471 50.81 -15.94 -18.96
N LEU A 472 52.14 -16.02 -19.09
CA LEU A 472 52.87 -15.12 -19.97
C LEU A 472 52.44 -15.27 -21.44
N ARG A 473 51.96 -16.45 -21.83
CA ARG A 473 51.52 -16.66 -23.21
C ARG A 473 50.09 -16.19 -23.45
N ILE A 474 49.32 -15.95 -22.39
CA ILE A 474 47.88 -15.70 -22.55
C ILE A 474 47.59 -14.43 -23.35
N PRO A 475 48.23 -13.29 -23.09
CA PRO A 475 47.87 -12.10 -23.89
C PRO A 475 48.11 -12.28 -25.39
N ALA A 476 49.28 -12.80 -25.78
CA ALA A 476 49.56 -13.00 -27.19
C ALA A 476 48.61 -14.03 -27.80
N MET A 477 48.33 -15.11 -27.06
CA MET A 477 47.40 -16.13 -27.56
C MET A 477 46.01 -15.57 -27.74
N THR A 478 45.55 -14.73 -26.81
CA THR A 478 44.23 -14.12 -26.92
C THR A 478 44.18 -13.17 -28.11
N ILE A 479 45.23 -12.38 -28.32
CA ILE A 479 45.27 -11.48 -29.47
C ILE A 479 45.22 -12.27 -30.77
N ALA A 480 45.97 -13.36 -30.85
CA ALA A 480 45.94 -14.20 -32.04
C ALA A 480 44.56 -14.82 -32.25
N LYS A 481 43.94 -15.31 -31.18
CA LYS A 481 42.63 -15.94 -31.30
C LYS A 481 41.58 -14.94 -31.77
N ASN A 482 41.61 -13.72 -31.23
CA ASN A 482 40.70 -12.69 -31.70
C ASN A 482 41.00 -12.31 -33.15
N ALA A 483 42.28 -12.39 -33.56
CA ALA A 483 42.62 -12.14 -34.95
C ALA A 483 42.06 -13.20 -35.88
N GLY A 484 41.78 -14.40 -35.38
CA GLY A 484 41.22 -15.45 -36.20
C GLY A 484 42.07 -16.71 -36.24
N VAL A 485 43.39 -16.54 -36.26
CA VAL A 485 44.31 -17.67 -36.34
C VAL A 485 44.42 -18.36 -34.98
N GLU A 486 45.01 -19.55 -34.96
CA GLU A 486 45.20 -20.28 -33.72
C GLU A 486 46.46 -19.78 -33.02
N GLY A 487 46.30 -19.33 -31.76
CA GLY A 487 47.42 -18.78 -31.04
C GLY A 487 48.44 -19.80 -30.56
N SER A 488 48.03 -21.07 -30.44
CA SER A 488 48.95 -22.11 -29.98
C SER A 488 50.11 -22.27 -30.94
N LEU A 489 49.83 -22.27 -32.26
CA LEU A 489 50.91 -22.38 -33.24
C LEU A 489 51.70 -21.09 -33.34
N VAL A 490 51.03 -19.94 -33.22
CA VAL A 490 51.70 -18.65 -33.37
C VAL A 490 52.71 -18.44 -32.26
N VAL A 491 52.34 -18.77 -31.02
CA VAL A 491 53.26 -18.57 -29.89
C VAL A 491 54.50 -19.42 -30.06
N GLU A 492 54.33 -20.69 -30.45
CA GLU A 492 55.48 -21.57 -30.65
C GLU A 492 56.33 -21.11 -31.83
N LYS A 493 55.70 -20.60 -32.89
CA LYS A 493 56.47 -20.08 -34.02
C LYS A 493 57.31 -18.89 -33.62
N ILE A 494 56.76 -18.00 -32.78
CA ILE A 494 57.53 -16.87 -32.29
C ILE A 494 58.67 -17.34 -31.39
N LEU A 495 58.39 -18.29 -30.50
CA LEU A 495 59.41 -18.77 -29.56
C LEU A 495 60.54 -19.49 -30.28
N GLN A 496 60.21 -20.37 -31.24
CA GLN A 496 61.21 -21.17 -31.92
C GLN A 496 62.00 -20.39 -32.97
N GLY A 497 61.56 -19.18 -33.31
CA GLY A 497 62.22 -18.36 -34.32
C GLY A 497 63.22 -17.39 -33.73
N SER A 498 63.46 -16.32 -34.48
CA SER A 498 64.40 -15.29 -34.05
C SER A 498 63.79 -14.46 -32.91
N ALA A 499 64.64 -13.67 -32.27
CA ALA A 499 64.25 -12.85 -31.12
C ALA A 499 63.65 -11.52 -31.53
N GLU A 500 63.45 -11.27 -32.82
CA GLU A 500 62.90 -10.02 -33.30
C GLU A 500 61.57 -10.15 -34.04
N LEU A 501 61.22 -11.34 -34.51
CA LEU A 501 60.01 -11.54 -35.31
C LEU A 501 58.87 -11.96 -34.39
N GLY A 502 57.83 -11.14 -34.32
CA GLY A 502 56.63 -11.47 -33.56
C GLY A 502 55.45 -11.79 -34.45
N TYR A 503 54.31 -11.14 -34.22
CA TYR A 503 53.14 -11.34 -35.06
C TYR A 503 52.39 -10.03 -35.20
N ASP A 504 52.08 -9.66 -36.45
CA ASP A 504 51.34 -8.43 -36.71
C ASP A 504 49.90 -8.55 -36.25
N ALA A 505 49.20 -9.60 -36.70
CA ALA A 505 47.82 -9.92 -36.32
C ALA A 505 46.83 -8.93 -36.92
N MET A 506 47.34 -7.86 -37.53
CA MET A 506 46.55 -6.97 -38.37
C MET A 506 46.76 -7.29 -39.85
N GLN A 507 48.01 -7.47 -40.25
CA GLN A 507 48.34 -8.03 -41.56
C GLN A 507 48.53 -9.54 -41.50
N GLY A 508 48.53 -10.13 -40.31
CA GLY A 508 48.75 -11.56 -40.17
C GLY A 508 50.13 -12.01 -40.62
N GLU A 509 51.17 -11.23 -40.31
CA GLU A 509 52.52 -11.51 -40.77
C GLU A 509 53.49 -11.44 -39.61
N TYR A 510 54.42 -12.38 -39.58
CA TYR A 510 55.49 -12.40 -38.59
C TYR A 510 56.53 -11.36 -39.00
N VAL A 511 56.58 -10.24 -38.27
CA VAL A 511 57.39 -9.09 -38.67
C VAL A 511 58.26 -8.65 -37.51
N ASN A 512 59.29 -7.86 -37.84
CA ASN A 512 60.12 -7.20 -36.84
C ASN A 512 59.29 -6.07 -36.23
N MET A 513 58.68 -6.34 -35.08
CA MET A 513 57.66 -5.46 -34.54
C MET A 513 58.23 -4.12 -34.12
N VAL A 514 59.42 -4.12 -33.53
CA VAL A 514 60.03 -2.86 -33.07
C VAL A 514 60.28 -1.93 -34.24
N GLU A 515 60.82 -2.47 -35.34
CA GLU A 515 61.07 -1.64 -36.52
C GLU A 515 59.76 -1.25 -37.20
N LYS A 516 58.82 -2.18 -37.34
CA LYS A 516 57.57 -1.89 -38.03
C LYS A 516 56.72 -0.89 -37.26
N GLY A 517 56.76 -0.94 -35.94
CA GLY A 517 56.02 0.02 -35.13
C GLY A 517 54.98 -0.59 -34.23
N ILE A 518 55.07 -1.89 -33.99
CA ILE A 518 54.15 -2.58 -33.08
C ILE A 518 54.83 -2.62 -31.72
N ILE A 519 54.62 -1.56 -30.94
CA ILE A 519 55.30 -1.39 -29.66
C ILE A 519 54.27 -1.12 -28.56
N ASP A 520 54.65 -1.42 -27.33
CA ASP A 520 53.88 -1.13 -26.14
C ASP A 520 54.81 -0.54 -25.09
N PRO A 521 54.33 0.40 -24.28
CA PRO A 521 55.17 0.94 -23.21
C PRO A 521 55.54 -0.13 -22.19
N THR A 522 56.79 -0.10 -21.73
CA THR A 522 57.24 -1.07 -20.74
C THR A 522 56.53 -0.86 -19.40
N LYS A 523 56.23 0.39 -19.07
CA LYS A 523 55.50 0.68 -17.83
C LYS A 523 54.14 0.00 -17.82
N VAL A 524 53.44 0.04 -18.96
CA VAL A 524 52.10 -0.54 -19.04
C VAL A 524 52.14 -2.04 -18.76
N VAL A 525 53.02 -2.75 -19.46
CA VAL A 525 53.06 -4.20 -19.31
C VAL A 525 53.59 -4.60 -17.93
N ARG A 526 54.60 -3.89 -17.44
CA ARG A 526 55.14 -4.19 -16.11
C ARG A 526 54.08 -4.02 -15.04
N THR A 527 53.37 -2.88 -15.04
CA THR A 527 52.33 -2.65 -14.05
C THR A 527 51.18 -3.64 -14.22
N ALA A 528 50.82 -3.96 -15.46
CA ALA A 528 49.74 -4.91 -15.69
C ALA A 528 50.07 -6.26 -15.06
N LEU A 529 51.27 -6.78 -15.34
CA LEU A 529 51.66 -8.07 -14.79
C LEU A 529 51.75 -8.01 -13.27
N LEU A 530 52.35 -6.95 -12.73
CA LEU A 530 52.51 -6.84 -11.28
C LEU A 530 51.15 -6.81 -10.58
N ASP A 531 50.21 -6.02 -11.10
CA ASP A 531 48.91 -5.89 -10.46
C ASP A 531 48.08 -7.16 -10.64
N ALA A 532 48.19 -7.82 -11.80
CA ALA A 532 47.50 -9.10 -11.98
C ALA A 532 48.00 -10.14 -10.99
N ALA A 533 49.33 -10.23 -10.82
CA ALA A 533 49.88 -11.15 -9.84
C ALA A 533 49.42 -10.81 -8.44
N GLY A 534 49.40 -9.52 -8.10
CA GLY A 534 48.96 -9.11 -6.77
C GLY A 534 47.52 -9.47 -6.49
N VAL A 535 46.62 -9.18 -7.44
CA VAL A 535 45.22 -9.48 -7.22
C VAL A 535 44.98 -10.99 -7.19
N ALA A 536 45.72 -11.75 -8.00
CA ALA A 536 45.60 -13.21 -7.93
C ALA A 536 46.05 -13.74 -6.58
N SER A 537 47.16 -13.22 -6.05
CA SER A 537 47.62 -13.64 -4.74
C SER A 537 46.62 -13.28 -3.65
N LEU A 538 46.04 -12.08 -3.73
CA LEU A 538 45.04 -11.68 -2.74
C LEU A 538 43.79 -12.55 -2.84
N LEU A 539 43.36 -12.88 -4.05
CA LEU A 539 42.19 -13.74 -4.21
C LEU A 539 42.48 -15.17 -3.76
N SER A 540 43.75 -15.58 -3.81
CA SER A 540 44.13 -16.91 -3.36
C SER A 540 44.57 -16.97 -1.90
N THR A 541 44.63 -15.83 -1.22
CA THR A 541 44.83 -15.82 0.23
C THR A 541 43.53 -15.79 1.00
N ALA A 542 42.41 -15.48 0.35
CA ALA A 542 41.13 -15.44 1.03
C ALA A 542 40.70 -16.84 1.42
N GLU A 543 40.49 -17.05 2.72
CA GLU A 543 39.98 -18.31 3.23
C GLU A 543 38.58 -18.18 3.82
N ALA A 544 38.00 -16.99 3.78
CA ALA A 544 36.64 -16.76 4.26
C ALA A 544 36.09 -15.51 3.60
N VAL A 545 34.88 -15.61 3.07
CA VAL A 545 34.20 -14.49 2.44
C VAL A 545 32.88 -14.27 3.16
N VAL A 546 32.65 -13.04 3.61
CA VAL A 546 31.45 -12.68 4.36
C VAL A 546 30.59 -11.77 3.50
N THR A 547 29.36 -12.19 3.22
CA THR A 547 28.40 -11.44 2.44
C THR A 547 27.17 -11.15 3.29
N GLU A 548 26.22 -10.43 2.71
CA GLU A 548 24.98 -10.08 3.38
C GLU A 548 23.82 -10.82 2.74
N ILE A 549 22.95 -11.38 3.57
CA ILE A 549 21.81 -12.15 3.08
C ILE A 549 20.88 -11.20 2.35
N PRO A 550 20.53 -11.48 1.08
CA PRO A 550 19.66 -10.61 0.28
C PRO A 550 18.18 -10.77 0.64
N TYR B 26 20.78 -2.83 -10.82
CA TYR B 26 22.02 -2.57 -11.53
C TYR B 26 22.70 -3.87 -11.96
N ALA B 27 22.04 -5.00 -11.70
CA ALA B 27 22.60 -6.29 -12.03
C ALA B 27 22.68 -6.48 -13.54
N LYS B 28 23.65 -7.29 -13.97
CA LYS B 28 23.89 -7.54 -15.38
C LYS B 28 23.93 -9.04 -15.66
N ASP B 29 23.52 -9.40 -16.88
CA ASP B 29 23.65 -10.76 -17.38
C ASP B 29 24.37 -10.69 -18.73
N VAL B 30 25.36 -11.56 -18.91
CA VAL B 30 26.19 -11.53 -20.11
C VAL B 30 26.15 -12.90 -20.78
N LYS B 31 25.99 -12.90 -22.10
CA LYS B 31 26.08 -14.09 -22.93
C LYS B 31 27.22 -13.91 -23.92
N PHE B 32 27.72 -15.03 -24.44
CA PHE B 32 28.93 -15.02 -25.24
C PHE B 32 28.72 -15.70 -26.58
N GLY B 33 29.24 -15.07 -27.64
CA GLY B 33 29.41 -15.74 -28.92
C GLY B 33 28.11 -16.24 -29.52
N ALA B 34 28.11 -17.53 -29.87
CA ALA B 34 27.00 -18.10 -30.63
C ALA B 34 25.70 -18.04 -29.85
N ASP B 35 25.76 -18.22 -28.52
CA ASP B 35 24.55 -18.21 -27.72
C ASP B 35 23.85 -16.85 -27.79
N ALA B 36 24.61 -15.76 -27.71
CA ALA B 36 24.02 -14.43 -27.79
C ALA B 36 23.60 -14.11 -29.22
N ARG B 37 24.42 -14.50 -30.19
CA ARG B 37 24.10 -14.21 -31.58
C ARG B 37 22.84 -14.92 -32.03
N ALA B 38 22.58 -16.11 -31.49
CA ALA B 38 21.34 -16.82 -31.83
C ALA B 38 20.12 -16.07 -31.33
N LEU B 39 20.17 -15.55 -30.11
CA LEU B 39 19.04 -14.78 -29.59
C LEU B 39 18.82 -13.51 -30.40
N MET B 40 19.91 -12.79 -30.71
CA MET B 40 19.76 -11.59 -31.52
C MET B 40 19.22 -11.92 -32.90
N LEU B 41 19.66 -13.05 -33.47
CA LEU B 41 19.15 -13.49 -34.76
C LEU B 41 17.67 -13.82 -34.68
N GLN B 42 17.23 -14.43 -33.58
CA GLN B 42 15.80 -14.68 -33.40
C GLN B 42 15.02 -13.37 -33.41
N GLY B 43 15.56 -12.35 -32.72
CA GLY B 43 14.90 -11.05 -32.73
C GLY B 43 14.79 -10.46 -34.12
N VAL B 44 15.90 -10.48 -34.87
CA VAL B 44 15.85 -9.91 -36.21
C VAL B 44 14.98 -10.77 -37.12
N ASP B 45 14.90 -12.08 -36.86
CA ASP B 45 14.01 -12.94 -37.63
C ASP B 45 12.57 -12.52 -37.42
N LEU B 46 12.18 -12.28 -36.17
CA LEU B 46 10.83 -11.81 -35.90
C LEU B 46 10.57 -10.47 -36.58
N LEU B 47 11.51 -9.53 -36.46
CA LEU B 47 11.32 -8.21 -37.02
C LEU B 47 11.17 -8.26 -38.54
N ALA B 48 12.04 -9.03 -39.20
CA ALA B 48 11.98 -9.08 -40.66
C ALA B 48 10.80 -9.92 -41.15
N ASP B 49 10.39 -10.93 -40.38
CA ASP B 49 9.17 -11.65 -40.72
C ASP B 49 7.97 -10.73 -40.69
N ALA B 50 7.94 -9.82 -39.71
CA ALA B 50 6.87 -8.82 -39.68
C ALA B 50 6.98 -7.85 -40.85
N VAL B 51 8.19 -7.39 -41.17
CA VAL B 51 8.36 -6.33 -42.16
C VAL B 51 8.15 -6.84 -43.58
N ALA B 52 8.68 -8.03 -43.90
CA ALA B 52 8.76 -8.48 -45.28
C ALA B 52 7.40 -8.70 -45.93
N VAL B 53 6.34 -8.89 -45.13
CA VAL B 53 5.04 -9.14 -45.70
C VAL B 53 4.49 -7.93 -46.44
N THR B 54 5.07 -6.75 -46.23
CA THR B 54 4.64 -5.53 -46.88
C THR B 54 5.40 -5.24 -48.17
N MET B 55 6.37 -6.08 -48.53
CA MET B 55 7.21 -5.82 -49.68
C MET B 55 6.43 -6.00 -50.98
N GLY B 56 6.77 -5.17 -51.97
CA GLY B 56 6.22 -5.31 -53.31
C GLY B 56 4.89 -4.62 -53.48
N PRO B 57 4.46 -4.46 -54.74
CA PRO B 57 3.14 -3.84 -54.98
C PRO B 57 1.99 -4.67 -54.47
N LYS B 58 2.17 -5.99 -54.34
CA LYS B 58 1.17 -6.88 -53.76
C LYS B 58 1.44 -7.15 -52.29
N GLY B 59 2.07 -6.20 -51.60
CA GLY B 59 2.39 -6.40 -50.20
C GLY B 59 1.13 -6.58 -49.35
N ARG B 60 1.26 -7.42 -48.34
CA ARG B 60 0.12 -7.78 -47.50
C ARG B 60 -0.05 -6.74 -46.40
N THR B 61 -0.93 -7.02 -45.44
CA THR B 61 -1.35 -6.08 -44.42
C THR B 61 -0.84 -6.54 -43.06
N VAL B 62 -0.34 -5.59 -42.27
CA VAL B 62 0.00 -5.83 -40.87
C VAL B 62 -0.97 -5.03 -40.01
N ILE B 63 -1.58 -5.71 -39.04
CA ILE B 63 -2.53 -5.09 -38.12
C ILE B 63 -1.81 -4.82 -36.81
N ILE B 64 -1.74 -3.55 -36.41
CA ILE B 64 -1.02 -3.14 -35.21
C ILE B 64 -2.03 -2.59 -34.22
N GLU B 65 -2.07 -3.17 -33.03
CA GLU B 65 -2.97 -2.70 -31.98
C GLU B 65 -2.51 -1.34 -31.47
N GLN B 66 -3.47 -0.44 -31.31
CA GLN B 66 -3.21 0.87 -30.72
C GLN B 66 -3.57 0.84 -29.24
N SER B 67 -3.03 1.82 -28.51
CA SER B 67 -3.38 1.94 -27.09
C SER B 67 -4.86 2.23 -26.92
N TRP B 68 -5.41 3.13 -27.75
CA TRP B 68 -6.82 3.45 -27.74
C TRP B 68 -7.31 3.56 -29.17
N GLY B 69 -8.61 3.34 -29.36
CA GLY B 69 -9.20 3.41 -30.66
C GLY B 69 -9.04 2.12 -31.45
N SER B 70 -9.47 2.20 -32.71
CA SER B 70 -9.42 1.03 -33.58
C SER B 70 -7.98 0.65 -33.91
N PRO B 71 -7.73 -0.62 -34.22
CA PRO B 71 -6.38 -1.04 -34.61
C PRO B 71 -5.97 -0.43 -35.93
N LYS B 72 -4.65 -0.29 -36.12
CA LYS B 72 -4.10 0.31 -37.32
C LYS B 72 -3.82 -0.77 -38.36
N VAL B 73 -4.27 -0.53 -39.59
CA VAL B 73 -4.03 -1.42 -40.72
C VAL B 73 -3.07 -0.70 -41.66
N THR B 74 -1.95 -1.36 -41.99
CA THR B 74 -0.92 -0.70 -42.77
C THR B 74 -0.17 -1.72 -43.61
N LYS B 75 0.34 -1.25 -44.76
CA LYS B 75 1.28 -1.99 -45.59
C LYS B 75 2.64 -1.30 -45.62
N ASP B 76 2.90 -0.41 -44.68
CA ASP B 76 4.14 0.36 -44.65
C ASP B 76 5.17 -0.37 -43.80
N GLY B 77 6.32 -0.70 -44.39
CA GLY B 77 7.35 -1.38 -43.65
C GLY B 77 7.93 -0.55 -42.51
N VAL B 78 8.00 0.77 -42.69
CA VAL B 78 8.61 1.64 -41.68
C VAL B 78 7.79 1.63 -40.40
N THR B 79 6.46 1.83 -40.52
CA THR B 79 5.61 1.85 -39.33
C THR B 79 5.53 0.48 -38.67
N VAL B 80 5.61 -0.59 -39.47
CA VAL B 80 5.64 -1.94 -38.90
C VAL B 80 6.92 -2.13 -38.09
N ALA B 81 8.05 -1.71 -38.65
CA ALA B 81 9.34 -1.88 -37.95
C ALA B 81 9.39 -1.04 -36.69
N LYS B 82 8.84 0.19 -36.73
CA LYS B 82 8.86 1.04 -35.55
C LYS B 82 7.99 0.48 -34.44
N SER B 83 6.98 -0.31 -34.76
CA SER B 83 6.05 -0.83 -33.77
C SER B 83 6.53 -2.10 -33.10
N ILE B 84 7.67 -2.65 -33.51
CA ILE B 84 8.16 -3.91 -32.98
C ILE B 84 9.02 -3.66 -31.76
N ASP B 85 8.70 -4.35 -30.66
CA ASP B 85 9.49 -4.28 -29.44
C ASP B 85 9.36 -5.61 -28.73
N LEU B 86 10.47 -6.26 -28.44
CA LEU B 86 10.49 -7.61 -27.88
C LEU B 86 10.73 -7.59 -26.38
N LYS B 87 10.29 -8.66 -25.73
CA LYS B 87 10.43 -8.77 -24.27
C LYS B 87 11.83 -9.23 -23.88
N ASP B 88 12.30 -10.31 -24.48
CA ASP B 88 13.63 -10.82 -24.15
C ASP B 88 14.70 -9.82 -24.56
N LYS B 89 15.69 -9.63 -23.68
CA LYS B 89 16.64 -8.54 -23.86
C LYS B 89 17.48 -8.70 -25.12
N TYR B 90 17.98 -9.91 -25.39
CA TYR B 90 18.95 -10.09 -26.45
C TYR B 90 18.31 -9.96 -27.84
N LYS B 91 17.16 -10.62 -28.02
CA LYS B 91 16.46 -10.51 -29.30
C LYS B 91 15.97 -9.08 -29.52
N ASN B 92 15.55 -8.41 -28.45
CA ASN B 92 15.19 -6.99 -28.56
C ASN B 92 16.40 -6.16 -28.97
N ILE B 93 17.58 -6.48 -28.44
CA ILE B 93 18.79 -5.74 -28.80
C ILE B 93 19.06 -5.88 -30.30
N GLY B 94 19.01 -7.12 -30.80
CA GLY B 94 19.24 -7.34 -32.22
C GLY B 94 18.22 -6.62 -33.09
N ALA B 95 16.95 -6.74 -32.72
CA ALA B 95 15.89 -6.08 -33.48
C ALA B 95 16.06 -4.56 -33.47
N LYS B 96 16.44 -4.00 -32.33
CA LYS B 96 16.63 -2.55 -32.23
C LYS B 96 17.80 -2.09 -33.09
N LEU B 97 18.89 -2.88 -33.12
CA LEU B 97 20.01 -2.54 -33.99
C LEU B 97 19.58 -2.49 -35.45
N VAL B 98 18.85 -3.54 -35.88
CA VAL B 98 18.41 -3.57 -37.28
C VAL B 98 17.43 -2.43 -37.55
N GLN B 99 16.57 -2.12 -36.57
CA GLN B 99 15.63 -1.02 -36.74
C GLN B 99 16.34 0.30 -36.94
N ASP B 100 17.37 0.57 -36.12
CA ASP B 100 18.10 1.82 -36.25
C ASP B 100 18.80 1.91 -37.59
N VAL B 101 19.41 0.81 -38.04
CA VAL B 101 20.11 0.82 -39.32
C VAL B 101 19.13 1.04 -40.47
N ALA B 102 18.01 0.32 -40.46
CA ALA B 102 17.01 0.50 -41.51
C ALA B 102 16.42 1.90 -41.49
N ASN B 103 16.21 2.46 -40.30
CA ASN B 103 15.66 3.80 -40.19
C ASN B 103 16.62 4.85 -40.75
N ASN B 104 17.91 4.75 -40.42
CA ASN B 104 18.85 5.72 -40.98
C ASN B 104 19.05 5.51 -42.48
N THR B 105 18.80 4.29 -42.98
CA THR B 105 18.68 4.11 -44.43
C THR B 105 17.48 4.88 -44.98
N ASN B 106 16.35 4.83 -44.28
CA ASN B 106 15.15 5.51 -44.75
C ASN B 106 15.33 7.02 -44.80
N GLU B 107 15.98 7.59 -43.77
CA GLU B 107 16.12 9.05 -43.71
C GLU B 107 17.01 9.60 -44.81
N GLU B 108 17.92 8.79 -45.35
CA GLU B 108 18.82 9.29 -46.39
C GLU B 108 18.18 9.26 -47.77
N ALA B 109 17.52 8.15 -48.11
CA ALA B 109 16.99 7.96 -49.46
C ALA B 109 15.49 8.09 -49.57
N GLY B 110 14.75 8.06 -48.45
CA GLY B 110 13.31 8.11 -48.50
C GLY B 110 12.63 6.78 -48.73
N ASP B 111 13.39 5.69 -48.83
CA ASP B 111 12.84 4.35 -49.00
C ASP B 111 13.91 3.34 -48.62
N GLY B 112 13.59 2.07 -48.81
CA GLY B 112 14.56 1.01 -48.58
C GLY B 112 14.61 0.46 -47.17
N THR B 113 13.63 0.78 -46.33
CA THR B 113 13.60 0.19 -45.00
C THR B 113 13.34 -1.31 -45.07
N THR B 114 12.31 -1.72 -45.82
CA THR B 114 11.99 -3.12 -45.95
C THR B 114 13.11 -3.89 -46.64
N THR B 115 13.67 -3.31 -47.71
CA THR B 115 14.76 -3.97 -48.42
C THR B 115 15.97 -4.16 -47.52
N ALA B 116 16.35 -3.11 -46.78
CA ALA B 116 17.47 -3.23 -45.86
C ALA B 116 17.20 -4.28 -44.79
N THR B 117 15.98 -4.30 -44.26
CA THR B 117 15.66 -5.24 -43.20
C THR B 117 15.76 -6.69 -43.68
N VAL B 118 15.17 -6.98 -44.85
CA VAL B 118 15.17 -8.36 -45.34
C VAL B 118 16.59 -8.78 -45.74
N LEU B 119 17.35 -7.87 -46.38
CA LEU B 119 18.73 -8.21 -46.73
C LEU B 119 19.57 -8.45 -45.49
N ALA B 120 19.38 -7.62 -44.46
CA ALA B 120 20.11 -7.81 -43.22
C ALA B 120 19.78 -9.14 -42.59
N ARG B 121 18.50 -9.52 -42.54
CA ARG B 121 18.16 -10.82 -41.97
C ARG B 121 18.80 -11.95 -42.75
N ALA B 122 18.76 -11.88 -44.09
CA ALA B 122 19.34 -12.95 -44.89
C ALA B 122 20.84 -13.07 -44.65
N ILE B 123 21.55 -11.94 -44.70
CA ILE B 123 23.01 -11.98 -44.54
C ILE B 123 23.38 -12.44 -43.14
N ALA B 124 22.68 -11.93 -42.12
CA ALA B 124 22.97 -12.32 -40.75
C ALA B 124 22.70 -13.80 -40.51
N LYS B 125 21.58 -14.31 -41.03
CA LYS B 125 21.25 -15.72 -40.85
C LYS B 125 22.32 -16.61 -41.48
N GLU B 126 22.66 -16.33 -42.75
CA GLU B 126 23.66 -17.16 -43.43
C GLU B 126 25.03 -17.05 -42.76
N GLY B 127 25.41 -15.85 -42.36
CA GLY B 127 26.71 -15.67 -41.72
C GLY B 127 26.79 -16.36 -40.37
N PHE B 128 25.74 -16.25 -39.56
CA PHE B 128 25.74 -16.93 -38.26
C PHE B 128 25.74 -18.45 -38.44
N ASP B 129 24.98 -18.95 -39.42
CA ASP B 129 24.98 -20.39 -39.68
C ASP B 129 26.37 -20.88 -40.11
N THR B 130 27.05 -20.10 -40.94
CA THR B 130 28.37 -20.53 -41.41
C THR B 130 29.42 -20.40 -40.31
N ILE B 131 29.34 -19.34 -39.51
CA ILE B 131 30.33 -19.14 -38.44
C ILE B 131 30.15 -20.17 -37.33
N SER B 132 28.89 -20.48 -36.99
CA SER B 132 28.62 -21.45 -35.94
C SER B 132 29.04 -22.87 -36.31
N LYS B 133 29.36 -23.11 -37.58
CA LYS B 133 29.87 -24.41 -38.02
C LYS B 133 31.39 -24.44 -38.12
N GLY B 134 32.07 -23.38 -37.71
CA GLY B 134 33.52 -23.38 -37.62
C GLY B 134 34.23 -22.42 -38.56
N ALA B 135 33.52 -21.63 -39.34
CA ALA B 135 34.16 -20.70 -40.27
C ALA B 135 34.73 -19.50 -39.51
N ASN B 136 35.74 -18.87 -40.12
CA ASN B 136 36.40 -17.72 -39.50
C ASN B 136 35.58 -16.46 -39.75
N PRO B 137 35.09 -15.81 -38.70
CA PRO B 137 34.24 -14.62 -38.90
C PRO B 137 34.92 -13.48 -39.63
N VAL B 138 36.22 -13.25 -39.36
CA VAL B 138 36.91 -12.13 -40.01
C VAL B 138 37.06 -12.39 -41.50
N GLU B 139 37.42 -13.61 -41.88
CA GLU B 139 37.54 -13.97 -43.29
C GLU B 139 36.18 -14.12 -43.98
N ILE B 140 35.09 -14.11 -43.22
CA ILE B 140 33.76 -14.05 -43.82
C ILE B 140 33.34 -12.62 -44.07
N ARG B 141 33.52 -11.75 -43.08
CA ARG B 141 33.20 -10.33 -43.29
C ARG B 141 34.07 -9.74 -44.39
N ARG B 142 35.35 -10.07 -44.40
CA ARG B 142 36.22 -9.75 -45.52
C ARG B 142 35.91 -10.77 -46.62
N GLY B 143 35.13 -10.35 -47.61
CA GLY B 143 34.61 -11.24 -48.62
C GLY B 143 33.13 -11.02 -48.78
N VAL B 144 32.41 -10.89 -47.66
CA VAL B 144 31.07 -10.30 -47.73
C VAL B 144 31.17 -8.86 -48.19
N MET B 145 32.13 -8.11 -47.63
CA MET B 145 32.34 -6.74 -48.09
C MET B 145 32.87 -6.71 -49.51
N MET B 146 33.69 -7.68 -49.91
CA MET B 146 34.17 -7.73 -51.29
C MET B 146 33.01 -7.92 -52.26
N ALA B 147 32.13 -8.88 -51.97
CA ALA B 147 30.97 -9.09 -52.82
C ALA B 147 30.06 -7.87 -52.84
N VAL B 148 29.89 -7.22 -51.68
CA VAL B 148 29.05 -6.03 -51.62
C VAL B 148 29.64 -4.92 -52.48
N GLU B 149 30.96 -4.72 -52.42
CA GLU B 149 31.60 -3.70 -53.25
C GLU B 149 31.43 -4.01 -54.73
N THR B 150 31.59 -5.28 -55.12
CA THR B 150 31.39 -5.64 -56.52
C THR B 150 29.95 -5.38 -56.96
N VAL B 151 28.99 -5.73 -56.10
CA VAL B 151 27.58 -5.51 -56.42
C VAL B 151 27.30 -4.01 -56.56
N ILE B 152 27.88 -3.19 -55.68
CA ILE B 152 27.66 -1.75 -55.74
C ILE B 152 28.26 -1.18 -57.02
N LYS B 153 29.45 -1.63 -57.40
CA LYS B 153 30.09 -1.14 -58.62
C LYS B 153 29.24 -1.49 -59.83
N GLU B 154 28.76 -2.74 -59.91
CA GLU B 154 27.97 -3.12 -61.07
C GLU B 154 26.58 -2.49 -61.05
N LEU B 155 26.06 -2.18 -59.86
CA LEU B 155 24.80 -1.47 -59.76
C LEU B 155 24.93 -0.03 -60.24
N LYS B 156 26.04 0.62 -59.89
CA LYS B 156 26.31 1.96 -60.41
C LYS B 156 26.52 1.92 -61.92
N ASN B 157 27.11 0.84 -62.42
CA ASN B 157 27.22 0.66 -63.87
C ASN B 157 25.86 0.44 -64.52
N LEU B 158 24.92 -0.18 -63.80
CA LEU B 158 23.61 -0.48 -64.35
C LEU B 158 22.64 0.70 -64.30
N SER B 159 22.90 1.68 -63.46
CA SER B 159 21.93 2.75 -63.25
C SER B 159 21.78 3.61 -64.50
N LYS B 160 20.54 4.01 -64.78
CA LYS B 160 20.25 4.95 -65.85
C LYS B 160 20.11 6.34 -65.26
N PRO B 161 21.02 7.27 -65.54
CA PRO B 161 20.93 8.60 -64.92
C PRO B 161 19.68 9.34 -65.35
N VAL B 162 19.22 10.22 -64.48
CA VAL B 162 18.06 11.07 -64.74
C VAL B 162 18.54 12.51 -64.61
N THR B 163 18.64 13.21 -65.74
CA THR B 163 19.19 14.57 -65.72
C THR B 163 18.29 15.59 -66.43
N THR B 164 17.67 15.22 -67.55
CA THR B 164 16.86 16.16 -68.31
C THR B 164 15.51 16.40 -67.63
N PRO B 165 14.90 17.56 -67.86
CA PRO B 165 13.58 17.82 -67.27
C PRO B 165 12.51 16.83 -67.69
N GLU B 166 12.56 16.34 -68.93
CA GLU B 166 11.59 15.33 -69.35
C GLU B 166 11.76 14.05 -68.55
N GLU B 167 13.00 13.61 -68.35
CA GLU B 167 13.26 12.44 -67.53
C GLU B 167 12.81 12.67 -66.09
N ILE B 168 13.06 13.86 -65.56
CA ILE B 168 12.67 14.17 -64.19
C ILE B 168 11.15 14.10 -64.05
N ALA B 169 10.42 14.67 -65.00
CA ALA B 169 8.96 14.63 -64.96
C ALA B 169 8.47 13.19 -65.08
N GLN B 170 9.08 12.39 -65.94
CA GLN B 170 8.70 10.99 -66.08
C GLN B 170 8.89 10.24 -64.77
N VAL B 171 10.04 10.42 -64.12
CA VAL B 171 10.31 9.73 -62.86
C VAL B 171 9.35 10.19 -61.78
N ALA B 172 9.09 11.50 -61.71
CA ALA B 172 8.19 12.02 -60.69
C ALA B 172 6.77 11.49 -60.89
N THR B 173 6.30 11.43 -62.14
CA THR B 173 4.99 10.86 -62.41
C THR B 173 4.94 9.37 -62.05
N ILE B 174 6.03 8.65 -62.33
CA ILE B 174 6.09 7.23 -61.96
C ILE B 174 5.98 7.08 -60.45
N SER B 175 6.73 7.89 -59.70
CA SER B 175 6.65 7.85 -58.24
C SER B 175 5.33 8.39 -57.72
N ALA B 176 4.63 9.19 -58.52
CA ALA B 176 3.31 9.70 -58.16
C ALA B 176 2.18 8.77 -58.60
N ASN B 177 2.51 7.61 -59.17
CA ASN B 177 1.53 6.61 -59.58
C ASN B 177 0.58 7.16 -60.65
N GLY B 178 1.16 7.68 -61.72
CA GLY B 178 0.37 8.13 -62.85
C GLY B 178 -0.31 9.47 -62.68
N ASP B 179 0.22 10.34 -61.83
CA ASP B 179 -0.33 11.69 -61.64
C ASP B 179 0.52 12.66 -62.45
N VAL B 180 0.01 13.06 -63.61
CA VAL B 180 0.78 13.93 -64.49
C VAL B 180 0.99 15.30 -63.85
N GLU B 181 -0.03 15.80 -63.13
CA GLU B 181 0.08 17.11 -62.51
C GLU B 181 1.19 17.15 -61.45
N ILE B 182 1.27 16.11 -60.63
CA ILE B 182 2.28 16.08 -59.57
C ILE B 182 3.68 16.01 -60.16
N GLY B 183 3.87 15.13 -61.16
CA GLY B 183 5.16 15.07 -61.81
C GLY B 183 5.54 16.38 -62.47
N ASN B 184 4.58 17.03 -63.13
CA ASN B 184 4.87 18.30 -63.79
C ASN B 184 5.25 19.37 -62.77
N ILE B 185 4.55 19.44 -61.64
CA ILE B 185 4.87 20.48 -60.66
C ILE B 185 6.23 20.21 -60.02
N ILE B 186 6.54 18.94 -59.74
CA ILE B 186 7.86 18.62 -59.19
C ILE B 186 8.95 18.98 -60.19
N SER B 187 8.75 18.62 -61.46
CA SER B 187 9.75 18.92 -62.48
C SER B 187 9.94 20.43 -62.66
N ASN B 188 8.84 21.18 -62.63
CA ASN B 188 8.95 22.63 -62.76
C ASN B 188 9.68 23.24 -61.57
N ALA B 189 9.39 22.76 -60.36
CA ALA B 189 10.11 23.26 -59.19
C ALA B 189 11.60 22.96 -59.30
N MET B 190 11.95 21.76 -59.72
CA MET B 190 13.37 21.43 -59.87
C MET B 190 14.01 22.26 -60.97
N LYS B 191 13.27 22.54 -62.05
CA LYS B 191 13.81 23.39 -63.09
C LYS B 191 14.02 24.82 -62.60
N LYS B 192 13.19 25.25 -61.65
CA LYS B 192 13.24 26.63 -61.18
C LYS B 192 14.22 26.84 -60.02
N VAL B 193 14.63 25.79 -59.31
CA VAL B 193 15.61 25.98 -58.24
C VAL B 193 16.82 25.07 -58.42
N GLY B 194 16.76 24.15 -59.36
CA GLY B 194 17.87 23.27 -59.63
C GLY B 194 17.84 21.99 -58.80
N ARG B 195 18.73 21.06 -59.19
CA ARG B 195 18.82 19.81 -58.46
C ARG B 195 19.35 20.01 -57.04
N LYS B 196 20.26 20.97 -56.85
CA LYS B 196 20.79 21.28 -55.53
C LYS B 196 19.88 22.21 -54.74
N GLY B 197 18.77 22.65 -55.30
CA GLY B 197 17.91 23.60 -54.63
C GLY B 197 17.10 22.98 -53.51
N VAL B 198 16.42 23.86 -52.78
CA VAL B 198 15.63 23.47 -51.62
C VAL B 198 14.16 23.47 -52.02
N ILE B 199 13.49 22.34 -51.83
CA ILE B 199 12.08 22.17 -52.16
C ILE B 199 11.37 21.63 -50.93
N THR B 200 10.27 22.28 -50.55
CA THR B 200 9.45 21.82 -49.44
C THR B 200 7.98 21.85 -49.86
N VAL B 201 7.18 21.01 -49.20
CA VAL B 201 5.77 20.86 -49.51
C VAL B 201 4.97 21.24 -48.27
N LYS B 202 3.96 22.09 -48.45
CA LYS B 202 3.09 22.52 -47.36
C LYS B 202 1.65 22.46 -47.83
N ASP B 203 0.73 22.46 -46.85
CA ASP B 203 -0.69 22.37 -47.16
C ASP B 203 -1.12 23.56 -48.01
N GLY B 204 -1.88 23.28 -49.07
CA GLY B 204 -2.36 24.30 -49.99
C GLY B 204 -3.83 24.60 -49.75
N LYS B 205 -4.16 25.89 -49.73
CA LYS B 205 -5.53 26.35 -49.52
C LYS B 205 -6.27 26.57 -50.83
N THR B 206 -5.65 26.31 -51.97
CA THR B 206 -6.25 26.51 -53.27
C THR B 206 -6.74 25.18 -53.83
N LEU B 207 -7.78 25.23 -54.66
CA LEU B 207 -8.31 24.02 -55.28
C LEU B 207 -7.28 23.37 -56.19
N HIS B 208 -6.36 24.15 -56.76
CA HIS B 208 -5.35 23.65 -57.67
C HIS B 208 -3.97 23.82 -57.06
N ASP B 209 -3.14 22.79 -57.19
CA ASP B 209 -1.78 22.83 -56.65
C ASP B 209 -0.92 23.82 -57.43
N GLU B 210 -0.06 24.55 -56.72
CA GLU B 210 0.80 25.55 -57.34
C GLU B 210 2.09 25.67 -56.54
N LEU B 211 3.14 26.11 -57.21
CA LEU B 211 4.43 26.35 -56.59
C LEU B 211 4.85 27.79 -56.80
N GLU B 212 5.66 28.30 -55.87
CA GLU B 212 6.23 29.63 -56.01
C GLU B 212 7.59 29.64 -55.35
N ILE B 213 8.48 30.47 -55.87
CA ILE B 213 9.83 30.64 -55.34
C ILE B 213 9.83 31.86 -54.44
N ILE B 214 10.28 31.68 -53.20
CA ILE B 214 10.38 32.75 -52.21
C ILE B 214 11.78 32.72 -51.63
N GLU B 215 12.13 33.79 -50.91
CA GLU B 215 13.38 33.79 -50.17
C GLU B 215 13.37 32.65 -49.15
N GLY B 216 14.56 32.27 -48.71
CA GLY B 216 14.66 31.17 -47.76
C GLY B 216 16.11 30.87 -47.45
N MET B 217 16.29 29.98 -46.47
CA MET B 217 17.61 29.61 -45.97
C MET B 217 17.50 28.29 -45.24
N LYS B 218 18.30 27.31 -45.64
CA LYS B 218 18.30 25.98 -45.04
C LYS B 218 19.72 25.61 -44.63
N PHE B 219 19.87 25.23 -43.36
CA PHE B 219 21.15 24.73 -42.86
C PHE B 219 20.92 23.44 -42.09
N ASP B 220 21.93 22.58 -42.08
CA ASP B 220 21.79 21.21 -41.57
C ASP B 220 22.10 21.15 -40.07
N ARG B 221 21.28 21.85 -39.30
CA ARG B 221 21.31 21.77 -37.84
C ARG B 221 19.89 21.77 -37.32
N GLY B 222 19.58 20.82 -36.44
CA GLY B 222 18.24 20.67 -35.89
C GLY B 222 18.15 21.17 -34.46
N TYR B 223 17.00 20.91 -33.84
CA TYR B 223 16.76 21.32 -32.47
C TYR B 223 17.72 20.58 -31.53
N ILE B 224 18.14 21.29 -30.48
CA ILE B 224 19.01 20.68 -29.48
C ILE B 224 18.28 19.56 -28.74
N SER B 225 17.04 19.83 -28.33
CA SER B 225 16.20 18.85 -27.67
C SER B 225 14.78 18.99 -28.23
N PRO B 226 13.97 17.95 -28.12
CA PRO B 226 12.61 18.01 -28.70
C PRO B 226 11.76 19.14 -28.14
N TYR B 227 11.38 20.07 -29.01
CA TYR B 227 10.40 21.12 -28.75
C TYR B 227 9.30 21.08 -29.80
N PHE B 228 8.74 19.91 -30.05
CA PHE B 228 7.78 19.73 -31.13
C PHE B 228 6.50 20.51 -30.83
N ILE B 229 6.33 21.65 -31.50
CA ILE B 229 5.01 22.27 -31.54
C ILE B 229 4.16 21.63 -32.62
N ASN B 230 4.80 21.06 -33.64
CA ASN B 230 4.07 20.27 -34.63
C ASN B 230 3.36 19.10 -33.97
N THR B 231 4.02 18.44 -33.01
CA THR B 231 3.49 17.31 -32.26
C THR B 231 2.77 16.30 -33.15
N ALA B 232 3.26 16.15 -34.37
CA ALA B 232 2.60 15.32 -35.38
C ALA B 232 3.69 14.70 -36.26
N LYS B 233 3.30 14.22 -37.43
CA LYS B 233 4.22 13.53 -38.32
C LYS B 233 5.40 14.43 -38.68
N GLY B 234 6.60 13.84 -38.70
CA GLY B 234 7.82 14.55 -38.96
C GLY B 234 8.64 14.86 -37.73
N GLN B 235 8.00 14.95 -36.55
CA GLN B 235 8.68 15.23 -35.29
C GLN B 235 9.54 16.49 -35.40
N LYS B 236 8.92 17.57 -35.86
CA LYS B 236 9.61 18.82 -36.09
C LYS B 236 8.91 19.94 -35.30
N CYS B 237 9.38 21.16 -35.51
CA CYS B 237 8.78 22.35 -34.94
C CYS B 237 8.33 23.28 -36.07
N GLU B 238 7.12 23.82 -35.94
CA GLU B 238 6.53 24.67 -36.96
C GLU B 238 5.99 25.94 -36.31
N PHE B 239 6.77 27.02 -36.38
CA PHE B 239 6.32 28.34 -35.95
C PHE B 239 5.96 29.18 -37.17
N GLN B 240 5.28 30.30 -36.90
CA GLN B 240 4.97 31.28 -37.94
C GLN B 240 5.08 32.68 -37.35
N ASP B 241 5.73 33.58 -38.10
CA ASP B 241 5.97 34.95 -37.67
C ASP B 241 6.72 34.97 -36.33
N ALA B 242 7.93 34.41 -36.35
CA ALA B 242 8.73 34.21 -35.16
C ALA B 242 9.88 35.20 -35.11
N TYR B 243 10.49 35.30 -33.93
CA TYR B 243 11.69 36.09 -33.73
C TYR B 243 12.93 35.22 -33.92
N LEU B 244 14.05 35.87 -34.20
CA LEU B 244 15.33 35.18 -34.37
C LEU B 244 16.38 35.83 -33.49
N LEU B 245 16.91 35.06 -32.54
CA LEU B 245 17.95 35.53 -31.62
C LEU B 245 19.25 34.84 -32.00
N LEU B 246 20.24 35.61 -32.44
CA LEU B 246 21.52 35.10 -32.87
C LEU B 246 22.58 35.41 -31.82
N SER B 247 23.42 34.42 -31.53
CA SER B 247 24.47 34.59 -30.53
C SER B 247 25.66 33.71 -30.88
N GLU B 248 26.81 34.34 -31.11
CA GLU B 248 28.04 33.58 -31.27
C GLU B 248 28.44 32.94 -29.94
N LYS B 249 28.21 33.63 -28.83
CA LYS B 249 28.50 33.11 -27.51
C LYS B 249 27.57 31.94 -27.18
N LYS B 250 28.13 30.94 -26.47
CA LYS B 250 27.30 29.86 -25.94
C LYS B 250 26.40 30.39 -24.85
N ILE B 251 25.11 30.09 -24.94
CA ILE B 251 24.12 30.58 -23.99
C ILE B 251 23.91 29.51 -22.93
N SER B 252 24.39 29.78 -21.72
CA SER B 252 24.21 28.87 -20.59
C SER B 252 23.65 29.54 -19.35
N SER B 253 23.75 30.87 -19.23
CA SER B 253 23.23 31.58 -18.07
C SER B 253 21.78 31.95 -18.29
N VAL B 254 20.93 31.62 -17.32
CA VAL B 254 19.51 31.95 -17.42
C VAL B 254 19.30 33.45 -17.38
N GLN B 255 20.14 34.17 -16.63
CA GLN B 255 19.99 35.62 -16.51
C GLN B 255 20.25 36.33 -17.83
N SER B 256 21.07 35.74 -18.70
CA SER B 256 21.36 36.33 -20.00
C SER B 256 20.33 35.98 -21.07
N ILE B 257 19.37 35.11 -20.74
CA ILE B 257 18.34 34.73 -21.70
C ILE B 257 16.93 35.11 -21.24
N VAL B 258 16.73 35.41 -19.96
CA VAL B 258 15.39 35.79 -19.49
C VAL B 258 14.85 37.03 -20.21
N PRO B 259 15.62 38.13 -20.38
CA PRO B 259 15.05 39.28 -21.10
C PRO B 259 14.57 38.96 -22.50
N ALA B 260 15.31 38.13 -23.24
CA ALA B 260 14.87 37.75 -24.58
C ALA B 260 13.55 37.00 -24.54
N LEU B 261 13.42 36.06 -23.59
CA LEU B 261 12.19 35.29 -23.47
C LEU B 261 11.01 36.19 -23.12
N GLU B 262 11.21 37.14 -22.20
CA GLU B 262 10.09 37.99 -21.82
C GLU B 262 9.72 38.97 -22.93
N ILE B 263 10.71 39.45 -23.70
CA ILE B 263 10.40 40.29 -24.84
C ILE B 263 9.60 39.53 -25.88
N ALA B 264 10.00 38.28 -26.14
CA ALA B 264 9.25 37.46 -27.10
C ALA B 264 7.84 37.16 -26.60
N ASN B 265 7.70 36.89 -25.30
CA ASN B 265 6.39 36.51 -24.76
C ASN B 265 5.44 37.71 -24.72
N GLN B 266 5.95 38.90 -24.43
CA GLN B 266 5.08 40.07 -24.33
C GLN B 266 4.40 40.36 -25.66
N HIS B 267 5.10 40.14 -26.77
CA HIS B 267 4.52 40.30 -28.09
C HIS B 267 3.87 39.02 -28.61
N ARG B 268 3.94 37.94 -27.83
CA ARG B 268 3.34 36.64 -28.19
C ARG B 268 3.85 36.15 -29.55
N LYS B 269 5.14 36.33 -29.79
CA LYS B 269 5.79 35.80 -30.98
C LYS B 269 6.74 34.68 -30.61
N PRO B 270 6.82 33.63 -31.42
CA PRO B 270 7.79 32.56 -31.14
C PRO B 270 9.22 33.07 -31.28
N LEU B 271 10.11 32.48 -30.47
CA LEU B 271 11.52 32.86 -30.45
C LEU B 271 12.36 31.67 -30.90
N VAL B 272 13.21 31.90 -31.91
CA VAL B 272 14.17 30.92 -32.38
C VAL B 272 15.55 31.37 -31.93
N ILE B 273 16.23 30.50 -31.18
CA ILE B 273 17.53 30.80 -30.60
C ILE B 273 18.58 30.05 -31.40
N VAL B 274 19.42 30.78 -32.13
CA VAL B 274 20.51 30.21 -32.90
C VAL B 274 21.79 30.62 -32.20
N ALA B 275 22.40 29.69 -31.48
CA ALA B 275 23.62 29.96 -30.74
C ALA B 275 24.63 28.85 -31.02
N GLU B 276 25.87 29.07 -30.57
CA GLU B 276 26.88 28.04 -30.68
C GLU B 276 26.48 26.80 -29.90
N ASP B 277 25.95 26.99 -28.69
CA ASP B 277 25.42 25.90 -27.89
C ASP B 277 24.56 26.48 -26.78
N VAL B 278 23.34 25.97 -26.65
CA VAL B 278 22.45 26.31 -25.55
C VAL B 278 22.40 25.11 -24.61
N ASP B 279 22.80 25.31 -23.36
CA ASP B 279 22.94 24.21 -22.42
C ASP B 279 22.86 24.76 -21.00
N GLY B 280 22.83 23.83 -20.04
CA GLY B 280 22.87 24.23 -18.64
C GLY B 280 21.54 24.79 -18.16
N GLU B 281 21.64 25.82 -17.31
CA GLU B 281 20.44 26.39 -16.71
C GLU B 281 19.53 27.01 -17.76
N ALA B 282 20.11 27.61 -18.81
CA ALA B 282 19.30 28.19 -19.87
C ALA B 282 18.49 27.12 -20.58
N LEU B 283 19.11 25.99 -20.90
CA LEU B 283 18.39 24.90 -21.54
C LEU B 283 17.32 24.34 -20.61
N SER B 284 17.64 24.21 -19.31
CA SER B 284 16.66 23.67 -18.37
C SER B 284 15.45 24.58 -18.26
N THR B 285 15.66 25.90 -18.20
CA THR B 285 14.54 26.83 -18.12
C THR B 285 13.76 26.86 -19.42
N LEU B 286 14.43 26.72 -20.56
CA LEU B 286 13.73 26.64 -21.83
C LEU B 286 12.84 25.41 -21.90
N VAL B 287 13.33 24.28 -21.39
CA VAL B 287 12.54 23.05 -21.39
C VAL B 287 11.37 23.16 -20.42
N LEU B 288 11.60 23.73 -19.23
CA LEU B 288 10.54 23.86 -18.24
C LEU B 288 9.42 24.76 -18.75
N ASN B 289 9.77 25.91 -19.34
CA ASN B 289 8.76 26.82 -19.84
C ASN B 289 8.05 26.24 -21.06
N ARG B 290 8.73 25.43 -21.86
CA ARG B 290 8.11 24.80 -23.02
C ARG B 290 6.98 23.86 -22.61
N LEU B 291 7.10 23.23 -21.44
CA LEU B 291 6.14 22.21 -21.02
C LEU B 291 5.19 22.66 -19.92
N LYS B 292 5.45 23.80 -19.28
CA LYS B 292 4.59 24.27 -18.20
C LYS B 292 3.69 25.42 -18.62
N VAL B 293 4.25 26.47 -19.22
CA VAL B 293 3.50 27.64 -19.63
C VAL B 293 3.32 27.70 -21.15
N GLY B 294 3.68 26.63 -21.85
CA GLY B 294 3.50 26.59 -23.30
C GLY B 294 4.27 27.65 -24.04
N LEU B 295 5.53 27.88 -23.66
CA LEU B 295 6.35 28.90 -24.32
C LEU B 295 6.84 28.37 -25.66
N GLN B 296 6.59 29.14 -26.72
CA GLN B 296 6.97 28.73 -28.08
C GLN B 296 8.38 29.24 -28.35
N VAL B 297 9.36 28.46 -27.89
CA VAL B 297 10.77 28.76 -28.11
C VAL B 297 11.49 27.47 -28.51
N VAL B 298 12.42 27.59 -29.45
CA VAL B 298 13.23 26.46 -29.91
C VAL B 298 14.67 26.93 -30.04
N ALA B 299 15.60 26.14 -29.50
CA ALA B 299 17.02 26.43 -29.57
C ALA B 299 17.68 25.47 -30.56
N VAL B 300 18.44 26.03 -31.50
CA VAL B 300 19.11 25.25 -32.53
C VAL B 300 20.58 25.68 -32.58
N LYS B 301 21.48 24.70 -32.66
CA LYS B 301 22.90 24.98 -32.73
C LYS B 301 23.25 25.72 -34.02
N ALA B 302 24.23 26.61 -33.91
CA ALA B 302 24.65 27.39 -35.07
C ALA B 302 25.30 26.48 -36.12
N PRO B 303 24.99 26.67 -37.40
CA PRO B 303 25.57 25.81 -38.43
C PRO B 303 27.05 26.08 -38.63
N GLY B 304 27.74 25.06 -39.15
CA GLY B 304 29.15 25.18 -39.46
C GLY B 304 30.04 24.99 -38.25
N PHE B 305 31.33 25.28 -38.47
CA PHE B 305 32.33 25.16 -37.43
C PHE B 305 33.42 26.20 -37.65
N GLY B 306 34.10 26.55 -36.56
CA GLY B 306 35.20 27.50 -36.66
C GLY B 306 34.73 28.90 -37.02
N ASP B 307 35.56 29.60 -37.79
CA ASP B 307 35.22 30.96 -38.22
C ASP B 307 34.03 30.97 -39.16
N ASN B 308 33.78 29.88 -39.88
CA ASN B 308 32.62 29.81 -40.75
C ASN B 308 31.32 29.90 -39.96
N ARG B 309 31.35 29.52 -38.69
CA ARG B 309 30.17 29.63 -37.84
C ARG B 309 29.75 31.10 -37.71
N LYS B 310 30.72 31.98 -37.44
CA LYS B 310 30.39 33.39 -37.23
C LYS B 310 29.98 34.07 -38.53
N ASN B 311 30.63 33.71 -39.64
CA ASN B 311 30.24 34.28 -40.93
C ASN B 311 28.83 33.86 -41.31
N GLN B 312 28.48 32.58 -41.06
CA GLN B 312 27.12 32.13 -41.32
C GLN B 312 26.12 32.83 -40.41
N LEU B 313 26.49 33.05 -39.14
CA LEU B 313 25.61 33.81 -38.25
C LEU B 313 25.37 35.22 -38.76
N ARG B 314 26.43 35.90 -39.21
CA ARG B 314 26.28 37.25 -39.73
C ARG B 314 25.42 37.26 -40.99
N ASP B 315 25.63 36.30 -41.87
CA ASP B 315 24.83 36.21 -43.09
C ASP B 315 23.36 35.97 -42.78
N MET B 316 23.09 35.07 -41.82
CA MET B 316 21.72 34.82 -41.41
C MET B 316 21.09 36.06 -40.78
N ALA B 317 21.87 36.79 -39.96
CA ALA B 317 21.35 37.99 -39.33
C ALA B 317 21.00 39.07 -40.35
N VAL B 318 21.87 39.27 -41.35
CA VAL B 318 21.56 40.28 -42.36
C VAL B 318 20.42 39.80 -43.26
N ALA B 319 20.24 38.49 -43.40
CA ALA B 319 19.09 37.98 -44.13
C ALA B 319 17.80 38.25 -43.38
N THR B 320 17.81 38.10 -42.07
CA THR B 320 16.63 38.30 -41.25
C THR B 320 16.53 39.71 -40.64
N GLY B 321 17.52 40.56 -40.91
CA GLY B 321 17.46 41.92 -40.40
C GLY B 321 17.72 42.08 -38.93
N GLY B 322 18.30 41.07 -38.28
CA GLY B 322 18.64 41.14 -36.87
C GLY B 322 20.09 41.47 -36.63
N THR B 323 20.55 41.16 -35.42
CA THR B 323 21.95 41.38 -35.05
C THR B 323 22.43 40.18 -34.24
N VAL B 324 23.75 40.04 -34.15
CA VAL B 324 24.39 38.91 -33.48
C VAL B 324 24.98 39.39 -32.16
N PHE B 325 24.90 38.54 -31.15
CA PHE B 325 25.39 38.84 -29.82
C PHE B 325 26.70 38.10 -29.56
N GLY B 326 27.32 38.41 -28.42
CA GLY B 326 28.57 37.79 -28.03
C GLY B 326 29.69 38.79 -27.80
N LEU B 332 27.35 44.05 -27.22
CA LEU B 332 25.92 44.26 -27.01
C LEU B 332 25.45 43.55 -25.74
N ALA B 333 26.36 42.77 -25.14
CA ALA B 333 26.21 42.19 -23.82
C ALA B 333 25.19 41.05 -23.78
N LEU B 334 24.48 40.83 -24.89
CA LEU B 334 23.63 39.65 -25.07
C LEU B 334 22.42 39.63 -24.15
N GLU B 335 22.34 40.60 -23.23
CA GLU B 335 21.23 40.67 -22.29
C GLU B 335 20.53 42.03 -22.30
N ASP B 336 20.98 42.97 -23.14
CA ASP B 336 20.37 44.28 -23.27
C ASP B 336 19.52 44.39 -24.54
N ILE B 337 18.81 43.31 -24.88
CA ILE B 337 18.04 43.28 -26.11
C ILE B 337 16.90 44.30 -26.02
N GLN B 338 16.66 45.01 -27.12
CA GLN B 338 15.60 46.01 -27.19
C GLN B 338 14.58 45.66 -28.26
N ALA B 339 14.51 44.38 -28.65
CA ALA B 339 13.54 43.84 -29.61
C ALA B 339 13.80 44.34 -31.02
N HIS B 340 14.74 45.27 -31.19
CA HIS B 340 15.25 45.61 -32.51
C HIS B 340 16.47 44.76 -32.87
N ASP B 341 17.02 44.04 -31.89
CA ASP B 341 18.12 43.13 -32.14
C ASP B 341 17.64 41.84 -32.79
N PHE B 342 16.39 41.44 -32.54
CA PHE B 342 15.87 40.20 -33.11
C PHE B 342 15.69 40.33 -34.62
N GLY B 343 15.89 39.21 -35.31
CA GLY B 343 15.45 39.09 -36.68
C GLY B 343 14.01 38.61 -36.74
N LYS B 344 13.45 38.63 -37.95
CA LYS B 344 12.08 38.22 -38.18
C LYS B 344 12.06 37.02 -39.12
N ILE B 345 11.35 35.96 -38.72
CA ILE B 345 11.20 34.75 -39.51
C ILE B 345 9.71 34.54 -39.75
N GLY B 346 9.30 34.59 -41.02
CA GLY B 346 7.90 34.39 -41.34
C GLY B 346 7.40 33.01 -41.00
N GLU B 347 8.17 31.99 -41.35
CA GLU B 347 7.84 30.61 -41.02
C GLU B 347 9.15 29.84 -40.86
N VAL B 348 9.19 28.96 -39.86
CA VAL B 348 10.39 28.17 -39.58
C VAL B 348 9.98 26.73 -39.32
N GLN B 349 10.74 25.79 -39.90
CA GLN B 349 10.53 24.36 -39.69
C GLN B 349 11.85 23.73 -39.28
N ILE B 350 11.91 23.21 -38.06
CA ILE B 350 13.13 22.67 -37.47
C ILE B 350 12.90 21.19 -37.21
N THR B 351 13.46 20.34 -38.05
CA THR B 351 13.40 18.90 -37.85
C THR B 351 14.62 18.44 -37.05
N LYS B 352 14.84 17.13 -36.99
CA LYS B 352 15.89 16.59 -36.12
C LYS B 352 17.28 17.07 -36.53
N ASP B 353 17.57 17.12 -37.83
CA ASP B 353 18.92 17.41 -38.28
C ASP B 353 19.03 18.58 -39.25
N ASP B 354 17.96 19.34 -39.48
CA ASP B 354 18.07 20.53 -40.30
C ASP B 354 16.97 21.52 -39.93
N THR B 355 17.25 22.80 -40.21
CA THR B 355 16.35 23.90 -39.91
C THR B 355 16.08 24.68 -41.20
N LEU B 356 14.82 25.04 -41.40
CA LEU B 356 14.41 25.82 -42.56
C LEU B 356 13.86 27.16 -42.10
N LEU B 357 14.52 28.24 -42.48
CA LEU B 357 14.02 29.60 -42.27
C LEU B 357 13.43 30.10 -43.59
N LEU B 358 12.14 30.40 -43.59
CA LEU B 358 11.45 30.63 -44.85
C LEU B 358 11.46 32.10 -45.27
N LYS B 359 10.82 32.97 -44.48
CA LYS B 359 10.59 34.35 -44.88
C LYS B 359 11.51 35.26 -44.09
N GLY B 360 12.52 35.81 -44.76
CA GLY B 360 13.46 36.70 -44.10
C GLY B 360 12.87 38.09 -43.89
N GLY B 361 13.38 38.75 -42.85
CA GLY B 361 12.97 40.11 -42.54
C GLY B 361 13.95 41.18 -42.98
N GLY B 362 15.11 40.78 -43.49
CA GLY B 362 16.10 41.76 -43.90
C GLY B 362 15.72 42.48 -45.19
N SER B 363 16.36 43.61 -45.40
CA SER B 363 16.11 44.39 -46.61
C SER B 363 16.72 43.69 -47.82
N PRO B 364 16.04 43.69 -48.96
CA PRO B 364 16.68 43.17 -50.19
C PRO B 364 17.95 43.92 -50.56
N ALA B 365 17.97 45.24 -50.34
CA ALA B 365 19.20 46.00 -50.54
C ALA B 365 20.27 45.59 -49.53
N GLU B 366 19.86 45.21 -48.32
CA GLU B 366 20.82 44.75 -47.32
C GLU B 366 21.45 43.42 -47.73
N VAL B 367 20.63 42.47 -48.19
CA VAL B 367 21.16 41.16 -48.54
C VAL B 367 21.96 41.22 -49.84
N GLU B 368 21.58 42.08 -50.79
CA GLU B 368 22.34 42.16 -52.03
C GLU B 368 23.72 42.76 -51.81
N LYS B 369 23.87 43.65 -50.83
CA LYS B 369 25.18 44.21 -50.53
C LYS B 369 26.05 43.21 -49.76
N ARG B 370 25.45 42.34 -48.96
CA ARG B 370 26.22 41.33 -48.25
C ARG B 370 26.87 40.34 -49.22
N ALA B 371 26.14 39.96 -50.28
CA ALA B 371 26.72 39.09 -51.29
C ALA B 371 27.88 39.75 -52.01
N ALA B 372 27.89 41.09 -52.08
CA ALA B 372 29.00 41.79 -52.71
C ALA B 372 30.30 41.54 -51.95
N GLU B 373 30.25 41.50 -50.62
CA GLU B 373 31.44 41.17 -49.85
C GLU B 373 31.93 39.77 -50.17
N ILE B 374 31.01 38.81 -50.33
CA ILE B 374 31.38 37.44 -50.64
C ILE B 374 32.05 37.35 -52.01
N VAL B 375 31.46 38.03 -53.01
CA VAL B 375 32.06 37.97 -54.35
C VAL B 375 33.39 38.71 -54.38
N GLU B 376 33.55 39.75 -53.55
CA GLU B 376 34.84 40.42 -53.45
C GLU B 376 35.88 39.48 -52.86
N GLN B 377 35.53 38.74 -51.82
CA GLN B 377 36.46 37.78 -51.25
C GLN B 377 36.73 36.59 -52.17
N LEU B 378 35.80 36.26 -53.06
CA LEU B 378 36.02 35.18 -54.01
C LEU B 378 37.16 35.50 -54.97
N GLU B 379 37.23 36.74 -55.45
CA GLU B 379 38.27 37.13 -56.39
C GLU B 379 39.65 37.20 -55.75
N ASN B 380 39.73 37.26 -54.42
CA ASN B 380 41.01 37.35 -53.72
C ASN B 380 41.47 35.99 -53.19
N THR B 381 40.65 35.35 -52.37
CA THR B 381 41.03 34.05 -51.80
C THR B 381 41.00 32.97 -52.87
N THR B 382 41.93 32.02 -52.76
CA THR B 382 42.05 30.95 -53.74
C THR B 382 42.04 29.55 -53.14
N SER B 383 41.89 29.43 -51.82
CA SER B 383 41.84 28.11 -51.20
C SER B 383 40.61 27.35 -51.66
N ASP B 384 40.80 26.06 -51.96
CA ASP B 384 39.69 25.23 -52.44
C ASP B 384 38.62 25.07 -51.37
N TYR B 385 39.03 24.81 -50.12
CA TYR B 385 38.06 24.66 -49.04
C TYR B 385 37.36 25.99 -48.73
N GLU B 386 38.11 27.09 -48.77
CA GLU B 386 37.52 28.40 -48.49
C GLU B 386 36.54 28.80 -49.58
N LYS B 387 36.83 28.45 -50.83
CA LYS B 387 35.94 28.81 -51.93
C LYS B 387 34.59 28.12 -51.81
N GLU B 388 34.59 26.84 -51.42
CA GLU B 388 33.33 26.09 -51.33
C GLU B 388 32.41 26.67 -50.27
N LYS B 389 32.95 26.98 -49.08
CA LYS B 389 32.13 27.54 -48.02
C LYS B 389 31.58 28.91 -48.38
N LEU B 390 32.43 29.75 -48.99
CA LEU B 390 31.98 31.09 -49.39
C LEU B 390 30.89 30.99 -50.46
N ASN B 391 31.05 30.08 -51.43
CA ASN B 391 30.03 29.92 -52.46
C ASN B 391 28.74 29.36 -51.88
N GLU B 392 28.83 28.46 -50.89
CA GLU B 392 27.63 27.96 -50.24
C GLU B 392 26.90 29.06 -49.48
N ARG B 393 27.65 29.93 -48.80
CA ARG B 393 27.02 31.08 -48.14
C ARG B 393 26.37 32.01 -49.16
N LEU B 394 27.02 32.22 -50.30
CA LEU B 394 26.45 33.03 -51.36
C LEU B 394 25.14 32.42 -51.86
N ALA B 395 25.12 31.09 -52.03
CA ALA B 395 23.89 30.42 -52.46
C ALA B 395 22.80 30.56 -51.41
N LYS B 396 23.15 30.44 -50.12
CA LYS B 396 22.16 30.63 -49.07
C LYS B 396 21.57 32.04 -49.11
N LEU B 397 22.41 33.04 -49.37
CA LEU B 397 21.92 34.41 -49.39
C LEU B 397 21.06 34.69 -50.62
N SER B 398 21.50 34.22 -51.79
CA SER B 398 20.83 34.57 -53.05
C SER B 398 19.73 33.58 -53.42
N ASP B 399 20.08 32.31 -53.56
CA ASP B 399 19.11 31.31 -53.98
C ASP B 399 18.02 31.15 -52.91
N GLY B 400 16.77 31.10 -53.37
CA GLY B 400 15.64 30.93 -52.48
C GLY B 400 15.10 29.51 -52.50
N VAL B 401 14.12 29.27 -51.64
CA VAL B 401 13.47 27.97 -51.56
C VAL B 401 12.24 27.97 -52.45
N ALA B 402 11.84 26.78 -52.88
CA ALA B 402 10.66 26.58 -53.71
C ALA B 402 9.60 25.87 -52.89
N VAL B 403 8.50 26.58 -52.62
CA VAL B 403 7.37 26.02 -51.88
C VAL B 403 6.27 25.66 -52.89
N LEU B 404 5.92 24.38 -52.95
CA LEU B 404 4.81 23.93 -53.77
C LEU B 404 3.69 23.48 -52.84
N LYS B 405 2.51 24.07 -53.01
CA LYS B 405 1.36 23.78 -52.17
C LYS B 405 0.42 22.84 -52.92
N VAL B 406 -0.03 21.79 -52.23
CA VAL B 406 -0.87 20.77 -52.84
C VAL B 406 -2.33 21.14 -52.65
N GLY B 407 -3.09 21.13 -53.74
CA GLY B 407 -4.50 21.48 -53.71
C GLY B 407 -5.39 20.27 -53.50
N GLY B 408 -6.69 20.54 -53.53
CA GLY B 408 -7.68 19.49 -53.36
C GLY B 408 -9.03 20.07 -53.03
N THR B 409 -10.03 19.20 -53.03
CA THR B 409 -11.39 19.58 -52.68
C THR B 409 -11.67 19.50 -51.18
N SER B 410 -10.76 18.94 -50.40
CA SER B 410 -10.94 18.82 -48.96
C SER B 410 -9.58 18.88 -48.28
N ASP B 411 -9.59 19.20 -46.98
CA ASP B 411 -8.34 19.36 -46.24
C ASP B 411 -7.64 18.02 -46.03
N VAL B 412 -8.40 16.97 -45.74
CA VAL B 412 -7.79 15.65 -45.57
C VAL B 412 -7.22 15.15 -46.89
N GLU B 413 -7.89 15.45 -48.00
CA GLU B 413 -7.33 15.14 -49.31
C GLU B 413 -6.04 15.91 -49.54
N VAL B 414 -6.00 17.17 -49.10
CA VAL B 414 -4.79 17.97 -49.23
C VAL B 414 -3.65 17.34 -48.42
N ASN B 415 -3.95 16.88 -47.20
CA ASN B 415 -2.89 16.29 -46.38
C ASN B 415 -2.39 14.97 -46.96
N GLU B 416 -3.30 14.12 -47.45
CA GLU B 416 -2.87 12.86 -48.06
C GLU B 416 -2.05 13.13 -49.32
N LYS B 417 -2.49 14.07 -50.15
CA LYS B 417 -1.72 14.46 -51.33
C LYS B 417 -0.37 15.05 -50.93
N LYS B 418 -0.31 15.76 -49.80
CA LYS B 418 0.95 16.27 -49.30
C LYS B 418 1.91 15.14 -48.97
N ASP B 419 1.41 14.10 -48.31
CA ASP B 419 2.25 12.94 -48.01
C ASP B 419 2.74 12.28 -49.30
N ARG B 420 1.83 12.08 -50.26
CA ARG B 420 2.21 11.43 -51.52
C ARG B 420 3.23 12.27 -52.29
N VAL B 421 3.02 13.58 -52.36
CA VAL B 421 3.94 14.46 -53.10
C VAL B 421 5.30 14.52 -52.41
N THR B 422 5.32 14.53 -51.07
CA THR B 422 6.59 14.49 -50.37
C THR B 422 7.35 13.21 -50.68
N ASP B 423 6.65 12.07 -50.69
CA ASP B 423 7.31 10.81 -51.02
C ASP B 423 7.84 10.81 -52.45
N ALA B 424 7.03 11.30 -53.39
CA ALA B 424 7.46 11.35 -54.78
C ALA B 424 8.64 12.30 -54.97
N LEU B 425 8.63 13.43 -54.25
CA LEU B 425 9.73 14.38 -54.34
C LEU B 425 11.02 13.77 -53.81
N ASN B 426 10.95 13.07 -52.68
CA ASN B 426 12.15 12.40 -52.16
C ASN B 426 12.66 11.35 -53.13
N ALA B 427 11.74 10.59 -53.73
CA ALA B 427 12.13 9.58 -54.71
C ALA B 427 12.80 10.24 -55.93
N THR B 428 12.23 11.34 -56.41
CA THR B 428 12.82 12.04 -57.56
C THR B 428 14.18 12.62 -57.22
N ARG B 429 14.34 13.14 -56.00
CA ARG B 429 15.64 13.67 -55.58
C ARG B 429 16.68 12.56 -55.55
N ALA B 430 16.31 11.38 -55.02
CA ALA B 430 17.23 10.26 -55.03
C ALA B 430 17.58 9.83 -56.45
N ALA B 431 16.57 9.81 -57.33
CA ALA B 431 16.82 9.41 -58.72
C ALA B 431 17.75 10.38 -59.43
N VAL B 432 17.57 11.67 -59.21
CA VAL B 432 18.48 12.66 -59.77
C VAL B 432 19.87 12.50 -59.17
N GLU B 433 19.94 12.14 -57.89
CA GLU B 433 21.24 12.01 -57.23
C GLU B 433 22.04 10.84 -57.79
N GLU B 434 21.43 9.67 -57.93
CA GLU B 434 22.19 8.47 -58.27
C GLU B 434 21.61 7.66 -59.43
N GLY B 435 20.61 8.17 -60.14
CA GLY B 435 20.04 7.42 -61.25
C GLY B 435 18.93 6.48 -60.82
N ILE B 436 18.46 5.69 -61.79
CA ILE B 436 17.39 4.74 -61.55
C ILE B 436 17.83 3.35 -62.00
N VAL B 437 17.24 2.33 -61.38
CA VAL B 437 17.50 0.94 -61.72
C VAL B 437 16.15 0.23 -61.79
N PRO B 438 16.08 -0.90 -62.49
CA PRO B 438 14.82 -1.66 -62.55
C PRO B 438 14.35 -2.05 -61.15
N GLY B 439 13.03 -1.96 -60.95
CA GLY B 439 12.43 -2.22 -59.65
C GLY B 439 12.11 -3.68 -59.43
N GLY B 440 11.28 -3.92 -58.42
CA GLY B 440 10.92 -5.29 -58.08
C GLY B 440 12.06 -6.13 -57.59
N GLY B 441 13.13 -5.52 -57.10
CA GLY B 441 14.30 -6.25 -56.67
C GLY B 441 15.14 -6.81 -57.79
N CYS B 442 14.80 -6.55 -59.05
CA CYS B 442 15.56 -7.09 -60.17
C CYS B 442 16.91 -6.41 -60.33
N ALA B 443 17.08 -5.20 -59.82
CA ALA B 443 18.39 -4.55 -59.88
C ALA B 443 19.44 -5.37 -59.13
N LEU B 444 19.10 -5.80 -57.91
CA LEU B 444 20.00 -6.67 -57.18
C LEU B 444 20.12 -8.04 -57.84
N LEU B 445 19.05 -8.49 -58.50
CA LEU B 445 19.08 -9.79 -59.17
C LEU B 445 20.05 -9.81 -60.34
N ARG B 446 20.17 -8.69 -61.06
CA ARG B 446 21.04 -8.61 -62.22
C ARG B 446 22.50 -8.36 -61.86
N CYS B 447 22.81 -8.16 -60.58
CA CYS B 447 24.19 -8.06 -60.12
C CYS B 447 24.78 -9.40 -59.70
N ILE B 448 23.98 -10.48 -59.75
CA ILE B 448 24.49 -11.80 -59.39
C ILE B 448 25.64 -12.25 -60.27
N PRO B 449 25.56 -12.17 -61.61
CA PRO B 449 26.65 -12.71 -62.43
C PRO B 449 27.99 -12.04 -62.20
N SER B 450 28.01 -10.82 -61.64
CA SER B 450 29.27 -10.14 -61.34
C SER B 450 30.00 -10.74 -60.15
N LEU B 451 29.35 -11.59 -59.36
CA LEU B 451 30.00 -12.20 -58.21
C LEU B 451 30.86 -13.41 -58.57
N ASP B 452 30.78 -13.89 -59.80
CA ASP B 452 31.50 -15.08 -60.21
C ASP B 452 32.95 -14.82 -60.59
N ALA B 453 33.40 -13.57 -60.54
CA ALA B 453 34.75 -13.20 -60.94
C ALA B 453 35.44 -12.37 -59.85
N ILE B 454 35.38 -12.87 -58.61
CA ILE B 454 36.01 -12.21 -57.48
C ILE B 454 37.23 -13.01 -57.07
N GLN B 455 38.38 -12.34 -56.94
CA GLN B 455 39.63 -12.97 -56.56
C GLN B 455 39.61 -13.23 -55.06
N THR B 456 39.04 -14.37 -54.67
CA THR B 456 38.94 -14.75 -53.27
C THR B 456 40.16 -15.56 -52.86
N ALA B 457 40.63 -15.32 -51.63
CA ALA B 457 41.87 -15.96 -51.17
C ALA B 457 41.61 -17.37 -50.66
N ASN B 458 40.80 -17.50 -49.61
CA ASN B 458 40.55 -18.78 -48.97
C ASN B 458 39.09 -19.16 -49.10
N ALA B 459 38.73 -20.30 -48.49
CA ALA B 459 37.37 -20.82 -48.59
C ALA B 459 36.36 -19.92 -47.88
N ASP B 460 36.76 -19.28 -46.77
CA ASP B 460 35.82 -18.46 -46.02
C ASP B 460 35.40 -17.22 -46.81
N GLN B 461 36.32 -16.65 -47.59
CA GLN B 461 35.95 -15.53 -48.45
C GLN B 461 34.92 -15.95 -49.49
N LYS B 462 35.11 -17.13 -50.09
CA LYS B 462 34.11 -17.66 -51.02
C LYS B 462 32.79 -17.90 -50.32
N ILE B 463 32.83 -18.35 -49.07
CA ILE B 463 31.60 -18.57 -48.31
C ILE B 463 30.85 -17.26 -48.10
N GLY B 464 31.57 -16.20 -47.75
CA GLY B 464 30.92 -14.90 -47.61
C GLY B 464 30.35 -14.38 -48.91
N VAL B 465 31.08 -14.57 -50.01
CA VAL B 465 30.57 -14.17 -51.32
C VAL B 465 29.31 -14.95 -51.64
N GLU B 466 29.28 -16.24 -51.31
CA GLU B 466 28.07 -17.04 -51.52
C GLU B 466 26.92 -16.56 -50.64
N ILE B 467 27.22 -16.10 -49.42
CA ILE B 467 26.20 -15.52 -48.56
C ILE B 467 25.57 -14.31 -49.24
N ILE B 468 26.42 -13.43 -49.78
CA ILE B 468 25.90 -12.25 -50.47
C ILE B 468 25.11 -12.65 -51.71
N ARG B 469 25.59 -13.65 -52.45
CA ARG B 469 24.88 -14.10 -53.65
C ARG B 469 23.51 -14.65 -53.31
N ARG B 470 23.43 -15.42 -52.22
CA ARG B 470 22.13 -15.93 -51.78
C ARG B 470 21.23 -14.81 -51.29
N ALA B 471 21.80 -13.77 -50.68
CA ALA B 471 21.00 -12.66 -50.19
C ALA B 471 20.46 -11.81 -51.32
N LEU B 472 21.18 -11.74 -52.45
CA LEU B 472 20.75 -10.88 -53.55
C LEU B 472 19.40 -11.31 -54.11
N ARG B 473 19.03 -12.58 -53.97
CA ARG B 473 17.75 -13.07 -54.46
C ARG B 473 16.60 -12.83 -53.50
N ILE B 474 16.89 -12.47 -52.24
CA ILE B 474 15.84 -12.37 -51.23
C ILE B 474 14.79 -11.32 -51.55
N PRO B 475 15.13 -10.09 -51.97
CA PRO B 475 14.06 -9.10 -52.21
C PRO B 475 13.08 -9.51 -53.30
N ALA B 476 13.59 -9.94 -54.46
CA ALA B 476 12.70 -10.33 -55.55
C ALA B 476 11.86 -11.54 -55.16
N MET B 477 12.47 -12.51 -54.47
CA MET B 477 11.71 -13.69 -54.03
C MET B 477 10.62 -13.31 -53.05
N THR B 478 10.92 -12.40 -52.12
CA THR B 478 9.90 -11.97 -51.16
C THR B 478 8.76 -11.25 -51.85
N ILE B 479 9.07 -10.40 -52.82
CA ILE B 479 8.02 -9.71 -53.57
C ILE B 479 7.17 -10.71 -54.33
N ALA B 480 7.80 -11.72 -54.94
CA ALA B 480 7.05 -12.75 -55.65
C ALA B 480 6.15 -13.54 -54.71
N LYS B 481 6.67 -13.90 -53.53
CA LYS B 481 5.87 -14.64 -52.56
C LYS B 481 4.67 -13.82 -52.09
N ASN B 482 4.88 -12.51 -51.85
CA ASN B 482 3.75 -11.65 -51.51
C ASN B 482 2.76 -11.55 -52.66
N ALA B 483 3.24 -11.60 -53.90
CA ALA B 483 2.34 -11.58 -55.05
C ALA B 483 1.57 -12.88 -55.21
N GLY B 484 2.02 -13.97 -54.57
CA GLY B 484 1.36 -15.26 -54.61
C GLY B 484 2.12 -16.31 -55.40
N VAL B 485 2.89 -15.90 -56.41
CA VAL B 485 3.62 -16.82 -57.26
C VAL B 485 4.86 -17.34 -56.52
N GLU B 486 5.48 -18.39 -57.05
CA GLU B 486 6.66 -18.96 -56.42
C GLU B 486 7.89 -18.14 -56.79
N GLY B 487 8.66 -17.75 -55.77
CA GLY B 487 9.81 -16.89 -56.01
C GLY B 487 10.93 -17.57 -56.78
N SER B 488 11.19 -18.85 -56.47
CA SER B 488 12.35 -19.53 -57.05
C SER B 488 12.23 -19.62 -58.57
N LEU B 489 11.07 -20.02 -59.08
CA LEU B 489 10.90 -20.16 -60.52
C LEU B 489 10.97 -18.81 -61.22
N VAL B 490 10.38 -17.77 -60.63
CA VAL B 490 10.44 -16.44 -61.22
C VAL B 490 11.88 -15.95 -61.29
N VAL B 491 12.64 -16.13 -60.21
CA VAL B 491 14.04 -15.72 -60.21
C VAL B 491 14.83 -16.50 -61.24
N GLU B 492 14.58 -17.81 -61.35
CA GLU B 492 15.30 -18.61 -62.33
C GLU B 492 14.99 -18.16 -63.75
N LYS B 493 13.72 -17.85 -64.03
CA LYS B 493 13.37 -17.40 -65.38
C LYS B 493 13.96 -16.03 -65.68
N ILE B 494 13.99 -15.13 -64.70
CA ILE B 494 14.56 -13.80 -64.93
C ILE B 494 16.06 -13.90 -65.16
N LEU B 495 16.76 -14.68 -64.32
CA LEU B 495 18.20 -14.83 -64.47
C LEU B 495 18.55 -15.54 -65.77
N GLN B 496 17.80 -16.58 -66.13
CA GLN B 496 18.02 -17.34 -67.36
C GLN B 496 17.14 -16.85 -68.50
N GLY B 497 16.72 -15.60 -68.46
CA GLY B 497 15.91 -15.03 -69.53
C GLY B 497 16.59 -13.87 -70.22
N SER B 498 15.82 -13.09 -70.97
CA SER B 498 16.38 -11.95 -71.69
C SER B 498 16.76 -10.83 -70.74
N ALA B 499 17.59 -9.93 -71.23
CA ALA B 499 18.05 -8.80 -70.42
C ALA B 499 16.91 -7.82 -70.17
N GLU B 500 16.97 -7.16 -69.01
CA GLU B 500 15.98 -6.18 -68.57
C GLU B 500 14.57 -6.77 -68.47
N LEU B 501 14.46 -8.10 -68.43
CA LEU B 501 13.18 -8.79 -68.31
C LEU B 501 12.98 -9.14 -66.84
N GLY B 502 12.16 -8.35 -66.16
CA GLY B 502 11.82 -8.57 -64.77
C GLY B 502 10.48 -9.25 -64.62
N TYR B 503 9.82 -8.99 -63.49
CA TYR B 503 8.50 -9.55 -63.21
C TYR B 503 7.64 -8.47 -62.57
N ASP B 504 6.60 -8.04 -63.29
CA ASP B 504 5.64 -7.07 -62.76
C ASP B 504 4.59 -7.84 -61.97
N ALA B 505 4.65 -7.75 -60.64
CA ALA B 505 3.75 -8.51 -59.80
C ALA B 505 2.31 -8.05 -59.95
N MET B 506 2.09 -6.74 -60.13
CA MET B 506 0.73 -6.22 -60.22
C MET B 506 -0.01 -6.78 -61.42
N GLN B 507 0.65 -6.86 -62.57
CA GLN B 507 0.05 -7.42 -63.77
C GLN B 507 0.35 -8.90 -63.95
N GLY B 508 1.31 -9.45 -63.19
CA GLY B 508 1.63 -10.86 -63.28
C GLY B 508 2.19 -11.30 -64.61
N GLU B 509 3.11 -10.52 -65.18
CA GLU B 509 3.71 -10.85 -66.47
C GLU B 509 5.15 -10.37 -66.49
N TYR B 510 5.97 -11.07 -67.27
CA TYR B 510 7.36 -10.67 -67.45
C TYR B 510 7.44 -9.57 -68.50
N VAL B 511 7.97 -8.42 -68.10
CA VAL B 511 8.04 -7.24 -68.95
C VAL B 511 9.39 -6.56 -68.75
N ASN B 512 9.65 -5.53 -69.53
CA ASN B 512 10.83 -4.69 -69.36
C ASN B 512 10.51 -3.62 -68.31
N MET B 513 11.23 -3.68 -67.19
CA MET B 513 10.85 -2.86 -66.03
C MET B 513 11.08 -1.38 -66.29
N VAL B 514 12.26 -1.01 -66.76
CA VAL B 514 12.56 0.40 -66.99
C VAL B 514 11.71 0.96 -68.12
N GLU B 515 11.46 0.15 -69.16
CA GLU B 515 10.64 0.60 -70.28
C GLU B 515 9.21 0.87 -69.83
N LYS B 516 8.64 -0.01 -69.01
CA LYS B 516 7.26 0.13 -68.58
C LYS B 516 7.11 0.86 -67.25
N GLY B 517 8.20 1.33 -66.66
CA GLY B 517 8.13 2.20 -65.50
C GLY B 517 8.24 1.54 -64.14
N ILE B 518 8.57 0.26 -64.07
CA ILE B 518 8.81 -0.38 -62.77
C ILE B 518 10.25 -0.10 -62.38
N ILE B 519 10.48 0.99 -61.65
CA ILE B 519 11.82 1.46 -61.35
C ILE B 519 11.95 1.75 -59.86
N ASP B 520 13.19 1.75 -59.40
CA ASP B 520 13.57 2.15 -58.06
C ASP B 520 14.83 3.00 -58.16
N PRO B 521 14.97 4.02 -57.30
CA PRO B 521 16.20 4.81 -57.32
C PRO B 521 17.42 3.98 -56.94
N THR B 522 18.53 4.21 -57.64
CA THR B 522 19.76 3.47 -57.35
C THR B 522 20.28 3.79 -55.96
N LYS B 523 20.08 5.03 -55.48
CA LYS B 523 20.52 5.39 -54.14
C LYS B 523 19.82 4.53 -53.10
N VAL B 524 18.53 4.27 -53.28
CA VAL B 524 17.77 3.50 -52.30
C VAL B 524 18.36 2.11 -52.15
N VAL B 525 18.54 1.42 -53.28
CA VAL B 525 19.03 0.04 -53.22
C VAL B 525 20.49 -0.01 -52.74
N ARG B 526 21.32 0.94 -53.19
CA ARG B 526 22.71 0.94 -52.77
C ARG B 526 22.83 1.16 -51.27
N THR B 527 22.15 2.17 -50.73
CA THR B 527 22.22 2.44 -49.30
C THR B 527 21.61 1.30 -48.49
N ALA B 528 20.50 0.73 -48.96
CA ALA B 528 19.87 -0.37 -48.24
C ALA B 528 20.81 -1.56 -48.15
N LEU B 529 21.41 -1.96 -49.27
CA LEU B 529 22.34 -3.09 -49.26
C LEU B 529 23.55 -2.80 -48.40
N LEU B 530 24.13 -1.60 -48.52
CA LEU B 530 25.32 -1.27 -47.75
C LEU B 530 25.03 -1.29 -46.25
N ASP B 531 23.89 -0.72 -45.84
CA ASP B 531 23.57 -0.65 -44.42
C ASP B 531 23.19 -2.03 -43.87
N ALA B 532 22.49 -2.84 -44.67
CA ALA B 532 22.19 -4.20 -44.23
C ALA B 532 23.47 -5.02 -44.05
N ALA B 533 24.41 -4.90 -44.99
CA ALA B 533 25.69 -5.58 -44.84
C ALA B 533 26.43 -5.07 -43.60
N GLY B 534 26.39 -3.76 -43.37
CA GLY B 534 27.07 -3.21 -42.21
C GLY B 534 26.52 -3.73 -40.90
N VAL B 535 25.19 -3.75 -40.77
CA VAL B 535 24.58 -4.22 -39.52
C VAL B 535 24.79 -5.72 -39.35
N ALA B 536 24.73 -6.48 -40.45
CA ALA B 536 24.99 -7.92 -40.34
C ALA B 536 26.42 -8.19 -39.91
N SER B 537 27.39 -7.46 -40.46
CA SER B 537 28.77 -7.63 -40.02
C SER B 537 28.96 -7.17 -38.59
N LEU B 538 28.23 -6.13 -38.17
CA LEU B 538 28.29 -5.70 -36.77
C LEU B 538 27.78 -6.79 -35.84
N LEU B 539 26.70 -7.47 -36.23
CA LEU B 539 26.20 -8.58 -35.42
C LEU B 539 27.16 -9.77 -35.46
N SER B 540 27.87 -9.96 -36.57
CA SER B 540 28.84 -11.03 -36.67
C SER B 540 30.13 -10.75 -35.91
N THR B 541 30.42 -9.48 -35.60
CA THR B 541 31.58 -9.13 -34.80
C THR B 541 31.31 -9.19 -33.31
N ALA B 542 30.06 -9.36 -32.90
CA ALA B 542 29.71 -9.35 -31.49
C ALA B 542 29.99 -10.72 -30.86
N GLU B 543 30.93 -10.76 -29.93
CA GLU B 543 31.27 -11.97 -29.21
C GLU B 543 30.77 -11.97 -27.77
N ALA B 544 30.08 -10.92 -27.35
CA ALA B 544 29.54 -10.83 -26.00
C ALA B 544 28.49 -9.74 -25.94
N VAL B 545 27.37 -10.02 -25.29
CA VAL B 545 26.27 -9.08 -25.12
C VAL B 545 25.95 -8.99 -23.64
N VAL B 546 25.94 -7.77 -23.11
CA VAL B 546 25.67 -7.51 -21.70
C VAL B 546 24.31 -6.84 -21.59
N THR B 547 23.41 -7.45 -20.83
CA THR B 547 22.06 -6.96 -20.61
C THR B 547 21.82 -6.74 -19.13
N GLU B 548 20.66 -6.19 -18.80
CA GLU B 548 20.29 -5.87 -17.43
C GLU B 548 19.30 -6.89 -16.91
N ILE B 549 19.53 -7.38 -15.69
CA ILE B 549 18.63 -8.33 -15.05
C ILE B 549 17.31 -7.64 -14.78
N PRO B 550 16.18 -8.17 -15.27
CA PRO B 550 14.86 -7.57 -15.09
C PRO B 550 14.26 -7.83 -13.71
N TYR C 26 3.87 -1.85 -23.81
CA TYR C 26 5.26 -1.60 -24.17
C TYR C 26 5.81 -2.72 -25.05
N ALA C 27 6.08 -3.87 -24.44
CA ALA C 27 6.53 -5.03 -25.20
C ALA C 27 5.43 -5.55 -26.10
N LYS C 28 5.83 -6.06 -27.26
CA LYS C 28 4.90 -6.46 -28.31
C LYS C 28 4.97 -7.97 -28.53
N ASP C 29 3.84 -8.53 -28.96
CA ASP C 29 3.74 -9.92 -29.39
C ASP C 29 3.08 -9.96 -30.76
N VAL C 30 3.69 -10.68 -31.69
CA VAL C 30 3.22 -10.71 -33.08
C VAL C 30 2.97 -12.15 -33.49
N LYS C 31 1.85 -12.37 -34.17
CA LYS C 31 1.50 -13.66 -34.76
C LYS C 31 1.38 -13.50 -36.26
N PHE C 32 1.70 -14.57 -36.99
CA PHE C 32 1.85 -14.50 -38.44
C PHE C 32 0.87 -15.43 -39.15
N GLY C 33 0.24 -14.91 -40.19
CA GLY C 33 -0.47 -15.75 -41.14
C GLY C 33 -1.71 -16.40 -40.56
N ALA C 34 -1.91 -17.67 -40.94
CA ALA C 34 -3.13 -18.38 -40.58
C ALA C 34 -3.32 -18.48 -39.08
N ASP C 35 -2.22 -18.50 -38.31
CA ASP C 35 -2.32 -18.58 -36.86
C ASP C 35 -3.05 -17.37 -36.30
N ALA C 36 -2.69 -16.16 -36.78
CA ALA C 36 -3.37 -14.95 -36.32
C ALA C 36 -4.74 -14.80 -36.93
N ARG C 37 -4.89 -15.17 -38.21
CA ARG C 37 -6.19 -15.08 -38.85
C ARG C 37 -7.21 -15.98 -38.19
N ALA C 38 -6.77 -17.12 -37.63
CA ALA C 38 -7.70 -18.00 -36.92
C ALA C 38 -8.24 -17.34 -35.65
N LEU C 39 -7.36 -16.67 -34.89
CA LEU C 39 -7.82 -15.96 -33.70
C LEU C 39 -8.79 -14.84 -34.07
N MET C 40 -8.45 -14.06 -35.10
CA MET C 40 -9.35 -13.00 -35.53
C MET C 40 -10.67 -13.56 -36.01
N LEU C 41 -10.64 -14.69 -36.70
CA LEU C 41 -11.87 -15.34 -37.15
C LEU C 41 -12.71 -15.81 -35.97
N GLN C 42 -12.06 -16.32 -34.92
CA GLN C 42 -12.82 -16.72 -33.73
C GLN C 42 -13.49 -15.51 -33.09
N GLY C 43 -12.79 -14.38 -33.04
CA GLY C 43 -13.41 -13.18 -32.49
C GLY C 43 -14.61 -12.72 -33.29
N VAL C 44 -14.46 -12.68 -34.62
CA VAL C 44 -15.59 -12.26 -35.45
C VAL C 44 -16.69 -13.31 -35.41
N ASP C 45 -16.34 -14.58 -35.21
CA ASP C 45 -17.34 -15.63 -35.03
C ASP C 45 -18.19 -15.35 -33.81
N LEU C 46 -17.54 -15.01 -32.69
CA LEU C 46 -18.28 -14.68 -31.48
C LEU C 46 -19.20 -13.48 -31.71
N LEU C 47 -18.65 -12.42 -32.32
CA LEU C 47 -19.44 -11.21 -32.53
C LEU C 47 -20.64 -11.49 -33.43
N ALA C 48 -20.43 -12.19 -34.54
CA ALA C 48 -21.52 -12.45 -35.47
C ALA C 48 -22.52 -13.44 -34.91
N ASP C 49 -22.06 -14.41 -34.11
CA ASP C 49 -22.99 -15.32 -33.44
C ASP C 49 -23.90 -14.54 -32.50
N ALA C 50 -23.34 -13.59 -31.74
CA ALA C 50 -24.17 -12.76 -30.89
C ALA C 50 -25.16 -11.93 -31.69
N VAL C 51 -24.70 -11.35 -32.81
CA VAL C 51 -25.54 -10.41 -33.55
C VAL C 51 -26.62 -11.14 -34.34
N ALA C 52 -26.30 -12.29 -34.92
CA ALA C 52 -27.19 -12.95 -35.87
C ALA C 52 -28.48 -13.45 -35.25
N VAL C 53 -28.51 -13.68 -33.93
CA VAL C 53 -29.74 -14.14 -33.29
C VAL C 53 -30.84 -13.10 -33.33
N THR C 54 -30.50 -11.84 -33.64
CA THR C 54 -31.47 -10.76 -33.69
C THR C 54 -31.99 -10.49 -35.10
N MET C 55 -31.58 -11.28 -36.09
CA MET C 55 -31.92 -10.98 -37.48
C MET C 55 -33.34 -11.42 -37.81
N GLY C 56 -33.98 -10.65 -38.67
CA GLY C 56 -35.30 -10.97 -39.17
C GLY C 56 -36.42 -10.45 -38.29
N PRO C 57 -37.66 -10.58 -38.77
CA PRO C 57 -38.80 -10.14 -37.96
C PRO C 57 -39.02 -11.00 -36.72
N LYS C 58 -38.60 -12.27 -36.77
CA LYS C 58 -38.68 -13.18 -35.63
C LYS C 58 -37.34 -13.31 -34.92
N GLY C 59 -36.57 -12.22 -34.87
CA GLY C 59 -35.27 -12.29 -34.22
C GLY C 59 -35.37 -12.58 -32.74
N ARG C 60 -34.34 -13.21 -32.21
CA ARG C 60 -34.32 -13.65 -30.82
C ARG C 60 -33.84 -12.50 -29.93
N THR C 61 -33.60 -12.82 -28.66
CA THR C 61 -33.32 -11.83 -27.63
C THR C 61 -31.89 -11.98 -27.13
N VAL C 62 -31.22 -10.85 -26.91
CA VAL C 62 -29.91 -10.82 -26.28
C VAL C 62 -30.03 -10.05 -24.98
N ILE C 63 -29.50 -10.62 -23.90
CA ILE C 63 -29.50 -9.98 -22.59
C ILE C 63 -28.08 -9.54 -22.30
N ILE C 64 -27.89 -8.22 -22.15
CA ILE C 64 -26.58 -7.63 -21.90
C ILE C 64 -26.56 -7.11 -20.47
N GLU C 65 -25.59 -7.57 -19.69
CA GLU C 65 -25.47 -7.15 -18.30
C GLU C 65 -25.08 -5.67 -18.23
N GLN C 66 -25.76 -4.93 -17.37
CA GLN C 66 -25.44 -3.52 -17.12
C GLN C 66 -24.65 -3.39 -15.84
N SER C 67 -23.84 -2.33 -15.76
CA SER C 67 -23.08 -2.07 -14.54
C SER C 67 -24.02 -1.81 -13.36
N TRP C 68 -25.08 -1.04 -13.58
CA TRP C 68 -26.07 -0.76 -12.56
C TRP C 68 -27.46 -0.99 -13.13
N GLY C 69 -28.36 -1.44 -12.26
CA GLY C 69 -29.74 -1.66 -12.66
C GLY C 69 -29.96 -3.02 -13.30
N SER C 70 -31.18 -3.21 -13.77
CA SER C 70 -31.58 -4.47 -14.37
C SER C 70 -30.83 -4.69 -15.70
N PRO C 71 -30.60 -5.95 -16.08
CA PRO C 71 -29.90 -6.22 -17.34
C PRO C 71 -30.73 -5.73 -18.53
N LYS C 72 -30.02 -5.33 -19.59
CA LYS C 72 -30.68 -4.81 -20.78
C LYS C 72 -31.10 -5.95 -21.68
N VAL C 73 -32.38 -5.98 -22.04
CA VAL C 73 -32.96 -6.99 -22.93
C VAL C 73 -33.26 -6.31 -24.25
N THR C 74 -32.58 -6.73 -25.31
CA THR C 74 -32.67 -6.06 -26.60
C THR C 74 -32.66 -7.05 -27.74
N LYS C 75 -33.37 -6.71 -28.81
CA LYS C 75 -33.32 -7.43 -30.08
C LYS C 75 -32.61 -6.63 -31.16
N ASP C 76 -31.90 -5.57 -30.78
CA ASP C 76 -31.22 -4.71 -31.75
C ASP C 76 -29.81 -5.22 -32.00
N GLY C 77 -29.49 -5.45 -33.28
CA GLY C 77 -28.15 -5.90 -33.62
C GLY C 77 -27.09 -4.88 -33.29
N VAL C 78 -27.40 -3.60 -33.45
CA VAL C 78 -26.40 -2.55 -33.26
C VAL C 78 -25.96 -2.49 -31.81
N THR C 79 -26.91 -2.45 -30.88
CA THR C 79 -26.56 -2.33 -29.47
C THR C 79 -25.87 -3.59 -28.96
N VAL C 80 -26.21 -4.75 -29.51
CA VAL C 80 -25.51 -5.97 -29.13
C VAL C 80 -24.08 -5.96 -29.64
N ALA C 81 -23.90 -5.53 -30.90
CA ALA C 81 -22.55 -5.46 -31.47
C ALA C 81 -21.67 -4.46 -30.71
N LYS C 82 -22.24 -3.31 -30.34
CA LYS C 82 -21.49 -2.30 -29.60
C LYS C 82 -21.12 -2.75 -28.19
N SER C 83 -21.72 -3.83 -27.69
CA SER C 83 -21.49 -4.31 -26.34
C SER C 83 -20.62 -5.56 -26.30
N ILE C 84 -19.74 -5.73 -27.29
CA ILE C 84 -18.86 -6.88 -27.35
C ILE C 84 -17.42 -6.41 -27.27
N ASP C 85 -16.67 -6.96 -26.33
CA ASP C 85 -15.25 -6.66 -26.17
C ASP C 85 -14.58 -7.90 -25.58
N LEU C 86 -13.58 -8.43 -26.28
CA LEU C 86 -12.96 -9.68 -25.91
C LEU C 86 -11.67 -9.45 -25.14
N LYS C 87 -11.29 -10.44 -24.35
CA LYS C 87 -10.11 -10.31 -23.49
C LYS C 87 -8.83 -10.58 -24.27
N ASP C 88 -8.78 -11.68 -25.03
CA ASP C 88 -7.61 -11.97 -25.84
C ASP C 88 -7.47 -10.92 -26.94
N LYS C 89 -6.21 -10.55 -27.22
CA LYS C 89 -5.95 -9.39 -28.07
C LYS C 89 -6.40 -9.62 -29.51
N TYR C 90 -6.08 -10.78 -30.09
CA TYR C 90 -6.26 -10.97 -31.53
C TYR C 90 -7.73 -11.10 -31.90
N LYS C 91 -8.48 -11.92 -31.14
CA LYS C 91 -9.90 -12.06 -31.42
C LYS C 91 -10.63 -10.75 -31.18
N ASN C 92 -10.22 -9.98 -30.17
CA ASN C 92 -10.81 -8.67 -29.96
C ASN C 92 -10.49 -7.73 -31.12
N ILE C 93 -9.28 -7.84 -31.68
CA ILE C 93 -8.91 -7.01 -32.82
C ILE C 93 -9.82 -7.30 -34.01
N GLY C 94 -10.01 -8.58 -34.31
CA GLY C 94 -10.91 -8.94 -35.40
C GLY C 94 -12.33 -8.47 -35.14
N ALA C 95 -12.82 -8.68 -33.92
CA ALA C 95 -14.17 -8.27 -33.57
C ALA C 95 -14.34 -6.76 -33.72
N LYS C 96 -13.34 -5.99 -33.29
CA LYS C 96 -13.45 -4.53 -33.39
C LYS C 96 -13.35 -4.04 -34.83
N LEU C 97 -12.54 -4.70 -35.66
CA LEU C 97 -12.52 -4.35 -37.08
C LEU C 97 -13.89 -4.54 -37.70
N VAL C 98 -14.49 -5.71 -37.49
CA VAL C 98 -15.82 -5.96 -38.05
C VAL C 98 -16.85 -5.00 -37.44
N GLN C 99 -16.71 -4.69 -36.15
CA GLN C 99 -17.63 -3.77 -35.49
C GLN C 99 -17.57 -2.39 -36.14
N ASP C 100 -16.36 -1.88 -36.37
CA ASP C 100 -16.23 -0.56 -36.97
C ASP C 100 -16.79 -0.54 -38.38
N VAL C 101 -16.54 -1.59 -39.16
CA VAL C 101 -17.07 -1.64 -40.53
C VAL C 101 -18.59 -1.67 -40.50
N ALA C 102 -19.18 -2.52 -39.64
CA ALA C 102 -20.63 -2.59 -39.57
C ALA C 102 -21.24 -1.29 -39.06
N ASN C 103 -20.57 -0.63 -38.11
CA ASN C 103 -21.09 0.62 -37.55
C ASN C 103 -21.08 1.73 -38.58
N ASN C 104 -19.98 1.88 -39.33
CA ASN C 104 -19.99 2.92 -40.36
C ASN C 104 -20.87 2.53 -41.54
N THR C 105 -21.20 1.24 -41.68
CA THR C 105 -22.30 0.86 -42.56
C THR C 105 -23.63 1.38 -42.04
N ASN C 106 -23.84 1.29 -40.72
CA ASN C 106 -25.10 1.72 -40.13
C ASN C 106 -25.30 3.23 -40.26
N GLU C 107 -24.21 4.01 -40.12
CA GLU C 107 -24.33 5.46 -40.10
C GLU C 107 -24.64 6.04 -41.47
N GLU C 108 -24.41 5.30 -42.55
CA GLU C 108 -24.62 5.82 -43.89
C GLU C 108 -26.03 5.53 -44.39
N ALA C 109 -26.47 4.28 -44.32
CA ALA C 109 -27.77 3.88 -44.85
C ALA C 109 -28.87 3.84 -43.81
N GLY C 110 -28.54 3.57 -42.55
CA GLY C 110 -29.52 3.51 -41.49
C GLY C 110 -29.87 2.10 -41.03
N ASP C 111 -29.37 1.07 -41.71
CA ASP C 111 -29.63 -0.31 -41.32
C ASP C 111 -28.54 -1.19 -41.94
N GLY C 112 -28.66 -2.49 -41.73
CA GLY C 112 -27.75 -3.44 -42.32
C GLY C 112 -26.54 -3.81 -41.49
N THR C 113 -26.52 -3.42 -40.20
CA THR C 113 -25.41 -3.83 -39.33
C THR C 113 -25.35 -5.34 -39.21
N THR C 114 -26.48 -5.97 -38.90
CA THR C 114 -26.53 -7.42 -38.77
C THR C 114 -26.22 -8.09 -40.11
N THR C 115 -26.78 -7.56 -41.21
CA THR C 115 -26.52 -8.13 -42.52
C THR C 115 -25.03 -8.06 -42.85
N ALA C 116 -24.40 -6.91 -42.63
CA ALA C 116 -22.99 -6.76 -42.90
C ALA C 116 -22.17 -7.71 -42.03
N THR C 117 -22.52 -7.83 -40.75
CA THR C 117 -21.76 -8.69 -39.85
C THR C 117 -21.83 -10.15 -40.27
N VAL C 118 -23.04 -10.65 -40.59
CA VAL C 118 -23.17 -12.06 -40.94
C VAL C 118 -22.52 -12.35 -42.29
N LEU C 119 -22.66 -11.44 -43.26
CA LEU C 119 -21.99 -11.63 -44.54
C LEU C 119 -20.48 -11.64 -44.37
N ALA C 120 -19.97 -10.73 -43.54
CA ALA C 120 -18.53 -10.67 -43.29
C ALA C 120 -18.04 -11.97 -42.65
N ARG C 121 -18.78 -12.49 -41.66
CA ARG C 121 -18.37 -13.75 -41.05
C ARG C 121 -18.36 -14.87 -42.07
N ALA C 122 -19.40 -14.96 -42.90
CA ALA C 122 -19.46 -16.04 -43.89
C ALA C 122 -18.27 -15.97 -44.85
N ILE C 123 -18.04 -14.79 -45.43
CA ILE C 123 -16.97 -14.63 -46.41
C ILE C 123 -15.61 -14.88 -45.76
N ALA C 124 -15.40 -14.34 -44.56
CA ALA C 124 -14.11 -14.51 -43.89
C ALA C 124 -13.86 -15.97 -43.54
N LYS C 125 -14.88 -16.67 -43.04
CA LYS C 125 -14.72 -18.08 -42.70
C LYS C 125 -14.34 -18.89 -43.93
N GLU C 126 -15.12 -18.75 -45.01
CA GLU C 126 -14.84 -19.53 -46.21
C GLU C 126 -13.47 -19.19 -46.80
N GLY C 127 -13.14 -17.89 -46.85
CA GLY C 127 -11.88 -17.49 -47.41
C GLY C 127 -10.69 -17.96 -46.59
N PHE C 128 -10.79 -17.88 -45.26
CA PHE C 128 -9.71 -18.37 -44.41
C PHE C 128 -9.53 -19.88 -44.56
N ASP C 129 -10.64 -20.62 -44.63
CA ASP C 129 -10.54 -22.06 -44.80
C ASP C 129 -9.89 -22.42 -46.14
N THR C 130 -10.24 -21.69 -47.21
CA THR C 130 -9.65 -22.00 -48.51
C THR C 130 -8.18 -21.57 -48.58
N ILE C 131 -7.85 -20.40 -48.02
CA ILE C 131 -6.48 -19.91 -48.08
C ILE C 131 -5.55 -20.81 -47.28
N SER C 132 -5.99 -21.23 -46.07
CA SER C 132 -5.15 -22.09 -45.25
C SER C 132 -4.91 -23.44 -45.90
N LYS C 133 -5.70 -23.82 -46.91
CA LYS C 133 -5.53 -25.08 -47.62
C LYS C 133 -4.70 -24.94 -48.87
N GLY C 134 -4.13 -23.77 -49.14
CA GLY C 134 -3.19 -23.59 -50.23
C GLY C 134 -3.60 -22.63 -51.32
N ALA C 135 -4.76 -21.98 -51.23
CA ALA C 135 -5.17 -21.07 -52.29
C ALA C 135 -4.39 -19.77 -52.20
N ASN C 136 -4.48 -18.97 -53.28
CA ASN C 136 -3.77 -17.70 -53.35
C ASN C 136 -4.71 -16.57 -52.94
N PRO C 137 -4.44 -15.86 -51.85
CA PRO C 137 -5.39 -14.82 -51.40
C PRO C 137 -5.65 -13.73 -52.40
N VAL C 138 -4.63 -13.30 -53.16
CA VAL C 138 -4.84 -12.24 -54.13
C VAL C 138 -5.78 -12.70 -55.24
N GLU C 139 -5.58 -13.92 -55.75
CA GLU C 139 -6.45 -14.46 -56.78
C GLU C 139 -7.82 -14.88 -56.24
N ILE C 140 -8.00 -14.88 -54.93
CA ILE C 140 -9.33 -15.06 -54.35
C ILE C 140 -10.07 -13.74 -54.25
N ARG C 141 -9.39 -12.71 -53.72
CA ARG C 141 -10.00 -11.39 -53.64
C ARG C 141 -10.34 -10.86 -55.01
N ARG C 142 -9.45 -11.04 -55.99
CA ARG C 142 -9.78 -10.83 -57.38
C ARG C 142 -10.68 -11.98 -57.79
N GLY C 143 -11.98 -11.71 -57.89
CA GLY C 143 -12.97 -12.75 -58.13
C GLY C 143 -14.04 -12.70 -57.06
N VAL C 144 -13.66 -12.53 -55.79
CA VAL C 144 -14.64 -12.17 -54.78
C VAL C 144 -15.21 -10.79 -55.08
N MET C 145 -14.32 -9.84 -55.40
CA MET C 145 -14.77 -8.51 -55.77
C MET C 145 -15.49 -8.52 -57.12
N MET C 146 -15.08 -9.39 -58.04
CA MET C 146 -15.79 -9.52 -59.31
C MET C 146 -17.22 -9.99 -59.10
N ALA C 147 -17.39 -11.03 -58.27
CA ALA C 147 -18.72 -11.52 -57.95
C ALA C 147 -19.54 -10.47 -57.23
N VAL C 148 -18.91 -9.71 -56.32
CA VAL C 148 -19.62 -8.65 -55.60
C VAL C 148 -20.08 -7.58 -56.56
N GLU C 149 -19.24 -7.20 -57.52
CA GLU C 149 -19.64 -6.19 -58.51
C GLU C 149 -20.78 -6.70 -59.38
N THR C 150 -20.73 -7.97 -59.80
CA THR C 150 -21.82 -8.53 -60.58
C THR C 150 -23.12 -8.53 -59.79
N VAL C 151 -23.04 -8.91 -58.50
CA VAL C 151 -24.22 -8.91 -57.64
C VAL C 151 -24.76 -7.50 -57.48
N ILE C 152 -23.86 -6.52 -57.35
CA ILE C 152 -24.30 -5.12 -57.22
C ILE C 152 -25.01 -4.66 -58.49
N LYS C 153 -24.47 -5.01 -59.65
CA LYS C 153 -25.12 -4.64 -60.90
C LYS C 153 -26.50 -5.25 -61.01
N GLU C 154 -26.62 -6.54 -60.68
CA GLU C 154 -27.91 -7.20 -60.76
C GLU C 154 -28.88 -6.68 -59.71
N LEU C 155 -28.37 -6.26 -58.55
CA LEU C 155 -29.22 -5.69 -57.50
C LEU C 155 -29.75 -4.32 -57.91
N LYS C 156 -28.90 -3.48 -58.49
CA LYS C 156 -29.37 -2.21 -59.02
C LYS C 156 -30.36 -2.41 -60.15
N ASN C 157 -30.19 -3.48 -60.94
CA ASN C 157 -31.20 -3.84 -61.93
C ASN C 157 -32.50 -4.24 -61.26
N LEU C 158 -32.43 -4.94 -60.13
CA LEU C 158 -33.62 -5.45 -59.46
C LEU C 158 -34.40 -4.35 -58.74
N SER C 159 -33.73 -3.27 -58.35
CA SER C 159 -34.37 -2.26 -57.50
C SER C 159 -35.48 -1.54 -58.25
N LYS C 160 -36.57 -1.24 -57.52
CA LYS C 160 -37.66 -0.45 -58.06
C LYS C 160 -37.54 0.96 -57.51
N PRO C 161 -37.24 1.97 -58.34
CA PRO C 161 -37.02 3.32 -57.82
C PRO C 161 -38.27 3.90 -57.17
N VAL C 162 -38.05 4.75 -56.17
CA VAL C 162 -39.11 5.41 -55.43
C VAL C 162 -38.93 6.90 -55.64
N THR C 163 -39.77 7.50 -56.50
CA THR C 163 -39.68 8.92 -56.80
C THR C 163 -41.00 9.65 -56.63
N THR C 164 -42.12 9.02 -56.97
CA THR C 164 -43.41 9.69 -56.87
C THR C 164 -43.81 9.86 -55.41
N PRO C 165 -44.56 10.93 -55.09
CA PRO C 165 -45.01 11.12 -53.71
C PRO C 165 -45.86 9.97 -53.18
N GLU C 166 -46.66 9.35 -54.05
CA GLU C 166 -47.45 8.19 -53.61
C GLU C 166 -46.55 7.03 -53.20
N GLU C 167 -45.52 6.75 -53.99
CA GLU C 167 -44.58 5.69 -53.63
C GLU C 167 -43.82 6.05 -52.37
N ILE C 168 -43.46 7.33 -52.21
CA ILE C 168 -42.76 7.76 -51.00
C ILE C 168 -43.63 7.54 -49.78
N ALA C 169 -44.91 7.90 -49.88
CA ALA C 169 -45.84 7.70 -48.76
C ALA C 169 -46.02 6.22 -48.46
N GLN C 170 -46.12 5.39 -49.51
CA GLN C 170 -46.27 3.95 -49.29
C GLN C 170 -45.04 3.38 -48.59
N VAL C 171 -43.85 3.78 -49.01
CA VAL C 171 -42.62 3.29 -48.38
C VAL C 171 -42.54 3.76 -46.93
N ALA C 172 -42.90 5.02 -46.68
CA ALA C 172 -42.86 5.54 -45.31
C ALA C 172 -43.84 4.80 -44.41
N THR C 173 -45.04 4.53 -44.90
CA THR C 173 -46.00 3.77 -44.11
C THR C 173 -45.53 2.35 -43.85
N ILE C 174 -44.91 1.71 -44.86
CA ILE C 174 -44.40 0.36 -44.67
C ILE C 174 -43.29 0.35 -43.61
N SER C 175 -42.39 1.33 -43.68
CA SER C 175 -41.30 1.41 -42.71
C SER C 175 -41.81 1.72 -41.30
N ALA C 176 -42.90 2.48 -41.20
CA ALA C 176 -43.49 2.85 -39.92
C ALA C 176 -44.38 1.76 -39.34
N ASN C 177 -44.27 0.53 -39.84
CA ASN C 177 -45.04 -0.61 -39.34
C ASN C 177 -46.55 -0.36 -39.45
N GLY C 178 -46.98 0.00 -40.66
CA GLY C 178 -48.38 0.22 -40.91
C GLY C 178 -48.98 1.42 -40.19
N ASP C 179 -48.20 2.49 -40.03
CA ASP C 179 -48.69 3.72 -39.42
C ASP C 179 -48.97 4.71 -40.54
N VAL C 180 -50.26 4.97 -40.79
CA VAL C 180 -50.64 5.86 -41.88
C VAL C 180 -50.23 7.30 -41.58
N GLU C 181 -50.40 7.74 -40.34
CA GLU C 181 -50.09 9.12 -39.99
C GLU C 181 -48.61 9.41 -40.13
N ILE C 182 -47.76 8.49 -39.68
CA ILE C 182 -46.31 8.70 -39.77
C ILE C 182 -45.86 8.73 -41.23
N GLY C 183 -46.38 7.82 -42.05
CA GLY C 183 -46.06 7.85 -43.46
C GLY C 183 -46.52 9.13 -44.13
N ASN C 184 -47.73 9.59 -43.78
CA ASN C 184 -48.24 10.83 -44.35
C ASN C 184 -47.38 12.02 -43.97
N ILE C 185 -46.96 12.10 -42.70
CA ILE C 185 -46.18 13.25 -42.27
C ILE C 185 -44.78 13.22 -42.89
N ILE C 186 -44.18 12.04 -43.00
CA ILE C 186 -42.87 11.94 -43.64
C ILE C 186 -42.96 12.30 -45.12
N SER C 187 -43.97 11.78 -45.81
CA SER C 187 -44.14 12.09 -47.23
C SER C 187 -44.41 13.58 -47.45
N ASN C 188 -45.22 14.19 -46.59
CA ASN C 188 -45.50 15.61 -46.72
C ASN C 188 -44.25 16.44 -46.47
N ALA C 189 -43.45 16.06 -45.47
CA ALA C 189 -42.20 16.78 -45.22
C ALA C 189 -41.26 16.68 -46.41
N MET C 190 -41.11 15.46 -46.96
CA MET C 190 -40.23 15.29 -48.11
C MET C 190 -40.73 16.06 -49.31
N LYS C 191 -42.04 16.11 -49.52
CA LYS C 191 -42.60 16.89 -50.61
C LYS C 191 -42.33 18.38 -50.41
N LYS C 192 -42.46 18.86 -49.17
CA LYS C 192 -42.34 20.29 -48.90
C LYS C 192 -40.89 20.78 -48.89
N VAL C 193 -39.91 19.89 -48.68
CA VAL C 193 -38.51 20.29 -48.72
C VAL C 193 -37.72 19.56 -49.81
N GLY C 194 -38.35 18.70 -50.59
CA GLY C 194 -37.65 17.94 -51.60
C GLY C 194 -36.96 16.73 -51.01
N ARG C 195 -36.55 15.83 -51.91
CA ARG C 195 -35.85 14.63 -51.47
C ARG C 195 -34.45 14.96 -50.95
N LYS C 196 -33.88 16.07 -51.41
CA LYS C 196 -32.58 16.52 -50.94
C LYS C 196 -32.67 17.43 -49.71
N GLY C 197 -33.87 17.65 -49.19
CA GLY C 197 -34.07 18.62 -48.14
C GLY C 197 -33.58 18.16 -46.79
N VAL C 198 -33.74 19.03 -45.81
CA VAL C 198 -33.27 18.80 -44.44
C VAL C 198 -34.50 18.49 -43.58
N ILE C 199 -34.52 17.30 -43.00
CA ILE C 199 -35.62 16.86 -42.14
C ILE C 199 -35.04 16.41 -40.81
N THR C 200 -35.60 16.92 -39.71
CA THR C 200 -35.20 16.52 -38.37
C THR C 200 -36.44 16.18 -37.56
N VAL C 201 -36.27 15.26 -36.61
CA VAL C 201 -37.35 14.78 -35.76
C VAL C 201 -37.08 15.21 -34.33
N LYS C 202 -38.07 15.84 -33.70
CA LYS C 202 -37.92 16.35 -32.35
C LYS C 202 -39.20 16.03 -31.56
N ASP C 203 -39.06 16.04 -30.23
CA ASP C 203 -40.20 15.77 -29.37
C ASP C 203 -41.27 16.84 -29.54
N GLY C 204 -42.52 16.42 -29.49
CA GLY C 204 -43.66 17.31 -29.65
C GLY C 204 -44.44 17.44 -28.35
N LYS C 205 -44.85 18.67 -28.04
CA LYS C 205 -45.67 18.94 -26.87
C LYS C 205 -47.15 18.84 -27.14
N THR C 206 -47.54 18.57 -28.39
CA THR C 206 -48.94 18.51 -28.79
C THR C 206 -49.41 17.05 -28.79
N LEU C 207 -50.70 16.86 -28.54
CA LEU C 207 -51.27 15.52 -28.60
C LEU C 207 -51.19 14.93 -30.00
N HIS C 208 -51.19 15.77 -31.03
CA HIS C 208 -51.14 15.34 -32.42
C HIS C 208 -49.83 15.77 -33.06
N ASP C 209 -49.21 14.86 -33.79
CA ASP C 209 -47.96 15.15 -34.48
C ASP C 209 -48.18 16.17 -35.59
N GLU C 210 -47.22 17.08 -35.75
CA GLU C 210 -47.33 18.13 -36.76
C GLU C 210 -45.93 18.49 -37.24
N LEU C 211 -45.87 19.02 -38.46
CA LEU C 211 -44.63 19.49 -39.05
C LEU C 211 -44.75 20.95 -39.42
N GLU C 212 -43.60 21.60 -39.55
CA GLU C 212 -43.55 22.95 -40.10
C GLU C 212 -42.16 23.18 -40.69
N ILE C 213 -42.10 24.03 -41.70
CA ILE C 213 -40.85 24.42 -42.33
C ILE C 213 -40.44 25.77 -41.75
N ILE C 214 -39.26 25.80 -41.12
CA ILE C 214 -38.73 27.03 -40.54
C ILE C 214 -37.42 27.33 -41.23
N GLU C 215 -36.99 28.58 -41.13
CA GLU C 215 -35.66 28.95 -41.58
C GLU C 215 -34.63 28.10 -40.84
N GLY C 216 -33.63 27.61 -41.56
CA GLY C 216 -32.66 26.71 -40.96
C GLY C 216 -31.48 26.48 -41.87
N MET C 217 -30.46 25.82 -41.30
CA MET C 217 -29.21 25.58 -42.00
C MET C 217 -28.61 24.27 -41.51
N LYS C 218 -27.91 23.58 -42.40
CA LYS C 218 -27.32 22.28 -42.09
C LYS C 218 -26.08 22.08 -42.94
N PHE C 219 -24.97 21.71 -42.29
CA PHE C 219 -23.74 21.43 -43.01
C PHE C 219 -23.01 20.27 -42.35
N ASP C 220 -22.17 19.60 -43.15
CA ASP C 220 -21.49 18.38 -42.72
C ASP C 220 -20.18 18.74 -42.00
N ARG C 221 -20.35 19.23 -40.77
CA ARG C 221 -19.22 19.50 -39.88
C ARG C 221 -19.64 19.16 -38.46
N GLY C 222 -18.73 18.47 -37.74
CA GLY C 222 -19.00 18.05 -36.39
C GLY C 222 -18.14 18.76 -35.35
N TYR C 223 -18.40 18.41 -34.09
CA TYR C 223 -17.62 18.99 -33.00
C TYR C 223 -16.16 18.57 -33.11
N ILE C 224 -15.28 19.51 -32.77
CA ILE C 224 -13.85 19.20 -32.79
C ILE C 224 -13.51 18.22 -31.66
N SER C 225 -14.09 18.42 -30.49
CA SER C 225 -13.89 17.55 -29.34
C SER C 225 -15.23 17.20 -28.71
N PRO C 226 -15.30 16.03 -28.03
CA PRO C 226 -16.52 15.70 -27.28
C PRO C 226 -16.99 16.80 -26.35
N TYR C 227 -18.17 17.35 -26.63
CA TYR C 227 -18.73 18.47 -25.89
C TYR C 227 -20.17 18.21 -25.48
N PHE C 228 -20.56 16.94 -25.34
CA PHE C 228 -21.97 16.59 -25.24
C PHE C 228 -22.56 17.07 -23.92
N ILE C 229 -23.53 17.99 -24.01
CA ILE C 229 -24.41 18.23 -22.88
C ILE C 229 -25.58 17.25 -22.85
N ASN C 230 -25.86 16.60 -23.99
CA ASN C 230 -26.83 15.51 -24.05
C ASN C 230 -26.04 14.21 -24.07
N THR C 231 -25.63 13.77 -22.87
CA THR C 231 -24.83 12.56 -22.76
C THR C 231 -25.60 11.34 -23.24
N ALA C 232 -26.88 11.25 -22.90
CA ALA C 232 -27.71 10.13 -23.33
C ALA C 232 -28.38 10.46 -24.67
N LYS C 233 -29.10 9.48 -25.22
CA LYS C 233 -29.81 9.63 -26.48
C LYS C 233 -28.87 10.09 -27.60
N GLY C 234 -27.69 9.47 -27.66
CA GLY C 234 -26.69 9.83 -28.64
C GLY C 234 -25.70 10.85 -28.12
N GLN C 235 -24.66 11.07 -28.92
CA GLN C 235 -23.58 12.00 -28.58
C GLN C 235 -23.89 13.33 -29.26
N LYS C 236 -24.66 14.17 -28.57
CA LYS C 236 -25.19 15.40 -29.16
C LYS C 236 -24.95 16.58 -28.22
N CYS C 237 -24.72 17.74 -28.83
CA CYS C 237 -24.64 19.02 -28.12
C CYS C 237 -25.90 19.79 -28.48
N GLU C 238 -26.89 19.78 -27.59
CA GLU C 238 -28.23 20.27 -27.89
C GLU C 238 -28.64 21.32 -26.86
N PHE C 239 -28.30 22.58 -27.11
CA PHE C 239 -28.75 23.69 -26.30
C PHE C 239 -29.41 24.74 -27.18
N GLN C 240 -30.11 25.68 -26.55
CA GLN C 240 -30.96 26.64 -27.23
C GLN C 240 -30.55 28.07 -26.89
N ASP C 241 -30.94 28.99 -27.77
CA ASP C 241 -30.68 30.43 -27.59
C ASP C 241 -29.20 30.69 -27.37
N ALA C 242 -28.42 30.36 -28.39
CA ALA C 242 -26.96 30.38 -28.30
C ALA C 242 -26.38 31.47 -29.18
N TYR C 243 -25.33 32.11 -28.68
CA TYR C 243 -24.52 33.02 -29.48
C TYR C 243 -23.71 32.24 -30.50
N LEU C 244 -23.35 32.92 -31.60
CA LEU C 244 -22.55 32.30 -32.65
C LEU C 244 -21.50 33.28 -33.11
N LEU C 245 -20.23 32.88 -33.03
CA LEU C 245 -19.13 33.66 -33.57
C LEU C 245 -18.51 32.90 -34.73
N LEU C 246 -18.14 33.64 -35.77
CA LEU C 246 -17.57 33.07 -36.99
C LEU C 246 -16.20 33.69 -37.22
N SER C 247 -15.21 32.85 -37.52
CA SER C 247 -13.83 33.31 -37.69
C SER C 247 -13.23 32.63 -38.91
N GLU C 248 -12.74 33.43 -39.87
CA GLU C 248 -12.02 32.87 -41.00
C GLU C 248 -10.67 32.33 -40.56
N LYS C 249 -10.01 33.00 -39.64
CA LYS C 249 -8.70 32.57 -39.16
C LYS C 249 -8.85 31.53 -38.05
N LYS C 250 -7.83 30.70 -37.89
CA LYS C 250 -7.81 29.69 -36.84
C LYS C 250 -7.70 30.34 -35.48
N ILE C 251 -8.34 29.73 -34.49
CA ILE C 251 -8.37 30.24 -33.12
C ILE C 251 -7.58 29.28 -32.24
N SER C 252 -6.41 29.71 -31.79
CA SER C 252 -5.56 28.90 -30.92
C SER C 252 -5.02 29.67 -29.72
N SER C 253 -5.34 30.96 -29.60
CA SER C 253 -4.84 31.79 -28.51
C SER C 253 -5.95 32.08 -27.52
N VAL C 254 -5.68 31.85 -26.24
CA VAL C 254 -6.67 32.12 -25.20
C VAL C 254 -6.93 33.61 -25.08
N GLN C 255 -5.92 34.44 -25.36
CA GLN C 255 -6.09 35.89 -25.30
C GLN C 255 -7.15 36.38 -26.27
N SER C 256 -7.29 35.71 -27.41
CA SER C 256 -8.26 36.12 -28.43
C SER C 256 -9.63 35.48 -28.25
N ILE C 257 -9.79 34.59 -27.28
CA ILE C 257 -11.08 33.93 -27.06
C ILE C 257 -11.67 34.22 -25.69
N VAL C 258 -10.89 34.75 -24.75
CA VAL C 258 -11.44 35.11 -23.43
C VAL C 258 -12.60 36.11 -23.53
N PRO C 259 -12.50 37.19 -24.33
CA PRO C 259 -13.64 38.12 -24.38
C PRO C 259 -14.94 37.46 -24.81
N ALA C 260 -14.90 36.56 -25.78
CA ALA C 260 -16.11 35.88 -26.23
C ALA C 260 -16.72 35.05 -25.10
N LEU C 261 -15.88 34.31 -24.37
CA LEU C 261 -16.37 33.50 -23.27
C LEU C 261 -16.97 34.37 -22.17
N GLU C 262 -16.32 35.49 -21.84
CA GLU C 262 -16.84 36.37 -20.80
C GLU C 262 -18.18 36.97 -21.21
N ILE C 263 -18.30 37.40 -22.47
CA ILE C 263 -19.55 37.97 -22.96
C ILE C 263 -20.66 36.93 -22.94
N ALA C 264 -20.34 35.70 -23.37
CA ALA C 264 -21.35 34.64 -23.38
C ALA C 264 -21.77 34.25 -21.96
N ASN C 265 -20.82 34.25 -21.02
CA ASN C 265 -21.14 33.84 -19.66
C ASN C 265 -21.93 34.92 -18.91
N GLN C 266 -21.65 36.19 -19.17
CA GLN C 266 -22.36 37.25 -18.46
C GLN C 266 -23.85 37.25 -18.80
N HIS C 267 -24.21 36.87 -20.02
CA HIS C 267 -25.61 36.82 -20.43
C HIS C 267 -26.23 35.43 -20.26
N ARG C 268 -25.46 34.46 -19.78
CA ARG C 268 -25.93 33.07 -19.60
C ARG C 268 -26.48 32.52 -20.91
N LYS C 269 -25.68 32.64 -21.96
CA LYS C 269 -26.05 32.18 -23.29
C LYS C 269 -24.96 31.25 -23.82
N PRO C 270 -25.31 30.09 -24.37
CA PRO C 270 -24.28 29.20 -24.93
C PRO C 270 -23.59 29.84 -26.12
N LEU C 271 -22.35 29.42 -26.35
CA LEU C 271 -21.54 29.94 -27.43
C LEU C 271 -21.18 28.82 -28.41
N VAL C 272 -21.48 29.04 -29.69
CA VAL C 272 -21.08 28.13 -30.76
C VAL C 272 -20.01 28.83 -31.58
N ILE C 273 -18.89 28.16 -31.78
CA ILE C 273 -17.74 28.74 -32.48
C ILE C 273 -17.56 28.00 -33.79
N VAL C 274 -17.73 28.71 -34.90
CA VAL C 274 -17.46 28.19 -36.23
C VAL C 274 -16.21 28.90 -36.72
N ALA C 275 -15.12 28.14 -36.87
CA ALA C 275 -13.83 28.71 -37.27
C ALA C 275 -13.15 27.76 -38.24
N GLU C 276 -12.05 28.24 -38.83
CA GLU C 276 -11.27 27.40 -39.72
C GLU C 276 -10.73 26.18 -38.98
N ASP C 277 -10.19 26.39 -37.78
CA ASP C 277 -9.79 25.30 -36.90
C ASP C 277 -9.50 25.86 -35.49
N VAL C 278 -10.05 25.21 -34.48
CA VAL C 278 -9.78 25.57 -33.08
C VAL C 278 -8.94 24.47 -32.47
N ASP C 279 -7.74 24.81 -32.02
CA ASP C 279 -6.80 23.84 -31.51
C ASP C 279 -5.84 24.52 -30.55
N GLY C 280 -4.99 23.72 -29.91
CA GLY C 280 -3.95 24.27 -29.06
C GLY C 280 -4.46 24.74 -27.72
N GLU C 281 -3.91 25.87 -27.26
CA GLU C 281 -4.25 26.39 -25.94
C GLU C 281 -5.73 26.77 -25.86
N ALA C 282 -6.27 27.35 -26.94
CA ALA C 282 -7.68 27.74 -26.94
C ALA C 282 -8.58 26.51 -26.81
N LEU C 283 -8.29 25.46 -27.57
CA LEU C 283 -9.08 24.23 -27.48
C LEU C 283 -8.96 23.61 -26.10
N SER C 284 -7.76 23.58 -25.53
CA SER C 284 -7.57 23.00 -24.21
C SER C 284 -8.36 23.78 -23.15
N THR C 285 -8.31 25.12 -23.23
CA THR C 285 -9.06 25.93 -22.27
C THR C 285 -10.56 25.74 -22.43
N LEU C 286 -11.04 25.65 -23.67
CA LEU C 286 -12.47 25.46 -23.90
C LEU C 286 -12.94 24.10 -23.37
N VAL C 287 -12.15 23.04 -23.62
CA VAL C 287 -12.58 21.71 -23.20
C VAL C 287 -12.47 21.57 -21.69
N LEU C 288 -11.47 22.20 -21.07
CA LEU C 288 -11.34 22.12 -19.61
C LEU C 288 -12.43 22.89 -18.90
N ASN C 289 -12.88 24.01 -19.48
CA ASN C 289 -13.88 24.84 -18.82
C ASN C 289 -15.24 24.14 -18.76
N ARG C 290 -15.69 23.56 -19.88
CA ARG C 290 -16.97 22.89 -19.90
C ARG C 290 -16.99 21.68 -18.97
N LEU C 291 -15.83 21.08 -18.72
CA LEU C 291 -15.75 19.96 -17.80
C LEU C 291 -15.86 20.40 -16.34
N LYS C 292 -15.26 21.54 -16.00
CA LYS C 292 -15.17 21.96 -14.60
C LYS C 292 -16.29 22.91 -14.19
N VAL C 293 -16.76 23.77 -15.08
CA VAL C 293 -17.77 24.77 -14.71
C VAL C 293 -18.95 24.68 -15.66
N GLY C 294 -18.82 23.92 -16.75
CA GLY C 294 -19.88 23.80 -17.72
C GLY C 294 -20.08 25.08 -18.50
N LEU C 295 -19.10 25.43 -19.34
CA LEU C 295 -19.11 26.69 -20.06
C LEU C 295 -20.15 26.74 -21.18
N GLN C 296 -20.77 25.60 -21.53
CA GLN C 296 -21.76 25.55 -22.60
C GLN C 296 -21.18 26.07 -23.91
N VAL C 297 -19.97 25.60 -24.24
CA VAL C 297 -19.24 26.03 -25.43
C VAL C 297 -19.05 24.83 -26.34
N VAL C 298 -19.37 24.99 -27.62
CA VAL C 298 -19.13 23.98 -28.63
C VAL C 298 -18.43 24.63 -29.81
N ALA C 299 -17.32 24.04 -30.24
CA ALA C 299 -16.57 24.51 -31.39
C ALA C 299 -16.76 23.55 -32.56
N VAL C 300 -16.73 24.09 -33.77
CA VAL C 300 -16.91 23.29 -34.98
C VAL C 300 -16.12 23.93 -36.10
N LYS C 301 -15.41 23.11 -36.87
CA LYS C 301 -14.64 23.61 -38.00
C LYS C 301 -15.58 24.19 -39.05
N ALA C 302 -15.14 25.27 -39.69
CA ALA C 302 -15.96 25.88 -40.73
C ALA C 302 -16.11 24.92 -41.91
N PRO C 303 -17.32 24.78 -42.45
CA PRO C 303 -17.53 23.84 -43.55
C PRO C 303 -16.86 24.30 -44.84
N GLY C 304 -16.63 23.34 -45.73
CA GLY C 304 -16.11 23.64 -47.05
C GLY C 304 -14.60 23.78 -47.08
N PHE C 305 -14.13 24.25 -48.23
CA PHE C 305 -12.71 24.42 -48.48
C PHE C 305 -12.49 25.61 -49.39
N GLY C 306 -11.33 26.25 -49.23
CA GLY C 306 -10.93 27.31 -50.14
C GLY C 306 -11.87 28.50 -50.10
N ASP C 307 -12.12 29.08 -51.27
CA ASP C 307 -12.98 30.26 -51.37
C ASP C 307 -14.42 29.94 -50.97
N ASN C 308 -14.87 28.71 -51.23
CA ASN C 308 -16.23 28.34 -50.85
C ASN C 308 -16.41 28.38 -49.33
N ARG C 309 -15.36 28.12 -48.58
CA ARG C 309 -15.44 28.19 -47.12
C ARG C 309 -15.77 29.61 -46.67
N LYS C 310 -15.05 30.60 -47.20
CA LYS C 310 -15.28 31.99 -46.81
C LYS C 310 -16.65 32.47 -47.26
N ASN C 311 -17.06 32.12 -48.49
CA ASN C 311 -18.33 32.60 -49.02
C ASN C 311 -19.51 32.11 -48.18
N GLN C 312 -19.55 30.80 -47.90
CA GLN C 312 -20.65 30.28 -47.10
C GLN C 312 -20.49 30.61 -45.62
N LEU C 313 -19.27 30.91 -45.15
CA LEU C 313 -19.13 31.46 -43.81
C LEU C 313 -19.81 32.82 -43.71
N ARG C 314 -19.60 33.68 -44.71
CA ARG C 314 -20.29 34.96 -44.74
C ARG C 314 -21.80 34.78 -44.90
N ASP C 315 -22.21 33.79 -45.69
CA ASP C 315 -23.63 33.49 -45.83
C ASP C 315 -24.24 33.08 -44.49
N MET C 316 -23.55 32.24 -43.74
CA MET C 316 -24.01 31.86 -42.40
C MET C 316 -24.06 33.07 -41.48
N ALA C 317 -23.06 33.95 -41.57
CA ALA C 317 -23.05 35.14 -40.72
C ALA C 317 -24.25 36.04 -41.01
N VAL C 318 -24.56 36.27 -42.29
CA VAL C 318 -25.72 37.10 -42.61
C VAL C 318 -27.02 36.38 -42.33
N ALA C 319 -27.02 35.05 -42.30
CA ALA C 319 -28.22 34.32 -41.91
C ALA C 319 -28.48 34.46 -40.41
N THR C 320 -27.42 34.43 -39.60
CA THR C 320 -27.56 34.54 -38.15
C THR C 320 -27.46 35.97 -37.65
N GLY C 321 -27.10 36.93 -38.52
CA GLY C 321 -27.01 38.32 -38.12
C GLY C 321 -25.67 38.75 -37.56
N GLY C 322 -24.75 37.82 -37.34
CA GLY C 322 -23.44 38.15 -36.85
C GLY C 322 -22.50 38.60 -37.95
N THR C 323 -21.25 38.82 -37.57
CA THR C 323 -20.21 39.21 -38.51
C THR C 323 -19.03 38.27 -38.40
N VAL C 324 -18.32 38.09 -39.51
CA VAL C 324 -17.18 37.18 -39.57
C VAL C 324 -15.94 37.86 -39.00
N PHE C 325 -15.01 37.05 -38.51
CA PHE C 325 -13.80 37.57 -37.89
C PHE C 325 -12.55 36.90 -38.44
N LEU C 332 -12.76 44.00 -35.86
CA LEU C 332 -12.06 43.40 -37.00
C LEU C 332 -11.22 42.21 -36.55
N ALA C 333 -11.15 41.99 -35.24
CA ALA C 333 -10.35 40.92 -34.66
C ALA C 333 -11.19 40.14 -33.65
N LEU C 334 -10.55 39.17 -33.01
CA LEU C 334 -11.20 38.34 -32.01
C LEU C 334 -11.12 38.92 -30.60
N GLU C 335 -10.44 40.05 -30.41
CA GLU C 335 -10.36 40.66 -29.09
C GLU C 335 -11.54 41.59 -28.84
N ASP C 336 -11.82 42.50 -29.76
CA ASP C 336 -12.98 43.38 -29.68
C ASP C 336 -14.15 42.70 -30.39
N ILE C 337 -15.09 42.17 -29.61
CA ILE C 337 -16.22 41.42 -30.15
C ILE C 337 -17.55 42.10 -29.83
N GLN C 338 -17.74 42.52 -28.59
CA GLN C 338 -19.02 43.07 -28.09
C GLN C 338 -20.09 42.00 -28.31
N ALA C 339 -21.30 42.36 -28.70
CA ALA C 339 -22.34 41.40 -28.98
C ALA C 339 -23.05 41.61 -30.31
N HIS C 340 -22.91 42.79 -30.94
CA HIS C 340 -23.46 43.00 -32.26
C HIS C 340 -22.77 42.16 -33.32
N ASP C 341 -21.62 41.59 -33.02
CA ASP C 341 -20.88 40.74 -33.93
C ASP C 341 -21.18 39.26 -33.71
N PHE C 342 -22.15 38.96 -32.85
CA PHE C 342 -22.50 37.61 -32.46
C PHE C 342 -23.76 37.16 -33.19
N GLY C 343 -23.63 36.11 -34.00
CA GLY C 343 -24.81 35.51 -34.59
C GLY C 343 -25.69 34.88 -33.53
N LYS C 344 -26.99 34.88 -33.79
CA LYS C 344 -27.98 34.31 -32.87
C LYS C 344 -28.49 33.01 -33.43
N ILE C 345 -28.46 31.95 -32.62
CA ILE C 345 -28.95 30.63 -32.99
C ILE C 345 -29.99 30.22 -31.97
N GLY C 346 -31.24 30.06 -32.42
CA GLY C 346 -32.30 29.66 -31.51
C GLY C 346 -32.12 28.25 -30.99
N GLU C 347 -31.75 27.32 -31.87
CA GLU C 347 -31.51 25.94 -31.48
C GLU C 347 -30.38 25.39 -32.34
N VAL C 348 -29.49 24.60 -31.72
CA VAL C 348 -28.36 24.02 -32.42
C VAL C 348 -28.18 22.57 -31.96
N GLN C 349 -28.01 21.66 -32.92
CA GLN C 349 -27.72 20.26 -32.64
C GLN C 349 -26.47 19.88 -33.43
N ILE C 350 -25.42 19.46 -32.71
CA ILE C 350 -24.14 19.16 -33.31
C ILE C 350 -23.78 17.72 -32.96
N THR C 351 -23.62 16.89 -33.98
CA THR C 351 -23.11 15.54 -33.83
C THR C 351 -21.71 15.47 -34.44
N LYS C 352 -21.14 14.26 -34.49
CA LYS C 352 -19.75 14.12 -34.93
C LYS C 352 -19.59 14.42 -36.41
N ASP C 353 -20.65 14.26 -37.21
CA ASP C 353 -20.54 14.39 -38.65
C ASP C 353 -21.33 15.54 -39.26
N ASP C 354 -22.26 16.16 -38.52
CA ASP C 354 -23.06 17.24 -39.08
C ASP C 354 -23.54 18.16 -37.98
N THR C 355 -23.73 19.43 -38.34
CA THR C 355 -24.19 20.46 -37.41
C THR C 355 -25.47 21.09 -37.96
N LEU C 356 -26.49 21.18 -37.11
CA LEU C 356 -27.77 21.79 -37.48
C LEU C 356 -27.92 23.10 -36.71
N LEU C 357 -28.02 24.21 -37.43
CA LEU C 357 -28.34 25.50 -36.85
C LEU C 357 -29.81 25.78 -37.16
N LEU C 358 -30.68 25.63 -36.17
CA LEU C 358 -32.11 25.59 -36.45
C LEU C 358 -32.66 26.99 -36.71
N LYS C 359 -32.64 27.86 -35.70
CA LYS C 359 -33.28 29.16 -35.81
C LYS C 359 -32.23 30.25 -36.03
N GLY C 360 -32.42 31.05 -37.08
CA GLY C 360 -31.51 32.13 -37.39
C GLY C 360 -31.84 33.40 -36.64
N GLY C 361 -30.98 34.40 -36.80
CA GLY C 361 -31.17 35.67 -36.14
C GLY C 361 -31.12 36.86 -37.08
N GLY C 362 -30.60 36.65 -38.28
CA GLY C 362 -30.47 37.74 -39.22
C GLY C 362 -31.82 38.21 -39.76
N SER C 363 -31.85 39.48 -40.17
CA SER C 363 -33.06 40.04 -40.75
C SER C 363 -33.35 39.37 -42.10
N PRO C 364 -34.61 39.07 -42.41
CA PRO C 364 -34.92 38.49 -43.73
C PRO C 364 -34.49 39.37 -44.88
N ALA C 365 -34.62 40.69 -44.74
CA ALA C 365 -34.18 41.59 -45.80
C ALA C 365 -32.69 41.43 -46.07
N GLU C 366 -31.93 40.98 -45.07
CA GLU C 366 -30.53 40.66 -45.28
C GLU C 366 -30.34 39.33 -45.98
N VAL C 367 -31.21 38.35 -45.73
CA VAL C 367 -30.97 37.02 -46.26
C VAL C 367 -31.43 36.91 -47.71
N GLU C 368 -32.55 37.55 -48.09
CA GLU C 368 -32.92 37.52 -49.50
C GLU C 368 -32.04 38.45 -50.34
N LYS C 369 -31.50 39.51 -49.73
CA LYS C 369 -30.53 40.33 -50.44
C LYS C 369 -29.28 39.53 -50.78
N ARG C 370 -28.83 38.67 -49.85
CA ARG C 370 -27.70 37.81 -50.12
C ARG C 370 -28.04 36.77 -51.19
N ALA C 371 -29.28 36.28 -51.19
CA ALA C 371 -29.71 35.32 -52.20
C ALA C 371 -29.76 35.95 -53.59
N ALA C 372 -30.09 37.24 -53.67
CA ALA C 372 -30.11 37.93 -54.96
C ALA C 372 -28.71 37.96 -55.57
N GLU C 373 -27.70 38.22 -54.76
CA GLU C 373 -26.32 38.16 -55.25
C GLU C 373 -25.95 36.76 -55.71
N ILE C 374 -26.44 35.74 -54.99
CA ILE C 374 -26.15 34.35 -55.36
C ILE C 374 -26.75 34.04 -56.73
N VAL C 375 -28.01 34.43 -56.95
CA VAL C 375 -28.64 34.12 -58.23
C VAL C 375 -28.05 34.97 -59.35
N GLU C 376 -27.61 36.20 -59.04
CA GLU C 376 -26.93 37.01 -60.04
C GLU C 376 -25.61 36.37 -60.46
N GLN C 377 -24.85 35.86 -59.50
CA GLN C 377 -23.61 35.16 -59.82
C GLN C 377 -23.90 33.89 -60.62
N LEU C 378 -24.95 33.15 -60.23
CA LEU C 378 -25.33 31.95 -60.98
C LEU C 378 -25.85 32.29 -62.37
N GLU C 379 -26.46 33.47 -62.54
CA GLU C 379 -26.95 33.88 -63.85
C GLU C 379 -25.80 34.14 -64.82
N ASN C 380 -24.63 34.54 -64.31
CA ASN C 380 -23.50 34.86 -65.16
C ASN C 380 -22.56 33.67 -65.37
N THR C 381 -22.32 32.88 -64.34
CA THR C 381 -21.41 31.75 -64.47
C THR C 381 -22.08 30.62 -65.25
N THR C 382 -21.25 29.82 -65.93
CA THR C 382 -21.72 28.68 -66.70
C THR C 382 -21.04 27.38 -66.35
N SER C 383 -20.00 27.38 -65.52
CA SER C 383 -19.35 26.15 -65.11
C SER C 383 -20.28 25.31 -64.25
N ASP C 384 -20.37 24.02 -64.56
CA ASP C 384 -21.30 23.14 -63.85
C ASP C 384 -20.88 22.93 -62.39
N TYR C 385 -19.58 22.76 -62.16
CA TYR C 385 -19.11 22.50 -60.79
C TYR C 385 -19.33 23.72 -59.89
N GLU C 386 -19.08 24.92 -60.42
CA GLU C 386 -19.28 26.12 -59.61
C GLU C 386 -20.75 26.46 -59.43
N LYS C 387 -21.60 26.07 -60.38
CA LYS C 387 -23.03 26.32 -60.23
C LYS C 387 -23.64 25.44 -59.15
N GLU C 388 -23.11 24.23 -58.96
CA GLU C 388 -23.65 23.33 -57.94
C GLU C 388 -23.48 23.92 -56.54
N LYS C 389 -22.29 24.44 -56.23
CA LYS C 389 -22.08 25.03 -54.91
C LYS C 389 -22.88 26.32 -54.75
N LEU C 390 -23.04 27.10 -55.83
CA LEU C 390 -23.85 28.30 -55.76
C LEU C 390 -25.30 27.96 -55.42
N ASN C 391 -25.86 26.95 -56.09
CA ASN C 391 -27.24 26.55 -55.80
C ASN C 391 -27.36 25.92 -54.42
N GLU C 392 -26.34 25.18 -53.97
CA GLU C 392 -26.38 24.64 -52.62
C GLU C 392 -26.38 25.76 -51.58
N ARG C 393 -25.54 26.78 -51.77
CA ARG C 393 -25.55 27.93 -50.87
C ARG C 393 -26.89 28.65 -50.89
N LEU C 394 -27.46 28.81 -52.09
CA LEU C 394 -28.77 29.47 -52.20
C LEU C 394 -29.85 28.67 -51.48
N ALA C 395 -29.80 27.35 -51.59
CA ALA C 395 -30.76 26.50 -50.89
C ALA C 395 -30.58 26.60 -49.38
N LYS C 396 -29.34 26.64 -48.90
CA LYS C 396 -29.11 26.83 -47.47
C LYS C 396 -29.66 28.17 -47.00
N LEU C 397 -29.52 29.21 -47.82
CA LEU C 397 -29.99 30.53 -47.42
C LEU C 397 -31.52 30.60 -47.41
N SER C 398 -32.16 30.11 -48.46
CA SER C 398 -33.60 30.28 -48.65
C SER C 398 -34.42 29.07 -48.21
N ASP C 399 -34.10 27.88 -48.74
CA ASP C 399 -34.85 26.67 -48.41
C ASP C 399 -34.55 26.27 -46.97
N GLY C 400 -35.54 26.45 -46.09
CA GLY C 400 -35.36 26.14 -44.68
C GLY C 400 -35.47 24.66 -44.39
N VAL C 401 -35.28 24.33 -43.12
CA VAL C 401 -35.32 22.95 -42.67
C VAL C 401 -36.73 22.62 -42.19
N ALA C 402 -37.06 21.33 -42.21
CA ALA C 402 -38.37 20.83 -41.80
C ALA C 402 -38.23 20.03 -40.51
N VAL C 403 -39.02 20.38 -39.51
CA VAL C 403 -39.02 19.68 -38.23
C VAL C 403 -40.30 18.86 -38.12
N LEU C 404 -40.21 17.73 -37.44
CA LEU C 404 -41.33 16.84 -37.21
C LEU C 404 -41.55 16.71 -35.71
N LYS C 405 -42.51 17.45 -35.17
CA LYS C 405 -42.92 17.26 -33.79
C LYS C 405 -43.84 16.04 -33.71
N VAL C 406 -43.46 15.07 -32.90
CA VAL C 406 -44.22 13.83 -32.77
C VAL C 406 -45.19 13.96 -31.59
N GLY C 407 -46.46 13.67 -31.85
CA GLY C 407 -47.49 13.80 -30.84
C GLY C 407 -47.59 12.57 -29.95
N GLY C 408 -48.47 12.65 -28.98
CA GLY C 408 -48.70 11.55 -28.06
C GLY C 408 -49.35 12.03 -26.79
N THR C 409 -49.61 11.07 -25.91
CA THR C 409 -50.22 11.34 -24.62
C THR C 409 -49.25 11.23 -23.45
N SER C 410 -48.02 10.80 -23.68
CA SER C 410 -47.03 10.69 -22.61
C SER C 410 -45.65 10.98 -23.19
N ASP C 411 -44.78 11.55 -22.36
CA ASP C 411 -43.45 11.93 -22.82
C ASP C 411 -42.63 10.70 -23.19
N VAL C 412 -42.78 9.61 -22.44
CA VAL C 412 -42.04 8.38 -22.75
C VAL C 412 -42.49 7.82 -24.11
N GLU C 413 -43.81 7.77 -24.32
CA GLU C 413 -44.32 7.32 -25.61
C GLU C 413 -43.93 8.27 -26.73
N VAL C 414 -43.85 9.57 -26.43
CA VAL C 414 -43.41 10.52 -27.44
C VAL C 414 -41.97 10.25 -27.85
N ASN C 415 -41.10 9.97 -26.87
CA ASN C 415 -39.71 9.67 -27.21
C ASN C 415 -39.59 8.36 -27.99
N GLU C 416 -40.35 7.34 -27.60
CA GLU C 416 -40.31 6.07 -28.33
C GLU C 416 -40.80 6.26 -29.76
N LYS C 417 -41.90 6.99 -29.94
CA LYS C 417 -42.40 7.29 -31.28
C LYS C 417 -41.40 8.13 -32.06
N LYS C 418 -40.67 9.02 -31.39
CA LYS C 418 -39.65 9.81 -32.07
C LYS C 418 -38.55 8.91 -32.61
N ASP C 419 -38.10 7.95 -31.81
CA ASP C 419 -37.10 6.99 -32.29
C ASP C 419 -37.63 6.21 -33.49
N ARG C 420 -38.87 5.74 -33.40
CA ARG C 420 -39.46 4.97 -34.50
C ARG C 420 -39.57 5.81 -35.76
N VAL C 421 -40.02 7.06 -35.63
CA VAL C 421 -40.18 7.94 -36.77
C VAL C 421 -38.83 8.29 -37.39
N THR C 422 -37.81 8.48 -36.56
CA THR C 422 -36.47 8.73 -37.11
C THR C 422 -35.99 7.55 -37.92
N ASP C 423 -36.19 6.32 -37.40
CA ASP C 423 -35.80 5.14 -38.18
C ASP C 423 -36.57 5.06 -39.49
N ALA C 424 -37.88 5.32 -39.44
CA ALA C 424 -38.69 5.27 -40.67
C ALA C 424 -38.24 6.33 -41.67
N LEU C 425 -37.93 7.54 -41.19
CA LEU C 425 -37.48 8.61 -42.07
C LEU C 425 -36.16 8.27 -42.74
N ASN C 426 -35.22 7.71 -41.97
CA ASN C 426 -33.94 7.31 -42.56
C ASN C 426 -34.15 6.22 -43.61
N ALA C 427 -35.00 5.24 -43.31
CA ALA C 427 -35.27 4.18 -44.28
C ALA C 427 -35.91 4.74 -45.54
N THR C 428 -36.87 5.66 -45.38
CA THR C 428 -37.56 6.23 -46.54
C THR C 428 -36.61 7.07 -47.39
N ARG C 429 -35.71 7.83 -46.75
CA ARG C 429 -34.77 8.62 -47.53
C ARG C 429 -33.77 7.74 -48.25
N ALA C 430 -33.34 6.64 -47.63
CA ALA C 430 -32.49 5.68 -48.34
C ALA C 430 -33.22 5.07 -49.53
N ALA C 431 -34.50 4.74 -49.35
CA ALA C 431 -35.29 4.19 -50.44
C ALA C 431 -35.42 5.19 -51.59
N VAL C 432 -35.59 6.47 -51.25
CA VAL C 432 -35.61 7.51 -52.28
C VAL C 432 -34.25 7.57 -52.98
N GLU C 433 -33.17 7.40 -52.22
CA GLU C 433 -31.83 7.45 -52.80
C GLU C 433 -31.62 6.36 -53.85
N GLU C 434 -31.90 5.09 -53.50
CA GLU C 434 -31.54 4.01 -54.39
C GLU C 434 -32.66 2.99 -54.62
N GLY C 435 -33.91 3.37 -54.42
CA GLY C 435 -35.01 2.44 -54.66
C GLY C 435 -35.17 1.42 -53.56
N ILE C 436 -35.94 0.37 -53.87
CA ILE C 436 -36.24 -0.68 -52.91
C ILE C 436 -36.04 -2.04 -53.57
N VAL C 437 -35.80 -3.05 -52.73
CA VAL C 437 -35.65 -4.43 -53.16
C VAL C 437 -36.40 -5.33 -52.17
N PRO C 438 -36.77 -6.53 -52.60
CA PRO C 438 -37.45 -7.45 -51.68
C PRO C 438 -36.61 -7.72 -50.44
N GLY C 439 -37.26 -7.70 -49.28
CA GLY C 439 -36.60 -7.87 -48.01
C GLY C 439 -36.47 -9.32 -47.60
N GLY C 440 -36.09 -9.52 -46.34
CA GLY C 440 -35.89 -10.86 -45.83
C GLY C 440 -34.72 -11.59 -46.43
N GLY C 441 -33.71 -10.85 -46.90
CA GLY C 441 -32.57 -11.47 -47.55
C GLY C 441 -32.83 -12.00 -48.93
N CYS C 442 -34.03 -11.82 -49.47
CA CYS C 442 -34.35 -12.34 -50.80
C CYS C 442 -33.70 -11.53 -51.90
N ALA C 443 -33.36 -10.26 -51.65
CA ALA C 443 -32.67 -9.46 -52.66
C ALA C 443 -31.33 -10.08 -53.02
N LEU C 444 -30.56 -10.50 -52.00
CA LEU C 444 -29.31 -11.20 -52.25
C LEU C 444 -29.55 -12.60 -52.80
N LEU C 445 -30.65 -13.24 -52.38
CA LEU C 445 -30.96 -14.59 -52.83
C LEU C 445 -31.28 -14.62 -54.32
N ARG C 446 -31.84 -13.53 -54.86
CA ARG C 446 -32.23 -13.47 -56.25
C ARG C 446 -31.10 -13.03 -57.18
N CYS C 447 -29.92 -12.74 -56.63
CA CYS C 447 -28.74 -12.45 -57.45
C CYS C 447 -27.86 -13.68 -57.68
N ILE C 448 -28.17 -14.81 -57.03
CA ILE C 448 -27.37 -16.01 -57.23
C ILE C 448 -27.45 -16.55 -58.65
N PRO C 449 -28.62 -16.70 -59.27
CA PRO C 449 -28.65 -17.25 -60.64
C PRO C 449 -27.93 -16.38 -61.67
N SER C 450 -27.78 -15.09 -61.40
CA SER C 450 -27.03 -14.20 -62.27
C SER C 450 -25.53 -14.23 -62.03
N LEU C 451 -25.08 -14.98 -61.04
CA LEU C 451 -23.66 -15.15 -60.76
C LEU C 451 -23.04 -16.30 -61.55
N ASP C 452 -23.85 -17.04 -62.31
CA ASP C 452 -23.36 -18.20 -63.04
C ASP C 452 -22.59 -17.86 -64.30
N ALA C 453 -22.66 -16.62 -64.77
CA ALA C 453 -21.98 -16.20 -65.99
C ALA C 453 -20.90 -15.18 -65.63
N ILE C 454 -19.75 -15.70 -65.24
CA ILE C 454 -18.57 -14.88 -64.94
C ILE C 454 -17.35 -15.55 -65.55
N GLN C 455 -16.57 -14.78 -66.31
CA GLN C 455 -15.35 -15.30 -66.92
C GLN C 455 -14.23 -15.26 -65.89
N THR C 456 -13.86 -16.41 -65.36
CA THR C 456 -12.84 -16.52 -64.32
C THR C 456 -11.51 -16.87 -64.96
N ALA C 457 -10.44 -16.17 -64.55
CA ALA C 457 -9.13 -16.40 -65.12
C ALA C 457 -8.58 -17.77 -64.74
N ASN C 458 -8.75 -18.17 -63.48
CA ASN C 458 -8.20 -19.43 -62.99
C ASN C 458 -9.20 -20.04 -62.01
N ALA C 459 -8.76 -21.12 -61.35
CA ALA C 459 -9.64 -21.81 -60.41
C ALA C 459 -9.88 -20.98 -59.14
N ASP C 460 -8.89 -20.20 -58.71
CA ASP C 460 -9.03 -19.44 -57.47
C ASP C 460 -10.11 -18.37 -57.60
N GLN C 461 -10.22 -17.74 -58.76
CA GLN C 461 -11.30 -16.77 -58.98
C GLN C 461 -12.66 -17.46 -58.90
N LYS C 462 -12.77 -18.66 -59.45
CA LYS C 462 -14.01 -19.43 -59.32
C LYS C 462 -14.29 -19.77 -57.86
N ILE C 463 -13.23 -20.05 -57.09
CA ILE C 463 -13.40 -20.35 -55.67
C ILE C 463 -13.94 -19.11 -54.94
N GLY C 464 -13.41 -17.94 -55.25
CA GLY C 464 -13.93 -16.72 -54.64
C GLY C 464 -15.37 -16.44 -55.04
N VAL C 465 -15.70 -16.66 -56.31
CA VAL C 465 -17.09 -16.52 -56.75
C VAL C 465 -17.98 -17.47 -55.98
N GLU C 466 -17.52 -18.70 -55.75
CA GLU C 466 -18.27 -19.66 -54.96
C GLU C 466 -18.42 -19.21 -53.52
N ILE C 467 -17.39 -18.56 -52.97
CA ILE C 467 -17.47 -18.04 -51.61
C ILE C 467 -18.58 -17.00 -51.51
N ILE C 468 -18.62 -16.07 -52.48
CA ILE C 468 -19.68 -15.05 -52.46
C ILE C 468 -21.04 -15.70 -52.67
N ARG C 469 -21.11 -16.71 -53.55
CA ARG C 469 -22.38 -17.39 -53.82
C ARG C 469 -22.91 -18.09 -52.57
N ARG C 470 -22.02 -18.73 -51.81
CA ARG C 470 -22.44 -19.38 -50.56
C ARG C 470 -22.81 -18.35 -49.51
N ALA C 471 -22.11 -17.21 -49.48
CA ALA C 471 -22.43 -16.18 -48.49
C ALA C 471 -23.75 -15.50 -48.79
N LEU C 472 -24.17 -15.47 -50.06
CA LEU C 472 -25.41 -14.78 -50.41
C LEU C 472 -26.63 -15.39 -49.74
N ARG C 473 -26.61 -16.70 -49.46
CA ARG C 473 -27.72 -17.36 -48.80
C ARG C 473 -27.77 -17.10 -47.30
N ILE C 474 -26.68 -16.60 -46.72
CA ILE C 474 -26.58 -16.52 -45.26
C ILE C 474 -27.65 -15.65 -44.62
N PRO C 475 -27.95 -14.45 -45.12
CA PRO C 475 -28.97 -13.62 -44.44
C PRO C 475 -30.36 -14.26 -44.43
N ALA C 476 -30.82 -14.75 -45.58
CA ALA C 476 -32.13 -15.40 -45.62
C ALA C 476 -32.14 -16.65 -44.76
N MET C 477 -31.05 -17.41 -44.77
CA MET C 477 -30.94 -18.61 -43.94
C MET C 477 -31.05 -18.25 -42.46
N THR C 478 -30.36 -17.18 -42.04
CA THR C 478 -30.41 -16.77 -40.64
C THR C 478 -31.81 -16.29 -40.26
N ILE C 479 -32.46 -15.54 -41.14
CA ILE C 479 -33.82 -15.08 -40.86
C ILE C 479 -34.76 -16.27 -40.70
N ALA C 480 -34.66 -17.25 -41.60
CA ALA C 480 -35.50 -18.44 -41.49
C ALA C 480 -35.20 -19.20 -40.20
N LYS C 481 -33.93 -19.35 -39.85
CA LYS C 481 -33.56 -20.08 -38.64
C LYS C 481 -34.11 -19.40 -37.39
N ASN C 482 -33.99 -18.07 -37.33
CA ASN C 482 -34.56 -17.34 -36.20
C ASN C 482 -36.09 -17.41 -36.21
N ALA C 483 -36.69 -17.60 -37.39
CA ALA C 483 -38.14 -17.74 -37.47
C ALA C 483 -38.63 -19.11 -36.99
N GLY C 484 -37.72 -20.06 -36.78
CA GLY C 484 -38.12 -21.38 -36.31
C GLY C 484 -37.89 -22.48 -37.34
N VAL C 485 -38.18 -22.19 -38.60
CA VAL C 485 -37.98 -23.14 -39.68
C VAL C 485 -36.49 -23.18 -40.02
N GLU C 486 -36.09 -24.17 -40.82
CA GLU C 486 -34.70 -24.32 -41.24
C GLU C 486 -34.54 -23.73 -42.64
N GLY C 487 -33.52 -22.89 -42.80
CA GLY C 487 -33.32 -22.16 -44.05
C GLY C 487 -32.77 -22.99 -45.18
N SER C 488 -32.25 -24.19 -44.90
CA SER C 488 -31.70 -25.02 -45.96
C SER C 488 -32.76 -25.38 -47.00
N LEU C 489 -33.97 -25.73 -46.53
CA LEU C 489 -35.07 -26.00 -47.45
C LEU C 489 -35.75 -24.73 -47.92
N VAL C 490 -35.78 -23.69 -47.08
CA VAL C 490 -36.46 -22.45 -47.45
C VAL C 490 -35.77 -21.78 -48.63
N VAL C 491 -34.44 -21.75 -48.62
CA VAL C 491 -33.69 -21.15 -49.72
C VAL C 491 -33.94 -21.91 -51.02
N GLU C 492 -33.92 -23.25 -50.95
CA GLU C 492 -34.16 -24.05 -52.14
C GLU C 492 -35.57 -23.83 -52.68
N LYS C 493 -36.57 -23.76 -51.79
CA LYS C 493 -37.93 -23.50 -52.25
C LYS C 493 -38.05 -22.12 -52.87
N ILE C 494 -37.41 -21.11 -52.29
CA ILE C 494 -37.48 -19.76 -52.84
C ILE C 494 -36.84 -19.71 -54.21
N LEU C 495 -35.68 -20.35 -54.36
CA LEU C 495 -34.98 -20.33 -55.65
C LEU C 495 -35.77 -21.09 -56.71
N GLN C 496 -35.98 -22.39 -56.49
CA GLN C 496 -36.64 -23.24 -57.49
C GLN C 496 -38.14 -22.98 -57.44
N GLY C 497 -38.56 -21.93 -58.15
CA GLY C 497 -39.96 -21.57 -58.22
C GLY C 497 -40.21 -20.27 -58.96
N SER C 498 -41.15 -19.48 -58.46
CA SER C 498 -41.47 -18.19 -59.08
C SER C 498 -40.76 -17.05 -58.36
N GLY C 502 -41.32 -16.36 -51.03
CA GLY C 502 -40.14 -15.75 -50.45
C GLY C 502 -40.09 -15.88 -48.93
N TYR C 503 -41.07 -16.59 -48.37
CA TYR C 503 -41.13 -16.88 -46.94
C TYR C 503 -41.17 -15.61 -46.08
N ASP C 504 -42.32 -14.93 -46.13
CA ASP C 504 -42.65 -14.04 -45.02
C ASP C 504 -42.50 -14.82 -43.72
N ALA C 505 -41.52 -14.44 -42.89
CA ALA C 505 -41.22 -15.23 -41.70
C ALA C 505 -42.31 -15.09 -40.64
N MET C 506 -42.83 -13.87 -40.46
CA MET C 506 -43.87 -13.66 -39.45
C MET C 506 -45.15 -14.41 -39.81
N GLN C 507 -45.54 -14.38 -41.08
CA GLN C 507 -46.76 -15.06 -41.51
C GLN C 507 -46.54 -16.56 -41.64
N GLY C 508 -45.35 -16.98 -42.07
CA GLY C 508 -45.06 -18.39 -42.27
C GLY C 508 -45.45 -18.96 -43.62
N GLU C 509 -45.76 -18.11 -44.60
CA GLU C 509 -46.14 -18.54 -45.93
C GLU C 509 -45.27 -17.85 -46.96
N TYR C 510 -44.91 -18.58 -48.01
CA TYR C 510 -44.10 -18.04 -49.10
C TYR C 510 -44.97 -17.14 -49.96
N VAL C 511 -44.67 -15.85 -49.97
CA VAL C 511 -45.40 -14.86 -50.76
C VAL C 511 -44.40 -14.09 -51.63
N ASN C 512 -44.94 -13.17 -52.43
CA ASN C 512 -44.10 -12.24 -53.17
C ASN C 512 -43.79 -11.07 -52.26
N MET C 513 -42.53 -10.98 -51.83
CA MET C 513 -42.17 -10.07 -50.74
C MET C 513 -42.38 -8.61 -51.13
N VAL C 514 -42.12 -8.25 -52.39
CA VAL C 514 -42.10 -6.85 -52.77
C VAL C 514 -43.47 -6.20 -52.54
N GLU C 515 -44.50 -6.74 -53.19
CA GLU C 515 -45.83 -6.15 -53.07
C GLU C 515 -46.43 -6.35 -51.69
N LYS C 516 -46.10 -7.46 -51.03
CA LYS C 516 -46.69 -7.75 -49.72
C LYS C 516 -46.31 -6.70 -48.69
N GLY C 517 -45.06 -6.26 -48.70
CA GLY C 517 -44.63 -5.22 -47.77
C GLY C 517 -43.26 -5.49 -47.16
N ILE C 518 -42.70 -6.67 -47.43
CA ILE C 518 -41.39 -7.04 -46.90
C ILE C 518 -40.35 -6.47 -47.87
N ILE C 519 -39.89 -5.26 -47.58
CA ILE C 519 -38.93 -4.57 -48.43
C ILE C 519 -37.77 -4.05 -47.58
N ASP C 520 -36.65 -3.82 -48.24
CA ASP C 520 -35.49 -3.16 -47.66
C ASP C 520 -34.94 -2.18 -48.68
N PRO C 521 -34.34 -1.08 -48.22
CA PRO C 521 -33.70 -0.16 -49.17
C PRO C 521 -32.55 -0.84 -49.89
N THR C 522 -32.44 -0.56 -51.20
CA THR C 522 -31.34 -1.12 -51.98
C THR C 522 -29.99 -0.57 -51.52
N LYS C 523 -29.97 0.67 -51.05
CA LYS C 523 -28.73 1.24 -50.51
C LYS C 523 -28.24 0.44 -49.32
N VAL C 524 -29.15 0.01 -48.45
CA VAL C 524 -28.77 -0.73 -47.25
C VAL C 524 -28.06 -2.03 -47.62
N VAL C 525 -28.67 -2.83 -48.50
CA VAL C 525 -28.11 -4.12 -48.84
C VAL C 525 -26.83 -3.95 -49.67
N ARG C 526 -26.81 -2.97 -50.57
CA ARG C 526 -25.60 -2.71 -51.35
C ARG C 526 -24.42 -2.35 -50.46
N THR C 527 -24.61 -1.38 -49.56
CA THR C 527 -23.52 -0.97 -48.69
C THR C 527 -23.13 -2.09 -47.72
N ALA C 528 -24.11 -2.84 -47.21
CA ALA C 528 -23.78 -3.94 -46.30
C ALA C 528 -22.92 -4.99 -46.99
N LEU C 529 -23.32 -5.40 -48.20
CA LEU C 529 -22.54 -6.39 -48.94
C LEU C 529 -21.15 -5.87 -49.26
N LEU C 530 -21.07 -4.62 -49.74
CA LEU C 530 -19.77 -4.06 -50.10
C LEU C 530 -18.84 -3.97 -48.89
N ASP C 531 -19.37 -3.52 -47.75
CA ASP C 531 -18.55 -3.35 -46.56
C ASP C 531 -18.13 -4.70 -45.99
N ALA C 532 -19.04 -5.69 -46.00
CA ALA C 532 -18.67 -7.02 -45.54
C ALA C 532 -17.57 -7.62 -46.42
N ALA C 533 -17.70 -7.49 -47.74
CA ALA C 533 -16.67 -8.00 -48.63
C ALA C 533 -15.35 -7.28 -48.41
N GLY C 534 -15.40 -5.96 -48.22
CA GLY C 534 -14.17 -5.21 -48.00
C GLY C 534 -13.46 -5.62 -46.72
N VAL C 535 -14.19 -5.74 -45.62
CA VAL C 535 -13.56 -6.11 -44.35
C VAL C 535 -13.06 -7.54 -44.40
N ALA C 536 -13.79 -8.44 -45.07
CA ALA C 536 -13.30 -9.81 -45.21
C ALA C 536 -12.02 -9.86 -46.03
N SER C 537 -11.96 -9.09 -47.12
CA SER C 537 -10.74 -9.03 -47.92
C SER C 537 -9.59 -8.45 -47.11
N LEU C 538 -9.86 -7.42 -46.31
CA LEU C 538 -8.82 -6.84 -45.45
C LEU C 538 -8.31 -7.87 -44.46
N LEU C 539 -9.20 -8.65 -43.86
CA LEU C 539 -8.79 -9.69 -42.93
C LEU C 539 -8.01 -10.80 -43.64
N SER C 540 -8.35 -11.09 -44.90
CA SER C 540 -7.63 -12.11 -45.64
C SER C 540 -6.25 -11.63 -46.08
N THR C 541 -6.09 -10.33 -46.29
CA THR C 541 -4.78 -9.78 -46.68
C THR C 541 -3.86 -9.56 -45.50
N ALA C 542 -4.32 -9.80 -44.27
CA ALA C 542 -3.49 -9.62 -43.10
C ALA C 542 -2.59 -10.84 -42.91
N GLU C 543 -1.28 -10.63 -42.94
CA GLU C 543 -0.31 -11.71 -42.76
C GLU C 543 0.44 -11.61 -41.44
N ALA C 544 0.14 -10.59 -40.62
CA ALA C 544 0.80 -10.43 -39.33
C ALA C 544 -0.04 -9.49 -38.48
N VAL C 545 -0.19 -9.84 -37.21
CA VAL C 545 -0.92 -9.02 -36.24
C VAL C 545 0.04 -8.71 -35.09
N VAL C 546 0.22 -7.42 -34.80
CA VAL C 546 1.11 -6.96 -33.73
C VAL C 546 0.25 -6.47 -32.58
N THR C 547 0.40 -7.11 -31.42
CA THR C 547 -0.36 -6.77 -30.22
C THR C 547 0.60 -6.51 -29.08
N GLU C 548 0.08 -5.92 -28.01
CA GLU C 548 0.87 -5.58 -26.84
C GLU C 548 0.82 -6.71 -25.82
N ILE C 549 1.96 -6.97 -25.19
CA ILE C 549 2.01 -7.98 -24.13
C ILE C 549 1.15 -7.51 -22.95
N PRO C 550 0.21 -8.32 -22.47
CA PRO C 550 -0.67 -7.94 -21.36
C PRO C 550 0.07 -7.79 -20.04
N TYR D 26 -15.27 -2.40 -21.15
CA TYR D 26 -14.56 -3.45 -20.43
C TYR D 26 -14.81 -4.81 -21.07
N ALA D 27 -13.97 -5.79 -20.74
CA ALA D 27 -14.06 -7.11 -21.33
C ALA D 27 -15.40 -7.75 -21.02
N LYS D 28 -15.93 -8.50 -21.99
CA LYS D 28 -17.22 -9.15 -21.87
C LYS D 28 -17.09 -10.64 -22.19
N ASP D 29 -17.94 -11.43 -21.53
CA ASP D 29 -18.09 -12.85 -21.83
C ASP D 29 -19.53 -13.10 -22.24
N VAL D 30 -19.72 -13.87 -23.31
CA VAL D 30 -21.04 -14.12 -23.86
C VAL D 30 -21.26 -15.62 -23.96
N LYS D 31 -22.43 -16.07 -23.50
CA LYS D 31 -22.86 -17.46 -23.63
C LYS D 31 -24.13 -17.50 -24.48
N PHE D 32 -24.34 -18.63 -25.15
CA PHE D 32 -25.37 -18.73 -26.17
C PHE D 32 -26.35 -19.86 -25.86
N GLY D 33 -27.63 -19.60 -26.14
CA GLY D 33 -28.63 -20.65 -26.21
C GLY D 33 -28.85 -21.38 -24.91
N ALA D 34 -28.99 -22.71 -25.03
CA ALA D 34 -29.35 -23.53 -23.88
C ALA D 34 -28.31 -23.49 -22.78
N ASP D 35 -27.04 -23.27 -23.14
CA ASP D 35 -25.99 -23.21 -22.13
C ASP D 35 -26.24 -22.05 -21.16
N ALA D 36 -26.54 -20.86 -21.69
CA ALA D 36 -26.83 -19.72 -20.83
C ALA D 36 -28.21 -19.85 -20.19
N ARG D 37 -29.17 -20.42 -20.93
CA ARG D 37 -30.51 -20.59 -20.38
C ARG D 37 -30.49 -21.52 -19.17
N ALA D 38 -29.60 -22.52 -19.18
CA ALA D 38 -29.48 -23.40 -18.02
C ALA D 38 -29.02 -22.64 -16.78
N LEU D 39 -28.05 -21.74 -16.94
CA LEU D 39 -27.58 -20.95 -15.81
C LEU D 39 -28.67 -20.01 -15.31
N MET D 40 -29.37 -19.35 -16.22
CA MET D 40 -30.45 -18.44 -15.80
C MET D 40 -31.57 -19.22 -15.12
N LEU D 41 -31.88 -20.43 -15.63
CA LEU D 41 -32.88 -21.27 -14.98
C LEU D 41 -32.41 -21.70 -13.60
N GLN D 42 -31.11 -21.93 -13.43
CA GLN D 42 -30.60 -22.25 -12.09
C GLN D 42 -30.82 -21.08 -11.14
N GLY D 43 -30.60 -19.86 -11.63
CA GLY D 43 -30.85 -18.69 -10.80
C GLY D 43 -32.30 -18.57 -10.39
N VAL D 44 -33.21 -18.73 -11.37
CA VAL D 44 -34.63 -18.62 -11.03
C VAL D 44 -35.06 -19.80 -10.15
N ASP D 45 -34.42 -20.96 -10.31
CA ASP D 45 -34.68 -22.09 -9.43
C ASP D 45 -34.33 -21.74 -7.99
N LEU D 46 -33.16 -21.17 -7.78
CA LEU D 46 -32.76 -20.79 -6.42
C LEU D 46 -33.72 -19.76 -5.84
N LEU D 47 -34.05 -18.72 -6.63
CA LEU D 47 -34.91 -17.66 -6.12
C LEU D 47 -36.29 -18.20 -5.77
N ALA D 48 -36.89 -19.00 -6.66
CA ALA D 48 -38.24 -19.48 -6.43
C ALA D 48 -38.28 -20.57 -5.36
N ASP D 49 -37.21 -21.35 -5.22
CA ASP D 49 -37.14 -22.29 -4.11
C ASP D 49 -37.11 -21.53 -2.79
N ALA D 50 -36.37 -20.42 -2.73
CA ALA D 50 -36.38 -19.61 -1.51
C ALA D 50 -37.75 -19.00 -1.26
N VAL D 51 -38.43 -18.53 -2.30
CA VAL D 51 -39.68 -17.81 -2.13
C VAL D 51 -40.84 -18.76 -1.79
N ALA D 52 -40.90 -19.92 -2.45
CA ALA D 52 -42.10 -20.74 -2.40
C ALA D 52 -42.37 -21.32 -1.02
N VAL D 53 -41.34 -21.49 -0.19
CA VAL D 53 -41.52 -22.06 1.12
C VAL D 53 -42.39 -21.20 2.03
N THR D 54 -42.64 -19.96 1.64
CA THR D 54 -43.52 -19.06 2.40
C THR D 54 -44.92 -18.99 1.83
N MET D 55 -45.23 -19.75 0.79
CA MET D 55 -46.53 -19.67 0.15
C MET D 55 -47.62 -20.30 1.02
N GLY D 56 -48.82 -19.75 0.91
CA GLY D 56 -49.97 -20.28 1.61
C GLY D 56 -50.11 -19.70 3.01
N PRO D 57 -51.23 -20.00 3.67
CA PRO D 57 -51.42 -19.50 5.04
C PRO D 57 -50.60 -20.22 6.09
N LYS D 58 -50.06 -21.40 5.76
CA LYS D 58 -49.18 -22.14 6.67
C LYS D 58 -47.76 -22.20 6.10
N GLY D 59 -47.28 -21.10 5.54
CA GLY D 59 -45.96 -21.07 4.96
C GLY D 59 -44.87 -21.21 6.01
N ARG D 60 -43.72 -21.68 5.54
CA ARG D 60 -42.58 -21.94 6.42
C ARG D 60 -41.78 -20.65 6.64
N THR D 61 -40.64 -20.78 7.31
CA THR D 61 -39.85 -19.65 7.76
C THR D 61 -38.56 -19.55 6.96
N VAL D 62 -38.17 -18.32 6.62
CA VAL D 62 -36.89 -18.03 5.98
C VAL D 62 -36.10 -17.15 6.92
N ILE D 63 -34.83 -17.50 7.14
CA ILE D 63 -33.92 -16.72 7.96
C ILE D 63 -32.96 -16.00 7.03
N ILE D 64 -32.92 -14.68 7.14
CA ILE D 64 -32.06 -13.84 6.32
C ILE D 64 -31.03 -13.16 7.22
N GLU D 65 -29.76 -13.33 6.91
CA GLU D 65 -28.68 -12.74 7.70
C GLU D 65 -28.64 -11.24 7.45
N GLN D 66 -29.06 -10.46 8.45
CA GLN D 66 -28.92 -9.02 8.39
C GLN D 66 -27.48 -8.64 8.66
N SER D 67 -27.01 -7.59 7.97
CA SER D 67 -25.63 -7.16 8.13
C SER D 67 -25.34 -6.74 9.57
N TRP D 68 -26.26 -6.00 10.18
CA TRP D 68 -26.12 -5.55 11.56
C TRP D 68 -27.31 -6.03 12.38
N GLY D 69 -27.03 -6.47 13.60
CA GLY D 69 -28.07 -6.93 14.50
C GLY D 69 -28.39 -8.41 14.34
N SER D 70 -29.44 -8.81 15.05
CA SER D 70 -29.88 -10.19 15.03
C SER D 70 -30.45 -10.55 13.65
N PRO D 71 -30.38 -11.83 13.25
CA PRO D 71 -30.92 -12.23 11.95
C PRO D 71 -32.42 -12.03 11.89
N LYS D 72 -32.91 -11.81 10.67
CA LYS D 72 -34.33 -11.53 10.45
C LYS D 72 -35.08 -12.82 10.15
N VAL D 73 -36.18 -13.04 10.86
CA VAL D 73 -37.05 -14.19 10.66
C VAL D 73 -38.33 -13.69 10.01
N THR D 74 -38.63 -14.22 8.83
CA THR D 74 -39.75 -13.71 8.04
C THR D 74 -40.46 -14.85 7.31
N LYS D 75 -41.75 -14.63 7.05
CA LYS D 75 -42.55 -15.47 6.18
C LYS D 75 -43.04 -14.73 4.96
N ASP D 76 -42.50 -13.53 4.69
CA ASP D 76 -42.95 -12.71 3.58
C ASP D 76 -42.16 -13.07 2.32
N GLY D 77 -42.87 -13.48 1.29
CA GLY D 77 -42.21 -13.82 0.03
C GLY D 77 -41.54 -12.62 -0.62
N VAL D 78 -42.14 -11.44 -0.49
CA VAL D 78 -41.60 -10.25 -1.14
C VAL D 78 -40.22 -9.90 -0.58
N THR D 79 -40.10 -9.86 0.75
CA THR D 79 -38.81 -9.54 1.35
C THR D 79 -37.78 -10.64 1.12
N VAL D 80 -38.22 -11.90 1.08
CA VAL D 80 -37.32 -12.98 0.75
C VAL D 80 -36.76 -12.81 -0.66
N ALA D 81 -37.63 -12.50 -1.61
CA ALA D 81 -37.20 -12.30 -2.99
C ALA D 81 -36.27 -11.10 -3.12
N LYS D 82 -36.58 -10.01 -2.41
CA LYS D 82 -35.73 -8.82 -2.46
C LYS D 82 -34.38 -9.02 -1.80
N SER D 83 -34.19 -10.12 -1.07
CA SER D 83 -32.94 -10.39 -0.35
C SER D 83 -32.05 -11.39 -1.06
N ILE D 84 -32.36 -11.76 -2.30
CA ILE D 84 -31.63 -12.79 -3.02
C ILE D 84 -30.69 -12.14 -4.03
N ASP D 85 -29.42 -12.51 -3.96
CA ASP D 85 -28.40 -12.05 -4.90
C ASP D 85 -27.35 -13.14 -5.02
N LEU D 86 -27.04 -13.53 -6.25
CA LEU D 86 -26.20 -14.69 -6.49
C LEU D 86 -24.79 -14.28 -6.93
N LYS D 87 -23.85 -15.21 -6.71
CA LYS D 87 -22.45 -14.95 -7.06
C LYS D 87 -22.24 -14.99 -8.56
N ASP D 88 -22.79 -15.99 -9.23
CA ASP D 88 -22.57 -16.15 -10.67
C ASP D 88 -23.42 -15.17 -11.47
N LYS D 89 -22.86 -14.69 -12.58
CA LYS D 89 -23.47 -13.61 -13.33
C LYS D 89 -24.78 -14.04 -14.00
N TYR D 90 -24.77 -15.18 -14.69
CA TYR D 90 -25.92 -15.56 -15.50
C TYR D 90 -27.14 -15.92 -14.65
N LYS D 91 -26.92 -16.74 -13.61
CA LYS D 91 -28.03 -17.07 -12.72
C LYS D 91 -28.54 -15.84 -11.99
N ASN D 92 -27.65 -14.90 -11.67
CA ASN D 92 -28.10 -13.65 -11.06
C ASN D 92 -28.93 -12.83 -12.05
N ILE D 93 -28.59 -12.88 -13.34
CA ILE D 93 -29.38 -12.18 -14.34
C ILE D 93 -30.79 -12.75 -14.40
N GLY D 94 -30.89 -14.08 -14.44
CA GLY D 94 -32.20 -14.71 -14.43
C GLY D 94 -32.99 -14.37 -13.18
N ALA D 95 -32.33 -14.46 -12.02
CA ALA D 95 -32.99 -14.17 -10.75
C ALA D 95 -33.47 -12.73 -10.70
N LYS D 96 -32.66 -11.77 -11.17
CA LYS D 96 -33.06 -10.38 -11.13
C LYS D 96 -34.19 -10.08 -12.12
N LEU D 97 -34.20 -10.75 -13.27
CA LEU D 97 -35.32 -10.60 -14.19
C LEU D 97 -36.62 -11.05 -13.53
N VAL D 98 -36.60 -12.22 -12.90
CA VAL D 98 -37.80 -12.72 -12.24
C VAL D 98 -38.17 -11.83 -11.06
N GLN D 99 -37.18 -11.33 -10.33
CA GLN D 99 -37.44 -10.44 -9.20
C GLN D 99 -38.14 -9.18 -9.66
N ASP D 100 -37.66 -8.56 -10.73
CA ASP D 100 -38.28 -7.34 -11.23
C ASP D 100 -39.70 -7.61 -11.69
N VAL D 101 -39.92 -8.71 -12.40
CA VAL D 101 -41.27 -9.01 -12.89
C VAL D 101 -42.22 -9.24 -11.71
N ALA D 102 -41.78 -10.01 -10.72
CA ALA D 102 -42.63 -10.28 -9.56
C ALA D 102 -42.91 -9.01 -8.77
N ASN D 103 -41.89 -8.15 -8.63
CA ASN D 103 -42.07 -6.91 -7.88
C ASN D 103 -43.04 -5.97 -8.58
N ASN D 104 -42.96 -5.86 -9.91
CA ASN D 104 -43.92 -5.02 -10.61
C ASN D 104 -45.32 -5.64 -10.62
N THR D 105 -45.40 -6.98 -10.48
CA THR D 105 -46.70 -7.60 -10.21
C THR D 105 -47.24 -7.15 -8.85
N ASN D 106 -46.38 -7.10 -7.83
CA ASN D 106 -46.82 -6.69 -6.52
C ASN D 106 -47.29 -5.24 -6.50
N GLU D 107 -46.59 -4.36 -7.22
CA GLU D 107 -46.91 -2.94 -7.18
C GLU D 107 -48.22 -2.61 -7.89
N GLU D 108 -48.71 -3.49 -8.76
CA GLU D 108 -49.93 -3.24 -9.51
C GLU D 108 -51.18 -3.79 -8.85
N ALA D 109 -51.06 -4.87 -8.08
CA ALA D 109 -52.21 -5.52 -7.47
C ALA D 109 -52.18 -5.55 -5.95
N GLY D 110 -51.00 -5.52 -5.34
CA GLY D 110 -50.88 -5.57 -3.89
C GLY D 110 -50.50 -6.92 -3.33
N ASP D 111 -50.50 -7.97 -4.16
CA ASP D 111 -50.12 -9.30 -3.72
C ASP D 111 -49.78 -10.12 -4.95
N GLY D 112 -49.44 -11.40 -4.74
CA GLY D 112 -49.18 -12.30 -5.83
C GLY D 112 -47.75 -12.42 -6.29
N THR D 113 -46.79 -11.89 -5.52
CA THR D 113 -45.38 -12.04 -5.87
C THR D 113 -44.96 -13.50 -5.86
N THR D 114 -45.34 -14.23 -4.80
CA THR D 114 -44.98 -15.64 -4.71
C THR D 114 -45.62 -16.45 -5.83
N THR D 115 -46.90 -16.18 -6.12
CA THR D 115 -47.58 -16.91 -7.18
C THR D 115 -46.91 -16.66 -8.52
N ALA D 116 -46.62 -15.40 -8.82
CA ALA D 116 -45.96 -15.07 -10.08
C ALA D 116 -44.59 -15.75 -10.17
N THR D 117 -43.82 -15.74 -9.08
CA THR D 117 -42.49 -16.33 -9.10
C THR D 117 -42.55 -17.84 -9.35
N VAL D 118 -43.44 -18.54 -8.64
CA VAL D 118 -43.49 -19.99 -8.78
C VAL D 118 -44.02 -20.37 -10.16
N LEU D 119 -45.03 -19.64 -10.66
CA LEU D 119 -45.54 -19.90 -12.00
C LEU D 119 -44.46 -19.67 -13.03
N ALA D 120 -43.69 -18.59 -12.87
CA ALA D 120 -42.62 -18.28 -13.82
C ALA D 120 -41.56 -19.37 -13.82
N ARG D 121 -41.15 -19.84 -12.64
CA ARG D 121 -40.17 -20.92 -12.60
C ARG D 121 -40.69 -22.18 -13.25
N ALA D 122 -41.95 -22.53 -13.00
CA ALA D 122 -42.51 -23.75 -13.58
C ALA D 122 -42.55 -23.66 -15.10
N ILE D 123 -43.07 -22.54 -15.63
CA ILE D 123 -43.16 -22.38 -17.08
C ILE D 123 -41.77 -22.38 -17.70
N ALA D 124 -40.82 -21.68 -17.07
CA ALA D 124 -39.46 -21.61 -17.61
C ALA D 124 -38.80 -22.98 -17.61
N LYS D 125 -38.95 -23.74 -16.52
CA LYS D 125 -38.36 -25.08 -16.47
C LYS D 125 -38.92 -25.97 -17.55
N GLU D 126 -40.25 -26.03 -17.68
CA GLU D 126 -40.85 -26.88 -18.71
C GLU D 126 -40.43 -26.44 -20.10
N GLY D 127 -40.45 -25.11 -20.35
CA GLY D 127 -40.09 -24.62 -21.67
C GLY D 127 -38.64 -24.88 -22.02
N PHE D 128 -37.73 -24.70 -21.06
CA PHE D 128 -36.32 -24.97 -21.32
C PHE D 128 -36.07 -26.45 -21.55
N ASP D 129 -36.76 -27.32 -20.79
CA ASP D 129 -36.60 -28.76 -21.00
C ASP D 129 -37.09 -29.15 -22.40
N THR D 130 -38.23 -28.59 -22.84
CA THR D 130 -38.74 -28.94 -24.16
C THR D 130 -37.89 -28.36 -25.27
N ILE D 131 -37.47 -27.10 -25.13
CA ILE D 131 -36.69 -26.44 -26.19
C ILE D 131 -35.34 -27.10 -26.34
N SER D 132 -34.67 -27.40 -25.23
CA SER D 132 -33.36 -28.03 -25.29
C SER D 132 -33.42 -29.42 -25.91
N LYS D 133 -34.60 -30.02 -25.97
CA LYS D 133 -34.78 -31.35 -26.55
C LYS D 133 -35.21 -31.30 -28.01
N GLY D 134 -35.30 -30.12 -28.61
CA GLY D 134 -35.54 -29.99 -30.04
C GLY D 134 -36.84 -29.34 -30.45
N ALA D 135 -37.62 -28.82 -29.51
CA ALA D 135 -38.88 -28.17 -29.84
C ALA D 135 -38.64 -26.73 -30.31
N ASN D 136 -39.57 -26.23 -31.12
CA ASN D 136 -39.45 -24.88 -31.67
C ASN D 136 -39.92 -23.86 -30.65
N PRO D 137 -39.04 -22.94 -30.22
CA PRO D 137 -39.45 -21.98 -29.18
C PRO D 137 -40.60 -21.06 -29.60
N VAL D 138 -40.58 -20.57 -30.84
CA VAL D 138 -41.62 -19.63 -31.28
C VAL D 138 -42.98 -20.32 -31.33
N GLU D 139 -43.02 -21.55 -31.86
CA GLU D 139 -44.27 -22.31 -31.90
C GLU D 139 -44.69 -22.80 -30.53
N ILE D 140 -43.82 -22.71 -29.53
CA ILE D 140 -44.23 -23.01 -28.16
C ILE D 140 -44.85 -21.77 -27.51
N ARG D 141 -44.18 -20.63 -27.63
CA ARG D 141 -44.72 -19.39 -27.09
C ARG D 141 -46.06 -19.05 -27.72
N ARG D 142 -46.17 -19.22 -29.03
CA ARG D 142 -47.46 -19.18 -29.70
C ARG D 142 -48.19 -20.47 -29.36
N GLY D 143 -49.15 -20.38 -28.45
CA GLY D 143 -49.82 -21.54 -27.90
C GLY D 143 -49.75 -21.55 -26.40
N VAL D 144 -48.57 -21.22 -25.84
CA VAL D 144 -48.53 -20.87 -24.42
C VAL D 144 -49.35 -19.62 -24.18
N MET D 145 -49.18 -18.61 -25.05
CA MET D 145 -49.98 -17.40 -24.94
C MET D 145 -51.45 -17.68 -25.23
N MET D 146 -51.74 -18.56 -26.19
CA MET D 146 -53.13 -18.90 -26.47
C MET D 146 -53.80 -19.53 -25.27
N ALA D 147 -53.12 -20.48 -24.63
CA ALA D 147 -53.70 -21.13 -23.45
C ALA D 147 -53.79 -20.17 -22.26
N VAL D 148 -52.82 -19.25 -22.13
CA VAL D 148 -52.91 -18.24 -21.08
C VAL D 148 -54.12 -17.34 -21.32
N GLU D 149 -54.36 -16.97 -22.58
CA GLU D 149 -55.54 -16.16 -22.90
C GLU D 149 -56.83 -16.91 -22.58
N THR D 150 -56.87 -18.21 -22.90
CA THR D 150 -58.05 -19.01 -22.56
C THR D 150 -58.26 -19.06 -21.06
N VAL D 151 -57.18 -19.25 -20.30
CA VAL D 151 -57.28 -19.30 -18.84
C VAL D 151 -57.77 -17.97 -18.30
N ILE D 152 -57.25 -16.86 -18.85
CA ILE D 152 -57.67 -15.54 -18.38
C ILE D 152 -59.14 -15.30 -18.69
N LYS D 153 -59.60 -15.70 -19.88
CA LYS D 153 -61.00 -15.52 -20.24
C LYS D 153 -61.91 -16.31 -19.31
N GLU D 154 -61.57 -17.57 -19.03
CA GLU D 154 -62.41 -18.36 -18.14
C GLU D 154 -62.28 -17.93 -16.69
N LEU D 155 -61.16 -17.31 -16.32
CA LEU D 155 -61.02 -16.70 -15.00
C LEU D 155 -61.95 -15.50 -14.87
N LYS D 156 -62.02 -14.67 -15.91
CA LYS D 156 -62.96 -13.56 -15.92
C LYS D 156 -64.39 -14.06 -15.84
N ASN D 157 -64.69 -15.15 -16.55
CA ASN D 157 -66.01 -15.76 -16.44
C ASN D 157 -66.28 -16.26 -15.03
N LEU D 158 -65.25 -16.79 -14.37
CA LEU D 158 -65.42 -17.39 -13.04
C LEU D 158 -65.56 -16.37 -11.92
N SER D 159 -65.07 -15.15 -12.11
CA SER D 159 -65.04 -14.18 -11.02
C SER D 159 -66.44 -13.64 -10.72
N LYS D 160 -66.72 -13.44 -9.43
CA LYS D 160 -67.96 -12.82 -8.99
C LYS D 160 -67.67 -11.37 -8.64
N PRO D 161 -68.20 -10.40 -9.39
CA PRO D 161 -67.85 -9.00 -9.12
C PRO D 161 -68.34 -8.53 -7.76
N VAL D 162 -67.63 -7.56 -7.20
CA VAL D 162 -67.95 -6.97 -5.91
C VAL D 162 -68.32 -5.51 -6.15
N THR D 163 -69.60 -5.18 -5.99
CA THR D 163 -70.06 -3.82 -6.25
C THR D 163 -70.85 -3.23 -5.08
N THR D 164 -71.69 -4.01 -4.42
CA THR D 164 -72.52 -3.48 -3.35
C THR D 164 -71.65 -3.13 -2.13
N PRO D 165 -72.04 -2.11 -1.36
CA PRO D 165 -71.27 -1.77 -0.16
C PRO D 165 -71.20 -2.91 0.85
N GLU D 166 -72.25 -3.72 0.96
CA GLU D 166 -72.20 -4.88 1.85
C GLU D 166 -71.16 -5.90 1.36
N GLU D 167 -71.08 -6.12 0.04
CA GLU D 167 -70.04 -6.98 -0.49
C GLU D 167 -68.66 -6.40 -0.24
N ILE D 168 -68.53 -5.07 -0.34
CA ILE D 168 -67.24 -4.42 -0.08
C ILE D 168 -66.83 -4.63 1.37
N ALA D 169 -67.77 -4.44 2.30
CA ALA D 169 -67.47 -4.67 3.71
C ALA D 169 -67.11 -6.13 3.98
N GLN D 170 -67.84 -7.06 3.34
CA GLN D 170 -67.53 -8.48 3.50
C GLN D 170 -66.12 -8.79 3.02
N VAL D 171 -65.75 -8.26 1.85
CA VAL D 171 -64.42 -8.51 1.29
C VAL D 171 -63.35 -7.90 2.19
N ALA D 172 -63.57 -6.68 2.66
CA ALA D 172 -62.59 -6.03 3.52
C ALA D 172 -62.41 -6.79 4.84
N THR D 173 -63.51 -7.27 5.43
CA THR D 173 -63.41 -8.02 6.66
C THR D 173 -62.72 -9.36 6.45
N ILE D 174 -62.98 -10.01 5.30
CA ILE D 174 -62.29 -11.26 4.99
C ILE D 174 -60.80 -11.03 4.82
N SER D 175 -60.42 -9.98 4.10
CA SER D 175 -59.01 -9.66 3.90
C SER D 175 -58.34 -9.19 5.18
N ALA D 176 -59.11 -8.80 6.18
CA ALA D 176 -58.59 -8.32 7.45
C ALA D 176 -58.42 -9.42 8.48
N ASN D 177 -58.62 -10.68 8.08
CA ASN D 177 -58.51 -11.84 8.98
C ASN D 177 -59.50 -11.72 10.13
N GLY D 178 -60.77 -11.58 9.76
CA GLY D 178 -61.84 -11.51 10.75
C GLY D 178 -61.82 -10.28 11.62
N ASP D 179 -61.49 -9.12 11.05
CA ASP D 179 -61.51 -7.85 11.78
C ASP D 179 -62.69 -7.04 11.25
N VAL D 180 -63.76 -6.99 12.05
CA VAL D 180 -64.98 -6.30 11.62
C VAL D 180 -64.77 -4.80 11.57
N GLU D 181 -64.06 -4.24 12.55
CA GLU D 181 -63.95 -2.80 12.67
C GLU D 181 -63.23 -2.18 11.48
N ILE D 182 -62.04 -2.68 11.16
CA ILE D 182 -61.28 -2.07 10.07
C ILE D 182 -61.91 -2.36 8.72
N GLY D 183 -62.54 -3.53 8.56
CA GLY D 183 -63.29 -3.78 7.34
C GLY D 183 -64.44 -2.81 7.15
N ASN D 184 -65.19 -2.54 8.23
CA ASN D 184 -66.27 -1.57 8.16
C ASN D 184 -65.75 -0.18 7.87
N ILE D 185 -64.62 0.21 8.47
CA ILE D 185 -64.09 1.55 8.23
C ILE D 185 -63.59 1.68 6.79
N ILE D 186 -63.00 0.61 6.25
CA ILE D 186 -62.59 0.62 4.84
C ILE D 186 -63.79 0.76 3.93
N SER D 187 -64.85 -0.01 4.21
CA SER D 187 -66.06 0.08 3.39
C SER D 187 -66.69 1.46 3.47
N ASN D 188 -66.71 2.04 4.67
CA ASN D 188 -67.27 3.38 4.85
C ASN D 188 -66.45 4.42 4.09
N ALA D 189 -65.13 4.34 4.17
CA ALA D 189 -64.29 5.27 3.43
C ALA D 189 -64.50 5.13 1.94
N MET D 190 -64.60 3.90 1.44
CA MET D 190 -64.83 3.68 0.03
C MET D 190 -66.18 4.25 -0.40
N LYS D 191 -67.21 4.08 0.44
CA LYS D 191 -68.51 4.66 0.14
C LYS D 191 -68.43 6.19 0.12
N LYS D 192 -67.64 6.77 1.02
CA LYS D 192 -67.56 8.22 1.10
C LYS D 192 -66.85 8.81 -0.10
N VAL D 193 -65.74 8.23 -0.54
CA VAL D 193 -64.95 8.80 -1.63
C VAL D 193 -65.02 7.96 -2.89
N GLY D 194 -66.04 7.12 -3.03
CA GLY D 194 -66.23 6.34 -4.24
C GLY D 194 -65.33 5.13 -4.29
N ARG D 195 -65.70 4.19 -5.18
CA ARG D 195 -64.93 2.97 -5.33
C ARG D 195 -63.53 3.26 -5.86
N LYS D 196 -63.43 4.07 -6.91
CA LYS D 196 -62.15 4.46 -7.48
C LYS D 196 -61.72 5.82 -6.91
N GLY D 197 -61.63 5.88 -5.58
CA GLY D 197 -61.27 7.09 -4.88
C GLY D 197 -59.86 7.05 -4.32
N VAL D 198 -59.55 8.07 -3.52
CA VAL D 198 -58.23 8.23 -2.92
C VAL D 198 -58.37 7.97 -1.42
N ILE D 199 -57.70 6.92 -0.94
CA ILE D 199 -57.68 6.58 0.48
C ILE D 199 -56.24 6.31 0.89
N THR D 200 -55.80 6.91 1.99
CA THR D 200 -54.48 6.66 2.54
C THR D 200 -54.58 6.42 4.03
N VAL D 201 -53.65 5.62 4.56
CA VAL D 201 -53.63 5.22 5.95
C VAL D 201 -52.36 5.75 6.58
N LYS D 202 -52.50 6.43 7.72
CA LYS D 202 -51.37 6.97 8.46
C LYS D 202 -51.54 6.65 9.95
N ASP D 203 -50.52 7.01 10.72
CA ASP D 203 -50.52 6.71 12.15
C ASP D 203 -51.64 7.47 12.86
N GLY D 204 -52.16 6.85 13.91
CA GLY D 204 -53.19 7.46 14.73
C GLY D 204 -52.73 7.56 16.18
N LYS D 205 -52.97 8.72 16.79
CA LYS D 205 -52.51 8.97 18.14
C LYS D 205 -53.54 8.65 19.22
N THR D 206 -54.76 8.30 18.84
CA THR D 206 -55.82 8.04 19.80
C THR D 206 -56.03 6.54 19.96
N LEU D 207 -57.06 6.16 20.72
CA LEU D 207 -57.41 4.77 20.95
C LEU D 207 -58.46 4.27 19.97
N HIS D 208 -59.01 5.13 19.13
CA HIS D 208 -60.11 4.78 18.24
C HIS D 208 -59.69 4.91 16.78
N ASP D 209 -60.11 3.94 15.98
CA ASP D 209 -59.87 3.97 14.54
C ASP D 209 -60.92 4.85 13.88
N GLU D 210 -60.48 5.96 13.29
CA GLU D 210 -61.39 6.96 12.73
C GLU D 210 -60.95 7.33 11.32
N LEU D 211 -61.94 7.68 10.49
CA LEU D 211 -61.69 8.19 9.16
C LEU D 211 -62.24 9.60 9.05
N GLU D 212 -61.59 10.43 8.24
CA GLU D 212 -62.04 11.78 7.99
C GLU D 212 -61.69 12.16 6.56
N ILE D 213 -62.62 12.79 5.87
CA ILE D 213 -62.39 13.27 4.51
C ILE D 213 -61.84 14.69 4.59
N ILE D 214 -60.65 14.88 4.00
CA ILE D 214 -59.99 16.17 4.03
C ILE D 214 -59.59 16.54 2.60
N GLU D 215 -59.43 17.84 2.38
CA GLU D 215 -59.09 18.34 1.05
C GLU D 215 -57.70 17.89 0.66
N GLY D 216 -57.58 17.16 -0.46
CA GLY D 216 -56.32 16.59 -0.86
C GLY D 216 -56.21 16.50 -2.37
N MET D 217 -55.06 15.99 -2.82
CA MET D 217 -54.76 15.93 -4.25
C MET D 217 -53.67 14.88 -4.47
N LYS D 218 -53.98 13.83 -5.22
CA LYS D 218 -53.03 12.79 -5.58
C LYS D 218 -52.90 12.72 -7.09
N PHE D 219 -51.65 12.68 -7.57
CA PHE D 219 -51.37 12.50 -8.99
C PHE D 219 -50.24 11.50 -9.16
N ASP D 220 -50.23 10.82 -10.31
CA ASP D 220 -49.30 9.72 -10.56
C ASP D 220 -47.97 10.26 -11.08
N ARG D 221 -47.26 10.94 -10.19
CA ARG D 221 -45.94 11.47 -10.48
C ARG D 221 -45.10 11.38 -9.21
N GLY D 222 -43.89 10.83 -9.32
CA GLY D 222 -43.03 10.62 -8.18
C GLY D 222 -41.77 11.45 -8.22
N TYR D 223 -40.87 11.17 -7.27
CA TYR D 223 -39.63 11.93 -7.20
C TYR D 223 -38.78 11.69 -8.43
N ILE D 224 -38.26 12.77 -9.01
CA ILE D 224 -37.48 12.67 -10.25
C ILE D 224 -36.22 11.85 -10.02
N SER D 225 -35.47 12.20 -8.99
CA SER D 225 -34.30 11.46 -8.53
C SER D 225 -34.61 10.77 -7.22
N PRO D 226 -33.79 9.82 -6.80
CA PRO D 226 -33.92 9.31 -5.44
C PRO D 226 -33.54 10.41 -4.47
N TYR D 227 -34.54 11.06 -3.89
CA TYR D 227 -34.32 12.26 -3.09
C TYR D 227 -34.05 11.85 -1.65
N PHE D 228 -34.04 12.84 -0.75
CA PHE D 228 -33.91 12.51 0.66
C PHE D 228 -35.23 11.89 1.10
N ILE D 229 -35.30 10.56 1.08
CA ILE D 229 -36.50 9.87 1.48
C ILE D 229 -36.56 9.87 3.00
N ASN D 230 -37.24 10.87 3.55
CA ASN D 230 -37.25 11.08 5.01
C ASN D 230 -37.70 9.81 5.72
N THR D 231 -38.80 9.22 5.28
CA THR D 231 -39.23 7.90 5.75
C THR D 231 -38.64 6.88 4.79
N ALA D 232 -37.44 6.40 5.12
CA ALA D 232 -36.75 5.44 4.26
C ALA D 232 -37.42 4.07 4.24
N LYS D 233 -38.36 3.82 5.16
CA LYS D 233 -39.00 2.51 5.22
C LYS D 233 -39.78 2.20 3.94
N GLY D 234 -40.73 3.07 3.60
CA GLY D 234 -41.48 2.93 2.37
C GLY D 234 -40.84 3.59 1.17
N GLN D 235 -39.57 3.98 1.26
CA GLN D 235 -38.88 4.71 0.20
C GLN D 235 -39.69 5.94 -0.22
N LYS D 236 -40.10 6.71 0.79
CA LYS D 236 -41.00 7.83 0.58
C LYS D 236 -40.40 9.10 1.16
N CYS D 237 -40.38 10.16 0.36
CA CYS D 237 -40.14 11.50 0.87
C CYS D 237 -41.41 12.02 1.52
N GLU D 238 -41.28 12.57 2.72
CA GLU D 238 -42.47 13.03 3.45
C GLU D 238 -42.06 14.10 4.46
N PHE D 239 -42.65 15.29 4.33
CA PHE D 239 -42.53 16.32 5.34
C PHE D 239 -43.84 17.10 5.43
N GLN D 240 -43.98 17.89 6.49
CA GLN D 240 -45.21 18.57 6.82
C GLN D 240 -45.01 20.08 6.79
N ASP D 241 -46.12 20.80 6.60
CA ASP D 241 -46.14 22.26 6.59
C ASP D 241 -45.14 22.80 5.58
N ALA D 242 -45.38 22.49 4.32
CA ALA D 242 -44.42 22.69 3.24
C ALA D 242 -44.81 23.85 2.34
N TYR D 243 -43.82 24.33 1.58
CA TYR D 243 -44.00 25.28 0.51
C TYR D 243 -44.13 24.55 -0.82
N LEU D 244 -44.87 25.13 -1.75
CA LEU D 244 -45.07 24.54 -3.06
C LEU D 244 -44.71 25.55 -4.14
N LEU D 245 -43.82 25.15 -5.04
CA LEU D 245 -43.40 25.99 -6.16
C LEU D 245 -43.87 25.36 -7.46
N LEU D 246 -44.66 26.10 -8.23
CA LEU D 246 -45.22 25.62 -9.48
C LEU D 246 -44.62 26.40 -10.64
N SER D 247 -44.33 25.69 -11.74
CA SER D 247 -43.69 26.32 -12.88
C SER D 247 -44.02 25.53 -14.15
N GLU D 248 -44.42 26.25 -15.20
CA GLU D 248 -44.58 25.65 -16.51
C GLU D 248 -43.26 25.59 -17.29
N LYS D 249 -42.28 26.38 -16.89
CA LYS D 249 -40.96 26.36 -17.51
C LYS D 249 -40.04 25.43 -16.75
N LYS D 250 -39.30 24.61 -17.49
CA LYS D 250 -38.39 23.64 -16.87
C LYS D 250 -37.31 24.37 -16.08
N ILE D 251 -36.93 23.79 -14.94
CA ILE D 251 -35.97 24.39 -14.03
C ILE D 251 -34.65 23.66 -14.21
N SER D 252 -33.71 24.30 -14.92
CA SER D 252 -32.38 23.74 -15.11
C SER D 252 -31.27 24.70 -14.70
N SER D 253 -31.60 25.92 -14.30
CA SER D 253 -30.60 26.92 -13.92
C SER D 253 -30.63 27.11 -12.41
N VAL D 254 -29.45 27.03 -11.79
CA VAL D 254 -29.34 27.30 -10.36
C VAL D 254 -29.67 28.76 -10.07
N GLN D 255 -29.39 29.65 -11.02
CA GLN D 255 -29.74 31.06 -10.88
C GLN D 255 -31.24 31.26 -10.71
N SER D 256 -32.04 30.36 -11.26
CA SER D 256 -33.50 30.47 -11.20
C SER D 256 -34.12 29.68 -10.05
N ILE D 257 -33.31 29.02 -9.23
CA ILE D 257 -33.84 28.28 -8.08
C ILE D 257 -33.20 28.68 -6.76
N VAL D 258 -32.07 29.41 -6.76
CA VAL D 258 -31.49 29.85 -5.48
C VAL D 258 -32.44 30.72 -4.66
N PRO D 259 -33.14 31.72 -5.23
CA PRO D 259 -34.05 32.52 -4.39
C PRO D 259 -35.13 31.72 -3.71
N ALA D 260 -35.73 30.75 -4.41
CA ALA D 260 -36.75 29.91 -3.78
C ALA D 260 -36.16 29.10 -2.64
N LEU D 261 -34.97 28.53 -2.84
CA LEU D 261 -34.33 27.74 -1.81
C LEU D 261 -34.04 28.57 -0.57
N GLU D 262 -33.50 29.77 -0.76
CA GLU D 262 -33.16 30.60 0.41
C GLU D 262 -34.40 31.12 1.11
N ILE D 263 -35.47 31.44 0.35
CA ILE D 263 -36.72 31.87 0.97
C ILE D 263 -37.30 30.74 1.82
N ALA D 264 -37.30 29.52 1.27
CA ALA D 264 -37.82 28.38 2.03
C ALA D 264 -36.97 28.08 3.25
N ASN D 265 -35.65 28.17 3.12
CA ASN D 265 -34.76 27.81 4.23
C ASN D 265 -34.78 28.87 5.33
N GLN D 266 -35.00 30.13 4.98
CA GLN D 266 -35.04 31.18 6.00
C GLN D 266 -36.19 30.95 6.97
N HIS D 267 -37.35 30.52 6.47
CA HIS D 267 -38.52 30.27 7.31
C HIS D 267 -38.50 28.88 7.95
N ARG D 268 -37.46 28.09 7.72
CA ARG D 268 -37.36 26.73 8.24
C ARG D 268 -38.55 25.87 7.77
N LYS D 269 -38.93 26.04 6.52
CA LYS D 269 -40.03 25.29 5.92
C LYS D 269 -39.54 24.52 4.71
N PRO D 270 -39.99 23.28 4.53
CA PRO D 270 -39.56 22.50 3.36
C PRO D 270 -40.20 23.01 2.08
N LEU D 271 -39.55 22.69 0.96
CA LEU D 271 -39.96 23.16 -0.36
C LEU D 271 -40.23 21.99 -1.28
N VAL D 272 -41.37 22.03 -1.96
CA VAL D 272 -41.73 21.04 -2.97
C VAL D 272 -41.68 21.72 -4.33
N ILE D 273 -40.94 21.12 -5.27
CA ILE D 273 -40.78 21.66 -6.61
C ILE D 273 -41.65 20.84 -7.56
N VAL D 274 -42.59 21.50 -8.23
CA VAL D 274 -43.46 20.86 -9.20
C VAL D 274 -43.28 21.56 -10.53
N ALA D 275 -42.62 20.90 -11.48
CA ALA D 275 -42.39 21.44 -12.80
C ALA D 275 -42.36 20.29 -13.79
N GLU D 276 -42.48 20.61 -15.08
CA GLU D 276 -42.54 19.58 -16.10
C GLU D 276 -41.25 18.76 -16.13
N ASP D 277 -40.12 19.36 -15.75
CA ASP D 277 -38.85 18.65 -15.68
C ASP D 277 -37.82 19.48 -14.93
N VAL D 278 -37.12 18.87 -13.98
CA VAL D 278 -36.01 19.52 -13.28
C VAL D 278 -34.76 18.68 -13.52
N ASP D 279 -33.71 19.32 -14.02
CA ASP D 279 -32.49 18.62 -14.40
C ASP D 279 -31.32 19.60 -14.38
N GLY D 280 -30.14 19.08 -14.66
CA GLY D 280 -28.95 19.91 -14.78
C GLY D 280 -28.39 20.43 -13.49
N GLU D 281 -27.91 21.68 -13.51
CA GLU D 281 -27.29 22.27 -12.33
C GLU D 281 -28.29 22.39 -11.18
N ALA D 282 -29.55 22.71 -11.49
CA ALA D 282 -30.56 22.83 -10.44
C ALA D 282 -30.78 21.50 -9.74
N LEU D 283 -30.93 20.41 -10.51
CA LEU D 283 -31.10 19.09 -9.91
C LEU D 283 -29.87 18.66 -9.12
N SER D 284 -28.68 18.94 -9.66
CA SER D 284 -27.45 18.58 -8.96
C SER D 284 -27.33 19.31 -7.63
N THR D 285 -27.65 20.61 -7.62
CA THR D 285 -27.60 21.38 -6.38
C THR D 285 -28.66 20.90 -5.39
N LEU D 286 -29.85 20.56 -5.88
CA LEU D 286 -30.90 20.04 -4.99
C LEU D 286 -30.47 18.73 -4.36
N VAL D 287 -29.88 17.83 -5.14
CA VAL D 287 -29.42 16.56 -4.59
C VAL D 287 -28.29 16.78 -3.60
N LEU D 288 -27.32 17.64 -3.94
CA LEU D 288 -26.20 17.90 -3.05
C LEU D 288 -26.66 18.57 -1.75
N ASN D 289 -27.57 19.54 -1.85
CA ASN D 289 -28.03 20.25 -0.66
C ASN D 289 -28.84 19.34 0.25
N ARG D 290 -29.65 18.44 -0.33
CA ARG D 290 -30.47 17.55 0.48
C ARG D 290 -29.60 16.60 1.31
N LEU D 291 -28.47 16.18 0.76
CA LEU D 291 -27.61 15.20 1.42
C LEU D 291 -26.52 15.86 2.28
N LYS D 292 -25.78 16.81 1.70
CA LYS D 292 -24.63 17.38 2.40
C LYS D 292 -25.08 18.23 3.59
N VAL D 293 -26.05 19.11 3.38
CA VAL D 293 -26.48 20.05 4.41
C VAL D 293 -27.93 19.84 4.83
N GLY D 294 -28.53 18.71 4.44
CA GLY D 294 -29.86 18.36 4.92
C GLY D 294 -30.96 19.33 4.52
N LEU D 295 -30.94 19.79 3.28
CA LEU D 295 -32.01 20.66 2.79
C LEU D 295 -33.26 19.85 2.50
N GLN D 296 -34.41 20.36 2.94
CA GLN D 296 -35.69 19.69 2.72
C GLN D 296 -36.33 20.24 1.45
N VAL D 297 -35.72 19.88 0.32
CA VAL D 297 -36.18 20.30 -1.01
C VAL D 297 -36.31 19.04 -1.87
N VAL D 298 -37.48 18.87 -2.48
CA VAL D 298 -37.75 17.70 -3.32
C VAL D 298 -38.56 18.15 -4.54
N ALA D 299 -38.19 17.63 -5.70
CA ALA D 299 -38.81 17.98 -6.97
C ALA D 299 -39.58 16.79 -7.54
N VAL D 300 -40.72 17.08 -8.15
CA VAL D 300 -41.56 16.06 -8.77
C VAL D 300 -42.01 16.59 -10.14
N LYS D 301 -42.03 15.70 -11.14
CA LYS D 301 -42.47 16.08 -12.46
C LYS D 301 -43.94 16.49 -12.45
N ALA D 302 -44.27 17.54 -13.19
CA ALA D 302 -45.64 18.03 -13.22
C ALA D 302 -46.55 17.00 -13.85
N PRO D 303 -47.72 16.72 -13.27
CA PRO D 303 -48.61 15.70 -13.82
C PRO D 303 -49.17 16.11 -15.17
N GLY D 304 -49.46 15.10 -15.99
CA GLY D 304 -50.09 15.32 -17.28
C GLY D 304 -49.10 15.65 -18.38
N PHE D 305 -49.62 15.65 -19.60
CA PHE D 305 -48.83 15.97 -20.79
C PHE D 305 -49.67 16.85 -21.71
N GLY D 306 -48.99 17.73 -22.43
CA GLY D 306 -49.68 18.61 -23.36
C GLY D 306 -50.46 19.70 -22.64
N ASP D 307 -51.56 20.11 -23.26
CA ASP D 307 -52.34 21.23 -22.76
C ASP D 307 -52.98 20.94 -21.40
N ASN D 308 -53.20 19.67 -21.06
CA ASN D 308 -53.78 19.35 -19.76
C ASN D 308 -52.78 19.54 -18.63
N ARG D 309 -51.49 19.58 -18.94
CA ARG D 309 -50.48 19.77 -17.90
C ARG D 309 -50.57 21.16 -17.28
N LYS D 310 -50.66 22.20 -18.13
CA LYS D 310 -50.72 23.57 -17.61
C LYS D 310 -52.02 23.83 -16.84
N ASN D 311 -53.13 23.26 -17.31
CA ASN D 311 -54.39 23.41 -16.57
C ASN D 311 -54.31 22.69 -15.23
N GLN D 312 -53.67 21.52 -15.19
CA GLN D 312 -53.47 20.83 -13.92
C GLN D 312 -52.62 21.65 -12.97
N LEU D 313 -51.56 22.29 -13.49
CA LEU D 313 -50.72 23.14 -12.65
C LEU D 313 -51.52 24.33 -12.11
N ARG D 314 -52.35 24.95 -12.96
CA ARG D 314 -53.16 26.07 -12.50
C ARG D 314 -54.14 25.65 -11.42
N ASP D 315 -54.79 24.49 -11.61
CA ASP D 315 -55.71 23.99 -10.59
C ASP D 315 -54.98 23.70 -9.28
N MET D 316 -53.78 23.11 -9.37
CA MET D 316 -53.00 22.85 -8.16
C MET D 316 -52.62 24.15 -7.46
N ALA D 317 -52.25 25.17 -8.23
CA ALA D 317 -51.87 26.45 -7.63
C ALA D 317 -53.06 27.10 -6.93
N VAL D 318 -54.24 27.07 -7.56
CA VAL D 318 -55.40 27.67 -6.91
C VAL D 318 -55.90 26.83 -5.75
N ALA D 319 -55.57 25.54 -5.73
CA ALA D 319 -55.91 24.70 -4.57
C ALA D 319 -54.97 24.96 -3.40
N THR D 320 -53.69 25.19 -3.68
CA THR D 320 -52.70 25.46 -2.64
C THR D 320 -52.49 26.95 -2.38
N GLY D 321 -53.15 27.83 -3.13
CA GLY D 321 -53.02 29.25 -2.91
C GLY D 321 -51.77 29.89 -3.47
N GLY D 322 -51.02 29.19 -4.31
CA GLY D 322 -49.82 29.73 -4.92
C GLY D 322 -50.05 30.21 -6.34
N THR D 323 -48.95 30.58 -6.99
CA THR D 323 -48.96 31.02 -8.37
C THR D 323 -47.97 30.19 -9.18
N VAL D 324 -48.30 30.01 -10.47
CA VAL D 324 -47.47 29.20 -11.36
C VAL D 324 -46.44 30.10 -12.02
N PHE D 325 -45.27 29.52 -12.31
CA PHE D 325 -44.21 30.26 -12.99
C PHE D 325 -43.81 29.56 -14.29
N LEU D 332 -42.78 37.81 -13.59
CA LEU D 332 -43.30 36.58 -13.00
C LEU D 332 -42.52 35.36 -13.47
N ALA D 333 -41.24 35.31 -13.12
CA ALA D 333 -40.35 34.20 -13.48
C ALA D 333 -39.96 33.43 -12.22
N LEU D 334 -39.09 32.45 -12.41
CA LEU D 334 -38.58 31.67 -11.28
C LEU D 334 -37.53 32.41 -10.48
N GLU D 335 -37.11 33.58 -10.94
CA GLU D 335 -36.31 34.50 -10.14
C GLU D 335 -37.21 35.58 -9.55
N ASP D 336 -36.71 36.26 -8.53
CA ASP D 336 -37.47 37.28 -7.80
C ASP D 336 -38.78 36.70 -7.25
N ILE D 337 -38.72 35.47 -6.74
CA ILE D 337 -39.89 34.89 -6.10
C ILE D 337 -40.14 35.57 -4.77
N GLN D 338 -41.39 35.57 -4.34
CA GLN D 338 -41.77 36.05 -3.02
C GLN D 338 -42.57 34.96 -2.32
N ALA D 339 -42.63 35.05 -0.99
CA ALA D 339 -43.36 34.05 -0.22
C ALA D 339 -44.84 34.05 -0.54
N HIS D 340 -45.38 35.14 -1.10
CA HIS D 340 -46.80 35.17 -1.44
C HIS D 340 -47.11 34.31 -2.66
N ASP D 341 -46.10 33.98 -3.47
CA ASP D 341 -46.31 33.13 -4.63
C ASP D 341 -46.19 31.64 -4.33
N PHE D 342 -45.73 31.27 -3.14
CA PHE D 342 -45.61 29.87 -2.77
C PHE D 342 -46.96 29.30 -2.37
N GLY D 343 -47.22 28.06 -2.80
CA GLY D 343 -48.36 27.34 -2.29
C GLY D 343 -48.06 26.72 -0.94
N LYS D 344 -49.11 26.49 -0.16
CA LYS D 344 -49.00 25.92 1.18
C LYS D 344 -49.61 24.54 1.20
N ILE D 345 -48.82 23.55 1.64
CA ILE D 345 -49.25 22.16 1.71
C ILE D 345 -49.06 21.68 3.15
N GLY D 346 -50.16 21.24 3.77
CA GLY D 346 -50.06 20.75 5.13
C GLY D 346 -49.24 19.47 5.25
N GLU D 347 -49.48 18.52 4.34
CA GLU D 347 -48.76 17.26 4.36
C GLU D 347 -48.60 16.78 2.92
N VAL D 348 -47.40 16.33 2.58
CA VAL D 348 -47.11 15.83 1.25
C VAL D 348 -46.35 14.51 1.37
N GLN D 349 -46.81 13.50 0.63
CA GLN D 349 -46.15 12.21 0.56
C GLN D 349 -45.78 11.93 -0.89
N ILE D 350 -44.49 11.83 -1.16
CA ILE D 350 -43.97 11.55 -2.49
C ILE D 350 -43.30 10.18 -2.48
N THR D 351 -43.72 9.33 -3.41
CA THR D 351 -43.14 7.99 -3.56
C THR D 351 -42.68 7.81 -5.00
N LYS D 352 -42.38 6.56 -5.38
CA LYS D 352 -41.75 6.28 -6.67
C LYS D 352 -42.49 6.94 -7.83
N ASP D 353 -43.82 6.76 -7.90
CA ASP D 353 -44.54 7.28 -9.05
C ASP D 353 -45.90 7.88 -8.69
N ASP D 354 -46.05 8.45 -7.50
CA ASP D 354 -47.26 9.19 -7.18
C ASP D 354 -47.01 10.10 -5.98
N THR D 355 -47.43 11.36 -6.11
CA THR D 355 -47.33 12.35 -5.04
C THR D 355 -48.72 12.63 -4.49
N LEU D 356 -48.83 12.66 -3.17
CA LEU D 356 -50.11 12.86 -2.49
C LEU D 356 -50.01 14.10 -1.61
N LEU D 357 -50.82 15.11 -1.91
CA LEU D 357 -50.89 16.35 -1.14
C LEU D 357 -52.13 16.28 -0.24
N LEU D 358 -51.94 16.60 1.05
CA LEU D 358 -52.96 16.29 2.04
C LEU D 358 -53.76 17.48 2.53
N LYS D 359 -53.27 18.71 2.36
CA LYS D 359 -53.99 19.87 2.90
C LYS D 359 -53.68 21.08 2.01
N GLY D 360 -54.62 21.40 1.13
CA GLY D 360 -54.46 22.57 0.28
C GLY D 360 -54.50 23.85 1.11
N GLY D 361 -53.54 24.73 0.88
CA GLY D 361 -53.49 26.00 1.55
C GLY D 361 -54.29 27.11 0.92
N GLY D 362 -54.98 26.82 -0.19
CA GLY D 362 -55.75 27.83 -0.87
C GLY D 362 -57.12 28.07 -0.26
N SER D 363 -57.72 29.18 -0.66
CA SER D 363 -59.04 29.54 -0.16
C SER D 363 -60.11 28.63 -0.78
N PRO D 364 -61.11 28.21 -0.01
CA PRO D 364 -62.21 27.44 -0.58
C PRO D 364 -62.99 28.19 -1.66
N ALA D 365 -63.08 29.52 -1.54
CA ALA D 365 -63.76 30.30 -2.56
C ALA D 365 -63.03 30.20 -3.90
N GLU D 366 -61.70 30.19 -3.87
CA GLU D 366 -60.93 30.07 -5.11
C GLU D 366 -61.18 28.73 -5.79
N VAL D 367 -61.20 27.65 -5.01
CA VAL D 367 -61.45 26.33 -5.60
C VAL D 367 -62.91 26.17 -6.02
N GLU D 368 -63.82 26.94 -5.41
CA GLU D 368 -65.20 26.93 -5.88
C GLU D 368 -65.34 27.71 -7.19
N LYS D 369 -64.65 28.84 -7.30
CA LYS D 369 -64.72 29.63 -8.53
C LYS D 369 -64.13 28.87 -9.71
N ARG D 370 -63.00 28.19 -9.49
CA ARG D 370 -62.42 27.38 -10.56
C ARG D 370 -63.29 26.18 -10.89
N ALA D 371 -63.96 25.60 -9.89
CA ALA D 371 -64.90 24.52 -10.17
C ALA D 371 -66.07 25.01 -11.02
N ALA D 372 -66.45 26.29 -10.88
CA ALA D 372 -67.49 26.85 -11.73
C ALA D 372 -67.05 26.90 -13.18
N GLU D 373 -65.77 27.20 -13.42
CA GLU D 373 -65.26 27.25 -14.79
C GLU D 373 -65.30 25.88 -15.44
N ILE D 374 -64.99 24.82 -14.69
CA ILE D 374 -64.88 23.49 -15.27
C ILE D 374 -66.25 22.97 -15.69
N VAL D 375 -67.27 23.16 -14.86
CA VAL D 375 -68.60 22.70 -15.24
C VAL D 375 -69.13 23.51 -16.42
N GLU D 376 -68.74 24.78 -16.53
CA GLU D 376 -69.06 25.55 -17.73
C GLU D 376 -68.29 25.03 -18.94
N GLN D 377 -67.05 24.59 -18.73
CA GLN D 377 -66.30 23.94 -19.79
C GLN D 377 -66.99 22.63 -20.21
N LEU D 378 -67.47 21.86 -19.23
CA LEU D 378 -68.14 20.61 -19.53
C LEU D 378 -69.48 20.81 -20.22
N GLU D 379 -70.05 22.01 -20.13
CA GLU D 379 -71.30 22.30 -20.83
C GLU D 379 -71.15 22.11 -22.33
N ASN D 380 -70.08 22.68 -22.91
CA ASN D 380 -69.77 22.49 -24.33
C ASN D 380 -68.58 21.53 -24.41
N THR D 381 -68.89 20.24 -24.35
CA THR D 381 -67.87 19.20 -24.41
C THR D 381 -67.32 19.05 -25.82
N TYR D 385 -65.29 11.04 -23.26
CA TYR D 385 -64.23 11.34 -24.23
C TYR D 385 -63.07 12.07 -23.54
N GLU D 386 -62.60 13.15 -24.16
CA GLU D 386 -61.59 13.99 -23.54
C GLU D 386 -62.19 14.98 -22.55
N LYS D 387 -63.51 15.11 -22.50
CA LYS D 387 -64.16 15.86 -21.43
C LYS D 387 -64.04 15.11 -20.10
N GLU D 388 -63.77 13.81 -20.14
CA GLU D 388 -63.49 13.08 -18.92
C GLU D 388 -62.23 13.59 -18.24
N LYS D 389 -61.31 14.20 -19.01
CA LYS D 389 -60.17 14.88 -18.40
C LYS D 389 -60.65 16.06 -17.54
N LEU D 390 -61.60 16.84 -18.04
CA LEU D 390 -62.17 17.93 -17.24
C LEU D 390 -62.92 17.38 -16.04
N ASN D 391 -63.62 16.25 -16.21
CA ASN D 391 -64.30 15.63 -15.07
C ASN D 391 -63.31 15.19 -14.01
N GLU D 392 -62.18 14.61 -14.42
CA GLU D 392 -61.14 14.21 -13.47
C GLU D 392 -60.53 15.42 -12.78
N ARG D 393 -60.33 16.51 -13.53
CA ARG D 393 -59.82 17.74 -12.92
C ARG D 393 -60.78 18.25 -11.85
N LEU D 394 -62.07 18.30 -12.16
CA LEU D 394 -63.05 18.79 -11.19
C LEU D 394 -63.16 17.85 -9.99
N ALA D 395 -63.07 16.53 -10.23
CA ALA D 395 -63.11 15.59 -9.13
C ALA D 395 -61.90 15.76 -8.20
N LYS D 396 -60.73 15.99 -8.77
CA LYS D 396 -59.55 16.26 -7.95
C LYS D 396 -59.72 17.57 -7.18
N LEU D 397 -60.31 18.58 -7.82
CA LEU D 397 -60.42 19.89 -7.19
C LEU D 397 -61.46 19.91 -6.08
N SER D 398 -62.54 19.13 -6.21
CA SER D 398 -63.66 19.17 -5.28
C SER D 398 -63.73 17.95 -4.37
N ASP D 399 -63.77 16.75 -4.94
CA ASP D 399 -63.81 15.54 -4.13
C ASP D 399 -62.46 15.31 -3.48
N GLY D 400 -62.43 15.38 -2.15
CA GLY D 400 -61.19 15.27 -1.41
C GLY D 400 -60.76 13.84 -1.17
N VAL D 401 -59.70 13.69 -0.37
CA VAL D 401 -59.16 12.40 -0.01
C VAL D 401 -59.70 12.00 1.35
N ALA D 402 -59.74 10.69 1.61
CA ALA D 402 -60.19 10.14 2.87
C ALA D 402 -59.00 9.55 3.60
N VAL D 403 -58.72 10.05 4.80
CA VAL D 403 -57.63 9.56 5.64
C VAL D 403 -58.22 8.86 6.84
N LEU D 404 -57.79 7.63 7.08
CA LEU D 404 -58.22 6.85 8.23
C LEU D 404 -57.02 6.57 9.11
N LYS D 405 -57.13 6.92 10.39
CA LYS D 405 -56.06 6.75 11.36
C LYS D 405 -56.40 5.59 12.28
N VAL D 406 -55.57 4.56 12.27
CA VAL D 406 -55.84 3.35 13.03
C VAL D 406 -55.42 3.56 14.48
N GLY D 407 -56.36 3.35 15.40
CA GLY D 407 -56.09 3.49 16.82
C GLY D 407 -55.46 2.25 17.41
N GLY D 408 -55.14 2.34 18.70
CA GLY D 408 -54.53 1.23 19.39
C GLY D 408 -54.06 1.65 20.76
N THR D 409 -53.69 0.64 21.54
CA THR D 409 -53.20 0.85 22.90
C THR D 409 -51.69 1.05 22.97
N SER D 410 -50.97 0.85 21.87
CA SER D 410 -49.52 1.02 21.85
C SER D 410 -49.10 1.60 20.51
N ASP D 411 -47.92 2.22 20.51
CA ASP D 411 -47.40 2.82 19.27
C ASP D 411 -46.98 1.75 18.28
N VAL D 412 -46.28 0.71 18.76
CA VAL D 412 -45.88 -0.39 17.88
C VAL D 412 -47.10 -1.15 17.40
N GLU D 413 -48.09 -1.34 18.29
CA GLU D 413 -49.35 -1.96 17.87
C GLU D 413 -50.04 -1.12 16.81
N VAL D 414 -49.98 0.21 16.94
CA VAL D 414 -50.57 1.10 15.95
C VAL D 414 -49.85 0.93 14.61
N ASN D 415 -48.52 0.84 14.63
CA ASN D 415 -47.78 0.64 13.37
C ASN D 415 -48.15 -0.69 12.71
N GLU D 416 -48.23 -1.77 13.51
CA GLU D 416 -48.58 -3.07 12.96
C GLU D 416 -49.99 -3.05 12.37
N LYS D 417 -50.95 -2.46 13.09
CA LYS D 417 -52.31 -2.35 12.57
C LYS D 417 -52.36 -1.49 11.33
N LYS D 418 -51.52 -0.45 11.25
CA LYS D 418 -51.48 0.37 10.04
C LYS D 418 -51.01 -0.45 8.85
N ASP D 419 -49.97 -1.27 9.04
CA ASP D 419 -49.51 -2.13 7.94
C ASP D 419 -50.59 -3.12 7.52
N ARG D 420 -51.25 -3.75 8.50
CA ARG D 420 -52.29 -4.72 8.18
C ARG D 420 -53.46 -4.05 7.45
N VAL D 421 -53.87 -2.87 7.91
CA VAL D 421 -54.97 -2.16 7.26
C VAL D 421 -54.59 -1.73 5.86
N THR D 422 -53.32 -1.32 5.66
CA THR D 422 -52.89 -0.95 4.32
C THR D 422 -52.99 -2.14 3.37
N ASP D 423 -52.50 -3.31 3.81
CA ASP D 423 -52.59 -4.50 2.97
C ASP D 423 -54.04 -4.86 2.68
N ALA D 424 -54.90 -4.82 3.71
CA ALA D 424 -56.31 -5.15 3.53
C ALA D 424 -57.00 -4.17 2.58
N LEU D 425 -56.68 -2.88 2.70
CA LEU D 425 -57.30 -1.88 1.83
C LEU D 425 -56.86 -2.06 0.39
N ASN D 426 -55.58 -2.37 0.16
CA ASN D 426 -55.14 -2.67 -1.20
C ASN D 426 -55.88 -3.87 -1.75
N ALA D 427 -56.03 -4.92 -0.94
CA ALA D 427 -56.76 -6.10 -1.38
C ALA D 427 -58.21 -5.76 -1.73
N THR D 428 -58.87 -4.97 -0.88
CA THR D 428 -60.27 -4.61 -1.12
C THR D 428 -60.42 -3.76 -2.36
N ARG D 429 -59.50 -2.81 -2.57
CA ARG D 429 -59.56 -2.00 -3.78
C ARG D 429 -59.38 -2.85 -5.03
N ALA D 430 -58.42 -3.78 -5.01
CA ALA D 430 -58.23 -4.66 -6.16
C ALA D 430 -59.46 -5.53 -6.40
N ALA D 431 -60.06 -6.05 -5.32
CA ALA D 431 -61.24 -6.88 -5.47
C ALA D 431 -62.41 -6.10 -6.05
N VAL D 432 -62.62 -4.87 -5.59
CA VAL D 432 -63.66 -4.03 -6.16
C VAL D 432 -63.37 -3.76 -7.63
N GLU D 433 -62.09 -3.58 -7.98
CA GLU D 433 -61.73 -3.30 -9.35
C GLU D 433 -62.04 -4.48 -10.28
N GLU D 434 -61.72 -5.71 -9.84
CA GLU D 434 -61.77 -6.85 -10.76
C GLU D 434 -62.50 -8.07 -10.22
N GLY D 435 -63.23 -7.97 -9.12
CA GLY D 435 -63.95 -9.11 -8.61
C GLY D 435 -63.06 -10.03 -7.78
N ILE D 436 -63.65 -11.16 -7.38
CA ILE D 436 -62.97 -12.13 -6.52
C ILE D 436 -63.07 -13.52 -7.13
N VAL D 437 -62.11 -14.36 -6.76
CA VAL D 437 -62.05 -15.77 -7.17
C VAL D 437 -61.62 -16.61 -6.00
N PRO D 438 -61.92 -17.91 -6.02
CA PRO D 438 -61.49 -18.78 -4.92
C PRO D 438 -59.98 -18.75 -4.74
N GLY D 439 -59.56 -18.71 -3.47
CA GLY D 439 -58.16 -18.58 -3.13
C GLY D 439 -57.47 -19.92 -2.99
N GLY D 440 -56.21 -19.85 -2.54
CA GLY D 440 -55.41 -21.06 -2.40
C GLY D 440 -54.94 -21.65 -3.71
N GLY D 441 -54.90 -20.86 -4.78
CA GLY D 441 -54.53 -21.38 -6.08
C GLY D 441 -55.61 -22.20 -6.74
N CYS D 442 -56.82 -22.22 -6.19
CA CYS D 442 -57.88 -23.05 -6.71
C CYS D 442 -58.49 -22.48 -7.99
N ALA D 443 -58.42 -21.16 -8.18
CA ALA D 443 -58.92 -20.56 -9.42
C ALA D 443 -58.16 -21.09 -10.63
N LEU D 444 -56.83 -21.10 -10.54
CA LEU D 444 -56.01 -21.67 -11.60
C LEU D 444 -56.32 -23.15 -11.80
N LEU D 445 -56.61 -23.87 -10.71
CA LEU D 445 -56.97 -25.27 -10.83
C LEU D 445 -58.28 -25.44 -11.59
N ARG D 446 -59.28 -24.60 -11.29
CA ARG D 446 -60.57 -24.71 -11.94
C ARG D 446 -60.56 -24.19 -13.37
N CYS D 447 -59.54 -23.42 -13.75
CA CYS D 447 -59.38 -23.01 -15.14
C CYS D 447 -58.69 -24.07 -15.99
N ILE D 448 -58.23 -25.17 -15.39
CA ILE D 448 -57.56 -26.22 -16.16
C ILE D 448 -58.47 -26.87 -17.20
N PRO D 449 -59.70 -27.26 -16.88
CA PRO D 449 -60.52 -27.94 -17.91
C PRO D 449 -60.82 -27.08 -19.12
N SER D 450 -60.69 -25.75 -19.02
CA SER D 450 -60.91 -24.89 -20.17
C SER D 450 -59.85 -25.06 -21.25
N LEU D 451 -58.71 -25.66 -20.92
CA LEU D 451 -57.63 -25.83 -21.89
C LEU D 451 -57.78 -27.09 -22.74
N ASP D 452 -58.77 -27.92 -22.45
CA ASP D 452 -58.93 -29.19 -23.16
C ASP D 452 -59.53 -29.03 -24.55
N ALA D 453 -60.01 -27.83 -24.90
CA ALA D 453 -60.57 -27.56 -26.22
C ALA D 453 -59.89 -26.32 -26.79
N ILE D 454 -58.73 -26.53 -27.41
CA ILE D 454 -57.98 -25.47 -28.09
C ILE D 454 -57.57 -25.98 -29.46
N GLN D 455 -57.90 -25.21 -30.50
CA GLN D 455 -57.56 -25.58 -31.87
C GLN D 455 -56.09 -25.27 -32.10
N THR D 456 -55.24 -26.25 -31.79
CA THR D 456 -53.81 -26.11 -32.00
C THR D 456 -53.44 -26.46 -33.43
N ALA D 457 -52.33 -25.87 -33.90
CA ALA D 457 -51.89 -26.07 -35.28
C ALA D 457 -50.89 -27.21 -35.40
N ASN D 458 -49.85 -27.21 -34.58
CA ASN D 458 -48.82 -28.24 -34.62
C ASN D 458 -48.60 -28.79 -33.21
N ALA D 459 -47.75 -29.81 -33.12
CA ALA D 459 -47.49 -30.46 -31.84
C ALA D 459 -46.80 -29.52 -30.85
N ASP D 460 -46.06 -28.53 -31.36
CA ASP D 460 -45.36 -27.61 -30.47
C ASP D 460 -46.35 -26.74 -29.68
N GLN D 461 -47.42 -26.29 -30.33
CA GLN D 461 -48.44 -25.53 -29.63
C GLN D 461 -49.10 -26.37 -28.55
N LYS D 462 -49.38 -27.64 -28.85
CA LYS D 462 -49.95 -28.53 -27.86
C LYS D 462 -49.00 -28.74 -26.69
N ILE D 463 -47.70 -28.84 -26.98
CA ILE D 463 -46.70 -28.99 -25.92
C ILE D 463 -46.69 -27.76 -25.03
N GLY D 464 -46.79 -26.57 -25.62
CA GLY D 464 -46.87 -25.35 -24.82
C GLY D 464 -48.11 -25.29 -23.96
N VAL D 465 -49.25 -25.71 -24.52
CA VAL D 465 -50.49 -25.75 -23.74
C VAL D 465 -50.35 -26.72 -22.58
N GLU D 466 -49.71 -27.87 -22.82
CA GLU D 466 -49.46 -28.81 -21.73
C GLU D 466 -48.55 -28.20 -20.68
N ILE D 467 -47.55 -27.43 -21.11
CA ILE D 467 -46.66 -26.75 -20.16
C ILE D 467 -47.47 -25.84 -19.26
N ILE D 468 -48.35 -25.03 -19.84
CA ILE D 468 -49.10 -24.08 -19.02
C ILE D 468 -50.12 -24.82 -18.15
N ARG D 469 -50.67 -25.93 -18.64
CA ARG D 469 -51.62 -26.71 -17.84
C ARG D 469 -50.94 -27.31 -16.63
N ARG D 470 -49.72 -27.84 -16.81
CA ARG D 470 -48.96 -28.34 -15.67
C ARG D 470 -48.59 -27.21 -14.72
N ALA D 471 -48.26 -26.03 -15.26
CA ALA D 471 -47.91 -24.90 -14.41
C ALA D 471 -49.10 -24.42 -13.59
N LEU D 472 -50.33 -24.55 -14.12
CA LEU D 472 -51.50 -24.08 -13.39
C LEU D 472 -51.68 -24.80 -12.05
N ARG D 473 -51.15 -26.02 -11.93
CA ARG D 473 -51.25 -26.78 -10.69
C ARG D 473 -50.22 -26.37 -9.65
N ILE D 474 -49.21 -25.60 -10.03
CA ILE D 474 -48.08 -25.34 -9.14
C ILE D 474 -48.47 -24.59 -7.86
N PRO D 475 -49.24 -23.50 -7.91
CA PRO D 475 -49.48 -22.75 -6.65
C PRO D 475 -50.22 -23.54 -5.58
N ALA D 476 -51.33 -24.19 -5.93
CA ALA D 476 -52.06 -24.98 -4.95
C ALA D 476 -51.22 -26.14 -4.42
N MET D 477 -50.45 -26.78 -5.31
CA MET D 477 -49.57 -27.86 -4.89
C MET D 477 -48.51 -27.37 -3.91
N THR D 478 -47.94 -26.20 -4.16
CA THR D 478 -46.95 -25.64 -3.25
C THR D 478 -47.57 -25.30 -1.91
N ILE D 479 -48.80 -24.74 -1.92
CA ILE D 479 -49.47 -24.42 -0.66
C ILE D 479 -49.71 -25.70 0.13
N ALA D 480 -50.17 -26.76 -0.53
CA ALA D 480 -50.41 -28.02 0.16
C ALA D 480 -49.13 -28.61 0.72
N LYS D 481 -48.04 -28.57 -0.06
CA LYS D 481 -46.76 -29.10 0.41
C LYS D 481 -46.26 -28.32 1.62
N ASN D 482 -46.38 -26.99 1.60
CA ASN D 482 -46.01 -26.19 2.75
C ASN D 482 -46.87 -26.52 3.95
N ALA D 483 -48.17 -26.79 3.73
CA ALA D 483 -49.03 -27.20 4.82
C ALA D 483 -48.68 -28.58 5.37
N GLY D 484 -47.93 -29.38 4.61
CA GLY D 484 -47.53 -30.70 5.04
C GLY D 484 -48.30 -31.86 4.43
N VAL D 485 -49.05 -31.62 3.36
CA VAL D 485 -49.84 -32.66 2.71
C VAL D 485 -49.29 -32.87 1.30
N GLU D 486 -49.48 -34.08 0.78
CA GLU D 486 -49.11 -34.36 -0.60
C GLU D 486 -49.94 -33.51 -1.54
N GLY D 487 -49.27 -32.63 -2.29
CA GLY D 487 -50.00 -31.67 -3.12
C GLY D 487 -50.77 -32.32 -4.26
N SER D 488 -50.18 -33.34 -4.88
CA SER D 488 -50.85 -34.00 -6.00
C SER D 488 -52.17 -34.64 -5.57
N LEU D 489 -52.21 -35.20 -4.36
CA LEU D 489 -53.44 -35.80 -3.87
C LEU D 489 -54.56 -34.78 -3.76
N VAL D 490 -54.28 -33.64 -3.13
CA VAL D 490 -55.28 -32.60 -2.98
C VAL D 490 -55.71 -32.06 -4.34
N VAL D 491 -54.74 -31.83 -5.22
CA VAL D 491 -55.05 -31.27 -6.54
C VAL D 491 -55.96 -32.23 -7.31
N GLU D 492 -55.62 -33.52 -7.29
CA GLU D 492 -56.44 -34.50 -8.01
C GLU D 492 -57.82 -34.63 -7.40
N LYS D 493 -57.91 -34.55 -6.07
CA LYS D 493 -59.22 -34.59 -5.42
C LYS D 493 -60.07 -33.42 -5.86
N ILE D 494 -59.47 -32.23 -6.00
CA ILE D 494 -60.21 -31.08 -6.53
C ILE D 494 -60.61 -31.32 -7.98
N LEU D 495 -59.71 -31.90 -8.78
CA LEU D 495 -59.99 -32.11 -10.20
C LEU D 495 -61.10 -33.12 -10.43
N GLN D 496 -61.28 -34.08 -9.52
CA GLN D 496 -62.35 -35.07 -9.64
C GLN D 496 -63.57 -34.72 -8.80
N GLY D 497 -63.58 -33.56 -8.15
CA GLY D 497 -64.72 -33.06 -7.40
C GLY D 497 -65.51 -32.03 -8.18
N SER D 498 -66.21 -31.17 -7.44
CA SER D 498 -67.03 -30.14 -8.07
C SER D 498 -67.17 -28.95 -7.11
N ALA D 499 -67.05 -27.75 -7.66
CA ALA D 499 -67.28 -26.51 -6.92
C ALA D 499 -66.48 -26.42 -5.63
N TYR D 503 -58.99 -26.59 -0.77
CA TYR D 503 -58.41 -27.14 0.46
C TYR D 503 -58.01 -26.05 1.44
N ASP D 504 -58.82 -25.85 2.47
CA ASP D 504 -58.43 -24.98 3.58
C ASP D 504 -57.22 -25.61 4.26
N ALA D 505 -56.05 -24.98 4.10
CA ALA D 505 -54.82 -25.56 4.65
C ALA D 505 -54.71 -25.34 6.15
N MET D 506 -55.19 -24.20 6.64
CA MET D 506 -55.15 -23.94 8.08
C MET D 506 -56.01 -24.95 8.84
N GLN D 507 -57.19 -25.27 8.31
CA GLN D 507 -58.11 -26.18 8.96
C GLN D 507 -58.04 -27.61 8.40
N GLY D 508 -57.35 -27.82 7.29
CA GLY D 508 -57.21 -29.15 6.72
C GLY D 508 -58.51 -29.75 6.22
N GLU D 509 -59.30 -28.96 5.50
CA GLU D 509 -60.62 -29.38 5.04
C GLU D 509 -60.80 -29.07 3.56
N TYR D 510 -61.47 -29.97 2.85
CA TYR D 510 -61.88 -29.74 1.47
C TYR D 510 -63.21 -28.99 1.50
N VAL D 511 -63.14 -27.66 1.45
CA VAL D 511 -64.32 -26.82 1.57
C VAL D 511 -64.43 -25.93 0.34
N ASN D 512 -65.64 -25.43 0.10
CA ASN D 512 -65.87 -24.46 -0.97
C ASN D 512 -65.20 -23.15 -0.59
N MET D 513 -64.18 -22.75 -1.35
CA MET D 513 -63.35 -21.62 -0.96
C MET D 513 -64.13 -20.31 -0.96
N VAL D 514 -65.00 -20.12 -1.96
CA VAL D 514 -65.75 -18.86 -2.05
C VAL D 514 -66.68 -18.71 -0.86
N GLU D 515 -67.38 -19.78 -0.50
CA GLU D 515 -68.33 -19.70 0.62
C GLU D 515 -67.60 -19.63 1.96
N LYS D 516 -66.48 -20.34 2.08
CA LYS D 516 -65.74 -20.38 3.34
C LYS D 516 -64.88 -19.15 3.57
N GLY D 517 -64.92 -18.16 2.67
CA GLY D 517 -64.16 -16.95 2.83
C GLY D 517 -62.73 -17.01 2.35
N ILE D 518 -62.30 -18.13 1.77
CA ILE D 518 -60.95 -18.25 1.23
C ILE D 518 -61.01 -17.73 -0.19
N ILE D 519 -60.74 -16.43 -0.34
CA ILE D 519 -60.81 -15.77 -1.64
C ILE D 519 -59.55 -14.94 -1.87
N ASP D 520 -59.25 -14.72 -3.14
CA ASP D 520 -58.21 -13.82 -3.59
C ASP D 520 -58.75 -12.98 -4.74
N PRO D 521 -58.30 -11.73 -4.87
CA PRO D 521 -58.80 -10.89 -5.97
C PRO D 521 -58.44 -11.45 -7.33
N THR D 522 -59.36 -11.32 -8.28
CA THR D 522 -59.12 -11.80 -9.64
C THR D 522 -58.00 -11.02 -10.31
N LYS D 523 -57.87 -9.74 -9.99
CA LYS D 523 -56.78 -8.94 -10.54
C LYS D 523 -55.42 -9.50 -10.15
N VAL D 524 -55.28 -9.93 -8.89
CA VAL D 524 -54.00 -10.44 -8.41
C VAL D 524 -53.58 -11.67 -9.21
N VAL D 525 -54.48 -12.65 -9.33
CA VAL D 525 -54.13 -13.89 -10.01
C VAL D 525 -53.94 -13.66 -11.50
N ARG D 526 -54.80 -12.82 -12.11
CA ARG D 526 -54.65 -12.54 -13.53
C ARG D 526 -53.31 -11.89 -13.84
N THR D 527 -52.95 -10.86 -13.07
CA THR D 527 -51.68 -10.18 -13.29
C THR D 527 -50.50 -11.10 -13.00
N ALA D 528 -50.59 -11.92 -11.94
CA ALA D 528 -49.49 -12.83 -11.63
C ALA D 528 -49.26 -13.82 -12.76
N LEU D 529 -50.34 -14.43 -13.27
CA LEU D 529 -50.20 -15.38 -14.36
C LEU D 529 -49.68 -14.71 -15.63
N LEU D 530 -50.21 -13.52 -15.95
CA LEU D 530 -49.78 -12.83 -17.16
C LEU D 530 -48.30 -12.46 -17.09
N ASP D 531 -47.85 -11.94 -15.94
CA ASP D 531 -46.45 -11.53 -15.80
C ASP D 531 -45.53 -12.73 -15.76
N ALA D 532 -45.95 -13.83 -15.12
CA ALA D 532 -45.13 -15.04 -15.14
C ALA D 532 -44.98 -15.58 -16.55
N ALA D 533 -46.07 -15.61 -17.32
CA ALA D 533 -45.98 -16.03 -18.72
C ALA D 533 -45.04 -15.11 -19.50
N GLY D 534 -45.15 -13.81 -19.28
CA GLY D 534 -44.28 -12.88 -20.00
C GLY D 534 -42.81 -13.07 -19.69
N VAL D 535 -42.48 -13.21 -18.41
CA VAL D 535 -41.06 -13.35 -18.04
C VAL D 535 -40.52 -14.70 -18.50
N ALA D 536 -41.34 -15.77 -18.43
CA ALA D 536 -40.89 -17.06 -18.92
C ALA D 536 -40.66 -17.02 -20.42
N SER D 537 -41.55 -16.36 -21.16
CA SER D 537 -41.36 -16.22 -22.61
C SER D 537 -40.09 -15.42 -22.92
N LEU D 538 -39.85 -14.34 -22.16
CA LEU D 538 -38.65 -13.56 -22.38
C LEU D 538 -37.39 -14.37 -22.09
N LEU D 539 -37.43 -15.21 -21.05
CA LEU D 539 -36.29 -16.08 -20.77
C LEU D 539 -36.10 -17.12 -21.86
N SER D 540 -37.19 -17.60 -22.46
CA SER D 540 -37.07 -18.58 -23.54
C SER D 540 -36.57 -17.95 -24.84
N THR D 541 -36.86 -16.67 -25.06
CA THR D 541 -36.41 -16.00 -26.27
C THR D 541 -34.94 -15.61 -26.24
N ALA D 542 -34.30 -15.65 -25.06
CA ALA D 542 -32.91 -15.23 -24.93
C ALA D 542 -32.00 -16.31 -25.51
N GLU D 543 -31.43 -16.04 -26.68
CA GLU D 543 -30.51 -16.96 -27.32
C GLU D 543 -29.04 -16.62 -27.06
N ALA D 544 -28.77 -15.55 -26.31
CA ALA D 544 -27.40 -15.14 -26.03
C ALA D 544 -27.41 -14.16 -24.88
N VAL D 545 -26.51 -14.35 -23.92
CA VAL D 545 -26.38 -13.48 -22.76
C VAL D 545 -24.96 -12.96 -22.72
N VAL D 546 -24.81 -11.64 -22.60
CA VAL D 546 -23.52 -10.97 -22.57
C VAL D 546 -23.29 -10.45 -21.16
N THR D 547 -22.24 -10.92 -20.50
CA THR D 547 -21.91 -10.52 -19.15
C THR D 547 -20.48 -9.97 -19.10
N GLU D 548 -20.21 -9.19 -18.07
CA GLU D 548 -18.89 -8.61 -17.89
C GLU D 548 -17.96 -9.59 -17.19
N ILE D 549 -16.68 -9.52 -17.53
CA ILE D 549 -15.68 -10.36 -16.88
C ILE D 549 -15.48 -9.89 -15.45
N PRO D 550 -15.51 -10.79 -14.46
CA PRO D 550 -15.37 -10.36 -13.07
C PRO D 550 -14.02 -9.68 -12.82
N LYS D 551 -14.03 -8.69 -11.95
CA LYS D 551 -12.83 -7.95 -11.61
C LYS D 551 -12.94 -7.33 -10.21
N TYR E 26 -22.04 -8.38 -0.70
CA TYR E 26 -23.32 -8.11 -1.35
C TYR E 26 -23.99 -9.40 -1.79
N ALA E 27 -23.19 -10.32 -2.34
CA ALA E 27 -23.73 -11.59 -2.81
C ALA E 27 -24.20 -12.45 -1.65
N LYS E 28 -25.22 -13.26 -1.91
CA LYS E 28 -25.84 -14.10 -0.89
C LYS E 28 -25.66 -15.57 -1.24
N ASP E 29 -25.78 -16.42 -0.22
CA ASP E 29 -25.80 -17.86 -0.38
C ASP E 29 -26.94 -18.42 0.45
N VAL E 30 -27.74 -19.32 -0.13
CA VAL E 30 -28.93 -19.84 0.50
C VAL E 30 -28.84 -21.36 0.57
N LYS E 31 -29.18 -21.92 1.74
CA LYS E 31 -29.26 -23.35 1.95
C LYS E 31 -30.67 -23.70 2.39
N PHE E 32 -31.16 -24.86 1.96
CA PHE E 32 -32.57 -25.21 2.10
C PHE E 32 -32.74 -26.37 3.07
N GLY E 33 -33.71 -26.22 3.98
CA GLY E 33 -34.20 -27.34 4.76
C GLY E 33 -33.15 -27.96 5.67
N ALA E 34 -33.07 -29.29 5.61
CA ALA E 34 -32.25 -30.04 6.57
C ALA E 34 -30.78 -29.66 6.47
N ASP E 35 -30.30 -29.28 5.29
CA ASP E 35 -28.89 -28.93 5.13
C ASP E 35 -28.54 -27.72 6.00
N ALA E 36 -29.37 -26.69 5.98
CA ALA E 36 -29.13 -25.51 6.81
C ALA E 36 -29.46 -25.78 8.27
N ARG E 37 -30.52 -26.57 8.51
CA ARG E 37 -30.89 -26.89 9.89
C ARG E 37 -29.78 -27.67 10.59
N ALA E 38 -29.01 -28.47 9.85
CA ALA E 38 -27.91 -29.21 10.45
C ALA E 38 -26.80 -28.27 10.93
N LEU E 39 -26.45 -27.27 10.10
CA LEU E 39 -25.44 -26.31 10.53
C LEU E 39 -25.92 -25.49 11.73
N MET E 40 -27.19 -25.06 11.69
CA MET E 40 -27.73 -24.31 12.82
C MET E 40 -27.74 -25.16 14.09
N LEU E 41 -28.09 -26.45 13.95
CA LEU E 41 -28.07 -27.36 15.08
C LEU E 41 -26.66 -27.55 15.61
N GLN E 42 -25.66 -27.59 14.72
CA GLN E 42 -24.28 -27.66 15.19
C GLN E 42 -23.91 -26.43 16.00
N GLY E 43 -24.35 -25.25 15.54
CA GLY E 43 -24.06 -24.04 16.28
C GLY E 43 -24.68 -24.03 17.66
N VAL E 44 -25.96 -24.41 17.74
CA VAL E 44 -26.61 -24.45 19.04
C VAL E 44 -26.00 -25.56 19.91
N ASP E 45 -25.56 -26.65 19.29
CA ASP E 45 -24.90 -27.72 20.04
C ASP E 45 -23.64 -27.21 20.69
N LEU E 46 -22.81 -26.48 19.93
CA LEU E 46 -21.59 -25.92 20.51
C LEU E 46 -21.90 -24.91 21.61
N LEU E 47 -22.88 -24.04 21.38
CA LEU E 47 -23.22 -23.03 22.38
C LEU E 47 -23.69 -23.68 23.67
N ALA E 48 -24.59 -24.66 23.58
CA ALA E 48 -25.13 -25.28 24.78
C ALA E 48 -24.13 -26.21 25.43
N ASP E 49 -23.22 -26.82 24.66
CA ASP E 49 -22.12 -27.56 25.27
C ASP E 49 -21.26 -26.64 26.12
N ALA E 50 -21.01 -25.42 25.62
CA ALA E 50 -20.29 -24.45 26.43
C ALA E 50 -21.07 -24.08 27.69
N VAL E 51 -22.38 -23.81 27.54
CA VAL E 51 -23.15 -23.26 28.64
C VAL E 51 -23.40 -24.32 29.73
N ALA E 52 -23.69 -25.56 29.33
CA ALA E 52 -24.21 -26.56 30.26
C ALA E 52 -23.23 -26.95 31.35
N VAL E 53 -21.92 -26.78 31.10
CA VAL E 53 -20.93 -27.16 32.11
C VAL E 53 -20.97 -26.27 33.35
N THR E 54 -21.71 -25.16 33.28
CA THR E 54 -21.88 -24.28 34.44
C THR E 54 -23.18 -24.53 35.18
N MET E 55 -23.97 -25.52 34.76
CA MET E 55 -25.26 -25.77 35.38
C MET E 55 -25.09 -26.40 36.76
N GLY E 56 -26.05 -26.13 37.64
CA GLY E 56 -26.09 -26.75 38.94
C GLY E 56 -25.18 -26.07 39.94
N PRO E 57 -25.37 -26.38 41.22
CA PRO E 57 -24.49 -25.81 42.25
C PRO E 57 -23.07 -26.34 42.19
N LYS E 58 -22.85 -27.48 41.53
CA LYS E 58 -21.53 -28.05 41.34
C LYS E 58 -21.06 -27.90 39.91
N GLY E 59 -21.38 -26.76 39.29
CA GLY E 59 -20.98 -26.52 37.93
C GLY E 59 -19.49 -26.33 37.77
N ARG E 60 -19.00 -26.62 36.57
CA ARG E 60 -17.58 -26.55 36.27
C ARG E 60 -17.19 -25.12 35.90
N THR E 61 -15.98 -24.96 35.38
CA THR E 61 -15.40 -23.66 35.09
C THR E 61 -15.18 -23.52 33.59
N VAL E 62 -15.53 -22.35 33.04
CA VAL E 62 -15.25 -21.99 31.66
C VAL E 62 -14.21 -20.88 31.66
N ILE E 63 -13.17 -21.05 30.86
CA ILE E 63 -12.11 -20.05 30.72
C ILE E 63 -12.30 -19.34 29.40
N ILE E 64 -12.54 -18.02 29.46
CA ILE E 64 -12.74 -17.19 28.28
C ILE E 64 -11.56 -16.24 28.17
N GLU E 65 -10.85 -16.29 27.05
CA GLU E 65 -9.67 -15.45 26.86
C GLU E 65 -10.12 -14.02 26.59
N GLN E 66 -9.99 -13.16 27.61
CA GLN E 66 -10.21 -11.74 27.39
C GLN E 66 -9.09 -11.18 26.53
N SER E 67 -9.45 -10.28 25.61
CA SER E 67 -8.46 -9.73 24.68
C SER E 67 -7.37 -8.99 25.43
N TRP E 68 -7.72 -8.29 26.51
CA TRP E 68 -6.77 -7.57 27.34
C TRP E 68 -6.76 -8.19 28.73
N GLY E 69 -5.56 -8.46 29.24
CA GLY E 69 -5.41 -8.96 30.59
C GLY E 69 -5.48 -10.47 30.70
N SER E 70 -5.54 -10.92 31.95
CA SER E 70 -5.57 -12.34 32.24
C SER E 70 -6.89 -12.95 31.77
N PRO E 71 -6.87 -14.24 31.41
CA PRO E 71 -8.11 -14.89 30.94
C PRO E 71 -9.18 -14.90 32.01
N LYS E 72 -10.43 -14.79 31.57
CA LYS E 72 -11.56 -14.76 32.49
C LYS E 72 -11.96 -16.17 32.88
N VAL E 73 -12.13 -16.39 34.18
CA VAL E 73 -12.59 -17.67 34.72
C VAL E 73 -13.96 -17.42 35.34
N THR E 74 -14.96 -18.15 34.87
CA THR E 74 -16.32 -17.91 35.32
C THR E 74 -17.11 -19.21 35.34
N LYS E 75 -18.11 -19.25 36.23
CA LYS E 75 -19.11 -20.31 36.26
C LYS E 75 -20.49 -19.79 35.90
N ASP E 76 -20.57 -18.59 35.32
CA ASP E 76 -21.84 -17.97 34.98
C ASP E 76 -22.23 -18.36 33.56
N GLY E 77 -23.41 -18.95 33.41
CA GLY E 77 -23.89 -19.29 32.08
C GLY E 77 -24.15 -18.07 31.22
N VAL E 78 -24.54 -16.95 31.84
CA VAL E 78 -24.88 -15.75 31.07
C VAL E 78 -23.66 -15.21 30.34
N THR E 79 -22.55 -15.04 31.04
CA THR E 79 -21.35 -14.49 30.40
C THR E 79 -20.75 -15.48 29.42
N VAL E 80 -20.84 -16.79 29.70
CA VAL E 80 -20.36 -17.78 28.75
C VAL E 80 -21.18 -17.72 27.46
N ALA E 81 -22.50 -17.60 27.58
CA ALA E 81 -23.34 -17.48 26.39
C ALA E 81 -23.03 -16.20 25.63
N LYS E 82 -22.85 -15.09 26.34
CA LYS E 82 -22.59 -13.81 25.69
C LYS E 82 -21.23 -13.74 25.03
N SER E 83 -20.33 -14.67 25.33
CA SER E 83 -18.98 -14.66 24.78
C SER E 83 -18.81 -15.57 23.57
N ILE E 84 -19.88 -16.21 23.11
CA ILE E 84 -19.80 -17.18 22.02
C ILE E 84 -20.11 -16.48 20.70
N ASP E 85 -19.28 -16.72 19.70
CA ASP E 85 -19.49 -16.20 18.35
C ASP E 85 -18.74 -17.10 17.39
N LEU E 86 -19.44 -17.65 16.40
CA LEU E 86 -18.88 -18.68 15.55
C LEU E 86 -18.47 -18.12 14.19
N LYS E 87 -17.45 -18.76 13.60
CA LYS E 87 -16.93 -18.28 12.32
C LYS E 87 -17.89 -18.54 11.18
N ASP E 88 -18.42 -19.77 11.08
CA ASP E 88 -19.34 -20.09 10.01
C ASP E 88 -20.67 -19.38 10.20
N LYS E 89 -21.29 -18.98 9.09
CA LYS E 89 -22.45 -18.10 9.16
C LYS E 89 -23.67 -18.81 9.75
N TYR E 90 -23.94 -20.04 9.30
CA TYR E 90 -25.20 -20.71 9.66
C TYR E 90 -25.22 -21.13 11.12
N LYS E 91 -24.13 -21.76 11.59
CA LYS E 91 -24.07 -22.15 12.98
C LYS E 91 -24.07 -20.94 13.90
N ASN E 92 -23.42 -19.85 13.46
CA ASN E 92 -23.49 -18.61 14.20
C ASN E 92 -24.91 -18.07 14.25
N ILE E 93 -25.66 -18.21 13.16
CA ILE E 93 -27.05 -17.76 13.14
C ILE E 93 -27.86 -18.53 14.19
N GLY E 94 -27.70 -19.86 14.21
CA GLY E 94 -28.42 -20.65 15.19
C GLY E 94 -28.06 -20.28 16.62
N ALA E 95 -26.75 -20.16 16.88
CA ALA E 95 -26.30 -19.80 18.21
C ALA E 95 -26.81 -18.42 18.62
N LYS E 96 -26.83 -17.47 17.69
CA LYS E 96 -27.30 -16.12 18.00
C LYS E 96 -28.79 -16.10 18.29
N LEU E 97 -29.57 -16.89 17.54
CA LEU E 97 -31.01 -16.98 17.84
C LEU E 97 -31.23 -17.52 19.24
N VAL E 98 -30.54 -18.61 19.59
CA VAL E 98 -30.71 -19.19 20.93
C VAL E 98 -30.23 -18.21 21.99
N GLN E 99 -29.15 -17.48 21.70
CA GLN E 99 -28.64 -16.48 22.63
C GLN E 99 -29.67 -15.39 22.90
N ASP E 100 -30.29 -14.88 21.84
CA ASP E 100 -31.30 -13.84 22.00
C ASP E 100 -32.48 -14.34 22.82
N VAL E 101 -32.93 -15.56 22.54
CA VAL E 101 -34.08 -16.10 23.27
C VAL E 101 -33.74 -16.29 24.75
N ALA E 102 -32.57 -16.88 25.03
CA ALA E 102 -32.17 -17.08 26.41
C ALA E 102 -31.94 -15.75 27.12
N ASN E 103 -31.45 -14.74 26.39
CA ASN E 103 -31.20 -13.44 27.00
C ASN E 103 -32.51 -12.73 27.36
N ASN E 104 -33.51 -12.77 26.48
CA ASN E 104 -34.78 -12.16 26.86
C ASN E 104 -35.52 -13.00 27.88
N THR E 105 -35.18 -14.29 28.02
CA THR E 105 -35.63 -15.06 29.18
C THR E 105 -34.99 -14.53 30.45
N ASN E 106 -33.67 -14.27 30.43
CA ASN E 106 -32.98 -13.77 31.60
C ASN E 106 -33.44 -12.36 31.95
N GLU E 107 -33.78 -11.54 30.96
CA GLU E 107 -34.23 -10.18 31.23
C GLU E 107 -35.57 -10.16 31.95
N GLU E 108 -36.45 -11.11 31.67
CA GLU E 108 -37.79 -11.11 32.26
C GLU E 108 -37.82 -11.76 33.63
N ALA E 109 -37.22 -12.95 33.78
CA ALA E 109 -37.31 -13.69 35.02
C ALA E 109 -36.13 -13.43 35.96
N GLY E 110 -34.92 -13.28 35.42
CA GLY E 110 -33.74 -13.10 36.23
C GLY E 110 -32.88 -14.32 36.39
N ASP E 111 -33.23 -15.43 35.75
CA ASP E 111 -32.45 -16.66 35.78
C ASP E 111 -32.98 -17.57 34.67
N GLY E 112 -32.47 -18.79 34.62
CA GLY E 112 -32.93 -19.78 33.66
C GLY E 112 -32.28 -19.72 32.29
N THR E 113 -31.22 -18.93 32.12
CA THR E 113 -30.53 -18.88 30.83
C THR E 113 -29.95 -20.24 30.48
N THR E 114 -29.27 -20.88 31.43
CA THR E 114 -28.69 -22.20 31.18
C THR E 114 -29.79 -23.24 30.97
N THR E 115 -30.85 -23.20 31.79
CA THR E 115 -31.96 -24.13 31.61
C THR E 115 -32.62 -23.95 30.25
N ALA E 116 -32.88 -22.69 29.86
CA ALA E 116 -33.47 -22.43 28.56
C ALA E 116 -32.57 -22.94 27.44
N THR E 117 -31.26 -22.72 27.56
CA THR E 117 -30.34 -23.14 26.51
C THR E 117 -30.31 -24.67 26.38
N VAL E 118 -30.22 -25.38 27.50
CA VAL E 118 -30.13 -26.83 27.42
C VAL E 118 -31.44 -27.43 26.93
N LEU E 119 -32.57 -26.90 27.39
CA LEU E 119 -33.85 -27.38 26.88
C LEU E 119 -34.00 -27.10 25.39
N ALA E 120 -33.56 -25.92 24.95
CA ALA E 120 -33.63 -25.58 23.54
C ALA E 120 -32.78 -26.52 22.70
N ARG E 121 -31.56 -26.80 23.15
CA ARG E 121 -30.71 -27.72 22.39
C ARG E 121 -31.35 -29.12 22.33
N ALA E 122 -31.88 -29.60 23.45
CA ALA E 122 -32.49 -30.93 23.45
C ALA E 122 -33.66 -31.00 22.49
N ILE E 123 -34.58 -30.04 22.57
CA ILE E 123 -35.77 -30.07 21.72
C ILE E 123 -35.38 -29.91 20.26
N ALA E 124 -34.43 -29.01 19.96
CA ALA E 124 -34.02 -28.82 18.58
C ALA E 124 -33.36 -30.06 18.02
N LYS E 125 -32.48 -30.71 18.80
CA LYS E 125 -31.83 -31.93 18.33
C LYS E 125 -32.85 -33.01 18.03
N GLU E 126 -33.77 -33.25 18.97
CA GLU E 126 -34.76 -34.31 18.76
C GLU E 126 -35.67 -33.98 17.57
N GLY E 127 -36.12 -32.73 17.46
CA GLY E 127 -37.00 -32.37 16.38
C GLY E 127 -36.33 -32.46 15.02
N PHE E 128 -35.08 -32.00 14.92
CA PHE E 128 -34.36 -32.09 13.65
C PHE E 128 -34.10 -33.55 13.27
N ASP E 129 -33.74 -34.37 14.25
CA ASP E 129 -33.51 -35.79 13.96
C ASP E 129 -34.78 -36.46 13.47
N THR E 130 -35.93 -36.13 14.06
CA THR E 130 -37.18 -36.75 13.63
C THR E 130 -37.63 -36.21 12.26
N ILE E 131 -37.53 -34.90 12.05
CA ILE E 131 -38.01 -34.30 10.81
C ILE E 131 -37.16 -34.75 9.63
N SER E 132 -35.83 -34.77 9.79
CA SER E 132 -34.95 -35.15 8.69
C SER E 132 -35.20 -36.56 8.20
N LYS E 133 -35.79 -37.43 9.02
CA LYS E 133 -36.06 -38.80 8.65
C LYS E 133 -37.44 -39.00 8.02
N GLY E 134 -38.23 -37.94 7.88
CA GLY E 134 -39.49 -38.05 7.17
C GLY E 134 -40.71 -37.55 7.93
N ALA E 135 -40.54 -37.23 9.21
CA ALA E 135 -41.66 -36.77 10.01
C ALA E 135 -42.09 -35.37 9.60
N ASN E 136 -43.38 -35.09 9.77
CA ASN E 136 -43.93 -33.80 9.38
C ASN E 136 -43.59 -32.75 10.44
N PRO E 137 -42.89 -31.67 10.07
CA PRO E 137 -42.53 -30.66 11.09
C PRO E 137 -43.72 -29.97 11.73
N VAL E 138 -44.76 -29.65 10.94
CA VAL E 138 -45.92 -28.97 11.50
C VAL E 138 -46.64 -29.86 12.49
N GLU E 139 -46.78 -31.15 12.17
CA GLU E 139 -47.42 -32.10 13.07
C GLU E 139 -46.56 -32.46 14.27
N ILE E 140 -45.28 -32.11 14.26
CA ILE E 140 -44.45 -32.26 15.45
C ILE E 140 -44.57 -31.05 16.36
N ARG E 141 -44.51 -29.84 15.78
CA ARG E 141 -44.70 -28.63 16.56
C ARG E 141 -46.09 -28.61 17.20
N ARG E 142 -47.11 -29.00 16.44
CA ARG E 142 -48.43 -29.25 16.99
C ARG E 142 -48.36 -30.57 17.74
N GLY E 143 -48.21 -30.49 19.05
CA GLY E 143 -47.97 -31.65 19.88
C GLY E 143 -46.80 -31.41 20.81
N VAL E 144 -45.73 -30.79 20.29
CA VAL E 144 -44.74 -30.22 21.20
C VAL E 144 -45.37 -29.09 21.99
N MET E 145 -46.13 -28.23 21.31
CA MET E 145 -46.86 -27.17 22.01
C MET E 145 -47.90 -27.74 22.96
N MET E 146 -48.60 -28.81 22.54
CA MET E 146 -49.60 -29.43 23.42
C MET E 146 -48.95 -29.96 24.69
N ALA E 147 -47.83 -30.67 24.55
CA ALA E 147 -47.13 -31.20 25.71
C ALA E 147 -46.59 -30.08 26.60
N VAL E 148 -46.09 -29.00 26.00
CA VAL E 148 -45.60 -27.88 26.79
C VAL E 148 -46.75 -27.23 27.56
N GLU E 149 -47.91 -27.12 26.93
CA GLU E 149 -49.08 -26.57 27.63
C GLU E 149 -49.47 -27.44 28.81
N THR E 150 -49.47 -28.76 28.63
CA THR E 150 -49.77 -29.67 29.74
C THR E 150 -48.76 -29.52 30.86
N VAL E 151 -47.46 -29.43 30.51
CA VAL E 151 -46.42 -29.30 31.52
C VAL E 151 -46.59 -27.98 32.28
N ILE E 152 -46.92 -26.90 31.56
CA ILE E 152 -47.10 -25.61 32.22
C ILE E 152 -48.31 -25.63 33.14
N LYS E 153 -49.39 -26.29 32.71
CA LYS E 153 -50.57 -26.42 33.57
C LYS E 153 -50.23 -27.16 34.86
N GLU E 154 -49.50 -28.27 34.75
CA GLU E 154 -49.15 -29.01 35.96
C GLU E 154 -48.10 -28.30 36.80
N LEU E 155 -47.26 -27.49 36.16
CA LEU E 155 -46.30 -26.68 36.89
C LEU E 155 -47.00 -25.59 37.70
N LYS E 156 -48.03 -24.97 37.11
CA LYS E 156 -48.83 -24.01 37.86
C LYS E 156 -49.59 -24.70 38.99
N ASN E 157 -50.07 -25.92 38.76
CA ASN E 157 -50.72 -26.67 39.84
C ASN E 157 -49.73 -27.07 40.92
N LEU E 158 -48.45 -27.20 40.58
CA LEU E 158 -47.43 -27.67 41.51
C LEU E 158 -46.80 -26.57 42.35
N SER E 159 -47.03 -25.30 42.01
CA SER E 159 -46.34 -24.21 42.67
C SER E 159 -46.93 -23.91 44.05
N LYS E 160 -46.09 -23.41 44.94
CA LYS E 160 -46.50 -22.96 46.27
C LYS E 160 -46.44 -21.44 46.33
N PRO E 161 -47.58 -20.75 46.46
CA PRO E 161 -47.57 -19.29 46.41
C PRO E 161 -46.80 -18.68 47.57
N VAL E 162 -46.21 -17.51 47.32
CA VAL E 162 -45.47 -16.75 48.31
C VAL E 162 -46.22 -15.45 48.54
N THR E 163 -46.96 -15.37 49.64
CA THR E 163 -47.78 -14.19 49.93
C THR E 163 -47.48 -13.56 51.29
N THR E 164 -47.28 -14.36 52.33
CA THR E 164 -47.07 -13.80 53.66
C THR E 164 -45.69 -13.16 53.75
N PRO E 165 -45.55 -12.11 54.57
CA PRO E 165 -44.22 -11.51 54.76
C PRO E 165 -43.19 -12.48 55.32
N GLU E 166 -43.61 -13.43 56.16
CA GLU E 166 -42.69 -14.46 56.63
C GLU E 166 -42.17 -15.30 55.47
N GLU E 167 -43.07 -15.69 54.55
CA GLU E 167 -42.64 -16.45 53.39
C GLU E 167 -41.73 -15.64 52.50
N ILE E 168 -42.02 -14.34 52.35
CA ILE E 168 -41.15 -13.47 51.56
C ILE E 168 -39.76 -13.40 52.16
N ALA E 169 -39.68 -13.23 53.48
CA ALA E 169 -38.38 -13.20 54.14
C ALA E 169 -37.64 -14.53 53.99
N GLN E 170 -38.37 -15.64 54.11
CA GLN E 170 -37.77 -16.97 53.94
C GLN E 170 -37.19 -17.12 52.53
N VAL E 171 -37.96 -16.72 51.51
CA VAL E 171 -37.49 -16.84 50.13
C VAL E 171 -36.29 -15.94 49.90
N ALA E 172 -36.33 -14.71 50.42
CA ALA E 172 -35.21 -13.79 50.23
C ALA E 172 -33.94 -14.31 50.90
N THR E 173 -34.07 -14.88 52.11
CA THR E 173 -32.91 -15.45 52.78
C THR E 173 -32.37 -16.67 52.02
N ILE E 174 -33.27 -17.50 51.50
CA ILE E 174 -32.83 -18.67 50.72
C ILE E 174 -32.09 -18.23 49.46
N SER E 175 -32.62 -17.22 48.77
CA SER E 175 -31.98 -16.74 47.55
C SER E 175 -30.62 -16.11 47.85
N ALA E 176 -30.44 -15.54 49.03
CA ALA E 176 -29.17 -14.97 49.46
C ALA E 176 -28.26 -15.99 50.11
N ASN E 177 -28.46 -17.28 49.81
CA ASN E 177 -27.66 -18.37 50.36
C ASN E 177 -27.63 -18.33 51.89
N GLY E 178 -28.82 -18.17 52.47
CA GLY E 178 -28.96 -18.15 53.91
C GLY E 178 -28.36 -16.93 54.59
N ASP E 179 -28.50 -15.76 53.99
CA ASP E 179 -28.09 -14.51 54.61
C ASP E 179 -29.31 -13.88 55.27
N VAL E 180 -29.34 -13.90 56.61
CA VAL E 180 -30.51 -13.42 57.33
C VAL E 180 -30.68 -11.92 57.14
N GLU E 181 -29.59 -11.16 57.21
CA GLU E 181 -29.69 -9.71 57.10
C GLU E 181 -30.20 -9.28 55.73
N ILE E 182 -29.68 -9.90 54.66
CA ILE E 182 -30.11 -9.55 53.31
C ILE E 182 -31.59 -9.87 53.12
N GLY E 183 -32.01 -11.04 53.56
CA GLY E 183 -33.41 -11.40 53.44
C GLY E 183 -34.32 -10.49 54.24
N ASN E 184 -33.89 -10.11 55.44
CA ASN E 184 -34.67 -9.18 56.25
C ASN E 184 -34.79 -7.82 55.57
N ILE E 185 -33.70 -7.33 54.97
CA ILE E 185 -33.76 -6.05 54.27
C ILE E 185 -34.71 -6.13 53.08
N ILE E 186 -34.63 -7.22 52.31
CA ILE E 186 -35.52 -7.39 51.16
C ILE E 186 -36.98 -7.44 51.61
N SER E 187 -37.25 -8.22 52.66
CA SER E 187 -38.61 -8.32 53.18
C SER E 187 -39.11 -6.96 53.67
N ASN E 188 -38.25 -6.21 54.36
CA ASN E 188 -38.64 -4.89 54.84
C ASN E 188 -38.96 -3.96 53.69
N ALA E 189 -38.15 -3.96 52.64
CA ALA E 189 -38.42 -3.11 51.49
C ALA E 189 -39.75 -3.50 50.83
N MET E 190 -39.97 -4.81 50.65
CA MET E 190 -41.21 -5.26 50.01
C MET E 190 -42.42 -4.93 50.86
N LYS E 191 -42.26 -4.99 52.19
CA LYS E 191 -43.35 -4.58 53.08
C LYS E 191 -43.59 -3.08 52.99
N LYS E 192 -42.52 -2.30 52.84
CA LYS E 192 -42.65 -0.85 52.83
C LYS E 192 -43.34 -0.35 51.57
N VAL E 193 -42.98 -0.89 50.41
CA VAL E 193 -43.53 -0.38 49.15
C VAL E 193 -44.47 -1.36 48.48
N GLY E 194 -44.75 -2.50 49.10
CA GLY E 194 -45.63 -3.49 48.51
C GLY E 194 -44.89 -4.37 47.52
N ARG E 195 -45.54 -5.48 47.16
CA ARG E 195 -44.97 -6.36 46.16
C ARG E 195 -44.92 -5.70 44.78
N LYS E 196 -45.85 -4.80 44.51
CA LYS E 196 -45.88 -4.05 43.26
C LYS E 196 -45.00 -2.81 43.29
N GLY E 197 -44.33 -2.54 44.40
CA GLY E 197 -43.55 -1.32 44.54
C GLY E 197 -42.24 -1.39 43.79
N VAL E 198 -41.49 -0.29 43.89
CA VAL E 198 -40.24 -0.11 43.18
C VAL E 198 -39.10 -0.18 44.19
N ILE E 199 -38.21 -1.15 44.01
CA ILE E 199 -37.04 -1.33 44.87
C ILE E 199 -35.80 -1.37 43.99
N THR E 200 -34.77 -0.62 44.37
CA THR E 200 -33.50 -0.63 43.65
C THR E 200 -32.36 -0.71 44.66
N VAL E 201 -31.24 -1.25 44.20
CA VAL E 201 -30.07 -1.48 45.03
C VAL E 201 -28.93 -0.61 44.51
N LYS E 202 -28.26 0.09 45.43
CA LYS E 202 -27.14 0.95 45.06
C LYS E 202 -26.04 0.81 46.09
N ASP E 203 -24.87 1.35 45.75
CA ASP E 203 -23.72 1.29 46.65
C ASP E 203 -23.99 2.02 47.95
N GLY E 204 -23.46 1.48 49.04
CA GLY E 204 -23.59 2.11 50.35
C GLY E 204 -22.22 2.47 50.90
N LYS E 205 -22.15 3.62 51.56
CA LYS E 205 -20.90 4.12 52.13
C LYS E 205 -20.76 3.82 53.61
N THR E 206 -21.68 3.04 54.19
CA THR E 206 -21.69 2.73 55.60
C THR E 206 -21.30 1.26 55.81
N LEU E 207 -20.74 0.98 56.99
CA LEU E 207 -20.38 -0.40 57.33
C LEU E 207 -21.62 -1.29 57.42
N HIS E 208 -22.78 -0.71 57.72
CA HIS E 208 -24.01 -1.46 57.91
C HIS E 208 -24.99 -1.13 56.79
N ASP E 209 -25.61 -2.16 56.23
CA ASP E 209 -26.60 -1.96 55.18
C ASP E 209 -27.87 -1.34 55.76
N GLU E 210 -28.57 -0.58 54.92
CA GLU E 210 -29.75 0.16 55.35
C GLU E 210 -30.67 0.39 54.15
N LEU E 211 -31.97 0.49 54.44
CA LEU E 211 -32.98 0.75 53.42
C LEU E 211 -33.70 2.06 53.74
N GLU E 212 -34.09 2.76 52.69
CA GLU E 212 -34.72 4.06 52.82
C GLU E 212 -35.79 4.22 51.76
N ILE E 213 -36.82 4.99 52.07
CA ILE E 213 -37.87 5.35 51.12
C ILE E 213 -37.67 6.82 50.75
N ILE E 214 -37.53 7.08 49.46
CA ILE E 214 -37.33 8.43 48.96
C ILE E 214 -38.31 8.69 47.82
N GLU E 215 -38.55 9.97 47.56
CA GLU E 215 -39.55 10.39 46.57
C GLU E 215 -39.03 10.11 45.17
N GLY E 216 -39.45 8.98 44.60
CA GLY E 216 -38.96 8.55 43.31
C GLY E 216 -40.10 8.28 42.33
N MET E 217 -39.70 7.99 41.09
CA MET E 217 -40.62 7.71 40.00
C MET E 217 -39.95 6.77 39.02
N LYS E 218 -40.72 5.84 38.46
CA LYS E 218 -40.18 4.88 37.52
C LYS E 218 -41.24 4.52 36.48
N PHE E 219 -40.85 4.52 35.20
CA PHE E 219 -41.73 4.15 34.11
C PHE E 219 -40.99 3.22 33.16
N ASP E 220 -41.76 2.44 32.41
CA ASP E 220 -41.20 1.43 31.51
C ASP E 220 -40.88 2.05 30.15
N ARG E 221 -39.91 2.95 30.16
CA ARG E 221 -39.39 3.56 28.94
C ARG E 221 -37.89 3.71 29.08
N GLY E 222 -37.17 3.38 28.00
CA GLY E 222 -35.72 3.42 28.00
C GLY E 222 -35.18 4.44 27.01
N TYR E 223 -33.85 4.54 27.00
CA TYR E 223 -33.19 5.47 26.09
C TYR E 223 -33.45 5.07 24.64
N ILE E 224 -33.58 6.09 23.78
CA ILE E 224 -33.89 5.83 22.37
C ILE E 224 -32.72 5.13 21.69
N SER E 225 -31.51 5.62 21.92
CA SER E 225 -30.28 5.06 21.38
C SER E 225 -29.28 4.89 22.51
N PRO E 226 -28.28 4.01 22.33
CA PRO E 226 -27.28 3.81 23.39
C PRO E 226 -26.64 5.11 23.87
N TYR E 227 -26.96 5.47 25.12
CA TYR E 227 -26.46 6.67 25.77
C TYR E 227 -25.69 6.34 27.04
N PHE E 228 -25.30 5.07 27.19
CA PHE E 228 -24.85 4.57 28.48
C PHE E 228 -23.60 5.29 28.96
N ILE E 229 -23.67 5.82 30.18
CA ILE E 229 -22.52 6.41 30.85
C ILE E 229 -21.77 5.36 31.65
N ASN E 230 -22.49 4.60 32.48
CA ASN E 230 -21.90 3.49 33.20
C ASN E 230 -21.49 2.39 32.24
N THR E 231 -20.20 2.05 32.23
CA THR E 231 -19.72 1.03 31.32
C THR E 231 -20.28 -0.34 31.67
N ALA E 232 -20.46 -0.62 32.96
CA ALA E 232 -20.99 -1.89 33.44
C ALA E 232 -22.52 -1.80 33.56
N LYS E 233 -23.10 -2.80 34.24
CA LYS E 233 -24.55 -2.87 34.46
C LYS E 233 -25.30 -2.92 33.13
N GLY E 234 -24.88 -3.84 32.27
CA GLY E 234 -25.43 -3.93 30.93
C GLY E 234 -25.12 -2.68 30.14
N GLN E 235 -26.13 -1.85 29.91
CA GLN E 235 -25.95 -0.54 29.28
C GLN E 235 -26.86 0.43 30.02
N LYS E 236 -26.31 1.13 31.00
CA LYS E 236 -27.07 2.01 31.87
C LYS E 236 -26.50 3.42 31.83
N CYS E 237 -27.37 4.39 31.59
CA CYS E 237 -27.01 5.79 31.82
C CYS E 237 -27.18 6.13 33.28
N GLU E 238 -26.21 6.87 33.83
CA GLU E 238 -26.25 7.21 35.25
C GLU E 238 -25.47 8.50 35.47
N PHE E 239 -26.20 9.60 35.70
CA PHE E 239 -25.61 10.80 36.26
C PHE E 239 -26.59 11.40 37.26
N GLN E 240 -26.08 12.28 38.11
CA GLN E 240 -26.82 12.85 39.22
C GLN E 240 -27.02 14.34 39.03
N ASP E 241 -28.06 14.87 39.68
CA ASP E 241 -28.38 16.30 39.69
C ASP E 241 -28.49 16.83 38.25
N ALA E 242 -29.50 16.32 37.55
CA ALA E 242 -29.67 16.57 36.13
C ALA E 242 -30.93 17.40 35.88
N TYR E 243 -30.84 18.28 34.88
CA TYR E 243 -32.01 18.97 34.37
C TYR E 243 -32.92 17.99 33.64
N LEU E 244 -34.19 18.34 33.54
CA LEU E 244 -35.18 17.49 32.88
C LEU E 244 -36.06 18.35 31.99
N LEU E 245 -36.07 18.05 30.70
CA LEU E 245 -36.88 18.77 29.73
C LEU E 245 -38.11 17.93 29.36
N LEU E 246 -39.29 18.55 29.44
CA LEU E 246 -40.55 17.88 29.12
C LEU E 246 -41.17 18.57 27.92
N SER E 247 -41.58 17.79 26.93
CA SER E 247 -42.17 18.34 25.71
C SER E 247 -43.09 17.30 25.08
N GLU E 248 -44.34 17.69 24.83
CA GLU E 248 -45.24 16.79 24.10
C GLU E 248 -44.90 16.75 22.62
N LYS E 249 -44.45 17.86 22.06
CA LYS E 249 -44.04 17.90 20.66
C LYS E 249 -42.83 17.02 20.44
N LYS E 250 -42.81 16.32 19.31
CA LYS E 250 -41.63 15.53 18.95
C LYS E 250 -40.49 16.48 18.62
N ILE E 251 -39.33 16.23 19.22
CA ILE E 251 -38.17 17.11 19.10
C ILE E 251 -37.31 16.58 17.96
N SER E 252 -37.44 17.19 16.79
CA SER E 252 -36.60 16.87 15.64
C SER E 252 -35.77 18.05 15.14
N SER E 253 -36.22 19.28 15.39
CA SER E 253 -35.48 20.46 14.97
C SER E 253 -34.35 20.74 15.95
N VAL E 254 -33.11 20.77 15.44
CA VAL E 254 -31.97 21.09 16.28
C VAL E 254 -32.04 22.53 16.76
N GLN E 255 -32.67 23.41 15.98
CA GLN E 255 -32.79 24.80 16.37
C GLN E 255 -33.72 25.00 17.56
N SER E 256 -34.62 24.05 17.81
CA SER E 256 -35.48 24.09 18.99
C SER E 256 -34.84 23.42 20.20
N ILE E 257 -33.72 22.73 20.03
CA ILE E 257 -33.05 22.05 21.13
C ILE E 257 -31.74 22.72 21.53
N VAL E 258 -31.15 23.55 20.66
CA VAL E 258 -29.86 24.16 20.98
C VAL E 258 -29.91 25.03 22.23
N PRO E 259 -30.89 25.93 22.42
CA PRO E 259 -30.87 26.75 23.65
C PRO E 259 -30.89 25.97 24.94
N ALA E 260 -31.66 24.88 24.99
CA ALA E 260 -31.67 24.04 26.19
C ALA E 260 -30.30 23.42 26.44
N LEU E 261 -29.64 22.96 25.38
CA LEU E 261 -28.30 22.40 25.50
C LEU E 261 -27.32 23.45 26.00
N GLU E 262 -27.42 24.68 25.49
CA GLU E 262 -26.54 25.75 25.94
C GLU E 262 -26.75 26.05 27.41
N ILE E 263 -28.01 26.09 27.85
CA ILE E 263 -28.30 26.36 29.25
C ILE E 263 -27.75 25.24 30.13
N ALA E 264 -27.93 23.98 29.71
CA ALA E 264 -27.41 22.87 30.49
C ALA E 264 -25.89 22.89 30.57
N ASN E 265 -25.22 23.21 29.46
CA ASN E 265 -23.77 23.19 29.44
C ASN E 265 -23.16 24.37 30.18
N GLN E 266 -23.85 25.52 30.19
CA GLN E 266 -23.32 26.68 30.91
C GLN E 266 -23.24 26.40 32.40
N HIS E 267 -24.25 25.75 32.96
CA HIS E 267 -24.26 25.40 34.38
C HIS E 267 -23.52 24.10 34.67
N ARG E 268 -23.00 23.44 33.64
CA ARG E 268 -22.30 22.15 33.79
C ARG E 268 -23.19 21.14 34.51
N LYS E 269 -24.38 20.93 33.94
CA LYS E 269 -25.41 20.11 34.56
C LYS E 269 -26.01 19.18 33.51
N PRO E 270 -26.19 17.90 33.83
CA PRO E 270 -26.74 16.96 32.84
C PRO E 270 -28.19 17.29 32.49
N LEU E 271 -28.59 16.88 31.28
CA LEU E 271 -29.93 17.14 30.78
C LEU E 271 -30.61 15.83 30.41
N VAL E 272 -31.83 15.65 30.88
CA VAL E 272 -32.67 14.51 30.51
C VAL E 272 -33.84 15.05 29.70
N ILE E 273 -34.01 14.54 28.49
CA ILE E 273 -35.02 15.02 27.56
C ILE E 273 -36.12 13.98 27.48
N VAL E 274 -37.30 14.32 28.00
CA VAL E 274 -38.47 13.45 27.96
C VAL E 274 -39.44 14.05 26.95
N ALA E 275 -39.66 13.36 25.84
CA ALA E 275 -40.51 13.87 24.78
C ALA E 275 -41.22 12.71 24.11
N GLU E 276 -42.21 13.05 23.27
CA GLU E 276 -42.96 12.02 22.56
C GLU E 276 -42.04 11.20 21.66
N ASP E 277 -41.15 11.87 20.93
CA ASP E 277 -40.16 11.17 20.12
C ASP E 277 -39.06 12.15 19.77
N VAL E 278 -37.84 11.88 20.23
CA VAL E 278 -36.67 12.66 19.87
C VAL E 278 -36.00 11.96 18.70
N ASP E 279 -36.07 12.57 17.52
CA ASP E 279 -35.61 11.94 16.30
C ASP E 279 -34.92 12.98 15.42
N GLY E 280 -34.50 12.53 14.23
CA GLY E 280 -33.97 13.44 13.23
C GLY E 280 -32.63 14.05 13.59
N GLU E 281 -32.39 15.24 13.06
CA GLU E 281 -31.12 15.93 13.30
C GLU E 281 -30.93 16.28 14.77
N ALA E 282 -32.01 16.44 15.54
CA ALA E 282 -31.87 16.64 16.98
C ALA E 282 -31.21 15.44 17.64
N LEU E 283 -31.74 14.24 17.37
CA LEU E 283 -31.12 13.03 17.92
C LEU E 283 -29.71 12.84 17.39
N SER E 284 -29.49 13.12 16.11
CA SER E 284 -28.15 12.97 15.54
C SER E 284 -27.15 13.90 16.24
N THR E 285 -27.54 15.15 16.48
CA THR E 285 -26.66 16.10 17.14
C THR E 285 -26.43 15.72 18.60
N LEU E 286 -27.47 15.22 19.28
CA LEU E 286 -27.29 14.76 20.65
C LEU E 286 -26.30 13.60 20.71
N VAL E 287 -26.40 12.67 19.75
CA VAL E 287 -25.47 11.55 19.71
C VAL E 287 -24.04 12.04 19.42
N LEU E 288 -23.90 12.95 18.46
CA LEU E 288 -22.58 13.42 18.05
C LEU E 288 -21.87 14.13 19.19
N ASN E 289 -22.58 14.99 19.91
CA ASN E 289 -21.96 15.76 20.99
C ASN E 289 -21.61 14.85 22.18
N ARG E 290 -22.44 13.86 22.45
CA ARG E 290 -22.17 12.96 23.58
C ARG E 290 -20.89 12.16 23.37
N LEU E 291 -20.67 11.67 22.14
CA LEU E 291 -19.48 10.87 21.86
C LEU E 291 -18.23 11.73 21.73
N LYS E 292 -18.35 12.91 21.10
CA LYS E 292 -17.18 13.74 20.81
C LYS E 292 -16.87 14.70 21.95
N VAL E 293 -17.82 15.56 22.32
CA VAL E 293 -17.59 16.57 23.35
C VAL E 293 -17.89 16.06 24.75
N GLY E 294 -18.26 14.80 24.90
CA GLY E 294 -18.58 14.27 26.22
C GLY E 294 -19.77 14.94 26.85
N LEU E 295 -20.81 15.22 26.07
CA LEU E 295 -21.99 15.91 26.58
C LEU E 295 -22.89 14.93 27.32
N GLN E 296 -23.31 15.33 28.52
CA GLN E 296 -24.11 14.45 29.39
C GLN E 296 -25.59 14.75 29.16
N VAL E 297 -26.11 14.20 28.06
CA VAL E 297 -27.50 14.41 27.66
C VAL E 297 -28.08 13.06 27.23
N VAL E 298 -29.31 12.78 27.68
CA VAL E 298 -29.99 11.53 27.35
C VAL E 298 -31.43 11.84 27.00
N ALA E 299 -31.92 11.26 25.91
CA ALA E 299 -33.30 11.44 25.46
C ALA E 299 -34.07 10.14 25.67
N VAL E 300 -35.27 10.26 26.25
CA VAL E 300 -36.12 9.11 26.51
C VAL E 300 -37.51 9.39 25.97
N LYS E 301 -38.16 8.34 25.46
CA LYS E 301 -39.49 8.47 24.91
C LYS E 301 -40.52 8.71 26.02
N ALA E 302 -41.53 9.52 25.70
CA ALA E 302 -42.56 9.85 26.67
C ALA E 302 -43.35 8.60 27.05
N PRO E 303 -43.60 8.37 28.33
CA PRO E 303 -44.33 7.17 28.73
C PRO E 303 -45.79 7.23 28.31
N GLY E 304 -46.36 6.05 28.08
CA GLY E 304 -47.79 5.92 27.85
C GLY E 304 -48.21 6.26 26.43
N PHE E 305 -49.53 6.25 26.24
CA PHE E 305 -50.14 6.49 24.94
C PHE E 305 -51.37 7.36 25.13
N GLY E 306 -51.72 8.09 24.07
CA GLY E 306 -52.93 8.90 24.07
C GLY E 306 -52.88 9.99 25.12
N ASP E 307 -54.06 10.29 25.68
CA ASP E 307 -54.14 11.33 26.70
C ASP E 307 -53.46 10.92 28.00
N ASN E 308 -53.28 9.61 28.24
CA ASN E 308 -52.52 9.18 29.41
C ASN E 308 -51.09 9.67 29.35
N ARG E 309 -50.54 9.81 28.15
CA ARG E 309 -49.19 10.34 27.99
C ARG E 309 -49.09 11.76 28.55
N LYS E 310 -50.07 12.61 28.22
CA LYS E 310 -50.05 13.99 28.68
C LYS E 310 -50.23 14.07 30.20
N ASN E 311 -51.09 13.21 30.75
CA ASN E 311 -51.34 13.23 32.18
C ASN E 311 -50.07 12.94 32.97
N GLN E 312 -49.36 11.87 32.59
CA GLN E 312 -48.14 11.54 33.31
C GLN E 312 -46.99 12.47 32.95
N LEU E 313 -47.02 13.12 31.77
CA LEU E 313 -46.04 14.16 31.50
C LEU E 313 -46.22 15.34 32.45
N ARG E 314 -47.47 15.78 32.67
CA ARG E 314 -47.73 16.86 33.62
C ARG E 314 -47.38 16.42 35.04
N ASP E 315 -47.67 15.17 35.38
CA ASP E 315 -47.32 14.65 36.71
C ASP E 315 -45.82 14.63 36.91
N MET E 316 -45.06 14.23 35.89
CA MET E 316 -43.61 14.25 35.96
C MET E 316 -43.10 15.68 36.10
N ALA E 317 -43.73 16.63 35.39
CA ALA E 317 -43.32 18.02 35.50
C ALA E 317 -43.52 18.56 36.90
N VAL E 318 -44.68 18.26 37.51
CA VAL E 318 -44.92 18.75 38.87
C VAL E 318 -44.10 17.98 39.89
N ALA E 319 -43.67 16.76 39.58
CA ALA E 319 -42.80 16.02 40.49
C ALA E 319 -41.37 16.54 40.44
N THR E 320 -40.91 16.96 39.26
CA THR E 320 -39.56 17.51 39.09
C THR E 320 -39.55 19.03 39.13
N GLY E 321 -40.70 19.67 39.29
CA GLY E 321 -40.76 21.12 39.26
C GLY E 321 -40.41 21.73 37.93
N GLY E 322 -40.78 21.07 36.83
CA GLY E 322 -40.49 21.54 35.49
C GLY E 322 -41.73 22.08 34.80
N THR E 323 -41.58 22.30 33.49
CA THR E 323 -42.66 22.82 32.66
C THR E 323 -42.79 21.97 31.40
N VAL E 324 -44.03 21.67 31.03
CA VAL E 324 -44.33 20.92 29.82
C VAL E 324 -44.40 21.89 28.65
N PHE E 325 -43.76 21.54 27.54
CA PHE E 325 -43.73 22.39 26.36
C PHE E 325 -44.60 21.84 25.24
N LEU E 332 -45.52 28.67 24.82
CA LEU E 332 -44.08 28.88 24.72
C LEU E 332 -43.42 27.73 23.97
N ALA E 333 -42.36 28.04 23.23
CA ALA E 333 -41.67 27.06 22.40
C ALA E 333 -40.44 26.52 23.13
N LEU E 334 -39.71 25.63 22.46
CA LEU E 334 -38.55 24.99 23.04
C LEU E 334 -37.27 25.82 22.92
N GLU E 335 -37.30 26.94 22.21
CA GLU E 335 -36.13 27.80 22.10
C GLU E 335 -36.20 28.99 23.05
N ASP E 336 -37.20 29.02 23.94
CA ASP E 336 -37.35 30.07 24.93
C ASP E 336 -37.20 29.53 26.35
N ILE E 337 -36.35 28.53 26.54
CA ILE E 337 -36.13 27.95 27.86
C ILE E 337 -35.11 28.81 28.61
N GLN E 338 -35.49 29.26 29.80
CA GLN E 338 -34.63 30.09 30.65
C GLN E 338 -34.26 29.37 31.94
N ALA E 339 -34.21 28.03 31.90
CA ALA E 339 -33.76 27.18 32.99
C ALA E 339 -34.73 27.17 34.17
N HIS E 340 -35.76 28.02 34.12
CA HIS E 340 -36.84 27.94 35.11
C HIS E 340 -37.96 27.03 34.65
N ASP E 341 -37.93 26.59 33.40
CA ASP E 341 -38.87 25.61 32.88
C ASP E 341 -38.34 24.18 32.98
N PHE E 342 -37.10 24.01 33.43
CA PHE E 342 -36.51 22.70 33.55
C PHE E 342 -36.95 22.02 34.85
N GLY E 343 -36.96 20.70 34.83
CA GLY E 343 -37.16 19.90 36.02
C GLY E 343 -35.82 19.46 36.58
N LYS E 344 -35.78 19.26 37.90
CA LYS E 344 -34.57 18.85 38.59
C LYS E 344 -34.72 17.42 39.07
N ILE E 345 -33.69 16.60 38.81
CA ILE E 345 -33.67 15.22 39.23
C ILE E 345 -32.39 14.95 40.01
N GLY E 346 -32.53 14.41 41.22
CA GLY E 346 -31.36 14.14 42.03
C GLY E 346 -30.47 13.06 41.44
N GLU E 347 -31.06 12.05 40.82
CA GLU E 347 -30.30 10.97 40.20
C GLU E 347 -31.18 10.25 39.21
N VAL E 348 -30.61 9.93 38.04
CA VAL E 348 -31.31 9.17 37.01
C VAL E 348 -30.68 7.80 36.90
N GLN E 349 -31.48 6.83 36.48
CA GLN E 349 -31.02 5.48 36.15
C GLN E 349 -31.82 5.05 34.92
N ILE E 350 -31.26 5.31 33.74
CA ILE E 350 -31.94 5.05 32.48
C ILE E 350 -31.24 3.87 31.82
N THR E 351 -31.96 2.76 31.71
CA THR E 351 -31.50 1.59 30.97
C THR E 351 -32.38 1.42 29.73
N LYS E 352 -32.07 0.37 28.95
CA LYS E 352 -32.75 0.18 27.67
C LYS E 352 -34.24 -0.05 27.81
N ASP E 353 -34.71 -0.46 28.98
CA ASP E 353 -36.12 -0.81 29.17
C ASP E 353 -36.88 0.21 30.02
N ASP E 354 -36.35 0.58 31.19
CA ASP E 354 -37.10 1.43 32.10
C ASP E 354 -36.20 2.52 32.67
N THR E 355 -36.83 3.63 33.05
CA THR E 355 -36.15 4.82 33.54
C THR E 355 -36.54 5.07 34.99
N LEU E 356 -35.55 5.44 35.80
CA LEU E 356 -35.76 5.73 37.21
C LEU E 356 -35.37 7.18 37.49
N LEU E 357 -36.33 7.97 37.95
CA LEU E 357 -36.09 9.34 38.40
C LEU E 357 -36.07 9.30 39.93
N LEU E 358 -34.87 9.31 40.51
CA LEU E 358 -34.71 8.89 41.90
C LEU E 358 -35.19 9.96 42.88
N LYS E 359 -34.69 11.19 42.76
CA LYS E 359 -35.05 12.26 43.67
C LYS E 359 -35.63 13.43 42.87
N GLY E 360 -36.81 13.87 43.26
CA GLY E 360 -37.50 14.93 42.55
C GLY E 360 -37.02 16.31 42.96
N GLY E 361 -37.65 17.32 42.36
CA GLY E 361 -37.34 18.70 42.66
C GLY E 361 -38.57 19.57 42.86
N GLY E 362 -39.75 18.98 42.67
CA GLY E 362 -40.97 19.73 42.83
C GLY E 362 -41.32 19.99 44.29
N SER E 363 -42.12 21.03 44.50
CA SER E 363 -42.54 21.37 45.84
C SER E 363 -43.49 20.31 46.39
N PRO E 364 -43.32 19.91 47.66
CA PRO E 364 -44.28 18.96 48.25
C PRO E 364 -45.72 19.45 48.19
N ALA E 365 -45.93 20.76 48.40
CA ALA E 365 -47.26 21.31 48.24
C ALA E 365 -47.72 21.19 46.79
N GLU E 366 -46.82 21.40 45.84
CA GLU E 366 -47.18 21.27 44.43
C GLU E 366 -47.56 19.84 44.08
N VAL E 367 -46.80 18.86 44.56
CA VAL E 367 -47.08 17.47 44.21
C VAL E 367 -48.34 16.98 44.91
N GLU E 368 -48.57 17.42 46.15
CA GLU E 368 -49.79 17.01 46.85
C GLU E 368 -51.01 17.70 46.26
N LYS E 369 -50.87 18.93 45.77
CA LYS E 369 -51.98 19.60 45.10
C LYS E 369 -52.35 18.88 43.82
N ARG E 370 -51.36 18.45 43.04
CA ARG E 370 -51.65 17.67 41.84
C ARG E 370 -52.25 16.32 42.20
N ALA E 371 -51.76 15.70 43.27
CA ALA E 371 -52.35 14.44 43.73
C ALA E 371 -53.79 14.63 44.16
N ALA E 372 -54.15 15.84 44.61
CA ALA E 372 -55.53 16.11 45.02
C ALA E 372 -56.49 16.00 43.84
N GLU E 373 -56.09 16.48 42.67
CA GLU E 373 -56.94 16.36 41.49
C GLU E 373 -57.18 14.91 41.12
N ILE E 374 -56.12 14.09 41.16
CA ILE E 374 -56.25 12.67 40.84
C ILE E 374 -57.10 11.97 41.89
N VAL E 375 -57.00 12.39 43.15
CA VAL E 375 -57.85 11.84 44.19
C VAL E 375 -59.31 12.19 43.92
N GLU E 376 -59.58 13.44 43.54
CA GLU E 376 -60.95 13.85 43.24
C GLU E 376 -61.52 13.09 42.06
N GLN E 377 -60.72 12.89 41.01
CA GLN E 377 -61.16 12.07 39.90
C GLN E 377 -61.33 10.61 40.30
N LEU E 378 -60.56 10.16 41.28
CA LEU E 378 -60.70 8.78 41.76
C LEU E 378 -61.99 8.58 42.55
N GLU E 379 -62.43 9.60 43.28
CA GLU E 379 -63.74 9.53 43.93
C GLU E 379 -64.86 9.49 42.90
N ASN E 380 -64.78 10.36 41.89
CA ASN E 380 -65.78 10.40 40.83
C ASN E 380 -65.36 9.57 39.62
N THR E 381 -65.05 8.30 39.85
CA THR E 381 -64.66 7.41 38.76
C THR E 381 -65.89 6.93 38.00
N THR E 382 -65.86 7.06 36.68
CA THR E 382 -66.93 6.55 35.84
C THR E 382 -66.81 5.06 35.58
N SER E 383 -65.63 4.47 35.80
CA SER E 383 -65.41 3.06 35.52
C SER E 383 -64.24 2.56 36.34
N ASP E 384 -64.13 1.24 36.43
CA ASP E 384 -63.00 0.63 37.12
C ASP E 384 -61.70 0.81 36.36
N TYR E 385 -61.77 0.77 35.02
CA TYR E 385 -60.57 0.99 34.21
C TYR E 385 -60.03 2.40 34.38
N GLU E 386 -60.93 3.39 34.48
CA GLU E 386 -60.49 4.76 34.71
C GLU E 386 -59.80 4.90 36.06
N LYS E 387 -60.28 4.18 37.07
CA LYS E 387 -59.63 4.22 38.38
C LYS E 387 -58.23 3.61 38.33
N GLU E 388 -57.99 2.67 37.41
CA GLU E 388 -56.69 2.02 37.34
C GLU E 388 -55.59 3.02 37.00
N LYS E 389 -55.80 3.81 35.94
CA LYS E 389 -54.80 4.81 35.56
C LYS E 389 -54.62 5.87 36.65
N LEU E 390 -55.73 6.28 37.27
CA LEU E 390 -55.65 7.31 38.31
C LEU E 390 -54.84 6.81 39.51
N ASN E 391 -55.09 5.59 39.96
CA ASN E 391 -54.32 5.08 41.09
C ASN E 391 -52.88 4.75 40.70
N GLU E 392 -52.64 4.41 39.43
CA GLU E 392 -51.26 4.25 38.98
C GLU E 392 -50.50 5.58 39.05
N ARG E 393 -51.14 6.67 38.61
CA ARG E 393 -50.51 7.98 38.73
C ARG E 393 -50.32 8.37 40.19
N LEU E 394 -51.30 8.05 41.04
CA LEU E 394 -51.17 8.34 42.47
C LEU E 394 -50.00 7.57 43.09
N ALA E 395 -49.83 6.31 42.71
CA ALA E 395 -48.69 5.54 43.20
C ALA E 395 -47.38 6.10 42.67
N LYS E 396 -47.37 6.56 41.42
CA LYS E 396 -46.16 7.18 40.88
C LYS E 396 -45.79 8.45 41.66
N LEU E 397 -46.80 9.22 42.05
CA LEU E 397 -46.54 10.51 42.71
C LEU E 397 -46.24 10.35 44.20
N SER E 398 -47.22 9.84 44.96
CA SER E 398 -47.10 9.86 46.41
C SER E 398 -46.30 8.65 46.94
N ASP E 399 -46.47 7.49 46.32
CA ASP E 399 -45.75 6.29 46.76
C ASP E 399 -44.31 6.36 46.26
N GLY E 400 -43.36 6.47 47.19
CA GLY E 400 -41.97 6.60 46.82
C GLY E 400 -41.31 5.28 46.53
N VAL E 401 -40.06 5.37 46.08
CA VAL E 401 -39.27 4.19 45.77
C VAL E 401 -38.46 3.79 47.01
N ALA E 402 -38.08 2.52 47.07
CA ALA E 402 -37.33 1.97 48.18
C ALA E 402 -35.89 1.73 47.73
N VAL E 403 -34.96 2.52 48.27
CA VAL E 403 -33.54 2.39 47.97
C VAL E 403 -32.87 1.73 49.17
N LEU E 404 -32.30 0.54 48.96
CA LEU E 404 -31.56 -0.15 50.00
C LEU E 404 -30.09 -0.20 49.60
N LYS E 405 -29.23 0.26 50.50
CA LYS E 405 -27.79 0.37 50.26
C LYS E 405 -27.08 -0.69 51.08
N VAL E 406 -26.20 -1.45 50.42
CA VAL E 406 -25.50 -2.56 51.06
C VAL E 406 -24.24 -2.04 51.72
N GLY E 407 -24.00 -2.48 52.96
CA GLY E 407 -22.80 -2.11 53.70
C GLY E 407 -21.65 -3.06 53.42
N GLY E 408 -20.61 -2.92 54.24
CA GLY E 408 -19.46 -3.80 54.14
C GLY E 408 -18.22 -3.10 54.66
N THR E 409 -17.12 -3.85 54.64
CA THR E 409 -15.83 -3.34 55.09
C THR E 409 -14.92 -2.91 53.95
N SER E 410 -15.16 -3.40 52.74
CA SER E 410 -14.36 -3.05 51.58
C SER E 410 -15.26 -2.61 50.45
N ASP E 411 -14.75 -1.69 49.62
CA ASP E 411 -15.53 -1.17 48.50
C ASP E 411 -15.88 -2.27 47.50
N VAL E 412 -14.90 -3.13 47.18
CA VAL E 412 -15.17 -4.24 46.27
C VAL E 412 -16.14 -5.23 46.91
N GLU E 413 -16.00 -5.45 48.22
CA GLU E 413 -16.97 -6.28 48.93
C GLU E 413 -18.37 -5.68 48.87
N VAL E 414 -18.46 -4.35 48.97
CA VAL E 414 -19.75 -3.68 48.84
C VAL E 414 -20.35 -3.91 47.46
N ASN E 415 -19.52 -3.79 46.41
CA ASN E 415 -20.02 -4.02 45.05
C ASN E 415 -20.49 -5.46 44.86
N GLU E 416 -19.71 -6.43 45.34
CA GLU E 416 -20.10 -7.83 45.19
C GLU E 416 -21.40 -8.12 45.95
N LYS E 417 -21.52 -7.59 47.18
CA LYS E 417 -22.75 -7.77 47.93
C LYS E 417 -23.92 -7.06 47.25
N LYS E 418 -23.67 -5.92 46.59
CA LYS E 418 -24.74 -5.28 45.84
C LYS E 418 -25.24 -6.17 44.72
N ASP E 419 -24.32 -6.80 43.98
CA ASP E 419 -24.75 -7.72 42.93
C ASP E 419 -25.52 -8.90 43.50
N ARG E 420 -25.04 -9.47 44.61
CA ARG E 420 -25.73 -10.59 45.22
C ARG E 420 -27.14 -10.20 45.68
N VAL E 421 -27.27 -9.03 46.30
CA VAL E 421 -28.56 -8.57 46.78
C VAL E 421 -29.50 -8.28 45.61
N THR E 422 -28.97 -7.74 44.51
CA THR E 422 -29.81 -7.53 43.34
C THR E 422 -30.35 -8.85 42.80
N ASP E 423 -29.48 -9.87 42.71
CA ASP E 423 -29.94 -11.18 42.24
C ASP E 423 -30.99 -11.75 43.17
N ALA E 424 -30.76 -11.68 44.48
CA ALA E 424 -31.72 -12.23 45.45
C ALA E 424 -33.04 -11.47 45.39
N LEU E 425 -32.98 -10.15 45.23
CA LEU E 425 -34.20 -9.34 45.13
C LEU E 425 -35.00 -9.71 43.89
N ASN E 426 -34.33 -9.89 42.76
CA ASN E 426 -35.04 -10.29 41.54
C ASN E 426 -35.68 -11.66 41.72
N ALA E 427 -34.95 -12.61 42.32
CA ALA E 427 -35.51 -13.93 42.56
C ALA E 427 -36.73 -13.86 43.47
N THR E 428 -36.66 -13.05 44.54
CA THR E 428 -37.78 -12.93 45.47
C THR E 428 -38.98 -12.28 44.80
N ARG E 429 -38.75 -11.27 43.95
CA ARG E 429 -39.86 -10.65 43.25
C ARG E 429 -40.53 -11.62 42.29
N ALA E 430 -39.74 -12.44 41.58
CA ALA E 430 -40.33 -13.46 40.73
C ALA E 430 -41.13 -14.47 41.54
N ALA E 431 -40.60 -14.86 42.71
CA ALA E 431 -41.31 -15.79 43.58
C ALA E 431 -42.64 -15.21 44.05
N VAL E 432 -42.65 -13.93 44.41
CA VAL E 432 -43.91 -13.28 44.79
C VAL E 432 -44.86 -13.22 43.60
N GLU E 433 -44.32 -13.01 42.40
CA GLU E 433 -45.15 -12.92 41.21
C GLU E 433 -45.87 -14.23 40.92
N GLU E 434 -45.13 -15.36 40.91
CA GLU E 434 -45.76 -16.60 40.48
C GLU E 434 -45.40 -17.82 41.34
N GLY E 435 -45.02 -17.62 42.60
CA GLY E 435 -44.77 -18.75 43.48
C GLY E 435 -43.39 -19.37 43.30
N ILE E 436 -43.20 -20.50 43.97
CA ILE E 436 -41.92 -21.23 43.94
C ILE E 436 -42.18 -22.70 43.65
N VAL E 437 -41.16 -23.35 43.09
CA VAL E 437 -41.20 -24.79 42.80
C VAL E 437 -39.90 -25.40 43.28
N PRO E 438 -39.87 -26.71 43.48
CA PRO E 438 -38.61 -27.37 43.89
C PRO E 438 -37.50 -27.13 42.87
N GLY E 439 -36.30 -26.91 43.37
CA GLY E 439 -35.15 -26.59 42.54
C GLY E 439 -34.43 -27.82 42.03
N GLY E 440 -33.20 -27.59 41.56
CA GLY E 440 -32.41 -28.67 40.99
C GLY E 440 -32.96 -29.22 39.70
N GLY E 441 -33.77 -28.45 38.98
CA GLY E 441 -34.42 -28.94 37.79
C GLY E 441 -35.45 -30.01 38.03
N CYS E 442 -35.87 -30.21 39.29
CA CYS E 442 -36.76 -31.31 39.65
C CYS E 442 -38.23 -30.99 39.40
N ALA E 443 -38.60 -29.72 39.16
CA ALA E 443 -39.98 -29.41 38.83
C ALA E 443 -40.36 -29.97 37.48
N LEU E 444 -39.52 -29.74 36.46
CA LEU E 444 -39.74 -30.35 35.16
C LEU E 444 -39.66 -31.87 35.24
N LEU E 445 -38.85 -32.39 36.16
CA LEU E 445 -38.74 -33.83 36.33
C LEU E 445 -40.01 -34.42 36.93
N ARG E 446 -40.67 -33.69 37.83
CA ARG E 446 -41.92 -34.13 38.42
C ARG E 446 -43.11 -33.86 37.51
N CYS E 447 -42.95 -33.00 36.50
CA CYS E 447 -44.01 -32.78 35.52
C CYS E 447 -44.06 -33.87 34.46
N ILE E 448 -43.14 -34.83 34.49
CA ILE E 448 -43.11 -35.88 33.47
C ILE E 448 -44.36 -36.76 33.49
N PRO E 449 -44.84 -37.26 34.64
CA PRO E 449 -46.01 -38.16 34.61
C PRO E 449 -47.27 -37.53 34.03
N SER E 450 -47.34 -36.19 33.96
CA SER E 450 -48.52 -35.54 33.40
C SER E 450 -48.64 -35.75 31.89
N LEU E 451 -47.56 -36.17 31.23
CA LEU E 451 -47.60 -36.37 29.79
C LEU E 451 -48.36 -37.61 29.36
N ASP E 452 -48.68 -38.51 30.31
CA ASP E 452 -49.30 -39.78 29.95
C ASP E 452 -50.70 -39.57 29.36
N ALA E 453 -51.49 -38.67 29.95
CA ALA E 453 -52.89 -38.47 29.54
C ALA E 453 -52.96 -37.29 28.57
N ILE E 454 -52.65 -37.57 27.31
CA ILE E 454 -52.76 -36.58 26.24
C ILE E 454 -53.42 -37.23 25.04
N GLN E 455 -54.44 -36.57 24.49
CA GLN E 455 -55.15 -37.06 23.32
C GLN E 455 -54.34 -36.69 22.08
N THR E 456 -53.61 -37.66 21.53
CA THR E 456 -52.77 -37.46 20.36
C THR E 456 -53.51 -37.91 19.11
N ALA E 457 -53.49 -37.07 18.07
CA ALA E 457 -54.21 -37.39 16.85
C ALA E 457 -53.48 -38.43 16.01
N ASN E 458 -52.26 -38.13 15.58
CA ASN E 458 -51.47 -39.03 14.76
C ASN E 458 -50.16 -39.35 15.47
N ALA E 459 -49.26 -40.04 14.75
CA ALA E 459 -48.01 -40.49 15.34
C ALA E 459 -47.04 -39.33 15.58
N ASP E 460 -47.07 -38.32 14.71
CA ASP E 460 -46.09 -37.24 14.81
C ASP E 460 -46.31 -36.40 16.07
N GLN E 461 -47.56 -36.21 16.47
CA GLN E 461 -47.83 -35.50 17.71
C GLN E 461 -47.26 -36.25 18.90
N LYS E 462 -47.43 -37.58 18.92
CA LYS E 462 -46.84 -38.39 19.98
C LYS E 462 -45.31 -38.33 19.94
N ILE E 463 -44.74 -38.25 18.74
CA ILE E 463 -43.29 -38.11 18.62
C ILE E 463 -42.83 -36.81 19.27
N GLY E 464 -43.55 -35.72 19.01
CA GLY E 464 -43.20 -34.44 19.64
C GLY E 464 -43.38 -34.47 21.14
N VAL E 465 -44.44 -35.13 21.62
CA VAL E 465 -44.64 -35.25 23.07
C VAL E 465 -43.50 -36.04 23.70
N GLU E 466 -43.06 -37.11 23.03
CA GLU E 466 -41.91 -37.86 23.53
C GLU E 466 -40.63 -37.03 23.49
N ILE E 467 -40.50 -36.16 22.49
CA ILE E 467 -39.37 -35.23 22.43
C ILE E 467 -39.35 -34.37 23.69
N ILE E 468 -40.50 -33.80 24.05
CA ILE E 468 -40.53 -32.93 25.22
C ILE E 468 -40.35 -33.76 26.49
N ARG E 469 -40.83 -35.01 26.50
CA ARG E 469 -40.66 -35.86 27.67
C ARG E 469 -39.19 -36.15 27.92
N ARG E 470 -38.45 -36.45 26.85
CA ARG E 470 -37.01 -36.62 26.98
C ARG E 470 -36.33 -35.32 27.40
N ALA E 471 -36.78 -34.19 26.85
CA ALA E 471 -36.17 -32.91 27.18
C ALA E 471 -36.39 -32.54 28.65
N LEU E 472 -37.49 -33.00 29.25
CA LEU E 472 -37.79 -32.61 30.63
C LEU E 472 -36.73 -33.12 31.61
N ARG E 473 -36.09 -34.25 31.31
CA ARG E 473 -35.04 -34.77 32.18
C ARG E 473 -33.70 -34.05 32.00
N ILE E 474 -33.57 -33.20 30.98
CA ILE E 474 -32.26 -32.63 30.65
C ILE E 474 -31.68 -31.79 31.79
N PRO E 475 -32.42 -30.84 32.39
CA PRO E 475 -31.78 -29.99 33.41
C PRO E 475 -31.28 -30.74 34.63
N ALA E 476 -32.12 -31.60 35.22
CA ALA E 476 -31.69 -32.36 36.40
C ALA E 476 -30.54 -33.29 36.08
N MET E 477 -30.60 -33.94 34.90
CA MET E 477 -29.52 -34.82 34.49
C MET E 477 -28.21 -34.06 34.31
N THR E 478 -28.28 -32.87 33.71
CA THR E 478 -27.09 -32.06 33.53
C THR E 478 -26.51 -31.62 34.87
N ILE E 479 -27.37 -31.23 35.80
CA ILE E 479 -26.88 -30.84 37.13
C ILE E 479 -26.19 -32.02 37.82
N ALA E 480 -26.80 -33.20 37.75
CA ALA E 480 -26.20 -34.39 38.36
C ALA E 480 -24.87 -34.74 37.71
N LYS E 481 -24.80 -34.65 36.37
CA LYS E 481 -23.55 -34.94 35.69
C LYS E 481 -22.46 -33.95 36.07
N ASN E 482 -22.82 -32.67 36.20
CA ASN E 482 -21.85 -31.67 36.63
C ASN E 482 -21.37 -31.95 38.04
N ALA E 483 -22.26 -32.42 38.92
CA ALA E 483 -21.86 -32.78 40.28
C ALA E 483 -20.93 -33.98 40.30
N GLY E 484 -20.87 -34.75 39.22
CA GLY E 484 -20.02 -35.93 39.15
C GLY E 484 -20.76 -37.25 39.17
N VAL E 485 -22.08 -37.23 39.22
CA VAL E 485 -22.88 -38.45 39.28
C VAL E 485 -23.34 -38.78 37.86
N GLU E 486 -23.75 -40.04 37.66
CA GLU E 486 -24.16 -40.48 36.32
C GLU E 486 -25.36 -39.69 35.82
N GLY E 487 -26.31 -39.38 36.70
CA GLY E 487 -27.45 -38.58 36.32
C GLY E 487 -28.69 -39.36 35.93
N SER E 488 -28.54 -40.33 35.01
CA SER E 488 -29.69 -41.16 34.65
C SER E 488 -30.19 -41.95 35.85
N LEU E 489 -29.27 -42.50 36.64
CA LEU E 489 -29.65 -43.20 37.86
C LEU E 489 -30.34 -42.26 38.85
N VAL E 490 -29.85 -41.02 38.95
CA VAL E 490 -30.46 -40.04 39.84
C VAL E 490 -31.90 -39.74 39.40
N VAL E 491 -32.10 -39.55 38.09
CA VAL E 491 -33.44 -39.28 37.59
C VAL E 491 -34.36 -40.46 37.84
N GLU E 492 -33.87 -41.68 37.61
CA GLU E 492 -34.69 -42.86 37.85
C GLU E 492 -35.04 -42.99 39.33
N LYS E 493 -34.09 -42.68 40.22
CA LYS E 493 -34.36 -42.73 41.65
C LYS E 493 -35.40 -41.69 42.06
N ILE E 494 -35.28 -40.47 41.54
CA ILE E 494 -36.21 -39.41 41.91
C ILE E 494 -37.62 -39.73 41.42
N LEU E 495 -37.74 -40.16 40.17
CA LEU E 495 -39.06 -40.43 39.61
C LEU E 495 -39.69 -41.67 40.24
N GLN E 496 -39.03 -42.81 40.11
CA GLN E 496 -39.54 -44.08 40.64
C GLN E 496 -39.09 -44.26 42.10
N GLY E 497 -39.54 -43.34 42.95
CA GLY E 497 -39.22 -43.38 44.36
C GLY E 497 -40.26 -42.65 45.17
N SER E 498 -39.82 -41.95 46.22
CA SER E 498 -40.73 -41.16 47.02
C SER E 498 -41.19 -39.92 46.24
N ALA E 499 -42.25 -39.28 46.75
CA ALA E 499 -42.84 -38.17 46.04
C ALA E 499 -41.98 -36.92 46.08
N GLU E 500 -41.73 -36.38 47.27
CA GLU E 500 -41.02 -35.11 47.41
C GLU E 500 -39.58 -35.38 47.84
N LEU E 501 -38.81 -35.95 46.90
CA LEU E 501 -37.41 -36.23 47.11
C LEU E 501 -36.66 -35.98 45.81
N GLY E 502 -35.83 -34.95 45.80
CA GLY E 502 -34.92 -34.65 44.69
C GLY E 502 -33.52 -35.14 44.97
N TYR E 503 -32.54 -34.33 44.60
CA TYR E 503 -31.13 -34.66 44.88
C TYR E 503 -30.37 -33.37 45.14
N ASP E 504 -30.03 -33.13 46.41
CA ASP E 504 -29.07 -32.10 46.76
C ASP E 504 -27.67 -32.58 46.37
N ALA E 505 -26.90 -31.70 45.72
CA ALA E 505 -25.51 -32.01 45.38
C ALA E 505 -24.66 -31.87 46.65
N MET E 506 -24.83 -32.84 47.54
CA MET E 506 -24.17 -32.82 48.84
C MET E 506 -23.49 -34.14 49.14
N GLU E 509 -27.24 -35.69 48.69
CA GLU E 509 -28.30 -36.21 49.55
C GLU E 509 -29.67 -36.11 48.88
N TYR E 510 -30.39 -37.23 48.86
CA TYR E 510 -31.74 -37.29 48.28
C TYR E 510 -32.70 -36.85 49.36
N VAL E 511 -33.22 -35.63 49.25
CA VAL E 511 -34.01 -35.03 50.32
C VAL E 511 -35.17 -34.24 49.74
N ASN E 512 -36.09 -33.85 50.63
CA ASN E 512 -37.16 -32.92 50.29
C ASN E 512 -36.57 -31.59 49.86
N MET E 513 -36.80 -31.22 48.60
CA MET E 513 -36.14 -30.04 48.05
C MET E 513 -36.62 -28.76 48.72
N VAL E 514 -37.93 -28.63 48.94
CA VAL E 514 -38.48 -27.41 49.50
C VAL E 514 -38.09 -27.26 50.97
N GLU E 515 -38.08 -28.37 51.71
CA GLU E 515 -37.86 -28.30 53.15
C GLU E 515 -36.47 -27.78 53.49
N LYS E 516 -35.44 -28.28 52.81
CA LYS E 516 -34.09 -27.79 53.07
C LYS E 516 -33.88 -26.38 52.52
N GLY E 517 -34.54 -26.04 51.41
CA GLY E 517 -34.43 -24.71 50.87
C GLY E 517 -33.80 -24.66 49.49
N ILE E 518 -33.90 -25.75 48.75
CA ILE E 518 -33.40 -25.79 47.37
C ILE E 518 -34.62 -25.58 46.49
N ILE E 519 -34.91 -24.31 46.17
CA ILE E 519 -36.11 -23.93 45.45
C ILE E 519 -35.73 -23.01 44.30
N ASP E 520 -36.61 -22.96 43.31
CA ASP E 520 -36.52 -22.05 42.18
C ASP E 520 -37.88 -21.41 41.95
N PRO E 521 -37.90 -20.18 41.44
CA PRO E 521 -39.19 -19.55 41.13
C PRO E 521 -39.92 -20.28 40.01
N THR E 522 -41.24 -20.33 40.12
CA THR E 522 -42.05 -20.94 39.07
C THR E 522 -41.99 -20.14 37.78
N LYS E 523 -41.90 -18.81 37.89
CA LYS E 523 -41.81 -17.97 36.70
C LYS E 523 -40.58 -18.31 35.88
N VAL E 524 -39.45 -18.52 36.54
CA VAL E 524 -38.19 -18.79 35.84
C VAL E 524 -38.31 -20.06 35.00
N VAL E 525 -38.78 -21.15 35.63
CA VAL E 525 -38.83 -22.43 34.92
C VAL E 525 -39.90 -22.41 33.83
N ARG E 526 -41.06 -21.81 34.12
CA ARG E 526 -42.11 -21.73 33.10
C ARG E 526 -41.64 -20.94 31.88
N THR E 527 -41.05 -19.76 32.12
CA THR E 527 -40.59 -18.94 31.01
C THR E 527 -39.46 -19.61 30.25
N ALA E 528 -38.54 -20.26 30.97
CA ALA E 528 -37.42 -20.93 30.30
C ALA E 528 -37.92 -22.04 29.38
N LEU E 529 -38.83 -22.88 29.89
CA LEU E 529 -39.37 -23.96 29.05
C LEU E 529 -40.14 -23.40 27.86
N LEU E 530 -40.97 -22.37 28.10
CA LEU E 530 -41.76 -21.81 27.02
C LEU E 530 -40.88 -21.21 25.93
N ASP E 531 -39.83 -20.48 26.33
CA ASP E 531 -38.96 -19.84 25.35
C ASP E 531 -38.09 -20.85 24.62
N ALA E 532 -37.63 -21.89 25.32
CA ALA E 532 -36.89 -22.95 24.65
C ALA E 532 -37.75 -23.64 23.61
N ALA E 533 -39.00 -23.95 23.96
CA ALA E 533 -39.91 -24.54 22.99
C ALA E 533 -40.15 -23.61 21.81
N GLY E 534 -40.31 -22.31 22.08
CA GLY E 534 -40.52 -21.36 21.01
C GLY E 534 -39.36 -21.29 20.05
N VAL E 535 -38.14 -21.22 20.58
CA VAL E 535 -36.97 -21.10 19.71
C VAL E 535 -36.74 -22.40 18.93
N ALA E 536 -36.98 -23.55 19.57
CA ALA E 536 -36.85 -24.82 18.85
C ALA E 536 -37.88 -24.92 17.73
N SER E 537 -39.12 -24.50 17.99
CA SER E 537 -40.14 -24.50 16.95
C SER E 537 -39.78 -23.54 15.82
N LEU E 538 -39.23 -22.37 16.16
CA LEU E 538 -38.81 -21.43 15.12
C LEU E 538 -37.70 -22.01 14.26
N LEU E 539 -36.73 -22.70 14.88
CA LEU E 539 -35.67 -23.33 14.12
C LEU E 539 -36.21 -24.47 13.25
N SER E 540 -37.22 -25.19 13.73
CA SER E 540 -37.80 -26.29 12.94
C SER E 540 -38.65 -25.77 11.79
N THR E 541 -39.26 -24.59 11.95
CA THR E 541 -40.04 -24.01 10.85
C THR E 541 -39.16 -23.54 9.70
N ALA E 542 -37.87 -23.33 9.95
CA ALA E 542 -36.99 -22.79 8.93
C ALA E 542 -36.78 -23.79 7.80
N GLU E 543 -37.10 -23.38 6.58
CA GLU E 543 -36.86 -24.20 5.40
C GLU E 543 -35.81 -23.60 4.46
N ALA E 544 -35.34 -22.39 4.74
CA ALA E 544 -34.30 -21.76 3.92
C ALA E 544 -33.62 -20.68 4.75
N VAL E 545 -32.30 -20.64 4.67
CA VAL E 545 -31.49 -19.65 5.38
C VAL E 545 -30.63 -18.91 4.36
N VAL E 546 -30.70 -17.59 4.39
CA VAL E 546 -29.97 -16.73 3.45
C VAL E 546 -28.88 -16.01 4.22
N THR E 547 -27.63 -16.24 3.82
CA THR E 547 -26.47 -15.62 4.45
C THR E 547 -25.70 -14.81 3.40
N GLU E 548 -24.74 -14.02 3.89
CA GLU E 548 -23.92 -13.18 3.03
C GLU E 548 -22.61 -13.88 2.73
N ILE E 549 -22.21 -13.87 1.46
CA ILE E 549 -20.95 -14.50 1.06
C ILE E 549 -19.79 -13.75 1.71
N PRO E 550 -18.88 -14.44 2.41
CA PRO E 550 -17.73 -13.80 3.07
C PRO E 550 -16.57 -13.54 2.12
N TYR F 26 -15.54 -10.50 17.33
CA TYR F 26 -14.68 -11.46 16.66
C TYR F 26 -15.17 -12.89 16.90
N ALA F 27 -14.84 -13.79 15.98
CA ALA F 27 -15.24 -15.18 16.11
C ALA F 27 -14.43 -15.86 17.22
N LYS F 28 -14.95 -17.01 17.67
CA LYS F 28 -14.36 -17.74 18.77
C LYS F 28 -14.18 -19.20 18.39
N ASP F 29 -13.21 -19.85 19.04
CA ASP F 29 -13.03 -21.29 18.96
C ASP F 29 -13.01 -21.85 20.38
N VAL F 30 -13.84 -22.85 20.64
CA VAL F 30 -14.01 -23.40 21.98
C VAL F 30 -13.66 -24.88 21.96
N LYS F 31 -12.86 -25.31 22.94
CA LYS F 31 -12.48 -26.70 23.11
C LYS F 31 -12.94 -27.18 24.48
N PHE F 32 -13.26 -28.46 24.58
CA PHE F 32 -13.94 -29.00 25.74
C PHE F 32 -13.11 -30.08 26.42
N GLY F 33 -13.08 -30.03 27.75
CA GLY F 33 -12.64 -31.17 28.54
C GLY F 33 -11.15 -31.46 28.42
N ALA F 34 -10.83 -32.75 28.41
CA ALA F 34 -9.45 -33.18 28.43
C ALA F 34 -8.69 -32.71 27.20
N ASP F 35 -9.38 -32.51 26.08
CA ASP F 35 -8.71 -32.01 24.88
C ASP F 35 -8.09 -30.63 25.12
N ALA F 36 -8.84 -29.73 25.76
CA ALA F 36 -8.31 -28.41 26.08
C ALA F 36 -7.36 -28.45 27.26
N ARG F 37 -7.66 -29.29 28.25
CA ARG F 37 -6.77 -29.43 29.40
C ARG F 37 -5.39 -29.92 28.98
N ALA F 38 -5.32 -30.75 27.93
CA ALA F 38 -4.03 -31.22 27.44
C ALA F 38 -3.20 -30.08 26.87
N LEU F 39 -3.81 -29.18 26.09
CA LEU F 39 -3.08 -28.03 25.57
C LEU F 39 -2.62 -27.11 26.69
N MET F 40 -3.50 -26.86 27.66
CA MET F 40 -3.10 -26.03 28.79
C MET F 40 -1.97 -26.69 29.57
N LEU F 41 -2.02 -28.01 29.71
CA LEU F 41 -0.95 -28.75 30.37
C LEU F 41 0.36 -28.63 29.59
N GLN F 42 0.29 -28.66 28.26
CA GLN F 42 1.49 -28.47 27.47
C GLN F 42 2.10 -27.10 27.72
N GLY F 43 1.25 -26.07 27.81
CA GLY F 43 1.77 -24.73 28.10
C GLY F 43 2.42 -24.64 29.47
N VAL F 44 1.76 -25.18 30.49
CA VAL F 44 2.35 -25.14 31.83
C VAL F 44 3.60 -26.01 31.89
N ASP F 45 3.65 -27.09 31.11
CA ASP F 45 4.85 -27.92 31.05
C ASP F 45 6.01 -27.12 30.48
N LEU F 46 5.78 -26.37 29.40
CA LEU F 46 6.84 -25.55 28.85
C LEU F 46 7.31 -24.51 29.86
N LEU F 47 6.37 -23.82 30.49
CA LEU F 47 6.73 -22.77 31.45
C LEU F 47 7.53 -23.33 32.62
N ALA F 48 7.07 -24.45 33.18
CA ALA F 48 7.75 -25.00 34.35
C ALA F 48 9.05 -25.68 33.98
N ASP F 49 9.17 -26.23 32.77
CA ASP F 49 10.45 -26.74 32.31
C ASP F 49 11.45 -25.60 32.18
N ALA F 50 11.01 -24.44 31.70
CA ALA F 50 11.89 -23.27 31.68
C ALA F 50 12.29 -22.85 33.09
N VAL F 51 11.33 -22.80 34.02
CA VAL F 51 11.59 -22.24 35.33
C VAL F 51 12.45 -23.17 36.18
N ALA F 52 12.15 -24.48 36.16
CA ALA F 52 12.73 -25.42 37.12
C ALA F 52 14.23 -25.58 36.98
N VAL F 53 14.80 -25.32 35.80
CA VAL F 53 16.24 -25.49 35.62
C VAL F 53 17.03 -24.53 36.49
N THR F 54 16.40 -23.44 36.96
CA THR F 54 17.06 -22.47 37.81
C THR F 54 16.86 -22.76 39.30
N MET F 55 16.22 -23.87 39.64
CA MET F 55 15.91 -24.16 41.02
C MET F 55 17.15 -24.57 41.80
N GLY F 56 17.17 -24.21 43.09
CA GLY F 56 18.21 -24.63 43.99
C GLY F 56 19.43 -23.74 43.97
N PRO F 57 20.30 -23.92 44.97
CA PRO F 57 21.53 -23.10 45.01
C PRO F 57 22.51 -23.42 43.90
N LYS F 58 22.40 -24.60 43.28
CA LYS F 58 23.20 -24.95 42.11
C LYS F 58 22.40 -24.89 40.82
N GLY F 59 21.45 -23.94 40.74
CA GLY F 59 20.60 -23.86 39.58
C GLY F 59 21.35 -23.49 38.32
N ARG F 60 20.73 -23.80 37.18
CA ARG F 60 21.36 -23.63 35.89
C ARG F 60 21.08 -22.23 35.34
N THR F 61 21.40 -22.03 34.07
CA THR F 61 21.33 -20.74 33.41
C THR F 61 20.29 -20.78 32.30
N VAL F 62 19.48 -19.72 32.20
CA VAL F 62 18.55 -19.53 31.10
C VAL F 62 18.95 -18.28 30.34
N ILE F 63 19.09 -18.41 29.03
CA ILE F 63 19.44 -17.29 28.17
C ILE F 63 18.15 -16.79 27.53
N ILE F 64 17.82 -15.52 27.78
CA ILE F 64 16.61 -14.89 27.27
C ILE F 64 17.02 -13.84 26.25
N GLU F 65 16.51 -13.95 25.04
CA GLU F 65 16.82 -12.97 24.01
C GLU F 65 16.16 -11.63 24.32
N GLN F 66 16.95 -10.57 24.36
CA GLN F 66 16.44 -9.23 24.53
C GLN F 66 16.31 -8.56 23.17
N SER F 67 15.19 -7.85 22.98
CA SER F 67 14.94 -7.23 21.68
C SER F 67 16.01 -6.21 21.33
N TRP F 68 16.45 -5.43 22.30
CA TRP F 68 17.53 -4.47 22.12
C TRP F 68 18.67 -4.86 23.05
N GLY F 69 19.84 -5.14 22.47
CA GLY F 69 21.04 -5.43 23.23
C GLY F 69 21.41 -6.89 23.22
N SER F 70 22.37 -7.23 24.07
CA SER F 70 22.89 -8.59 24.16
C SER F 70 21.88 -9.50 24.86
N PRO F 71 22.01 -10.82 24.65
CA PRO F 71 21.13 -11.75 25.36
C PRO F 71 21.30 -11.66 26.86
N LYS F 72 20.21 -11.97 27.57
CA LYS F 72 20.16 -11.85 29.02
C LYS F 72 20.38 -13.22 29.64
N VAL F 73 21.48 -13.38 30.39
CA VAL F 73 21.81 -14.62 31.08
C VAL F 73 21.35 -14.48 32.52
N THR F 74 20.51 -15.43 32.97
CA THR F 74 19.90 -15.30 34.28
C THR F 74 19.74 -16.66 34.92
N LYS F 75 19.68 -16.66 36.26
CA LYS F 75 19.27 -17.81 37.05
C LYS F 75 18.02 -17.52 37.86
N ASP F 76 17.30 -16.45 37.54
CA ASP F 76 16.13 -16.03 38.30
C ASP F 76 14.87 -16.60 37.66
N GLY F 77 14.17 -17.47 38.40
CA GLY F 77 12.97 -18.06 37.86
C GLY F 77 11.87 -17.05 37.59
N VAL F 78 11.88 -15.93 38.31
CA VAL F 78 10.84 -14.92 38.12
C VAL F 78 10.97 -14.28 36.74
N THR F 79 12.18 -13.87 36.36
CA THR F 79 12.38 -13.28 35.05
C THR F 79 12.22 -14.31 33.94
N VAL F 80 12.58 -15.57 34.21
CA VAL F 80 12.37 -16.62 33.22
C VAL F 80 10.88 -16.81 32.96
N ALA F 81 10.09 -16.89 34.03
CA ALA F 81 8.65 -17.07 33.87
C ALA F 81 8.02 -15.86 33.20
N LYS F 82 8.45 -14.64 33.58
CA LYS F 82 7.87 -13.44 33.01
C LYS F 82 8.15 -13.31 31.52
N SER F 83 9.18 -13.99 31.00
CA SER F 83 9.55 -13.91 29.60
C SER F 83 8.87 -14.96 28.74
N ILE F 84 8.00 -15.79 29.32
CA ILE F 84 7.37 -16.88 28.59
C ILE F 84 6.04 -16.40 28.05
N ASP F 85 5.80 -16.61 26.76
CA ASP F 85 4.54 -16.26 26.11
C ASP F 85 4.45 -17.08 24.84
N LEU F 86 3.40 -17.89 24.74
CA LEU F 86 3.26 -18.84 23.63
C LEU F 86 2.23 -18.35 22.62
N LYS F 87 2.27 -18.95 21.44
CA LYS F 87 1.44 -18.49 20.32
C LYS F 87 0.07 -19.17 20.31
N ASP F 88 0.02 -20.49 20.44
CA ASP F 88 -1.26 -21.18 20.53
C ASP F 88 -1.98 -20.72 21.81
N LYS F 89 -3.25 -20.34 21.66
CA LYS F 89 -3.93 -19.63 22.73
C LYS F 89 -4.16 -20.50 23.97
N TYR F 90 -4.39 -21.80 23.79
CA TYR F 90 -4.76 -22.63 24.94
C TYR F 90 -3.56 -22.87 25.86
N LYS F 91 -2.42 -23.23 25.28
CA LYS F 91 -1.22 -23.41 26.09
C LYS F 91 -0.77 -22.09 26.70
N ASN F 92 -0.94 -20.99 25.96
CA ASN F 92 -0.63 -19.68 26.51
C ASN F 92 -1.56 -19.35 27.68
N ILE F 93 -2.82 -19.76 27.59
CA ILE F 93 -3.76 -19.52 28.69
C ILE F 93 -3.33 -20.27 29.94
N GLY F 94 -2.98 -21.55 29.78
CA GLY F 94 -2.48 -22.30 30.93
C GLY F 94 -1.24 -21.68 31.53
N ALA F 95 -0.28 -21.32 30.68
CA ALA F 95 0.95 -20.71 31.16
C ALA F 95 0.67 -19.40 31.87
N LYS F 96 -0.25 -18.60 31.34
CA LYS F 96 -0.55 -17.30 31.93
C LYS F 96 -1.25 -17.45 33.27
N LEU F 97 -2.13 -18.44 33.40
CA LEU F 97 -2.76 -18.70 34.70
C LEU F 97 -1.71 -19.07 35.74
N VAL F 98 -0.80 -19.97 35.38
CA VAL F 98 0.25 -20.37 36.31
C VAL F 98 1.15 -19.16 36.64
N GLN F 99 1.45 -18.35 35.64
CA GLN F 99 2.27 -17.16 35.87
C GLN F 99 1.61 -16.22 36.86
N ASP F 100 0.31 -15.95 36.67
CA ASP F 100 -0.40 -15.03 37.57
C ASP F 100 -0.43 -15.57 38.98
N VAL F 101 -0.69 -16.86 39.15
CA VAL F 101 -0.76 -17.43 40.50
C VAL F 101 0.61 -17.37 41.17
N ALA F 102 1.66 -17.78 40.46
CA ALA F 102 3.00 -17.73 41.05
C ALA F 102 3.45 -16.30 41.30
N ASN F 103 2.99 -15.34 40.50
CA ASN F 103 3.37 -13.95 40.68
C ASN F 103 2.69 -13.36 41.91
N ASN F 104 1.40 -13.63 42.11
CA ASN F 104 0.77 -13.16 43.33
C ASN F 104 1.31 -13.90 44.55
N THR F 105 1.85 -15.11 44.37
CA THR F 105 2.62 -15.75 45.42
C THR F 105 3.89 -14.96 45.74
N ASN F 106 4.62 -14.53 44.71
CA ASN F 106 5.88 -13.83 44.92
C ASN F 106 5.66 -12.48 45.59
N GLU F 107 4.60 -11.76 45.21
CA GLU F 107 4.36 -10.43 45.78
C GLU F 107 4.09 -10.51 47.27
N GLU F 108 3.31 -11.50 47.71
CA GLU F 108 2.92 -11.60 49.11
C GLU F 108 4.11 -12.01 49.98
N ALA F 109 4.86 -13.02 49.56
CA ALA F 109 5.92 -13.61 50.38
C ALA F 109 7.30 -13.06 50.04
N GLY F 110 7.64 -13.00 48.75
CA GLY F 110 8.95 -12.56 48.32
C GLY F 110 9.86 -13.66 47.80
N ASP F 111 9.35 -14.89 47.68
CA ASP F 111 10.14 -16.00 47.17
C ASP F 111 9.17 -17.13 46.82
N GLY F 112 9.73 -18.24 46.35
CA GLY F 112 8.94 -19.44 46.10
C GLY F 112 8.18 -19.45 44.80
N THR F 113 8.51 -18.58 43.85
CA THR F 113 7.88 -18.63 42.54
C THR F 113 8.20 -19.95 41.84
N THR F 114 9.48 -20.35 41.87
CA THR F 114 9.88 -21.60 41.24
C THR F 114 9.23 -22.79 41.93
N THR F 115 9.18 -22.77 43.27
CA THR F 115 8.55 -23.86 44.00
C THR F 115 7.07 -23.96 43.65
N ALA F 116 6.37 -22.83 43.61
CA ALA F 116 4.96 -22.84 43.24
C ALA F 116 4.77 -23.37 41.82
N THR F 117 5.64 -22.95 40.89
CA THR F 117 5.51 -23.38 39.51
C THR F 117 5.70 -24.88 39.36
N VAL F 118 6.75 -25.42 39.98
CA VAL F 118 7.01 -26.86 39.84
C VAL F 118 5.93 -27.68 40.54
N LEU F 119 5.47 -27.23 41.71
CA LEU F 119 4.42 -27.94 42.41
C LEU F 119 3.13 -27.92 41.59
N ALA F 120 2.80 -26.77 40.99
CA ALA F 120 1.62 -26.68 40.15
C ALA F 120 1.72 -27.62 38.96
N ARG F 121 2.89 -27.67 38.31
CA ARG F 121 3.02 -28.58 37.18
C ARG F 121 2.84 -30.04 37.60
N ALA F 122 3.44 -30.42 38.74
CA ALA F 122 3.29 -31.81 39.20
C ALA F 122 1.83 -32.15 39.46
N ILE F 123 1.14 -31.28 40.21
CA ILE F 123 -0.25 -31.57 40.56
C ILE F 123 -1.12 -31.60 39.31
N ALA F 124 -0.93 -30.62 38.40
CA ALA F 124 -1.74 -30.58 37.19
C ALA F 124 -1.50 -31.79 36.30
N LYS F 125 -0.23 -32.20 36.15
CA LYS F 125 0.07 -33.35 35.32
C LYS F 125 -0.58 -34.61 35.87
N GLU F 126 -0.38 -34.88 37.17
CA GLU F 126 -0.96 -36.10 37.74
C GLU F 126 -2.48 -36.05 37.72
N GLY F 127 -3.06 -34.89 37.99
CA GLY F 127 -4.51 -34.77 37.97
C GLY F 127 -5.09 -34.99 36.58
N PHE F 128 -4.46 -34.41 35.55
CA PHE F 128 -4.93 -34.63 34.19
C PHE F 128 -4.81 -36.09 33.81
N ASP F 129 -3.69 -36.73 34.16
CA ASP F 129 -3.52 -38.13 33.82
C ASP F 129 -4.59 -39.00 34.48
N THR F 130 -4.88 -38.74 35.76
CA THR F 130 -5.86 -39.57 36.46
C THR F 130 -7.29 -39.28 36.00
N ILE F 131 -7.62 -38.01 35.76
CA ILE F 131 -8.97 -37.65 35.34
C ILE F 131 -9.25 -38.18 33.94
N SER F 132 -8.26 -38.12 33.05
CA SER F 132 -8.46 -38.65 31.70
C SER F 132 -8.67 -40.16 31.73
N LYS F 133 -8.15 -40.85 32.77
CA LYS F 133 -8.37 -42.28 32.90
C LYS F 133 -9.82 -42.62 33.21
N GLY F 134 -10.62 -41.64 33.64
CA GLY F 134 -12.00 -41.88 34.05
C GLY F 134 -12.27 -41.55 35.51
N ALA F 135 -11.30 -41.05 36.26
CA ALA F 135 -11.55 -40.67 37.64
C ALA F 135 -12.40 -39.40 37.71
N ASN F 136 -13.02 -39.20 38.87
CA ASN F 136 -13.92 -38.06 39.05
C ASN F 136 -13.11 -36.84 39.50
N PRO F 137 -13.10 -35.75 38.74
CA PRO F 137 -12.31 -34.59 39.14
C PRO F 137 -12.73 -33.98 40.47
N VAL F 138 -14.04 -33.94 40.76
CA VAL F 138 -14.49 -33.34 42.00
C VAL F 138 -14.00 -34.13 43.20
N GLU F 139 -14.09 -35.45 43.13
CA GLU F 139 -13.60 -36.29 44.22
C GLU F 139 -12.08 -36.34 44.29
N ILE F 140 -11.38 -35.89 43.25
CA ILE F 140 -9.93 -35.79 43.32
C ILE F 140 -9.54 -34.50 44.03
N ARG F 141 -10.14 -33.38 43.63
CA ARG F 141 -9.89 -32.11 44.32
C ARG F 141 -10.29 -32.20 45.78
N ARG F 142 -11.45 -32.81 46.06
CA ARG F 142 -11.83 -33.10 47.43
C ARG F 142 -10.97 -34.26 47.91
N GLY F 143 -9.87 -33.93 48.59
CA GLY F 143 -8.86 -34.89 48.97
C GLY F 143 -7.47 -34.41 48.60
N VAL F 144 -7.32 -33.81 47.41
CA VAL F 144 -6.10 -33.04 47.15
C VAL F 144 -6.04 -31.86 48.11
N MET F 145 -7.15 -31.13 48.25
CA MET F 145 -7.19 -30.03 49.19
C MET F 145 -7.10 -30.52 50.63
N MET F 146 -7.69 -31.68 50.93
CA MET F 146 -7.58 -32.24 52.28
C MET F 146 -6.13 -32.53 52.64
N ALA F 147 -5.39 -33.18 51.74
CA ALA F 147 -4.00 -33.47 52.03
C ALA F 147 -3.14 -32.20 52.00
N VAL F 148 -3.53 -31.20 51.21
CA VAL F 148 -2.83 -29.92 51.27
C VAL F 148 -3.00 -29.29 52.64
N GLU F 149 -4.22 -29.34 53.19
CA GLU F 149 -4.45 -28.83 54.53
C GLU F 149 -3.66 -29.61 55.57
N THR F 150 -3.59 -30.93 55.43
CA THR F 150 -2.80 -31.75 56.34
C THR F 150 -1.32 -31.35 56.29
N VAL F 151 -0.78 -31.17 55.08
CA VAL F 151 0.62 -30.80 54.92
C VAL F 151 0.86 -29.42 55.52
N ILE F 152 -0.07 -28.49 55.31
CA ILE F 152 0.10 -27.14 55.86
C ILE F 152 0.07 -27.18 57.39
N LYS F 153 -0.83 -27.99 57.97
CA LYS F 153 -0.87 -28.10 59.42
C LYS F 153 0.43 -28.67 59.97
N GLU F 154 0.95 -29.72 59.34
CA GLU F 154 2.21 -30.30 59.81
C GLU F 154 3.39 -29.36 59.57
N LEU F 155 3.32 -28.54 58.52
CA LEU F 155 4.34 -27.53 58.29
C LEU F 155 4.33 -26.49 59.40
N LYS F 156 3.14 -26.01 59.77
CA LYS F 156 3.03 -25.07 60.87
C LYS F 156 3.51 -25.69 62.17
N ASN F 157 3.27 -26.98 62.36
CA ASN F 157 3.82 -27.69 63.51
C ASN F 157 5.34 -27.71 63.46
N LEU F 158 5.92 -27.89 62.27
CA LEU F 158 7.36 -28.04 62.13
C LEU F 158 8.12 -26.73 62.28
N SER F 159 7.49 -25.61 61.94
CA SER F 159 8.21 -24.34 61.90
C SER F 159 8.66 -23.91 63.29
N LYS F 160 9.86 -23.32 63.35
CA LYS F 160 10.38 -22.75 64.58
C LYS F 160 10.20 -21.24 64.53
N PRO F 161 9.35 -20.65 65.38
CA PRO F 161 9.10 -19.22 65.29
C PRO F 161 10.35 -18.40 65.62
N VAL F 162 10.41 -17.21 65.04
CA VAL F 162 11.50 -16.26 65.24
C VAL F 162 10.93 -15.04 65.95
N THR F 163 11.31 -14.85 67.20
CA THR F 163 10.82 -13.72 67.98
C THR F 163 11.93 -12.91 68.64
N THR F 164 12.98 -13.56 69.14
CA THR F 164 14.04 -12.84 69.82
C THR F 164 14.87 -12.02 68.83
N PRO F 165 15.41 -10.89 69.26
CA PRO F 165 16.28 -10.11 68.37
C PRO F 165 17.51 -10.87 67.92
N GLU F 166 18.05 -11.76 68.76
CA GLU F 166 19.20 -12.57 68.33
C GLU F 166 18.82 -13.50 67.19
N GLU F 167 17.66 -14.17 67.30
CA GLU F 167 17.21 -15.02 66.21
C GLU F 167 16.91 -14.22 64.96
N ILE F 168 16.35 -13.01 65.13
CA ILE F 168 16.10 -12.14 63.98
C ILE F 168 17.41 -11.80 63.28
N ALA F 169 18.43 -11.45 64.06
CA ALA F 169 19.73 -11.14 63.46
C ALA F 169 20.33 -12.35 62.76
N GLN F 170 20.20 -13.54 63.36
CA GLN F 170 20.73 -14.75 62.73
C GLN F 170 20.02 -15.03 61.41
N VAL F 171 18.69 -14.92 61.39
CA VAL F 171 17.94 -15.17 60.16
C VAL F 171 18.30 -14.13 59.11
N ALA F 172 18.44 -12.86 59.50
CA ALA F 172 18.79 -11.82 58.55
C ALA F 172 20.17 -12.06 57.97
N THR F 173 21.14 -12.46 58.79
CA THR F 173 22.47 -12.76 58.28
C THR F 173 22.43 -13.94 57.31
N ILE F 174 21.64 -14.97 57.63
CA ILE F 174 21.52 -16.12 56.74
C ILE F 174 20.92 -15.69 55.41
N SER F 175 19.86 -14.89 55.45
CA SER F 175 19.19 -14.46 54.22
C SER F 175 20.08 -13.57 53.37
N ALA F 176 21.02 -12.86 53.98
CA ALA F 176 21.98 -12.03 53.27
C ALA F 176 23.22 -12.80 52.82
N ASN F 177 23.12 -14.13 52.76
CA ASN F 177 24.24 -14.99 52.36
C ASN F 177 25.48 -14.74 53.23
N GLY F 178 25.27 -14.81 54.54
CA GLY F 178 26.36 -14.62 55.49
C GLY F 178 26.95 -13.22 55.50
N ASP F 179 26.11 -12.19 55.49
CA ASP F 179 26.55 -10.81 55.59
C ASP F 179 26.23 -10.31 57.00
N VAL F 180 27.28 -10.15 57.82
CA VAL F 180 27.08 -9.81 59.22
C VAL F 180 26.48 -8.42 59.37
N GLU F 181 27.03 -7.44 58.64
CA GLU F 181 26.56 -6.06 58.77
C GLU F 181 25.12 -5.92 58.30
N ILE F 182 24.76 -6.61 57.20
CA ILE F 182 23.40 -6.52 56.69
C ILE F 182 22.42 -7.11 57.69
N GLY F 183 22.74 -8.27 58.25
CA GLY F 183 21.89 -8.86 59.26
C GLY F 183 21.76 -7.97 60.48
N ASN F 184 22.87 -7.37 60.91
CA ASN F 184 22.82 -6.49 62.08
C ASN F 184 21.98 -5.26 61.82
N ILE F 185 22.10 -4.66 60.63
CA ILE F 185 21.32 -3.46 60.33
C ILE F 185 19.84 -3.79 60.20
N ILE F 186 19.51 -4.94 59.61
CA ILE F 186 18.11 -5.35 59.52
C ILE F 186 17.55 -5.61 60.92
N SER F 187 18.32 -6.29 61.77
CA SER F 187 17.86 -6.54 63.14
C SER F 187 17.68 -5.24 63.91
N ASN F 188 18.60 -4.29 63.74
CA ASN F 188 18.46 -3.01 64.41
C ASN F 188 17.23 -2.24 63.92
N ALA F 189 16.99 -2.26 62.61
CA ALA F 189 15.80 -1.61 62.08
C ALA F 189 14.53 -2.24 62.66
N MET F 190 14.47 -3.56 62.67
CA MET F 190 13.29 -4.24 63.20
C MET F 190 13.12 -3.99 64.69
N LYS F 191 14.22 -3.88 65.43
CA LYS F 191 14.12 -3.57 66.85
C LYS F 191 13.69 -2.14 67.09
N LYS F 192 14.06 -1.22 66.18
CA LYS F 192 13.75 0.19 66.39
C LYS F 192 12.35 0.57 65.93
N VAL F 193 11.77 -0.16 64.98
CA VAL F 193 10.40 0.12 64.54
C VAL F 193 9.46 -1.05 64.75
N GLY F 194 9.92 -2.16 65.30
CA GLY F 194 9.06 -3.29 65.58
C GLY F 194 8.86 -4.20 64.40
N ARG F 195 8.34 -5.39 64.68
CA ARG F 195 8.02 -6.33 63.61
C ARG F 195 6.88 -5.82 62.74
N LYS F 196 5.94 -5.08 63.33
CA LYS F 196 4.84 -4.49 62.58
C LYS F 196 5.20 -3.18 61.91
N GLY F 197 6.41 -2.66 62.14
CA GLY F 197 6.78 -1.38 61.59
C GLY F 197 7.08 -1.43 60.11
N VAL F 198 7.30 -0.25 59.55
CA VAL F 198 7.56 -0.07 58.13
C VAL F 198 9.06 0.11 57.91
N ILE F 199 9.63 -0.71 57.04
CA ILE F 199 11.04 -0.63 56.68
C ILE F 199 11.15 -0.59 55.16
N THR F 200 11.90 0.38 54.66
CA THR F 200 12.16 0.51 53.23
C THR F 200 13.63 0.75 53.00
N VAL F 201 14.12 0.35 51.82
CA VAL F 201 15.53 0.44 51.47
C VAL F 201 15.67 1.41 50.30
N LYS F 202 16.58 2.38 50.45
CA LYS F 202 16.83 3.37 49.42
C LYS F 202 18.33 3.53 49.23
N ASP F 203 18.71 4.01 48.05
CA ASP F 203 20.12 4.17 47.72
C ASP F 203 20.79 5.14 48.67
N GLY F 204 22.00 4.79 49.10
CA GLY F 204 22.77 5.60 50.01
C GLY F 204 23.91 6.32 49.31
N LYS F 205 24.33 7.44 49.89
CA LYS F 205 25.44 8.23 49.38
C LYS F 205 26.68 8.10 50.24
N THR F 206 26.69 7.18 51.20
CA THR F 206 27.80 6.99 52.12
C THR F 206 28.52 5.68 51.81
N LEU F 207 29.81 5.62 52.14
CA LEU F 207 30.54 4.37 52.04
C LEU F 207 30.06 3.36 53.09
N HIS F 208 29.54 3.85 54.21
CA HIS F 208 29.06 3.00 55.29
C HIS F 208 27.55 3.00 55.31
N ASP F 209 26.95 1.82 55.35
CA ASP F 209 25.51 1.70 55.45
C ASP F 209 25.02 2.18 56.81
N GLU F 210 23.84 2.81 56.82
CA GLU F 210 23.27 3.32 58.05
C GLU F 210 21.75 3.36 57.92
N LEU F 211 21.07 3.22 59.07
CA LEU F 211 19.63 3.34 59.14
C LEU F 211 19.26 4.52 60.02
N GLU F 212 18.12 5.14 59.72
CA GLU F 212 17.60 6.23 60.53
C GLU F 212 16.08 6.16 60.48
N ILE F 213 15.45 6.46 61.61
CA ILE F 213 13.99 6.49 61.71
C ILE F 213 13.54 7.93 61.49
N ILE F 214 12.72 8.13 60.46
CA ILE F 214 12.18 9.44 60.15
C ILE F 214 10.66 9.33 60.16
N GLU F 215 10.01 10.49 60.27
CA GLU F 215 8.56 10.53 60.12
C GLU F 215 8.18 9.97 58.75
N GLY F 216 6.97 9.43 58.67
CA GLY F 216 6.54 8.82 57.42
C GLY F 216 5.13 8.29 57.54
N MET F 217 4.67 7.70 56.45
CA MET F 217 3.30 7.20 56.36
C MET F 217 3.21 6.24 55.18
N LYS F 218 2.72 5.03 55.44
CA LYS F 218 2.56 4.02 54.40
C LYS F 218 1.16 3.44 54.47
N PHE F 219 0.37 3.67 53.42
CA PHE F 219 -0.98 3.13 53.31
C PHE F 219 -1.07 2.28 52.04
N ASP F 220 -1.85 1.21 52.13
CA ASP F 220 -1.89 0.20 51.07
C ASP F 220 -2.91 0.58 49.99
N ARG F 221 -2.53 1.60 49.21
CA ARG F 221 -3.29 2.00 48.03
C ARG F 221 -2.32 2.33 46.92
N GLY F 222 -2.54 1.74 45.74
CA GLY F 222 -1.65 1.91 44.60
C GLY F 222 -2.13 2.99 43.64
N TYR F 223 -1.36 3.15 42.57
CA TYR F 223 -1.72 4.12 41.55
C TYR F 223 -2.96 3.68 40.79
N ILE F 224 -3.80 4.65 40.43
CA ILE F 224 -5.04 4.33 39.72
C ILE F 224 -4.74 3.79 38.33
N SER F 225 -3.82 4.42 37.62
CA SER F 225 -3.38 4.03 36.29
C SER F 225 -1.87 4.04 36.25
N PRO F 226 -1.25 3.32 35.29
CA PRO F 226 0.22 3.32 35.19
C PRO F 226 0.82 4.71 35.11
N TYR F 227 1.52 5.10 36.18
CA TYR F 227 2.24 6.36 36.28
C TYR F 227 3.72 6.13 36.53
N PHE F 228 4.20 4.91 36.32
CA PHE F 228 5.55 4.52 36.72
C PHE F 228 6.61 5.36 36.01
N ILE F 229 7.33 6.18 36.76
CA ILE F 229 8.45 6.95 36.23
C ILE F 229 9.80 6.33 36.58
N ASN F 230 9.81 5.32 37.44
CA ASN F 230 11.07 4.76 37.95
C ASN F 230 11.56 3.59 37.08
N THR F 231 11.62 3.83 35.76
CA THR F 231 12.28 2.93 34.80
C THR F 231 11.77 1.49 34.91
N ALA F 232 10.54 1.32 35.37
CA ALA F 232 9.92 -0.01 35.53
C ALA F 232 10.79 -0.93 36.38
N LYS F 233 11.50 -0.35 37.35
CA LYS F 233 12.26 -1.14 38.32
C LYS F 233 11.36 -1.46 39.51
N GLY F 234 10.35 -2.28 39.24
CA GLY F 234 9.22 -2.43 40.11
C GLY F 234 8.01 -1.64 39.69
N GLN F 235 8.09 -0.93 38.57
CA GLN F 235 7.00 -0.11 38.04
C GLN F 235 6.42 0.80 39.13
N LYS F 236 7.32 1.52 39.80
CA LYS F 236 6.97 2.46 40.85
C LYS F 236 7.07 3.88 40.33
N CYS F 237 6.46 4.81 41.07
CA CYS F 237 6.60 6.23 40.80
C CYS F 237 7.36 6.85 41.96
N GLU F 238 8.47 7.51 41.67
CA GLU F 238 9.34 8.09 42.69
C GLU F 238 9.46 9.59 42.45
N PHE F 239 8.81 10.37 43.31
CA PHE F 239 8.89 11.82 43.26
C PHE F 239 9.56 12.33 44.53
N GLN F 240 10.23 13.47 44.42
CA GLN F 240 10.87 14.12 45.55
C GLN F 240 10.38 15.56 45.64
N ASP F 241 10.09 16.01 46.86
CA ASP F 241 9.61 17.36 47.13
C ASP F 241 8.36 17.66 46.30
N ALA F 242 7.31 16.91 46.59
CA ALA F 242 6.08 16.96 45.80
C ALA F 242 4.93 17.55 46.61
N TYR F 243 4.05 18.26 45.92
CA TYR F 243 2.82 18.75 46.52
C TYR F 243 1.86 17.59 46.78
N LEU F 244 0.97 17.80 47.74
CA LEU F 244 -0.06 16.81 48.06
C LEU F 244 -1.42 17.47 48.04
N LEU F 245 -2.33 16.95 47.22
CA LEU F 245 -3.70 17.41 47.14
C LEU F 245 -4.62 16.35 47.72
N LEU F 246 -5.40 16.72 48.72
CA LEU F 246 -6.30 15.80 49.40
C LEU F 246 -7.74 16.20 49.12
N SER F 247 -8.54 15.25 48.65
CA SER F 247 -9.92 15.51 48.25
C SER F 247 -10.84 14.46 48.83
N GLU F 248 -11.87 14.91 49.54
CA GLU F 248 -12.94 14.00 49.96
C GLU F 248 -13.86 13.66 48.80
N LYS F 249 -14.19 14.65 47.98
CA LYS F 249 -15.05 14.42 46.83
C LYS F 249 -14.28 13.75 45.71
N LYS F 250 -14.95 12.84 45.00
CA LYS F 250 -14.34 12.20 43.85
C LYS F 250 -14.12 13.22 42.74
N ILE F 251 -13.00 13.09 42.03
CA ILE F 251 -12.58 14.06 41.02
C ILE F 251 -12.91 13.49 39.64
N SER F 252 -13.83 14.15 38.93
CA SER F 252 -14.18 13.73 37.58
C SER F 252 -14.31 14.89 36.61
N SER F 253 -14.11 16.13 37.04
CA SER F 253 -14.23 17.30 36.18
C SER F 253 -12.86 17.92 35.97
N VAL F 254 -12.51 18.13 34.70
CA VAL F 254 -11.22 18.73 34.37
C VAL F 254 -11.15 20.17 34.89
N GLN F 255 -12.29 20.85 34.94
CA GLN F 255 -12.32 22.22 35.46
C GLN F 255 -11.84 22.26 36.91
N SER F 256 -12.23 21.27 37.71
CA SER F 256 -11.88 21.24 39.12
C SER F 256 -10.44 20.81 39.37
N ILE F 257 -9.72 20.35 38.35
CA ILE F 257 -8.34 19.90 38.53
C ILE F 257 -7.33 20.74 37.76
N VAL F 258 -7.75 21.56 36.79
CA VAL F 258 -6.80 22.40 36.07
C VAL F 258 -6.05 23.35 36.99
N PRO F 259 -6.70 24.10 37.91
CA PRO F 259 -5.93 25.04 38.75
C PRO F 259 -4.84 24.36 39.59
N ALA F 260 -5.12 23.18 40.14
CA ALA F 260 -4.09 22.47 40.90
C ALA F 260 -2.91 22.11 40.01
N LEU F 261 -3.19 21.62 38.79
CA LEU F 261 -2.13 21.27 37.87
C LEU F 261 -1.30 22.48 37.50
N GLU F 262 -1.95 23.62 37.26
CA GLU F 262 -1.21 24.84 36.91
C GLU F 262 -0.36 25.32 38.07
N ILE F 263 -0.88 25.26 39.30
CA ILE F 263 -0.09 25.68 40.46
C ILE F 263 1.12 24.77 40.62
N ALA F 264 0.92 23.46 40.47
CA ALA F 264 2.04 22.53 40.61
C ALA F 264 3.07 22.73 39.49
N ASN F 265 2.61 22.98 38.26
CA ASN F 265 3.52 23.13 37.14
C ASN F 265 4.28 24.44 37.20
N GLN F 266 3.65 25.50 37.69
CA GLN F 266 4.30 26.81 37.73
C GLN F 266 5.50 26.80 38.67
N HIS F 267 5.41 26.06 39.77
CA HIS F 267 6.48 25.97 40.74
C HIS F 267 7.41 24.79 40.50
N ARG F 268 7.20 24.03 39.41
CA ARG F 268 8.06 22.93 39.02
C ARG F 268 8.19 21.88 40.12
N LYS F 269 7.05 21.50 40.69
CA LYS F 269 7.03 20.48 41.73
C LYS F 269 6.03 19.38 41.36
N PRO F 270 6.34 18.12 41.68
CA PRO F 270 5.40 17.04 41.39
C PRO F 270 4.15 17.15 42.24
N LEU F 271 3.05 16.64 41.70
CA LEU F 271 1.76 16.67 42.38
C LEU F 271 1.29 15.26 42.66
N VAL F 272 0.89 15.00 43.91
CA VAL F 272 0.29 13.74 44.32
C VAL F 272 -1.15 14.03 44.73
N ILE F 273 -2.09 13.34 44.10
CA ILE F 273 -3.52 13.58 44.32
C ILE F 273 -4.11 12.37 45.04
N VAL F 274 -4.57 12.60 46.26
CA VAL F 274 -5.20 11.56 47.08
C VAL F 274 -6.68 11.91 47.20
N ALA F 275 -7.52 11.13 46.52
CA ALA F 275 -8.96 11.34 46.53
C ALA F 275 -9.65 9.99 46.60
N GLU F 276 -10.94 10.02 46.95
CA GLU F 276 -11.69 8.78 47.01
C GLU F 276 -11.81 8.13 45.64
N ASP F 277 -11.84 8.94 44.57
CA ASP F 277 -11.84 8.41 43.22
C ASP F 277 -11.42 9.51 42.25
N VAL F 278 -10.60 9.14 41.27
CA VAL F 278 -10.25 10.01 40.16
C VAL F 278 -10.61 9.27 38.88
N ASP F 279 -11.50 9.86 38.10
CA ASP F 279 -11.98 9.24 36.87
C ASP F 279 -12.46 10.32 35.92
N GLY F 280 -13.01 9.89 34.78
CA GLY F 280 -13.62 10.83 33.85
C GLY F 280 -12.62 11.73 33.15
N GLU F 281 -13.09 12.95 32.87
CA GLU F 281 -12.27 13.90 32.10
C GLU F 281 -11.01 14.28 32.86
N ALA F 282 -11.09 14.40 34.19
CA ALA F 282 -9.91 14.72 34.97
C ALA F 282 -8.85 13.64 34.85
N LEU F 283 -9.25 12.37 34.96
CA LEU F 283 -8.29 11.28 34.81
C LEU F 283 -7.74 11.22 33.39
N SER F 284 -8.59 11.44 32.39
CA SER F 284 -8.12 11.41 31.01
C SER F 284 -7.09 12.51 30.75
N THR F 285 -7.35 13.72 31.27
CA THR F 285 -6.40 14.81 31.10
C THR F 285 -5.11 14.56 31.86
N LEU F 286 -5.21 13.97 33.05
CA LEU F 286 -4.00 13.63 33.81
C LEU F 286 -3.16 12.61 33.06
N VAL F 287 -3.80 11.61 32.45
CA VAL F 287 -3.06 10.61 31.68
C VAL F 287 -2.42 11.24 30.45
N LEU F 288 -3.18 12.04 29.71
CA LEU F 288 -2.65 12.64 28.49
C LEU F 288 -1.51 13.61 28.78
N ASN F 289 -1.63 14.39 29.86
CA ASN F 289 -0.59 15.36 30.18
C ASN F 289 0.69 14.70 30.67
N ARG F 290 0.58 13.53 31.30
CA ARG F 290 1.77 12.85 31.81
C ARG F 290 2.65 12.30 30.70
N LEU F 291 2.11 12.10 29.50
CA LEU F 291 2.86 11.52 28.39
C LEU F 291 3.29 12.56 27.37
N LYS F 292 2.35 13.36 26.86
CA LYS F 292 2.69 14.33 25.83
C LYS F 292 3.61 15.42 26.36
N VAL F 293 3.26 16.03 27.49
CA VAL F 293 4.05 17.10 28.09
C VAL F 293 4.70 16.70 29.40
N GLY F 294 4.58 15.43 29.80
CA GLY F 294 5.30 14.91 30.94
C GLY F 294 4.96 15.53 32.29
N LEU F 295 3.67 15.67 32.59
CA LEU F 295 3.27 16.16 33.90
C LEU F 295 3.65 15.18 34.99
N GLN F 296 4.13 15.72 36.11
CA GLN F 296 4.49 14.89 37.28
C GLN F 296 3.30 14.86 38.23
N VAL F 297 2.29 14.08 37.84
CA VAL F 297 1.06 13.96 38.61
C VAL F 297 0.71 12.49 38.76
N VAL F 298 0.31 12.11 39.98
CA VAL F 298 -0.13 10.74 40.28
C VAL F 298 -1.41 10.82 41.10
N ALA F 299 -2.38 9.98 40.75
CA ALA F 299 -3.64 9.88 41.48
C ALA F 299 -3.71 8.53 42.18
N VAL F 300 -3.96 8.56 43.48
CA VAL F 300 -4.06 7.36 44.29
C VAL F 300 -5.37 7.41 45.07
N LYS F 301 -6.06 6.27 45.13
CA LYS F 301 -7.34 6.20 45.84
C LYS F 301 -7.14 6.43 47.34
N ALA F 302 -8.15 7.04 47.95
CA ALA F 302 -8.09 7.33 49.38
C ALA F 302 -8.09 6.02 50.16
N PRO F 303 -7.16 5.82 51.09
CA PRO F 303 -7.12 4.57 51.84
C PRO F 303 -8.31 4.42 52.76
N GLY F 304 -8.71 3.17 52.98
CA GLY F 304 -9.80 2.87 53.88
C GLY F 304 -11.16 2.85 53.20
N PHE F 305 -12.18 3.03 54.01
CA PHE F 305 -13.56 2.97 53.55
C PHE F 305 -14.45 3.66 54.58
N GLY F 306 -15.59 4.16 54.12
CA GLY F 306 -16.56 4.75 55.02
C GLY F 306 -16.03 6.00 55.69
N ASP F 307 -16.37 6.16 56.98
CA ASP F 307 -15.93 7.33 57.73
C ASP F 307 -14.45 7.26 58.07
N ASN F 308 -13.88 6.05 58.14
CA ASN F 308 -12.44 5.94 58.37
C ASN F 308 -11.65 6.59 57.24
N ARG F 309 -12.23 6.66 56.05
CA ARG F 309 -11.57 7.35 54.95
C ARG F 309 -11.39 8.83 55.27
N LYS F 310 -12.43 9.47 55.80
CA LYS F 310 -12.36 10.89 56.12
C LYS F 310 -11.35 11.15 57.25
N ASN F 311 -11.36 10.31 58.29
CA ASN F 311 -10.41 10.48 59.38
C ASN F 311 -8.97 10.30 58.89
N GLN F 312 -8.74 9.31 58.03
CA GLN F 312 -7.39 9.12 57.50
C GLN F 312 -6.96 10.29 56.63
N LEU F 313 -7.88 10.83 55.82
CA LEU F 313 -7.55 12.00 55.02
C LEU F 313 -7.21 13.21 55.88
N ARG F 314 -7.98 13.42 56.95
CA ARG F 314 -7.70 14.53 57.86
C ARG F 314 -6.35 14.33 58.54
N ASP F 315 -6.04 13.11 58.96
CA ASP F 315 -4.76 12.83 59.58
C ASP F 315 -3.61 13.06 58.60
N MET F 316 -3.78 12.65 57.35
CA MET F 316 -2.76 12.88 56.34
C MET F 316 -2.55 14.37 56.08
N ALA F 317 -3.64 15.14 56.05
CA ALA F 317 -3.51 16.58 55.88
C ALA F 317 -2.79 17.22 57.05
N VAL F 318 -3.07 16.76 58.27
CA VAL F 318 -2.36 17.27 59.44
C VAL F 318 -0.88 16.92 59.35
N ALA F 319 -0.57 15.70 58.91
CA ALA F 319 0.81 15.24 58.83
C ALA F 319 1.58 15.83 57.66
N THR F 320 0.91 16.37 56.66
CA THR F 320 1.58 16.92 55.49
C THR F 320 1.40 18.43 55.32
N GLY F 321 0.71 19.09 56.25
CA GLY F 321 0.50 20.52 56.14
C GLY F 321 -0.35 20.95 54.96
N GLY F 322 -1.45 20.24 54.71
CA GLY F 322 -2.34 20.59 53.62
C GLY F 322 -3.77 20.79 54.08
N THR F 323 -4.69 20.93 53.13
CA THR F 323 -6.11 21.13 53.41
C THR F 323 -6.93 20.15 52.59
N VAL F 324 -7.91 19.52 53.25
CA VAL F 324 -8.77 18.56 52.58
C VAL F 324 -9.89 19.30 51.84
N PHE F 325 -10.04 19.01 50.56
CA PHE F 325 -11.00 19.68 49.70
C PHE F 325 -12.22 18.78 49.46
N GLY F 326 -13.15 19.27 48.66
CA GLY F 326 -14.37 18.53 48.38
C GLY F 326 -15.42 18.73 49.45
N ASP F 327 -15.58 17.72 50.31
CA ASP F 327 -16.52 17.73 51.44
C ASP F 327 -17.90 18.08 50.90
N GLU F 328 -18.63 19.01 51.51
CA GLU F 328 -19.88 19.52 50.98
C GLU F 328 -19.94 21.03 50.92
N ALA F 329 -19.14 21.75 51.72
CA ALA F 329 -19.07 23.19 51.64
C ALA F 329 -18.43 23.58 50.31
N VAL F 330 -19.22 24.21 49.43
CA VAL F 330 -18.73 24.56 48.10
C VAL F 330 -17.82 25.77 48.10
N GLY F 331 -17.58 26.38 49.26
CA GLY F 331 -16.72 27.56 49.31
C GLY F 331 -15.30 27.26 48.87
N LEU F 332 -14.73 26.18 49.39
CA LEU F 332 -13.41 25.75 48.95
C LEU F 332 -13.50 24.85 47.71
N ALA F 333 -14.50 23.95 47.70
CA ALA F 333 -14.72 23.02 46.58
C ALA F 333 -13.43 22.34 46.17
N LEU F 334 -13.23 22.19 44.86
CA LEU F 334 -11.94 21.78 44.30
C LEU F 334 -11.36 22.87 43.42
N GLU F 335 -11.98 24.04 43.39
CA GLU F 335 -11.49 25.22 42.72
C GLU F 335 -10.79 26.12 43.74
N ASP F 336 -10.44 27.33 43.32
CA ASP F 336 -9.85 28.34 44.21
C ASP F 336 -8.68 27.76 45.01
N ILE F 337 -7.93 26.86 44.38
CA ILE F 337 -6.83 26.21 45.07
C ILE F 337 -5.69 27.20 45.23
N GLN F 338 -4.96 27.06 46.34
CA GLN F 338 -3.80 27.89 46.62
C GLN F 338 -2.67 27.00 47.12
N ALA F 339 -1.46 27.57 47.16
CA ALA F 339 -0.31 26.80 47.61
C ALA F 339 -0.43 26.40 49.07
N HIS F 340 -1.03 27.25 49.91
CA HIS F 340 -1.18 26.91 51.32
C HIS F 340 -2.17 25.76 51.54
N ASP F 341 -3.00 25.45 50.55
CA ASP F 341 -3.86 24.26 50.63
C ASP F 341 -3.09 22.98 50.35
N PHE F 342 -2.02 23.05 49.56
CA PHE F 342 -1.27 21.86 49.20
C PHE F 342 -0.46 21.35 50.38
N GLY F 343 -0.50 20.03 50.59
CA GLY F 343 0.47 19.41 51.46
C GLY F 343 1.83 19.29 50.79
N LYS F 344 2.86 19.08 51.60
CA LYS F 344 4.23 18.93 51.11
C LYS F 344 4.76 17.57 51.52
N ILE F 345 5.33 16.84 50.55
CA ILE F 345 5.89 15.52 50.77
C ILE F 345 7.33 15.53 50.29
N GLY F 346 8.27 15.21 51.18
CA GLY F 346 9.67 15.19 50.79
C GLY F 346 9.99 14.09 49.79
N GLU F 347 9.48 12.89 50.02
CA GLU F 347 9.68 11.76 49.11
C GLU F 347 8.43 10.89 49.11
N VAL F 348 8.00 10.48 47.93
CA VAL F 348 6.81 9.64 47.78
C VAL F 348 7.16 8.50 46.84
N GLN F 349 6.78 7.28 47.22
CA GLN F 349 6.95 6.09 46.39
C GLN F 349 5.62 5.37 46.31
N ILE F 350 5.09 5.23 45.10
CA ILE F 350 3.79 4.60 44.87
C ILE F 350 3.98 3.45 43.90
N THR F 351 3.55 2.26 44.30
CA THR F 351 3.59 1.07 43.47
C THR F 351 2.17 0.54 43.27
N LYS F 352 2.07 -0.64 42.65
CA LYS F 352 0.76 -1.21 42.34
C LYS F 352 -0.09 -1.39 43.60
N ASP F 353 0.54 -1.76 44.71
CA ASP F 353 -0.19 -2.16 45.90
C ASP F 353 -0.24 -1.09 46.99
N ASP F 354 0.88 -0.42 47.27
CA ASP F 354 0.95 0.46 48.43
C ASP F 354 1.67 1.76 48.10
N THR F 355 1.50 2.74 48.97
CA THR F 355 2.06 4.08 48.82
C THR F 355 2.86 4.44 50.06
N LEU F 356 3.99 5.11 49.85
CA LEU F 356 4.86 5.53 50.94
C LEU F 356 5.09 7.04 50.82
N LEU F 357 4.57 7.81 51.78
CA LEU F 357 4.83 9.24 51.88
C LEU F 357 5.92 9.44 52.93
N LEU F 358 7.13 9.77 52.47
CA LEU F 358 8.28 9.71 53.37
C LEU F 358 8.35 10.92 54.29
N LYS F 359 8.57 12.10 53.76
CA LYS F 359 8.85 13.29 54.55
C LYS F 359 7.68 14.25 54.45
N GLY F 360 6.87 14.31 55.50
CA GLY F 360 5.77 15.25 55.53
C GLY F 360 6.20 16.64 55.98
N GLY F 361 5.40 17.63 55.61
CA GLY F 361 5.66 19.01 55.95
C GLY F 361 4.85 19.58 57.09
N GLY F 362 4.11 18.75 57.83
CA GLY F 362 3.30 19.26 58.91
C GLY F 362 4.13 19.66 60.11
N SER F 363 3.58 20.58 60.90
CA SER F 363 4.25 21.03 62.11
C SER F 363 4.18 19.93 63.18
N PRO F 364 5.23 19.74 63.98
CA PRO F 364 5.18 18.73 65.04
C PRO F 364 4.09 18.97 66.05
N ALA F 365 3.76 20.24 66.34
CA ALA F 365 2.70 20.54 67.30
C ALA F 365 1.35 20.05 66.78
N GLU F 366 1.09 20.24 65.49
CA GLU F 366 -0.19 19.81 64.91
C GLU F 366 -0.34 18.30 64.96
N VAL F 367 0.70 17.57 64.59
CA VAL F 367 0.61 16.11 64.60
C VAL F 367 0.56 15.56 66.03
N GLU F 368 1.27 16.20 66.96
CA GLU F 368 1.18 15.79 68.36
C GLU F 368 -0.23 16.02 68.90
N LYS F 369 -0.85 17.14 68.55
CA LYS F 369 -2.22 17.40 68.97
C LYS F 369 -3.19 16.40 68.36
N ARG F 370 -2.98 16.03 67.10
CA ARG F 370 -3.82 15.01 66.48
C ARG F 370 -3.70 13.68 67.21
N ALA F 371 -2.47 13.29 67.57
CA ALA F 371 -2.27 12.06 68.32
C ALA F 371 -2.94 12.13 69.68
N ALA F 372 -2.97 13.30 70.30
CA ALA F 372 -3.66 13.46 71.58
C ALA F 372 -5.15 13.19 71.43
N GLU F 373 -5.76 13.70 70.35
CA GLU F 373 -7.17 13.42 70.10
C GLU F 373 -7.42 11.94 69.93
N ILE F 374 -6.54 11.25 69.19
CA ILE F 374 -6.72 9.83 68.95
C ILE F 374 -6.60 9.05 70.25
N VAL F 375 -5.58 9.34 71.05
CA VAL F 375 -5.39 8.59 72.30
C VAL F 375 -6.50 8.90 73.28
N GLU F 376 -7.06 10.12 73.25
CA GLU F 376 -8.24 10.41 74.06
C GLU F 376 -9.43 9.58 73.60
N GLN F 377 -9.62 9.46 72.29
CA GLN F 377 -10.69 8.62 71.77
C GLN F 377 -10.49 7.16 72.12
N LEU F 378 -9.23 6.72 72.27
CA LEU F 378 -8.96 5.37 72.73
C LEU F 378 -9.46 5.12 74.14
N GLU F 379 -9.66 6.17 74.93
CA GLU F 379 -10.20 6.00 76.28
C GLU F 379 -11.71 5.77 76.27
N ASN F 380 -12.40 6.25 75.25
CA ASN F 380 -13.86 6.13 75.15
C ASN F 380 -14.26 5.58 73.78
N THR F 381 -13.63 4.50 73.36
CA THR F 381 -13.98 3.86 72.08
C THR F 381 -15.40 3.30 72.12
N TYR F 385 -13.37 -2.93 66.62
CA TYR F 385 -12.99 -2.52 65.27
C TYR F 385 -12.54 -1.05 65.27
N GLU F 386 -13.19 -0.24 66.11
CA GLU F 386 -12.79 1.15 66.24
C GLU F 386 -11.41 1.27 66.87
N LYS F 387 -11.10 0.40 67.84
CA LYS F 387 -9.79 0.43 68.48
C LYS F 387 -8.68 0.10 67.48
N GLU F 388 -8.93 -0.85 66.59
CA GLU F 388 -7.92 -1.22 65.59
C GLU F 388 -7.62 -0.05 64.65
N LYS F 389 -8.67 0.55 64.08
CA LYS F 389 -8.47 1.65 63.14
C LYS F 389 -7.84 2.86 63.83
N LEU F 390 -8.31 3.19 65.04
CA LEU F 390 -7.75 4.32 65.76
C LEU F 390 -6.29 4.09 66.13
N ASN F 391 -5.95 2.87 66.57
CA ASN F 391 -4.55 2.58 66.88
C ASN F 391 -3.69 2.61 65.64
N GLU F 392 -4.22 2.14 64.50
CA GLU F 392 -3.46 2.25 63.24
C GLU F 392 -3.21 3.69 62.87
N ARG F 393 -4.24 4.55 63.02
CA ARG F 393 -4.06 5.97 62.73
C ARG F 393 -3.03 6.60 63.66
N LEU F 394 -3.08 6.27 64.95
CA LEU F 394 -2.12 6.81 65.90
C LEU F 394 -0.70 6.35 65.59
N ALA F 395 -0.55 5.08 65.18
CA ALA F 395 0.77 4.59 64.79
C ALA F 395 1.27 5.31 63.55
N LYS F 396 0.39 5.55 62.58
CA LYS F 396 0.80 6.31 61.39
C LYS F 396 1.23 7.72 61.76
N LEU F 397 0.53 8.34 62.71
CA LEU F 397 0.87 9.71 63.09
C LEU F 397 2.18 9.77 63.87
N SER F 398 2.38 8.86 64.81
CA SER F 398 3.53 8.90 65.72
C SER F 398 4.67 8.00 65.27
N ASP F 399 4.39 6.71 65.06
CA ASP F 399 5.44 5.76 64.69
C ASP F 399 5.79 5.94 63.22
N GLY F 400 7.00 6.42 62.95
CA GLY F 400 7.44 6.69 61.60
C GLY F 400 8.03 5.46 60.92
N VAL F 401 8.69 5.71 59.79
CA VAL F 401 9.32 4.66 59.01
C VAL F 401 10.82 4.69 59.27
N ALA F 402 11.47 3.55 58.99
CA ALA F 402 12.91 3.41 59.16
C ALA F 402 13.53 3.16 57.79
N VAL F 403 14.25 4.16 57.29
CA VAL F 403 14.98 4.01 56.03
C VAL F 403 16.40 3.59 56.35
N LEU F 404 16.85 2.50 55.72
CA LEU F 404 18.23 2.05 55.82
C LEU F 404 18.87 2.18 54.44
N LYS F 405 19.97 2.92 54.38
CA LYS F 405 20.65 3.20 53.13
C LYS F 405 21.91 2.36 53.04
N VAL F 406 22.06 1.64 51.94
CA VAL F 406 23.18 0.72 51.75
C VAL F 406 24.41 1.50 51.36
N GLY F 407 25.55 1.17 51.97
CA GLY F 407 26.81 1.78 51.62
C GLY F 407 27.48 1.10 50.45
N GLY F 408 28.59 1.68 50.03
CA GLY F 408 29.36 1.11 48.94
C GLY F 408 30.25 2.14 48.30
N THR F 409 31.22 1.64 47.52
CA THR F 409 32.16 2.49 46.81
C THR F 409 31.74 2.79 45.38
N SER F 410 30.83 2.01 44.81
CA SER F 410 30.36 2.19 43.44
C SER F 410 28.84 2.23 43.44
N ASP F 411 28.27 3.15 42.65
CA ASP F 411 26.82 3.30 42.60
C ASP F 411 26.15 2.03 42.08
N VAL F 412 26.76 1.37 41.09
CA VAL F 412 26.24 0.10 40.60
C VAL F 412 26.29 -0.94 41.71
N GLU F 413 27.41 -1.01 42.43
CA GLU F 413 27.48 -1.91 43.58
C GLU F 413 26.48 -1.51 44.66
N VAL F 414 26.20 -0.22 44.80
CA VAL F 414 25.18 0.23 45.74
C VAL F 414 23.82 -0.33 45.35
N ASN F 415 23.47 -0.28 44.07
CA ASN F 415 22.19 -0.83 43.63
C ASN F 415 22.13 -2.33 43.82
N GLU F 416 23.23 -3.03 43.51
CA GLU F 416 23.28 -4.47 43.73
C GLU F 416 23.07 -4.82 45.20
N LYS F 417 23.77 -4.11 46.09
CA LYS F 417 23.63 -4.34 47.52
C LYS F 417 22.22 -4.00 47.98
N LYS F 418 21.61 -2.97 47.40
CA LYS F 418 20.24 -2.61 47.75
C LYS F 418 19.28 -3.74 47.40
N ASP F 419 19.44 -4.33 46.22
CA ASP F 419 18.58 -5.46 45.84
C ASP F 419 18.79 -6.64 46.78
N ARG F 420 20.05 -6.95 47.10
CA ARG F 420 20.33 -8.05 48.02
C ARG F 420 19.72 -7.80 49.39
N VAL F 421 19.85 -6.57 49.90
CA VAL F 421 19.32 -6.23 51.22
C VAL F 421 17.80 -6.26 51.21
N THR F 422 17.16 -5.83 50.12
CA THR F 422 15.71 -5.92 50.02
C THR F 422 15.26 -7.38 50.08
N ASP F 423 15.96 -8.25 49.35
CA ASP F 423 15.64 -9.68 49.41
C ASP F 423 15.76 -10.21 50.83
N ALA F 424 16.87 -9.90 51.49
CA ALA F 424 17.09 -10.39 52.85
C ALA F 424 16.05 -9.84 53.82
N LEU F 425 15.68 -8.57 53.67
CA LEU F 425 14.71 -7.94 54.55
C LEU F 425 13.33 -8.57 54.38
N ASN F 426 12.90 -8.82 53.14
CA ASN F 426 11.62 -9.47 52.94
C ASN F 426 11.63 -10.89 53.48
N ALA F 427 12.74 -11.61 53.30
CA ALA F 427 12.85 -12.96 53.86
C ALA F 427 12.75 -12.93 55.39
N THR F 428 13.43 -11.99 56.03
CA THR F 428 13.39 -11.91 57.49
C THR F 428 12.01 -11.49 57.97
N ARG F 429 11.34 -10.60 57.25
CA ARG F 429 9.99 -10.22 57.63
C ARG F 429 9.04 -11.41 57.55
N ALA F 430 9.13 -12.21 56.49
CA ALA F 430 8.30 -13.42 56.41
C ALA F 430 8.65 -14.40 57.52
N ALA F 431 9.94 -14.53 57.83
CA ALA F 431 10.35 -15.45 58.89
C ALA F 431 9.80 -15.02 60.24
N VAL F 432 9.84 -13.72 60.55
CA VAL F 432 9.25 -13.23 61.78
C VAL F 432 7.74 -13.44 61.77
N GLU F 433 7.12 -13.31 60.59
CA GLU F 433 5.68 -13.48 60.47
C GLU F 433 5.25 -14.90 60.81
N GLU F 434 5.94 -15.90 60.26
CA GLU F 434 5.47 -17.28 60.37
C GLU F 434 6.53 -18.30 60.77
N GLY F 435 7.69 -17.86 61.25
CA GLY F 435 8.73 -18.81 61.60
C GLY F 435 9.54 -19.27 60.40
N ILE F 436 10.41 -20.25 60.65
CA ILE F 436 11.29 -20.78 59.63
C ILE F 436 11.18 -22.30 59.60
N VAL F 437 11.50 -22.86 58.44
CA VAL F 437 11.48 -24.32 58.23
C VAL F 437 12.76 -24.70 57.49
N PRO F 438 13.16 -25.96 57.56
CA PRO F 438 14.36 -26.39 56.82
C PRO F 438 14.21 -26.14 55.32
N GLY F 439 15.29 -25.69 54.70
CA GLY F 439 15.29 -25.35 53.29
C GLY F 439 15.63 -26.53 52.41
N GLY F 440 15.88 -26.23 51.14
CA GLY F 440 16.18 -27.26 50.17
C GLY F 440 14.99 -28.11 49.78
N GLY F 441 13.77 -27.61 49.98
CA GLY F 441 12.59 -28.40 49.70
C GLY F 441 12.33 -29.50 50.70
N CYS F 442 13.11 -29.58 51.78
CA CYS F 442 12.95 -30.63 52.77
C CYS F 442 11.77 -30.38 53.70
N ALA F 443 11.28 -29.14 53.79
CA ALA F 443 10.09 -28.88 54.58
C ALA F 443 8.89 -29.65 54.04
N LEU F 444 8.70 -29.63 52.73
CA LEU F 444 7.65 -30.44 52.12
C LEU F 444 8.01 -31.92 52.16
N LEU F 445 9.30 -32.25 52.14
CA LEU F 445 9.73 -33.64 52.18
C LEU F 445 9.40 -34.29 53.51
N ARG F 446 9.47 -33.54 54.60
CA ARG F 446 9.18 -34.07 55.93
C ARG F 446 7.69 -34.11 56.25
N CYS F 447 6.84 -33.59 55.38
CA CYS F 447 5.40 -33.70 55.53
C CYS F 447 4.81 -34.91 54.82
N ILE F 448 5.63 -35.64 54.05
CA ILE F 448 5.14 -36.84 53.36
C ILE F 448 4.64 -37.90 54.34
N PRO F 449 5.36 -38.25 55.41
CA PRO F 449 4.83 -39.29 56.33
C PRO F 449 3.53 -38.89 57.00
N SER F 450 3.21 -37.61 57.07
CA SER F 450 1.98 -37.18 57.73
C SER F 450 0.74 -37.46 56.89
N LEU F 451 0.89 -37.82 55.62
CA LEU F 451 -0.26 -38.11 54.78
C LEU F 451 -0.75 -39.55 54.91
N ASP F 452 0.00 -40.42 55.58
CA ASP F 452 -0.39 -41.81 55.71
C ASP F 452 -1.64 -41.99 56.56
N ALA F 453 -1.97 -41.01 57.41
CA ALA F 453 -3.15 -41.08 58.27
C ALA F 453 -4.13 -40.00 57.83
N ILE F 454 -4.93 -40.35 56.82
CA ILE F 454 -6.01 -39.48 56.33
C ILE F 454 -7.24 -40.35 56.09
N GLN F 455 -8.38 -39.95 56.64
CA GLN F 455 -9.63 -40.66 56.43
C GLN F 455 -10.17 -40.27 55.06
N THR F 456 -10.02 -41.16 54.08
CA THR F 456 -10.47 -40.91 52.72
C THR F 456 -11.81 -41.60 52.48
N ALA F 457 -12.68 -40.93 51.73
CA ALA F 457 -14.02 -41.46 51.48
C ALA F 457 -13.98 -42.61 50.48
N ASN F 458 -13.47 -42.34 49.28
CA ASN F 458 -13.43 -43.35 48.23
C ASN F 458 -12.04 -43.46 47.60
N ALA F 459 -11.94 -44.23 46.52
CA ALA F 459 -10.64 -44.44 45.88
C ALA F 459 -10.11 -43.16 45.24
N ASP F 460 -10.99 -42.31 44.73
CA ASP F 460 -10.53 -41.09 44.04
C ASP F 460 -9.87 -40.12 45.01
N GLN F 461 -10.38 -40.03 46.25
CA GLN F 461 -9.73 -39.21 47.25
C GLN F 461 -8.32 -39.71 47.54
N LYS F 462 -8.15 -41.03 47.62
CA LYS F 462 -6.82 -41.60 47.81
C LYS F 462 -5.93 -41.32 46.60
N ILE F 463 -6.51 -41.32 45.40
CA ILE F 463 -5.74 -40.98 44.20
C ILE F 463 -5.23 -39.55 44.28
N GLY F 464 -6.09 -38.62 44.70
CA GLY F 464 -5.66 -37.24 44.86
C GLY F 464 -4.60 -37.07 45.94
N VAL F 465 -4.75 -37.79 47.05
CA VAL F 465 -3.75 -37.75 48.10
C VAL F 465 -2.41 -38.29 47.58
N GLU F 466 -2.45 -39.34 46.76
CA GLU F 466 -1.23 -39.85 46.15
C GLU F 466 -0.63 -38.82 45.19
N ILE F 467 -1.48 -38.10 44.48
CA ILE F 467 -1.01 -37.04 43.59
C ILE F 467 -0.22 -36.00 44.38
N ILE F 468 -0.79 -35.53 45.48
CA ILE F 468 -0.12 -34.50 46.27
C ILE F 468 1.13 -35.08 46.96
N ARG F 469 1.09 -36.37 47.33
CA ARG F 469 2.26 -37.01 47.92
C ARG F 469 3.42 -37.08 46.95
N ARG F 470 3.13 -37.41 45.68
CA ARG F 470 4.16 -37.36 44.65
C ARG F 470 4.64 -35.94 44.42
N ALA F 471 3.72 -34.97 44.44
CA ALA F 471 4.09 -33.58 44.20
C ALA F 471 4.99 -33.04 45.30
N LEU F 472 4.84 -33.52 46.53
CA LEU F 472 5.68 -33.06 47.63
C LEU F 472 7.16 -33.32 47.37
N ARG F 473 7.47 -34.42 46.67
CA ARG F 473 8.86 -34.79 46.40
C ARG F 473 9.49 -33.91 45.33
N ILE F 474 8.69 -33.17 44.56
CA ILE F 474 9.21 -32.50 43.37
C ILE F 474 10.26 -31.44 43.67
N PRO F 475 10.06 -30.51 44.62
CA PRO F 475 11.06 -29.43 44.77
C PRO F 475 12.45 -29.92 45.17
N ALA F 476 12.52 -30.78 46.18
CA ALA F 476 13.82 -31.29 46.61
C ALA F 476 14.49 -32.11 45.52
N MET F 477 13.71 -32.95 44.82
CA MET F 477 14.28 -33.75 43.73
C MET F 477 14.78 -32.86 42.60
N THR F 478 14.03 -31.79 42.27
CA THR F 478 14.46 -30.88 41.22
C THR F 478 15.74 -30.16 41.62
N ILE F 479 15.84 -29.73 42.88
CA ILE F 479 17.07 -29.08 43.33
C ILE F 479 18.25 -30.05 43.25
N ALA F 480 18.04 -31.30 43.67
CA ALA F 480 19.11 -32.29 43.60
C ALA F 480 19.52 -32.55 42.16
N LYS F 481 18.56 -32.64 41.24
CA LYS F 481 18.88 -32.86 39.84
C LYS F 481 19.65 -31.67 39.26
N ASN F 482 19.26 -30.46 39.62
CA ASN F 482 20.00 -29.28 39.17
C ASN F 482 21.42 -29.28 39.71
N ALA F 483 21.61 -29.77 40.94
CA ALA F 483 22.96 -29.82 41.51
C ALA F 483 23.87 -30.84 40.83
N GLY F 484 23.30 -31.78 40.08
CA GLY F 484 24.07 -32.80 39.41
C GLY F 484 24.07 -34.16 40.09
N VAL F 485 23.18 -34.40 41.04
CA VAL F 485 23.12 -35.65 41.79
C VAL F 485 21.77 -36.30 41.53
N GLU F 486 21.75 -37.64 41.55
CA GLU F 486 20.52 -38.39 41.35
C GLU F 486 19.51 -38.01 42.43
N GLY F 487 18.39 -37.41 42.01
CA GLY F 487 17.44 -36.88 42.97
C GLY F 487 16.73 -37.96 43.78
N SER F 488 16.33 -39.05 43.13
CA SER F 488 15.56 -40.08 43.81
C SER F 488 16.37 -40.72 44.93
N LEU F 489 17.65 -41.01 44.69
CA LEU F 489 18.48 -41.61 45.73
C LEU F 489 18.67 -40.66 46.91
N VAL F 490 18.87 -39.37 46.63
CA VAL F 490 19.02 -38.39 47.70
C VAL F 490 17.74 -38.30 48.53
N VAL F 491 16.59 -38.28 47.86
CA VAL F 491 15.32 -38.22 48.59
C VAL F 491 15.12 -39.46 49.43
N GLU F 492 15.45 -40.64 48.88
CA GLU F 492 15.33 -41.87 49.65
C GLU F 492 16.25 -41.87 50.87
N LYS F 493 17.48 -41.37 50.70
CA LYS F 493 18.40 -41.29 51.83
C LYS F 493 17.89 -40.33 52.89
N ILE F 494 17.31 -39.21 52.48
CA ILE F 494 16.78 -38.24 53.44
C ILE F 494 15.61 -38.84 54.21
N LEU F 495 14.69 -39.51 53.50
CA LEU F 495 13.50 -40.04 54.14
C LEU F 495 13.84 -41.15 55.14
N GLN F 496 14.75 -42.05 54.77
CA GLN F 496 15.08 -43.21 55.59
C GLN F 496 16.35 -43.00 56.40
N GLY F 497 16.61 -41.77 56.84
CA GLY F 497 17.78 -41.46 57.64
C GLY F 497 17.38 -40.79 58.94
N SER F 498 18.20 -39.84 59.36
CA SER F 498 17.93 -39.09 60.59
C SER F 498 16.73 -38.17 60.40
N ALA F 499 16.08 -37.85 61.52
CA ALA F 499 14.92 -36.96 61.49
C ALA F 499 15.31 -35.52 61.13
N GLU F 500 16.58 -35.17 61.27
CA GLU F 500 17.09 -33.85 60.90
C GLU F 500 18.04 -33.90 59.71
N LEU F 501 18.04 -35.00 58.96
CA LEU F 501 18.95 -35.17 57.85
C LEU F 501 18.37 -34.57 56.58
N GLY F 502 19.15 -33.73 55.92
CA GLY F 502 18.81 -33.15 54.64
C GLY F 502 19.92 -33.35 53.63
N TYR F 503 19.99 -32.44 52.67
CA TYR F 503 21.04 -32.48 51.66
C TYR F 503 21.36 -31.06 51.23
N ASP F 504 22.55 -30.58 51.58
CA ASP F 504 23.01 -29.26 51.16
C ASP F 504 23.64 -29.38 49.78
N ALA F 505 23.00 -28.79 48.78
CA ALA F 505 23.56 -28.81 47.43
C ALA F 505 24.86 -28.00 47.34
N MET F 506 24.98 -26.94 48.14
CA MET F 506 26.20 -26.15 48.13
C MET F 506 27.39 -26.96 48.65
N GLN F 507 27.19 -27.74 49.70
CA GLN F 507 28.26 -28.54 50.27
C GLN F 507 28.37 -29.93 49.64
N GLY F 508 27.26 -30.44 49.10
CA GLY F 508 27.27 -31.77 48.51
C GLY F 508 27.29 -32.90 49.50
N GLU F 509 26.91 -32.65 50.76
CA GLU F 509 26.89 -33.68 51.78
C GLU F 509 25.59 -33.57 52.58
N TYR F 510 25.18 -34.69 53.17
CA TYR F 510 23.96 -34.73 53.98
C TYR F 510 24.28 -34.17 55.37
N VAL F 511 23.67 -33.03 55.71
CA VAL F 511 23.89 -32.37 56.97
C VAL F 511 22.54 -32.06 57.60
N ASN F 512 22.57 -31.42 58.77
CA ASN F 512 21.37 -30.97 59.45
C ASN F 512 21.04 -29.56 58.96
N MET F 513 19.93 -29.42 58.23
CA MET F 513 19.64 -28.19 57.53
C MET F 513 19.41 -27.03 58.50
N VAL F 514 18.61 -27.25 59.54
CA VAL F 514 18.23 -26.16 60.42
C VAL F 514 19.44 -25.64 61.21
N GLU F 515 20.31 -26.55 61.65
CA GLU F 515 21.47 -26.13 62.44
C GLU F 515 22.52 -25.46 61.56
N LYS F 516 22.77 -26.01 60.37
CA LYS F 516 23.81 -25.48 59.51
C LYS F 516 23.48 -24.08 59.00
N GLY F 517 22.24 -23.88 58.54
CA GLY F 517 21.84 -22.58 58.04
C GLY F 517 20.97 -22.64 56.81
N ILE F 518 20.68 -23.84 56.31
CA ILE F 518 19.83 -24.00 55.14
C ILE F 518 18.37 -23.92 55.59
N ILE F 519 17.80 -22.72 55.53
CA ILE F 519 16.46 -22.48 56.04
C ILE F 519 15.65 -21.68 55.01
N ASP F 520 14.33 -21.79 55.12
CA ASP F 520 13.39 -21.05 54.30
C ASP F 520 12.26 -20.55 55.19
N PRO F 521 11.64 -19.42 54.86
CA PRO F 521 10.49 -18.96 55.63
C PRO F 521 9.30 -19.89 55.44
N THR F 522 8.57 -20.12 56.53
CA THR F 522 7.40 -20.99 56.48
C THR F 522 6.32 -20.38 55.58
N LYS F 523 6.20 -19.05 55.60
CA LYS F 523 5.20 -18.37 54.80
C LYS F 523 5.40 -18.66 53.31
N VAL F 524 6.65 -18.65 52.86
CA VAL F 524 6.95 -18.83 51.43
C VAL F 524 6.47 -20.20 50.97
N VAL F 525 6.87 -21.25 51.68
CA VAL F 525 6.53 -22.61 51.25
C VAL F 525 5.04 -22.87 51.41
N ARG F 526 4.44 -22.37 52.49
CA ARG F 526 3.01 -22.55 52.68
C ARG F 526 2.21 -21.91 51.55
N THR F 527 2.52 -20.64 51.24
CA THR F 527 1.80 -19.97 50.18
C THR F 527 2.06 -20.62 48.83
N ALA F 528 3.30 -21.04 48.58
CA ALA F 528 3.62 -21.68 47.31
C ALA F 528 2.79 -22.95 47.11
N LEU F 529 2.75 -23.82 48.13
CA LEU F 529 1.98 -25.05 48.00
C LEU F 529 0.49 -24.75 47.86
N LEU F 530 -0.04 -23.83 48.67
CA LEU F 530 -1.47 -23.53 48.62
C LEU F 530 -1.86 -22.98 47.26
N ASP F 531 -1.09 -22.03 46.74
CA ASP F 531 -1.42 -21.43 45.46
C ASP F 531 -1.24 -22.41 44.30
N ALA F 532 -0.23 -23.28 44.38
CA ALA F 532 -0.04 -24.29 43.35
C ALA F 532 -1.23 -25.25 43.32
N ALA F 533 -1.67 -25.70 44.50
CA ALA F 533 -2.85 -26.55 44.56
C ALA F 533 -4.07 -25.82 44.02
N GLY F 534 -4.23 -24.54 44.36
CA GLY F 534 -5.39 -23.81 43.88
C GLY F 534 -5.42 -23.68 42.37
N VAL F 535 -4.30 -23.32 41.76
CA VAL F 535 -4.26 -23.16 40.31
C VAL F 535 -4.41 -24.49 39.61
N ALA F 536 -3.83 -25.57 40.17
CA ALA F 536 -3.99 -26.88 39.56
C ALA F 536 -5.45 -27.33 39.61
N SER F 537 -6.12 -27.12 40.74
CA SER F 537 -7.53 -27.47 40.84
C SER F 537 -8.37 -26.62 39.91
N LEU F 538 -7.99 -25.35 39.74
CA LEU F 538 -8.69 -24.49 38.79
C LEU F 538 -8.56 -25.02 37.37
N LEU F 539 -7.36 -25.47 37.00
CA LEU F 539 -7.17 -26.06 35.68
C LEU F 539 -7.96 -27.35 35.53
N SER F 540 -8.02 -28.16 36.58
CA SER F 540 -8.75 -29.43 36.50
C SER F 540 -10.25 -29.19 36.36
N THR F 541 -10.80 -28.23 37.09
CA THR F 541 -12.23 -27.95 37.01
C THR F 541 -12.62 -27.30 35.69
N ALA F 542 -11.67 -26.81 34.91
CA ALA F 542 -11.98 -26.18 33.63
C ALA F 542 -12.43 -27.26 32.65
N GLU F 543 -13.68 -27.12 32.17
CA GLU F 543 -14.24 -28.08 31.23
C GLU F 543 -14.50 -27.48 29.86
N ALA F 544 -14.16 -26.20 29.65
CA ALA F 544 -14.34 -25.56 28.35
C ALA F 544 -13.50 -24.30 28.31
N VAL F 545 -12.74 -24.12 27.23
CA VAL F 545 -11.88 -22.96 27.03
C VAL F 545 -12.30 -22.25 25.75
N VAL F 546 -12.55 -20.96 25.85
CA VAL F 546 -12.99 -20.14 24.73
C VAL F 546 -11.86 -19.20 24.34
N THR F 547 -11.49 -19.20 23.07
CA THR F 547 -10.36 -18.42 22.57
C THR F 547 -10.77 -17.67 21.31
N GLU F 548 -10.10 -16.54 21.07
CA GLU F 548 -10.35 -15.76 19.87
C GLU F 548 -9.64 -16.38 18.68
N ILE F 549 -10.30 -16.35 17.52
CA ILE F 549 -9.72 -16.88 16.29
C ILE F 549 -8.63 -15.93 15.81
N PRO F 550 -7.39 -16.41 15.63
CA PRO F 550 -6.29 -15.56 15.16
C PRO F 550 -6.31 -15.34 13.66
N TYR G 26 6.79 -10.17 21.73
CA TYR G 26 5.71 -11.00 21.20
C TYR G 26 5.83 -12.43 21.70
N ALA G 27 5.21 -13.37 20.98
CA ALA G 27 5.28 -14.77 21.36
C ALA G 27 6.71 -15.26 21.28
N LYS G 28 7.08 -16.14 22.21
CA LYS G 28 8.44 -16.63 22.35
C LYS G 28 8.54 -18.10 21.97
N ASP G 29 9.76 -18.51 21.62
CA ASP G 29 10.09 -19.90 21.35
C ASP G 29 11.25 -20.30 22.26
N VAL G 30 11.11 -21.43 22.95
CA VAL G 30 12.08 -21.86 23.94
C VAL G 30 12.60 -23.25 23.58
N LYS G 31 13.91 -23.42 23.62
CA LYS G 31 14.56 -24.70 23.39
C LYS G 31 15.38 -25.07 24.62
N PHE G 32 15.51 -26.37 24.88
CA PHE G 32 16.03 -26.86 26.14
C PHE G 32 17.26 -27.73 25.94
N GLY G 33 18.26 -27.51 26.79
CA GLY G 33 19.38 -28.44 26.90
C GLY G 33 20.24 -28.49 25.65
N ALA G 34 20.71 -29.71 25.36
CA ALA G 34 21.61 -29.92 24.23
C ALA G 34 20.97 -29.52 22.90
N ASP G 35 19.64 -29.54 22.82
CA ASP G 35 18.97 -29.12 21.58
C ASP G 35 19.32 -27.68 21.23
N ALA G 36 19.25 -26.77 22.20
CA ALA G 36 19.64 -25.38 21.98
C ALA G 36 21.16 -25.20 22.02
N ARG G 37 21.84 -25.98 22.85
CA ARG G 37 23.29 -25.85 22.94
C ARG G 37 23.95 -26.21 21.61
N ALA G 38 23.37 -27.15 20.85
CA ALA G 38 23.93 -27.49 19.55
C ALA G 38 23.84 -26.32 18.59
N LEU G 39 22.72 -25.60 18.58
CA LEU G 39 22.59 -24.44 17.70
C LEU G 39 23.56 -23.35 18.11
N MET G 40 23.68 -23.09 19.42
CA MET G 40 24.64 -22.08 19.86
C MET G 40 26.07 -22.48 19.51
N LEU G 41 26.38 -23.78 19.63
CA LEU G 41 27.70 -24.27 19.26
C LEU G 41 27.95 -24.11 17.77
N GLN G 42 26.92 -24.31 16.95
CA GLN G 42 27.06 -24.08 15.51
C GLN G 42 27.37 -22.60 15.24
N GLY G 43 26.70 -21.71 15.95
CA GLY G 43 26.98 -20.29 15.77
C GLY G 43 28.41 -19.93 16.15
N VAL G 44 28.87 -20.41 17.30
CA VAL G 44 30.24 -20.10 17.71
C VAL G 44 31.24 -20.80 16.79
N ASP G 45 30.87 -21.96 16.23
CA ASP G 45 31.71 -22.61 15.24
C ASP G 45 31.89 -21.72 14.01
N LEU G 46 30.79 -21.13 13.54
CA LEU G 46 30.87 -20.24 12.39
C LEU G 46 31.75 -19.02 12.69
N LEU G 47 31.52 -18.39 13.85
CA LEU G 47 32.29 -17.21 14.20
C LEU G 47 33.78 -17.52 14.34
N ALA G 48 34.11 -18.64 15.02
CA ALA G 48 35.51 -18.96 15.23
C ALA G 48 36.17 -19.46 13.94
N ASP G 49 35.43 -20.13 13.06
CA ASP G 49 35.98 -20.46 11.76
C ASP G 49 36.32 -19.20 10.97
N ALA G 50 35.45 -18.19 11.04
CA ALA G 50 35.74 -16.92 10.37
C ALA G 50 36.97 -16.26 10.98
N VAL G 51 37.09 -16.28 12.31
CA VAL G 51 38.17 -15.52 12.95
C VAL G 51 39.51 -16.24 12.89
N ALA G 52 39.53 -17.58 12.96
CA ALA G 52 40.76 -18.31 13.16
C ALA G 52 41.70 -18.24 11.96
N VAL G 53 41.17 -18.08 10.75
CA VAL G 53 42.02 -18.02 9.57
C VAL G 53 42.95 -16.81 9.62
N THR G 54 42.62 -15.80 10.41
CA THR G 54 43.42 -14.60 10.52
C THR G 54 44.44 -14.66 11.65
N MET G 55 44.76 -15.85 12.14
CA MET G 55 45.62 -16.01 13.31
C MET G 55 47.07 -16.16 12.89
N GLY G 56 47.97 -15.58 13.69
CA GLY G 56 49.39 -15.80 13.52
C GLY G 56 50.04 -14.84 12.54
N PRO G 57 51.38 -14.83 12.53
CA PRO G 57 52.09 -13.96 11.59
C PRO G 57 51.73 -14.20 10.14
N LYS G 58 51.56 -15.46 9.74
CA LYS G 58 51.12 -15.80 8.39
C LYS G 58 49.62 -16.06 8.37
N GLY G 59 48.85 -15.03 8.72
CA GLY G 59 47.42 -15.17 8.73
C GLY G 59 46.82 -15.10 7.34
N ARG G 60 45.60 -15.61 7.22
CA ARG G 60 44.89 -15.58 5.95
C ARG G 60 43.97 -14.36 5.88
N THR G 61 43.31 -14.22 4.75
CA THR G 61 42.53 -13.03 4.42
C THR G 61 41.04 -13.34 4.50
N VAL G 62 40.28 -12.41 5.07
CA VAL G 62 38.82 -12.47 5.07
C VAL G 62 38.30 -11.28 4.29
N ILE G 63 37.44 -11.54 3.31
CA ILE G 63 36.82 -10.51 2.50
C ILE G 63 35.40 -10.30 3.01
N ILE G 64 35.12 -9.08 3.49
CA ILE G 64 33.81 -8.72 4.01
C ILE G 64 33.13 -7.81 3.00
N GLU G 65 31.92 -8.18 2.59
CA GLU G 65 31.15 -7.33 1.69
C GLU G 65 30.76 -6.05 2.41
N GLN G 66 31.07 -4.91 1.80
CA GLN G 66 30.66 -3.63 2.32
C GLN G 66 29.33 -3.22 1.70
N SER G 67 28.53 -2.47 2.46
CA SER G 67 27.25 -2.01 1.95
C SER G 67 27.43 -1.15 0.71
N TRP G 68 28.46 -0.32 0.69
CA TRP G 68 28.79 0.49 -0.48
C TRP G 68 30.29 0.42 -0.72
N GLY G 69 30.69 0.63 -1.96
CA GLY G 69 32.09 0.66 -2.31
C GLY G 69 32.70 -0.73 -2.40
N SER G 70 34.03 -0.74 -2.54
CA SER G 70 34.76 -1.98 -2.68
C SER G 70 34.67 -2.80 -1.40
N PRO G 71 34.67 -4.13 -1.51
CA PRO G 71 34.62 -4.98 -0.30
C PRO G 71 35.88 -4.84 0.52
N LYS G 72 35.72 -5.02 1.83
CA LYS G 72 36.82 -4.85 2.76
C LYS G 72 37.67 -6.11 2.82
N VAL G 73 38.98 -5.95 2.65
CA VAL G 73 39.94 -7.04 2.74
C VAL G 73 40.77 -6.82 4.01
N THR G 74 40.67 -7.77 4.95
CA THR G 74 41.29 -7.58 6.25
C THR G 74 41.90 -8.89 6.74
N LYS G 75 42.94 -8.75 7.56
CA LYS G 75 43.52 -9.85 8.31
C LYS G 75 43.29 -9.70 9.81
N ASP G 76 42.44 -8.77 10.22
CA ASP G 76 42.20 -8.48 11.63
C ASP G 76 41.02 -9.30 12.13
N GLY G 77 41.26 -10.13 13.15
CA GLY G 77 40.19 -10.93 13.72
C GLY G 77 39.13 -10.10 14.40
N VAL G 78 39.49 -8.92 14.90
CA VAL G 78 38.52 -8.07 15.57
C VAL G 78 37.46 -7.58 14.58
N THR G 79 37.90 -7.08 13.42
CA THR G 79 36.95 -6.61 12.42
C THR G 79 36.16 -7.76 11.80
N VAL G 80 36.78 -8.94 11.69
CA VAL G 80 36.05 -10.11 11.20
C VAL G 80 34.94 -10.48 12.16
N ALA G 81 35.24 -10.53 13.45
CA ALA G 81 34.24 -10.91 14.45
C ALA G 81 33.14 -9.87 14.56
N LYS G 82 33.50 -8.58 14.51
CA LYS G 82 32.51 -7.52 14.65
C LYS G 82 31.53 -7.48 13.47
N SER G 83 31.87 -8.09 12.35
CA SER G 83 31.05 -8.05 11.14
C SER G 83 30.19 -9.29 10.96
N ILE G 84 30.17 -10.19 11.93
CA ILE G 84 29.44 -11.45 11.81
C ILE G 84 28.07 -11.29 12.48
N ASP G 85 27.02 -11.71 11.77
CA ASP G 85 25.66 -11.67 12.28
C ASP G 85 24.87 -12.76 11.59
N LEU G 86 24.26 -13.64 12.37
CA LEU G 86 23.62 -14.84 11.85
C LEU G 86 22.11 -14.68 11.80
N LYS G 87 21.50 -15.32 10.81
CA LYS G 87 20.05 -15.21 10.61
C LYS G 87 19.28 -15.95 11.70
N ASP G 88 19.68 -17.18 12.00
CA ASP G 88 18.97 -17.97 13.00
C ASP G 88 19.22 -17.43 14.40
N LYS G 89 18.18 -17.50 15.25
CA LYS G 89 18.22 -16.82 16.54
C LYS G 89 19.22 -17.47 17.49
N TYR G 90 19.21 -18.81 17.59
CA TYR G 90 20.00 -19.48 18.61
C TYR G 90 21.49 -19.40 18.32
N LYS G 91 21.89 -19.68 17.08
CA LYS G 91 23.30 -19.57 16.73
C LYS G 91 23.77 -18.12 16.77
N ASN G 92 22.89 -17.18 16.43
CA ASN G 92 23.25 -15.77 16.59
C ASN G 92 23.47 -15.42 18.06
N ILE G 93 22.66 -16.01 18.95
CA ILE G 93 22.83 -15.76 20.38
C ILE G 93 24.19 -16.27 20.84
N GLY G 94 24.54 -17.49 20.43
CA GLY G 94 25.84 -18.03 20.80
C GLY G 94 27.00 -17.20 20.26
N ALA G 95 26.90 -16.83 18.97
CA ALA G 95 27.94 -16.03 18.35
C ALA G 95 28.08 -14.67 19.02
N LYS G 96 26.96 -14.05 19.39
CA LYS G 96 27.01 -12.75 20.04
C LYS G 96 27.59 -12.85 21.44
N LEU G 97 27.28 -13.93 22.16
CA LEU G 97 27.89 -14.12 23.48
C LEU G 97 29.41 -14.20 23.36
N VAL G 98 29.90 -15.06 22.45
CA VAL G 98 31.34 -15.22 22.29
C VAL G 98 31.96 -13.92 21.76
N GLN G 99 31.25 -13.21 20.89
CA GLN G 99 31.73 -11.93 20.38
C GLN G 99 31.91 -10.93 21.51
N ASP G 100 30.94 -10.82 22.41
CA ASP G 100 31.05 -9.88 23.52
C ASP G 100 32.21 -10.25 24.43
N VAL G 101 32.36 -11.54 24.72
CA VAL G 101 33.47 -11.96 25.60
C VAL G 101 34.80 -11.63 24.95
N ALA G 102 34.97 -11.97 23.68
CA ALA G 102 36.23 -11.69 22.99
C ALA G 102 36.48 -10.20 22.88
N ASN G 103 35.44 -9.41 22.64
CA ASN G 103 35.60 -7.97 22.47
C ASN G 103 36.01 -7.30 23.77
N ASN G 104 35.40 -7.69 24.91
CA ASN G 104 35.85 -7.09 26.16
C ASN G 104 37.18 -7.68 26.62
N THR G 105 37.58 -8.84 26.07
CA THR G 105 38.96 -9.28 26.22
C THR G 105 39.91 -8.34 25.49
N ASN G 106 39.55 -7.92 24.27
CA ASN G 106 40.40 -7.01 23.50
C ASN G 106 40.53 -5.66 24.18
N GLU G 107 39.45 -5.15 24.76
CA GLU G 107 39.47 -3.82 25.35
C GLU G 107 40.28 -3.74 26.64
N GLU G 108 40.66 -4.87 27.23
CA GLU G 108 41.43 -4.86 28.46
C GLU G 108 42.94 -4.91 28.20
N ALA G 109 43.37 -5.83 27.33
CA ALA G 109 44.79 -6.04 27.09
C ALA G 109 45.27 -5.49 25.74
N GLY G 110 44.35 -5.16 24.83
CA GLY G 110 44.71 -4.68 23.51
C GLY G 110 44.85 -5.75 22.46
N ASP G 111 44.79 -7.03 22.84
CA ASP G 111 44.92 -8.14 21.90
C ASP G 111 44.30 -9.38 22.54
N GLY G 112 44.25 -10.46 21.78
CA GLY G 112 43.74 -11.71 22.27
C GLY G 112 42.32 -12.06 21.87
N THR G 113 41.71 -11.29 20.97
CA THR G 113 40.37 -11.64 20.49
C THR G 113 40.38 -12.99 19.79
N THR G 114 41.32 -13.19 18.87
CA THR G 114 41.39 -14.44 18.11
C THR G 114 41.68 -15.62 19.04
N THR G 115 42.65 -15.45 19.94
CA THR G 115 43.00 -16.53 20.87
C THR G 115 41.82 -16.87 21.76
N ALA G 116 41.14 -15.86 22.30
CA ALA G 116 39.98 -16.12 23.14
C ALA G 116 38.89 -16.85 22.36
N THR G 117 38.63 -16.43 21.13
CA THR G 117 37.58 -17.05 20.33
C THR G 117 37.90 -18.51 20.02
N VAL G 118 39.14 -18.79 19.60
CA VAL G 118 39.46 -20.17 19.23
C VAL G 118 39.51 -21.07 20.46
N LEU G 119 40.05 -20.56 21.58
CA LEU G 119 40.04 -21.35 22.81
C LEU G 119 38.62 -21.61 23.28
N ALA G 120 37.75 -20.59 23.18
CA ALA G 120 36.36 -20.76 23.57
C ALA G 120 35.67 -21.81 22.71
N ARG G 121 35.90 -21.78 21.40
CA ARG G 121 35.30 -22.80 20.55
C ARG G 121 35.78 -24.18 20.92
N ALA G 122 37.09 -24.34 21.15
CA ALA G 122 37.61 -25.66 21.50
C ALA G 122 36.98 -26.17 22.79
N ILE G 123 36.98 -25.33 23.83
CA ILE G 123 36.46 -25.76 25.13
C ILE G 123 34.97 -26.05 25.02
N ALA G 124 34.21 -25.18 24.34
CA ALA G 124 32.77 -25.38 24.22
C ALA G 124 32.45 -26.65 23.45
N LYS G 125 33.16 -26.89 22.35
CA LYS G 125 32.90 -28.08 21.54
C LYS G 125 33.17 -29.35 22.33
N GLU G 126 34.34 -29.43 22.97
CA GLU G 126 34.66 -30.63 23.74
C GLU G 126 33.71 -30.81 24.91
N GLY G 127 33.36 -29.72 25.59
CA GLY G 127 32.45 -29.83 26.73
C GLY G 127 31.07 -30.28 26.32
N PHE G 128 30.54 -29.73 25.23
CA PHE G 128 29.23 -30.17 24.74
C PHE G 128 29.26 -31.62 24.31
N ASP G 129 30.34 -32.03 23.62
CA ASP G 129 30.44 -33.42 23.19
C ASP G 129 30.45 -34.37 24.38
N THR G 130 31.18 -34.02 25.44
CA THR G 130 31.23 -34.90 26.61
C THR G 130 29.93 -34.86 27.39
N ILE G 131 29.30 -33.68 27.49
CA ILE G 131 28.09 -33.54 28.30
C ILE G 131 26.91 -34.24 27.65
N SER G 132 26.75 -34.08 26.33
CA SER G 132 25.66 -34.75 25.63
C SER G 132 25.86 -36.26 25.55
N LYS G 133 27.04 -36.75 25.89
CA LYS G 133 27.34 -38.18 25.89
C LYS G 133 27.18 -38.81 27.26
N GLY G 134 26.57 -38.11 28.22
CA GLY G 134 26.30 -38.67 29.53
C GLY G 134 27.32 -38.33 30.60
N ALA G 135 27.65 -37.06 30.74
CA ALA G 135 28.57 -36.59 31.76
C ALA G 135 27.94 -35.44 32.54
N ASN G 136 28.39 -35.26 33.77
CA ASN G 136 27.82 -34.25 34.64
C ASN G 136 28.42 -32.89 34.32
N PRO G 137 27.63 -31.93 33.84
CA PRO G 137 28.20 -30.62 33.47
C PRO G 137 28.85 -29.88 34.62
N VAL G 138 28.28 -29.97 35.82
CA VAL G 138 28.85 -29.24 36.96
C VAL G 138 30.21 -29.82 37.33
N GLU G 139 30.35 -31.14 37.33
CA GLU G 139 31.62 -31.77 37.62
C GLU G 139 32.60 -31.67 36.45
N ILE G 140 32.15 -31.26 35.27
CA ILE G 140 33.07 -30.95 34.18
C ILE G 140 33.62 -29.54 34.33
N ARG G 141 32.73 -28.58 34.61
CA ARG G 141 33.17 -27.20 34.84
C ARG G 141 34.09 -27.13 36.04
N ARG G 142 33.75 -27.82 37.12
CA ARG G 142 34.65 -27.98 38.26
C ARG G 142 35.71 -29.00 37.86
N GLY G 143 36.86 -28.51 37.43
CA GLY G 143 37.90 -29.34 36.85
C GLY G 143 38.40 -28.74 35.56
N VAL G 144 37.49 -28.23 34.73
CA VAL G 144 37.92 -27.31 33.68
C VAL G 144 38.52 -26.07 34.33
N MET G 145 37.83 -25.54 35.35
CA MET G 145 38.34 -24.39 36.08
C MET G 145 39.59 -24.76 36.87
N MET G 146 39.66 -25.97 37.42
CA MET G 146 40.86 -26.40 38.14
C MET G 146 42.07 -26.40 37.22
N ALA G 147 41.93 -27.00 36.04
CA ALA G 147 43.05 -27.05 35.10
C ALA G 147 43.37 -25.67 34.54
N VAL G 148 42.37 -24.80 34.38
CA VAL G 148 42.62 -23.43 33.96
C VAL G 148 43.44 -22.69 35.02
N GLU G 149 43.10 -22.90 36.30
CA GLU G 149 43.87 -22.28 37.37
C GLU G 149 45.29 -22.79 37.39
N THR G 150 45.48 -24.10 37.17
CA THR G 150 46.83 -24.65 37.11
C THR G 150 47.63 -24.04 35.96
N VAL G 151 47.00 -23.92 34.79
CA VAL G 151 47.67 -23.33 33.63
C VAL G 151 48.03 -21.87 33.91
N ILE G 152 47.11 -21.14 34.54
CA ILE G 152 47.37 -19.73 34.85
C ILE G 152 48.52 -19.59 35.83
N LYS G 153 48.56 -20.46 36.85
CA LYS G 153 49.65 -20.40 37.82
C LYS G 153 51.00 -20.67 37.15
N GLU G 154 51.07 -21.72 36.33
CA GLU G 154 52.34 -22.02 35.68
C GLU G 154 52.70 -20.98 34.63
N LEU G 155 51.70 -20.31 34.05
CA LEU G 155 51.96 -19.26 33.09
C LEU G 155 52.51 -18.02 33.78
N LYS G 156 51.97 -17.69 34.95
CA LYS G 156 52.54 -16.61 35.75
C LYS G 156 53.96 -16.95 36.19
N ASN G 157 54.21 -18.23 36.48
CA ASN G 157 55.57 -18.67 36.79
C ASN G 157 56.49 -18.52 35.58
N LEU G 158 55.96 -18.77 34.37
CA LEU G 158 56.78 -18.76 33.17
C LEU G 158 57.16 -17.35 32.71
N SER G 159 56.39 -16.34 33.08
CA SER G 159 56.59 -15.00 32.54
C SER G 159 57.92 -14.40 33.02
N LYS G 160 58.45 -13.49 32.22
CA LYS G 160 59.66 -12.74 32.55
C LYS G 160 59.29 -11.29 32.84
N PRO G 161 59.54 -10.78 34.05
CA PRO G 161 59.13 -9.41 34.37
C PRO G 161 59.84 -8.38 33.51
N VAL G 162 59.15 -7.26 33.28
CA VAL G 162 59.69 -6.14 32.50
C VAL G 162 59.56 -4.90 33.38
N THR G 163 60.67 -4.49 33.99
CA THR G 163 60.67 -3.36 34.91
C THR G 163 61.69 -2.29 34.55
N THR G 164 62.88 -2.69 34.10
CA THR G 164 63.92 -1.73 33.78
C THR G 164 63.55 -0.95 32.52
N PRO G 165 64.00 0.32 32.42
CA PRO G 165 63.71 1.08 31.19
C PRO G 165 64.28 0.44 29.95
N GLU G 166 65.43 -0.24 30.03
CA GLU G 166 65.98 -0.90 28.86
C GLU G 166 65.11 -2.07 28.41
N GLU G 167 64.58 -2.85 29.36
CA GLU G 167 63.66 -3.92 29.00
C GLU G 167 62.37 -3.35 28.40
N ILE G 168 61.90 -2.23 28.94
CA ILE G 168 60.70 -1.58 28.39
C ILE G 168 60.96 -1.14 26.95
N ALA G 169 62.13 -0.54 26.70
CA ALA G 169 62.47 -0.13 25.34
C ALA G 169 62.58 -1.32 24.41
N GLN G 170 63.17 -2.42 24.89
CA GLN G 170 63.27 -3.63 24.07
C GLN G 170 61.89 -4.17 23.71
N VAL G 171 60.99 -4.23 24.69
CA VAL G 171 59.64 -4.73 24.44
C VAL G 171 58.89 -3.82 23.48
N ALA G 172 59.02 -2.50 23.66
CA ALA G 172 58.32 -1.56 22.79
C ALA G 172 58.85 -1.61 21.36
N THR G 173 60.17 -1.77 21.20
CA THR G 173 60.73 -1.93 19.86
C THR G 173 60.26 -3.22 19.22
N ILE G 174 60.18 -4.31 20.00
CA ILE G 174 59.68 -5.57 19.47
C ILE G 174 58.24 -5.42 19.01
N SER G 175 57.40 -4.77 19.83
CA SER G 175 55.99 -4.62 19.51
C SER G 175 55.77 -3.75 18.26
N ALA G 176 56.72 -2.90 17.90
CA ALA G 176 56.60 -2.02 16.76
C ALA G 176 57.27 -2.57 15.51
N ASN G 177 57.40 -3.90 15.41
CA ASN G 177 58.01 -4.57 14.27
C ASN G 177 59.40 -4.01 13.99
N GLY G 178 60.20 -3.92 15.05
CA GLY G 178 61.56 -3.43 14.92
C GLY G 178 61.67 -1.97 14.57
N ASP G 179 60.81 -1.13 15.12
CA ASP G 179 60.87 0.32 14.92
C ASP G 179 61.55 0.92 16.15
N VAL G 180 62.84 1.22 16.01
CA VAL G 180 63.63 1.69 17.15
C VAL G 180 63.10 3.04 17.64
N GLU G 181 62.71 3.91 16.71
CA GLU G 181 62.19 5.22 17.10
C GLU G 181 60.93 5.08 17.96
N ILE G 182 60.00 4.24 17.52
CA ILE G 182 58.74 4.07 18.25
C ILE G 182 59.00 3.48 19.63
N GLY G 183 59.84 2.44 19.70
CA GLY G 183 60.13 1.83 20.98
C GLY G 183 60.82 2.79 21.94
N ASN G 184 61.80 3.54 21.44
CA ASN G 184 62.50 4.50 22.30
C ASN G 184 61.57 5.60 22.78
N ILE G 185 60.68 6.08 21.90
CA ILE G 185 59.78 7.15 22.31
C ILE G 185 58.76 6.64 23.32
N ILE G 186 58.31 5.39 23.17
CA ILE G 186 57.38 4.81 24.14
C ILE G 186 58.06 4.64 25.49
N SER G 187 59.29 4.11 25.48
CA SER G 187 60.03 3.93 26.73
C SER G 187 60.29 5.27 27.41
N ASN G 188 60.62 6.29 26.64
CA ASN G 188 60.85 7.61 27.21
C ASN G 188 59.58 8.19 27.81
N ALA G 189 58.45 8.02 27.12
CA ALA G 189 57.18 8.50 27.65
C ALA G 189 56.84 7.81 28.97
N MET G 190 57.00 6.48 29.01
CA MET G 190 56.72 5.75 30.25
C MET G 190 57.70 6.12 31.35
N LYS G 191 58.94 6.46 31.00
CA LYS G 191 59.89 6.97 31.98
C LYS G 191 59.45 8.32 32.52
N LYS G 192 58.91 9.18 31.65
CA LYS G 192 58.63 10.56 32.03
C LYS G 192 57.31 10.70 32.79
N VAL G 193 56.34 9.82 32.57
CA VAL G 193 55.09 9.91 33.32
C VAL G 193 54.79 8.62 34.09
N GLY G 194 55.80 7.77 34.28
CA GLY G 194 55.60 6.56 35.05
C GLY G 194 54.79 5.51 34.32
N ARG G 195 54.89 4.26 34.76
CA ARG G 195 54.11 3.19 34.15
C ARG G 195 52.62 3.38 34.41
N LYS G 196 52.26 3.98 35.55
CA LYS G 196 50.87 4.23 35.89
C LYS G 196 50.32 5.51 35.27
N GLY G 197 51.15 6.27 34.55
CA GLY G 197 50.70 7.53 33.99
C GLY G 197 49.82 7.35 32.77
N VAL G 198 49.28 8.47 32.31
CA VAL G 198 48.37 8.50 31.16
C VAL G 198 49.18 8.85 29.92
N ILE G 199 49.10 7.99 28.91
CA ILE G 199 49.78 8.21 27.63
C ILE G 199 48.74 8.07 26.52
N THR G 200 48.70 9.05 25.62
CA THR G 200 47.80 9.02 24.48
C THR G 200 48.56 9.39 23.22
N VAL G 201 48.15 8.78 22.11
CA VAL G 201 48.80 8.97 20.81
C VAL G 201 47.82 9.65 19.87
N LYS G 202 48.24 10.78 19.30
CA LYS G 202 47.40 11.55 18.40
C LYS G 202 48.17 11.91 17.13
N ASP G 203 47.42 12.37 16.13
CA ASP G 203 48.03 12.78 14.87
C ASP G 203 48.97 13.95 15.09
N GLY G 204 50.07 13.96 14.34
CA GLY G 204 51.05 15.03 14.43
C GLY G 204 51.19 15.75 13.10
N LYS G 205 51.53 17.03 13.17
CA LYS G 205 51.76 17.84 11.98
C LYS G 205 53.24 17.89 11.58
N THR G 206 54.12 17.26 12.34
CA THR G 206 55.55 17.32 12.09
C THR G 206 56.01 16.05 11.40
N LEU G 207 57.07 16.17 10.59
CA LEU G 207 57.64 14.99 9.93
C LEU G 207 58.18 13.99 10.95
N HIS G 208 58.70 14.46 12.07
CA HIS G 208 59.32 13.62 13.08
C HIS G 208 58.37 13.42 14.26
N ASP G 209 58.27 12.18 14.72
CA ASP G 209 57.45 11.89 15.89
C ASP G 209 58.11 12.43 17.15
N GLU G 210 57.28 12.93 18.07
CA GLU G 210 57.78 13.58 19.28
C GLU G 210 56.74 13.45 20.38
N LEU G 211 57.20 13.55 21.63
CA LEU G 211 56.32 13.50 22.79
C LEU G 211 56.57 14.71 23.67
N GLU G 212 55.50 15.24 24.26
CA GLU G 212 55.60 16.30 25.25
C GLU G 212 54.67 15.98 26.40
N ILE G 213 55.02 16.47 27.58
CA ILE G 213 54.20 16.30 28.78
C ILE G 213 53.46 17.60 29.05
N ILE G 214 52.14 17.54 29.05
CA ILE G 214 51.28 18.70 29.24
C ILE G 214 50.37 18.43 30.43
N GLU G 215 49.91 19.51 31.05
CA GLU G 215 48.91 19.39 32.11
C GLU G 215 47.66 18.74 31.54
N GLY G 216 47.12 17.76 32.27
CA GLY G 216 45.98 17.00 31.78
C GLY G 216 45.31 16.22 32.88
N MET G 217 44.17 15.63 32.54
CA MET G 217 43.34 14.93 33.50
C MET G 217 42.65 13.74 32.83
N LYS G 218 42.52 12.65 33.58
CA LYS G 218 41.91 11.42 33.09
C LYS G 218 41.07 10.79 34.19
N PHE G 219 39.87 10.34 33.84
CA PHE G 219 39.02 9.62 34.78
C PHE G 219 38.13 8.65 34.02
N ASP G 220 37.64 7.64 34.74
CA ASP G 220 36.92 6.52 34.13
C ASP G 220 35.42 6.76 34.24
N ARG G 221 34.93 7.66 33.38
CA ARG G 221 33.49 7.89 33.21
C ARG G 221 33.24 8.24 31.76
N GLY G 222 32.40 7.45 31.08
CA GLY G 222 32.11 7.67 29.69
C GLY G 222 30.91 8.56 29.47
N TYR G 223 30.58 8.75 28.18
CA TYR G 223 29.44 9.57 27.82
C TYR G 223 28.15 8.95 28.34
N ILE G 224 27.20 9.80 28.72
CA ILE G 224 25.93 9.32 29.24
C ILE G 224 25.17 8.55 28.16
N SER G 225 25.13 9.09 26.95
CA SER G 225 24.46 8.49 25.82
C SER G 225 25.37 8.62 24.60
N PRO G 226 25.15 7.81 23.56
CA PRO G 226 25.94 7.97 22.32
C PRO G 226 25.92 9.38 21.77
N TYR G 227 27.08 10.04 21.81
CA TYR G 227 27.27 11.43 21.42
C TYR G 227 28.38 11.56 20.38
N PHE G 228 28.59 10.51 19.59
CA PHE G 228 29.81 10.39 18.81
C PHE G 228 29.99 11.57 17.85
N ILE G 229 31.20 12.15 17.87
CA ILE G 229 31.57 13.20 16.94
C ILE G 229 32.34 12.56 15.79
N ASN G 230 33.43 11.87 16.13
CA ASN G 230 34.20 11.10 15.16
C ASN G 230 33.59 9.71 15.06
N THR G 231 33.11 9.36 13.87
CA THR G 231 32.51 8.05 13.64
C THR G 231 33.54 6.98 13.29
N ALA G 232 34.80 7.36 13.05
CA ALA G 232 35.83 6.39 12.72
C ALA G 232 36.04 5.41 13.86
N LYS G 233 36.26 5.93 15.08
CA LYS G 233 36.29 5.09 16.26
C LYS G 233 34.88 4.84 16.75
N GLY G 234 34.63 3.62 17.22
CA GLY G 234 33.27 3.24 17.62
C GLY G 234 32.71 4.16 18.70
N GLN G 235 33.53 4.52 19.67
CA GLN G 235 33.17 5.48 20.71
C GLN G 235 34.21 6.59 20.67
N LYS G 236 33.86 7.72 20.04
CA LYS G 236 34.81 8.80 19.88
C LYS G 236 34.05 10.13 19.92
N CYS G 237 34.11 10.80 21.06
CA CYS G 237 33.71 12.20 21.17
C CYS G 237 34.97 13.04 21.26
N GLU G 238 35.17 13.93 20.28
CA GLU G 238 36.36 14.76 20.22
C GLU G 238 35.94 16.21 20.02
N PHE G 239 36.36 17.07 20.94
CA PHE G 239 36.19 18.51 20.81
C PHE G 239 37.52 19.21 21.04
N GLN G 240 37.61 20.43 20.53
CA GLN G 240 38.79 21.26 20.74
C GLN G 240 38.35 22.67 21.09
N ASP G 241 38.99 23.26 22.10
CA ASP G 241 38.66 24.58 22.60
C ASP G 241 37.19 24.66 23.02
N ALA G 242 36.86 23.87 24.04
CA ALA G 242 35.48 23.66 24.46
C ALA G 242 35.26 24.17 25.87
N TYR G 243 34.04 24.65 26.12
CA TYR G 243 33.62 25.01 27.47
C TYR G 243 33.33 23.76 28.29
N LEU G 244 33.41 23.91 29.61
CA LEU G 244 33.11 22.81 30.53
C LEU G 244 32.23 23.31 31.65
N LEU G 245 31.14 22.60 31.92
CA LEU G 245 30.18 22.93 32.96
C LEU G 245 30.20 21.85 34.02
N LEU G 246 30.44 22.24 35.27
CA LEU G 246 30.47 21.31 36.39
C LEU G 246 29.26 21.53 37.27
N SER G 247 28.54 20.45 37.57
CA SER G 247 27.35 20.51 38.43
C SER G 247 27.42 19.41 39.46
N GLU G 248 27.28 19.78 40.73
CA GLU G 248 27.20 18.78 41.78
C GLU G 248 25.83 18.11 41.79
N LYS G 249 24.77 18.87 41.54
CA LYS G 249 23.41 18.34 41.50
C LYS G 249 23.11 17.78 40.11
N LYS G 250 22.20 16.81 40.06
CA LYS G 250 21.80 16.23 38.80
C LYS G 250 21.10 17.26 37.93
N ILE G 251 21.30 17.15 36.62
CA ILE G 251 20.71 18.06 35.64
C ILE G 251 19.68 17.28 34.85
N SER G 252 18.40 17.55 35.11
CA SER G 252 17.33 16.88 34.39
C SER G 252 16.35 17.88 33.79
N SER G 253 16.21 19.05 34.41
CA SER G 253 15.32 20.07 33.90
C SER G 253 15.97 20.79 32.74
N VAL G 254 15.22 20.91 31.63
CA VAL G 254 15.74 21.60 30.46
C VAL G 254 15.96 23.08 30.74
N GLN G 255 15.13 23.67 31.61
CA GLN G 255 15.27 25.08 31.93
C GLN G 255 16.55 25.38 32.69
N SER G 256 17.13 24.38 33.37
CA SER G 256 18.38 24.55 34.10
C SER G 256 19.60 24.31 33.22
N ILE G 257 19.40 23.98 31.95
CA ILE G 257 20.51 23.77 31.03
C ILE G 257 20.42 24.62 29.78
N VAL G 258 19.27 25.23 29.48
CA VAL G 258 19.16 26.06 28.27
C VAL G 258 20.13 27.24 28.28
N PRO G 259 20.28 28.01 29.37
CA PRO G 259 21.22 29.15 29.30
C PRO G 259 22.65 28.75 28.98
N ALA G 260 23.12 27.62 29.53
CA ALA G 260 24.47 27.17 29.22
C ALA G 260 24.61 26.83 27.75
N LEU G 261 23.60 26.17 27.18
CA LEU G 261 23.61 25.85 25.75
C LEU G 261 23.61 27.12 24.91
N GLU G 262 22.84 28.13 25.32
CA GLU G 262 22.79 29.39 24.59
C GLU G 262 24.15 30.08 24.62
N ILE G 263 24.82 30.09 25.78
CA ILE G 263 26.14 30.69 25.87
C ILE G 263 27.13 29.93 25.00
N ALA G 264 27.08 28.60 25.02
CA ALA G 264 28.01 27.81 24.22
C ALA G 264 27.77 28.02 22.73
N ASN G 265 26.51 28.16 22.33
CA ASN G 265 26.19 28.33 20.91
C ASN G 265 26.52 29.73 20.41
N GLN G 266 26.36 30.75 21.27
CA GLN G 266 26.66 32.12 20.84
C GLN G 266 28.14 32.29 20.50
N HIS G 267 29.03 31.68 21.29
CA HIS G 267 30.46 31.76 21.07
C HIS G 267 30.98 30.68 20.14
N ARG G 268 30.11 29.77 19.68
CA ARG G 268 30.49 28.68 18.77
C ARG G 268 31.59 27.80 19.38
N LYS G 269 31.38 27.41 20.64
CA LYS G 269 32.32 26.56 21.35
C LYS G 269 31.60 25.32 21.88
N PRO G 270 32.24 24.15 21.79
CA PRO G 270 31.62 22.94 22.33
C PRO G 270 31.51 23.00 23.85
N LEU G 271 30.51 22.28 24.37
CA LEU G 271 30.24 22.25 25.79
C LEU G 271 30.34 20.82 26.32
N VAL G 272 31.11 20.64 27.38
CA VAL G 272 31.21 19.36 28.08
C VAL G 272 30.53 19.53 29.44
N ILE G 273 29.54 18.70 29.71
CA ILE G 273 28.71 18.84 30.90
C ILE G 273 29.06 17.69 31.84
N VAL G 274 29.80 18.01 32.90
CA VAL G 274 30.20 17.05 33.91
C VAL G 274 29.30 17.27 35.11
N ALA G 275 28.29 16.42 35.26
CA ALA G 275 27.32 16.55 36.34
C ALA G 275 27.14 15.20 37.00
N GLU G 276 26.41 15.20 38.12
CA GLU G 276 26.14 13.96 38.84
C GLU G 276 25.44 12.94 37.93
N ASP G 277 24.37 13.38 37.27
CA ASP G 277 23.70 12.54 36.27
C ASP G 277 22.84 13.44 35.40
N VAL G 278 23.16 13.52 34.11
CA VAL G 278 22.36 14.28 33.16
C VAL G 278 21.38 13.32 32.50
N ASP G 279 20.11 13.41 32.87
CA ASP G 279 19.08 12.49 32.40
C ASP G 279 17.78 13.27 32.19
N GLY G 280 16.74 12.53 31.83
CA GLY G 280 15.41 13.14 31.72
C GLY G 280 15.30 14.10 30.56
N GLU G 281 14.55 15.18 30.77
CA GLU G 281 14.28 16.14 29.71
C GLU G 281 15.57 16.81 29.23
N ALA G 282 16.49 17.09 30.15
CA ALA G 282 17.75 17.72 29.75
C ALA G 282 18.54 16.83 28.80
N LEU G 283 18.66 15.53 29.14
CA LEU G 283 19.38 14.61 28.27
C LEU G 283 18.65 14.44 26.94
N SER G 284 17.32 14.36 26.97
CA SER G 284 16.56 14.21 25.73
C SER G 284 16.77 15.41 24.80
N THR G 285 16.70 16.62 25.36
CA THR G 285 16.90 17.81 24.56
C THR G 285 18.33 17.91 24.04
N LEU G 286 19.31 17.53 24.86
CA LEU G 286 20.69 17.53 24.41
C LEU G 286 20.90 16.56 23.26
N VAL G 287 20.30 15.37 23.34
CA VAL G 287 20.40 14.40 22.26
C VAL G 287 19.72 14.92 21.00
N LEU G 288 18.53 15.50 21.16
CA LEU G 288 17.79 15.99 20.00
C LEU G 288 18.53 17.12 19.28
N ASN G 289 19.08 18.06 20.04
CA ASN G 289 19.79 19.18 19.43
C ASN G 289 21.07 18.73 18.74
N ARG G 290 21.77 17.76 19.33
CA ARG G 290 22.99 17.24 18.71
C ARG G 290 22.69 16.59 17.37
N LEU G 291 21.59 15.85 17.28
CA LEU G 291 21.28 15.14 16.04
C LEU G 291 20.62 16.06 15.01
N LYS G 292 19.66 16.88 15.43
CA LYS G 292 18.90 17.68 14.47
C LYS G 292 19.66 18.94 14.07
N VAL G 293 19.91 19.84 15.02
CA VAL G 293 20.62 21.07 14.71
C VAL G 293 22.11 20.81 14.51
N GLY G 294 22.71 20.01 15.39
CA GLY G 294 24.13 19.74 15.31
C GLY G 294 24.91 20.34 16.44
N LEU G 295 24.28 20.46 17.61
CA LEU G 295 24.95 21.02 18.78
C LEU G 295 26.14 20.16 19.19
N GLN G 296 27.27 20.81 19.47
CA GLN G 296 28.45 20.13 19.97
C GLN G 296 28.44 20.17 21.50
N VAL G 297 27.54 19.36 22.07
CA VAL G 297 27.34 19.29 23.50
C VAL G 297 27.35 17.82 23.92
N VAL G 298 28.05 17.51 25.00
CA VAL G 298 28.20 16.15 25.47
C VAL G 298 28.14 16.13 26.99
N ALA G 299 27.29 15.25 27.54
CA ALA G 299 27.15 15.08 28.97
C ALA G 299 27.87 13.82 29.42
N VAL G 300 28.62 13.93 30.52
CA VAL G 300 29.39 12.83 31.07
C VAL G 300 29.13 12.76 32.58
N LYS G 301 29.03 11.54 33.10
CA LYS G 301 28.76 11.36 34.52
C LYS G 301 29.93 11.84 35.37
N ALA G 302 29.61 12.33 36.56
CA ALA G 302 30.64 12.80 37.48
C ALA G 302 31.46 11.62 38.00
N PRO G 303 32.77 11.66 37.90
CA PRO G 303 33.59 10.55 38.42
C PRO G 303 33.54 10.49 39.95
N GLY G 304 33.58 9.27 40.46
CA GLY G 304 33.68 9.04 41.88
C GLY G 304 32.34 8.79 42.55
N PHE G 305 32.37 8.86 43.88
CA PHE G 305 31.22 8.58 44.71
C PHE G 305 31.37 9.32 46.03
N GLY G 306 30.25 9.54 46.71
CA GLY G 306 30.27 10.17 48.02
C GLY G 306 30.85 11.58 47.96
N ASP G 307 31.46 12.00 49.07
CA ASP G 307 32.10 13.30 49.12
C ASP G 307 33.32 13.37 48.22
N ASN G 308 33.88 12.23 47.82
CA ASN G 308 34.94 12.24 46.82
C ASN G 308 34.46 12.77 45.49
N ARG G 309 33.17 12.58 45.18
CA ARG G 309 32.60 13.15 43.96
C ARG G 309 32.67 14.67 43.98
N LYS G 310 32.25 15.28 45.09
CA LYS G 310 32.31 16.74 45.21
C LYS G 310 33.74 17.23 45.19
N ASN G 311 34.65 16.52 45.88
CA ASN G 311 36.06 16.91 45.88
C ASN G 311 36.65 16.80 44.49
N GLN G 312 36.32 15.74 43.75
CA GLN G 312 36.83 15.59 42.40
C GLN G 312 36.28 16.67 41.48
N LEU G 313 35.01 17.03 41.64
CA LEU G 313 34.44 18.11 40.84
C LEU G 313 35.13 19.43 41.14
N ARG G 314 35.40 19.71 42.42
CA ARG G 314 36.11 20.94 42.78
C ARG G 314 37.51 20.96 42.20
N ASP G 315 38.21 19.81 42.26
CA ASP G 315 39.55 19.73 41.68
C ASP G 315 39.52 19.95 40.18
N MET G 316 38.54 19.36 39.50
CA MET G 316 38.40 19.55 38.06
C MET G 316 38.12 21.00 37.73
N ALA G 317 37.26 21.66 38.52
CA ALA G 317 36.94 23.06 38.28
C ALA G 317 38.15 23.96 38.47
N VAL G 318 38.93 23.73 39.54
CA VAL G 318 40.11 24.56 39.75
C VAL G 318 41.21 24.23 38.73
N ALA G 319 41.19 23.02 38.16
CA ALA G 319 42.15 22.69 37.11
C ALA G 319 41.79 23.35 35.79
N THR G 320 40.50 23.41 35.45
CA THR G 320 40.06 24.02 34.21
C THR G 320 39.75 25.50 34.34
N GLY G 321 39.71 26.04 35.55
CA GLY G 321 39.35 27.43 35.74
C GLY G 321 37.87 27.72 35.68
N GLY G 322 37.04 26.87 36.31
CA GLY G 322 35.61 27.06 36.30
C GLY G 322 35.01 27.03 37.70
N THR G 323 33.68 26.92 37.79
CA THR G 323 32.98 26.92 39.06
C THR G 323 32.01 25.74 39.11
N VAL G 324 31.85 25.17 40.29
CA VAL G 324 30.97 24.03 40.50
C VAL G 324 29.57 24.54 40.85
N PHE G 325 28.57 24.01 40.16
CA PHE G 325 27.18 24.40 40.36
C PHE G 325 26.43 23.32 41.13
N GLY G 326 25.13 23.53 41.33
CA GLY G 326 24.29 22.58 41.99
C GLY G 326 24.18 22.69 43.48
N ASP G 327 24.67 23.79 44.07
CA ASP G 327 24.59 23.98 45.51
C ASP G 327 23.35 24.75 45.95
N GLU G 328 22.56 25.26 45.01
CA GLU G 328 21.28 25.93 45.27
C GLU G 328 21.45 27.16 46.17
N ALA G 329 22.65 27.73 46.23
CA ALA G 329 22.89 28.93 47.03
C ALA G 329 24.16 29.60 46.54
N VAL G 330 24.33 30.85 46.95
CA VAL G 330 25.50 31.65 46.61
C VAL G 330 25.65 31.76 45.10
N GLY G 331 24.54 32.02 44.41
CA GLY G 331 24.58 32.19 42.97
C GLY G 331 25.01 30.95 42.20
N LEU G 332 24.63 29.77 42.67
CA LEU G 332 24.98 28.51 42.04
C LEU G 332 23.69 27.71 41.86
N ALA G 333 22.99 27.95 40.75
CA ALA G 333 21.72 27.28 40.51
C ALA G 333 21.54 26.85 39.05
N LEU G 334 22.60 26.86 38.25
CA LEU G 334 22.57 26.48 36.83
C LEU G 334 21.57 27.31 36.03
N GLU G 335 21.16 28.46 36.56
CA GLU G 335 20.22 29.34 35.87
C GLU G 335 20.79 30.71 35.57
N ASP G 336 21.86 31.12 36.25
CA ASP G 336 22.43 32.45 36.05
C ASP G 336 23.89 32.35 35.64
N ILE G 337 24.20 31.46 34.69
CA ILE G 337 25.56 31.30 34.22
C ILE G 337 25.98 32.58 33.49
N GLN G 338 27.09 33.18 33.92
CA GLN G 338 27.59 34.41 33.33
C GLN G 338 28.79 34.16 32.41
N ALA G 339 28.99 32.91 31.99
CA ALA G 339 29.99 32.52 31.01
C ALA G 339 31.42 32.59 31.55
N HIS G 340 31.59 33.12 32.75
CA HIS G 340 32.89 33.08 33.42
C HIS G 340 33.03 31.87 34.34
N ASP G 341 31.97 31.10 34.52
CA ASP G 341 32.00 29.88 35.31
C ASP G 341 32.38 28.66 34.48
N PHE G 342 32.48 28.79 33.17
CA PHE G 342 32.83 27.68 32.29
C PHE G 342 34.33 27.43 32.35
N GLY G 343 34.73 26.21 32.71
CA GLY G 343 36.12 25.83 32.55
C GLY G 343 36.47 25.72 31.08
N LYS G 344 37.70 26.10 30.75
CA LYS G 344 38.18 26.06 29.38
C LYS G 344 39.04 24.81 29.19
N ILE G 345 38.66 23.99 28.22
CA ILE G 345 39.36 22.75 27.91
C ILE G 345 39.90 22.84 26.49
N GLY G 346 41.22 22.73 26.35
CA GLY G 346 41.81 22.82 25.02
C GLY G 346 41.40 21.69 24.11
N GLU G 347 41.48 20.45 24.61
CA GLU G 347 41.03 19.27 23.88
C GLU G 347 40.43 18.29 24.86
N VAL G 348 39.34 17.63 24.44
CA VAL G 348 38.65 16.64 25.25
C VAL G 348 38.35 15.42 24.39
N GLN G 349 38.64 14.23 24.92
CA GLN G 349 38.33 12.98 24.26
C GLN G 349 37.54 12.10 25.22
N ILE G 350 36.33 11.75 24.84
CA ILE G 350 35.43 10.96 25.67
C ILE G 350 35.07 9.68 24.91
N THR G 351 35.28 8.55 25.56
CA THR G 351 34.93 7.24 25.01
C THR G 351 33.89 6.57 25.90
N LYS G 352 33.58 5.31 25.60
CA LYS G 352 32.52 4.61 26.32
C LYS G 352 32.84 4.38 27.79
N ASP G 353 34.11 4.40 28.18
CA ASP G 353 34.49 4.07 29.55
C ASP G 353 35.30 5.16 30.26
N ASP G 354 36.04 5.99 29.53
CA ASP G 354 36.91 6.97 30.17
C ASP G 354 36.87 8.28 29.41
N THR G 355 37.23 9.36 30.11
CA THR G 355 37.25 10.71 29.56
C THR G 355 38.60 11.35 29.79
N LEU G 356 39.12 12.01 28.76
CA LEU G 356 40.43 12.65 28.80
C LEU G 356 40.27 14.14 28.55
N LEU G 357 40.41 14.94 29.60
CA LEU G 357 40.44 16.41 29.48
C LEU G 357 41.89 16.82 29.27
N LEU G 358 42.24 17.16 28.03
CA LEU G 358 43.66 17.28 27.70
C LEU G 358 44.26 18.57 28.25
N LYS G 359 43.82 19.72 27.75
CA LYS G 359 44.44 21.00 28.08
C LYS G 359 43.54 21.78 29.03
N GLY G 360 44.04 22.03 30.24
CA GLY G 360 43.29 22.78 31.22
C GLY G 360 43.34 24.27 30.97
N GLY G 361 42.44 24.99 31.64
CA GLY G 361 42.36 26.43 31.51
C GLY G 361 42.66 27.16 32.80
N GLY G 362 42.88 26.41 33.89
CA GLY G 362 43.14 27.02 35.16
C GLY G 362 44.56 27.54 35.30
N SER G 363 44.74 28.44 36.26
CA SER G 363 46.05 29.01 36.51
C SER G 363 46.93 27.98 37.23
N PRO G 364 48.22 27.91 36.90
CA PRO G 364 49.12 26.99 37.64
C PRO G 364 49.20 27.31 39.12
N ALA G 365 49.19 28.60 39.48
CA ALA G 365 49.20 28.96 40.89
C ALA G 365 47.93 28.50 41.60
N GLU G 366 46.82 28.42 40.87
CA GLU G 366 45.58 27.93 41.46
C GLU G 366 45.67 26.43 41.75
N VAL G 367 46.15 25.65 40.78
CA VAL G 367 46.23 24.20 40.98
C VAL G 367 47.29 23.86 42.03
N GLU G 368 48.34 24.67 42.14
CA GLU G 368 49.31 24.45 43.22
C GLU G 368 48.66 24.64 44.58
N LYS G 369 47.80 25.65 44.72
CA LYS G 369 47.12 25.89 45.99
C LYS G 369 46.22 24.73 46.37
N ARG G 370 45.48 24.18 45.40
CA ARG G 370 44.57 23.08 45.70
C ARG G 370 45.33 21.83 46.14
N ALA G 371 46.50 21.59 45.54
CA ALA G 371 47.30 20.45 45.94
C ALA G 371 47.77 20.58 47.38
N ALA G 372 48.06 21.81 47.82
CA ALA G 372 48.51 22.03 49.19
C ALA G 372 47.43 21.64 50.19
N GLU G 373 46.16 21.88 49.84
CA GLU G 373 45.06 21.44 50.71
C GLU G 373 45.05 19.93 50.84
N ILE G 374 45.29 19.21 49.75
CA ILE G 374 45.34 17.76 49.80
C ILE G 374 46.52 17.28 50.64
N VAL G 375 47.67 17.95 50.51
CA VAL G 375 48.83 17.60 51.33
C VAL G 375 48.51 17.79 52.80
N GLU G 376 47.88 18.91 53.15
CA GLU G 376 47.51 19.14 54.55
C GLU G 376 46.52 18.09 55.05
N GLN G 377 45.53 17.75 54.23
CA GLN G 377 44.50 16.80 54.65
C GLN G 377 45.02 15.36 54.67
N LEU G 378 46.14 15.07 54.01
CA LEU G 378 46.66 13.71 53.98
C LEU G 378 47.06 13.24 55.37
N GLU G 379 47.71 14.09 56.15
CA GLU G 379 48.16 13.69 57.48
C GLU G 379 47.00 13.58 58.47
N ASN G 380 45.97 14.40 58.29
CA ASN G 380 44.84 14.37 59.23
C ASN G 380 44.08 13.05 59.14
N THR G 381 43.71 12.64 57.93
CA THR G 381 42.96 11.40 57.75
C THR G 381 43.83 10.19 58.06
N THR G 382 43.20 9.15 58.60
CA THR G 382 43.88 7.90 58.90
C THR G 382 43.29 6.69 58.18
N SER G 383 42.12 6.82 57.57
CA SER G 383 41.52 5.70 56.85
C SER G 383 42.32 5.39 55.58
N ASP G 384 42.42 4.09 55.27
CA ASP G 384 43.13 3.68 54.07
C ASP G 384 42.45 4.18 52.81
N TYR G 385 41.11 4.11 52.77
CA TYR G 385 40.37 4.58 51.59
C TYR G 385 40.51 6.08 51.41
N GLU G 386 40.42 6.85 52.50
CA GLU G 386 40.50 8.30 52.39
C GLU G 386 41.86 8.74 51.89
N LYS G 387 42.94 8.14 52.42
CA LYS G 387 44.29 8.51 51.99
C LYS G 387 44.49 8.23 50.50
N GLU G 388 44.02 7.06 50.04
CA GLU G 388 44.24 6.65 48.67
C GLU G 388 43.60 7.64 47.70
N LYS G 389 42.36 8.04 47.96
CA LYS G 389 41.69 9.01 47.08
C LYS G 389 42.37 10.37 47.14
N LEU G 390 42.88 10.75 48.32
CA LEU G 390 43.57 12.03 48.43
C LEU G 390 44.81 12.07 47.57
N ASN G 391 45.67 11.04 47.67
CA ASN G 391 46.88 11.08 46.83
C ASN G 391 46.54 10.83 45.37
N GLU G 392 45.43 10.14 45.09
CA GLU G 392 44.99 10.00 43.70
C GLU G 392 44.63 11.35 43.10
N ARG G 393 43.88 12.17 43.85
CA ARG G 393 43.54 13.51 43.38
C ARG G 393 44.80 14.38 43.28
N LEU G 394 45.72 14.22 44.23
CA LEU G 394 46.98 14.97 44.16
C LEU G 394 47.76 14.63 42.90
N ALA G 395 47.84 13.34 42.55
CA ALA G 395 48.52 12.93 41.33
C ALA G 395 47.79 13.42 40.09
N LYS G 396 46.46 13.41 40.13
CA LYS G 396 45.69 13.94 39.00
C LYS G 396 45.96 15.42 38.78
N LEU G 397 46.10 16.18 39.87
CA LEU G 397 46.38 17.61 39.74
C LEU G 397 47.82 17.87 39.31
N SER G 398 48.76 17.07 39.81
CA SER G 398 50.18 17.33 39.54
C SER G 398 50.67 16.58 38.31
N ASP G 399 50.54 15.26 38.29
CA ASP G 399 51.01 14.46 37.17
C ASP G 399 50.11 14.70 35.95
N GLY G 400 50.69 15.27 34.90
CA GLY G 400 49.96 15.51 33.67
C GLY G 400 49.98 14.30 32.76
N VAL G 401 49.42 14.49 31.56
CA VAL G 401 49.35 13.45 30.54
C VAL G 401 50.53 13.63 29.59
N ALA G 402 50.99 12.51 29.02
CA ALA G 402 52.07 12.51 28.06
C ALA G 402 51.48 12.24 26.68
N VAL G 403 51.45 13.26 25.84
CA VAL G 403 50.96 13.14 24.47
C VAL G 403 52.17 12.97 23.55
N LEU G 404 52.12 11.96 22.70
CA LEU G 404 53.13 11.74 21.67
C LEU G 404 52.46 11.76 20.31
N LYS G 405 52.99 12.58 19.41
CA LYS G 405 52.43 12.76 18.08
C LYS G 405 53.34 12.09 17.07
N VAL G 406 52.74 11.30 16.17
CA VAL G 406 53.49 10.49 15.22
C VAL G 406 53.71 11.30 13.95
N GLY G 407 54.91 11.18 13.39
CA GLY G 407 55.28 11.89 12.18
C GLY G 407 55.16 11.03 10.93
N GLY G 408 55.33 11.68 9.79
CA GLY G 408 55.26 10.98 8.52
C GLY G 408 55.18 11.95 7.38
N THR G 409 55.31 11.40 6.17
CA THR G 409 55.27 12.18 4.94
C THR G 409 53.88 12.22 4.30
N SER G 410 52.92 11.46 4.82
CA SER G 410 51.58 11.43 4.27
C SER G 410 50.56 11.35 5.39
N ASP G 411 49.41 11.99 5.19
CA ASP G 411 48.38 12.02 6.22
C ASP G 411 47.84 10.61 6.50
N VAL G 412 47.59 9.84 5.44
CA VAL G 412 47.16 8.46 5.62
C VAL G 412 48.25 7.63 6.27
N GLU G 413 49.51 7.86 5.86
CA GLU G 413 50.63 7.19 6.52
C GLU G 413 50.71 7.58 7.98
N VAL G 414 50.43 8.85 8.29
CA VAL G 414 50.42 9.29 9.69
C VAL G 414 49.34 8.54 10.47
N ASN G 415 48.15 8.39 9.88
CA ASN G 415 47.08 7.67 10.57
C ASN G 415 47.45 6.21 10.81
N GLU G 416 48.04 5.55 9.80
CA GLU G 416 48.45 4.16 9.96
C GLU G 416 49.51 4.02 11.03
N LYS G 417 50.50 4.92 11.04
CA LYS G 417 51.54 4.88 12.05
C LYS G 417 50.97 5.16 13.44
N LYS G 418 49.97 6.04 13.52
CA LYS G 418 49.31 6.29 14.80
C LYS G 418 48.63 5.04 15.32
N ASP G 419 47.93 4.31 14.46
CA ASP G 419 47.28 3.08 14.90
C ASP G 419 48.32 2.04 15.34
N ARG G 420 49.41 1.92 14.58
CA ARG G 420 50.47 0.98 14.96
C ARG G 420 51.09 1.35 16.30
N VAL G 421 51.34 2.65 16.52
CA VAL G 421 51.93 3.09 17.78
C VAL G 421 50.96 2.87 18.94
N THR G 422 49.66 3.08 18.70
CA THR G 422 48.67 2.82 19.75
C THR G 422 48.69 1.36 20.15
N ASP G 423 48.68 0.46 19.16
CA ASP G 423 48.72 -0.97 19.48
C ASP G 423 50.01 -1.33 20.22
N ALA G 424 51.14 -0.80 19.76
CA ALA G 424 52.41 -1.10 20.42
C ALA G 424 52.43 -0.58 21.85
N LEU G 425 51.88 0.60 22.08
CA LEU G 425 51.83 1.17 23.43
C LEU G 425 50.96 0.33 24.34
N ASN G 426 49.80 -0.12 23.84
CA ASN G 426 48.95 -0.99 24.66
C ASN G 426 49.67 -2.30 25.00
N ALA G 427 50.36 -2.88 24.01
CA ALA G 427 51.09 -4.11 24.26
C ALA G 427 52.21 -3.91 25.28
N THR G 428 52.94 -2.79 25.17
CA THR G 428 54.01 -2.53 26.13
C THR G 428 53.47 -2.28 27.52
N ARG G 429 52.35 -1.57 27.63
CA ARG G 429 51.73 -1.36 28.94
C ARG G 429 51.31 -2.68 29.57
N ALA G 430 50.70 -3.56 28.79
CA ALA G 430 50.32 -4.88 29.30
C ALA G 430 51.55 -5.68 29.71
N ALA G 431 52.62 -5.62 28.92
CA ALA G 431 53.84 -6.35 29.24
C ALA G 431 54.45 -5.85 30.54
N VAL G 432 54.48 -4.54 30.75
CA VAL G 432 54.96 -4.00 32.02
C VAL G 432 54.05 -4.45 33.15
N GLU G 433 52.75 -4.52 32.88
CA GLU G 433 51.81 -4.92 33.93
C GLU G 433 52.05 -6.36 34.39
N GLU G 434 52.26 -7.29 33.45
CA GLU G 434 52.32 -8.69 33.86
C GLU G 434 53.44 -9.49 33.20
N GLY G 435 54.48 -8.84 32.68
CA GLY G 435 55.57 -9.57 32.07
C GLY G 435 55.23 -10.07 30.67
N ILE G 436 56.17 -10.82 30.10
CA ILE G 436 56.03 -11.36 28.75
C ILE G 436 56.27 -12.86 28.77
N VAL G 437 55.72 -13.54 27.76
CA VAL G 437 55.87 -14.97 27.58
C VAL G 437 56.21 -15.24 26.12
N PRO G 438 56.79 -16.40 25.81
CA PRO G 438 57.07 -16.72 24.40
C PRO G 438 55.81 -16.70 23.56
N GLY G 439 55.94 -16.17 22.34
CA GLY G 439 54.81 -15.98 21.46
C GLY G 439 54.50 -17.21 20.61
N GLY G 440 53.67 -16.99 19.61
CA GLY G 440 53.27 -18.07 18.72
C GLY G 440 52.40 -19.12 19.39
N GLY G 441 51.67 -18.73 20.44
CA GLY G 441 50.87 -19.69 21.17
C GLY G 441 51.66 -20.74 21.92
N CYS G 442 52.97 -20.55 22.06
CA CYS G 442 53.82 -21.56 22.67
C CYS G 442 53.76 -21.52 24.20
N ALA G 443 53.25 -20.43 24.78
CA ALA G 443 53.10 -20.38 26.24
C ALA G 443 52.08 -21.40 26.72
N LEU G 444 50.90 -21.42 26.09
CA LEU G 444 49.90 -22.42 26.43
C LEU G 444 50.40 -23.83 26.12
N LEU G 445 51.26 -23.96 25.09
CA LEU G 445 51.85 -25.26 24.81
C LEU G 445 52.80 -25.70 25.93
N ARG G 446 53.58 -24.78 26.47
CA ARG G 446 54.49 -25.11 27.57
C ARG G 446 53.76 -25.28 28.88
N CYS G 447 52.51 -24.81 28.99
CA CYS G 447 51.73 -25.06 30.18
C CYS G 447 51.06 -26.43 30.20
N ILE G 448 51.15 -27.19 29.10
CA ILE G 448 50.50 -28.50 29.06
C ILE G 448 51.03 -29.47 30.10
N PRO G 449 52.35 -29.68 30.24
CA PRO G 449 52.83 -30.71 31.19
C PRO G 449 52.45 -30.45 32.64
N SER G 450 52.16 -29.21 33.01
CA SER G 450 51.78 -28.91 34.39
C SER G 450 50.45 -29.56 34.77
N LEU G 451 49.61 -29.89 33.81
CA LEU G 451 48.31 -30.47 34.11
C LEU G 451 48.40 -31.93 34.53
N ASP G 452 49.58 -32.55 34.43
CA ASP G 452 49.72 -33.96 34.79
C ASP G 452 49.55 -34.20 36.28
N ALA G 453 49.68 -33.17 37.12
CA ALA G 453 49.57 -33.32 38.57
C ALA G 453 48.36 -32.51 39.05
N ILE G 454 47.18 -33.13 38.99
CA ILE G 454 45.96 -32.53 39.51
C ILE G 454 45.19 -33.58 40.28
N GLN G 455 44.81 -33.26 41.52
CA GLN G 455 44.05 -34.18 42.36
C GLN G 455 42.60 -34.19 41.88
N THR G 456 42.26 -35.21 41.08
CA THR G 456 40.94 -35.33 40.50
C THR G 456 40.04 -36.13 41.43
N ALA G 457 38.85 -35.59 41.73
CA ALA G 457 37.90 -36.30 42.57
C ALA G 457 37.29 -37.48 41.83
N ASN G 458 36.65 -37.22 40.70
CA ASN G 458 36.01 -38.27 39.91
C ASN G 458 36.47 -38.24 38.46
N ALA G 459 35.85 -39.06 37.61
CA ALA G 459 36.26 -39.14 36.22
C ALA G 459 35.92 -37.89 35.44
N ASP G 460 34.82 -37.21 35.81
CA ASP G 460 34.38 -36.05 35.04
C ASP G 460 35.37 -34.89 35.19
N GLN G 461 35.97 -34.74 36.36
CA GLN G 461 37.01 -33.72 36.53
C GLN G 461 38.20 -34.00 35.64
N LYS G 462 38.62 -35.27 35.54
CA LYS G 462 39.69 -35.63 34.62
C LYS G 462 39.29 -35.36 33.18
N ILE G 463 38.02 -35.57 32.85
CA ILE G 463 37.54 -35.29 31.50
C ILE G 463 37.66 -33.80 31.19
N GLY G 464 37.27 -32.95 32.14
CA GLY G 464 37.43 -31.52 31.94
C GLY G 464 38.88 -31.09 31.81
N VAL G 465 39.75 -31.68 32.63
CA VAL G 465 41.18 -31.37 32.53
C VAL G 465 41.70 -31.76 31.15
N GLU G 466 41.30 -32.93 30.65
CA GLU G 466 41.71 -33.36 29.32
C GLU G 466 41.15 -32.44 28.24
N ILE G 467 39.93 -31.93 28.44
CA ILE G 467 39.37 -30.97 27.51
C ILE G 467 40.26 -29.74 27.40
N ILE G 468 40.68 -29.20 28.55
CA ILE G 468 41.50 -28.01 28.51
C ILE G 468 42.89 -28.34 27.97
N ARG G 469 43.38 -29.56 28.23
CA ARG G 469 44.69 -29.95 27.73
C ARG G 469 44.69 -30.03 26.21
N ARG G 470 43.62 -30.56 25.62
CA ARG G 470 43.49 -30.54 24.17
C ARG G 470 43.33 -29.11 23.65
N ALA G 471 42.59 -28.28 24.39
CA ALA G 471 42.37 -26.91 23.94
C ALA G 471 43.66 -26.09 23.95
N LEU G 472 44.61 -26.44 24.82
CA LEU G 472 45.83 -25.64 24.92
C LEU G 472 46.64 -25.67 23.63
N ARG G 473 46.58 -26.76 22.87
CA ARG G 473 47.32 -26.86 21.61
C ARG G 473 46.67 -26.06 20.49
N ILE G 474 45.43 -25.62 20.66
CA ILE G 474 44.68 -25.02 19.54
C ILE G 474 45.37 -23.79 18.96
N PRO G 475 45.83 -22.81 19.77
CA PRO G 475 46.43 -21.61 19.13
C PRO G 475 47.67 -21.89 18.31
N ALA G 476 48.63 -22.64 18.86
CA ALA G 476 49.84 -22.96 18.12
C ALA G 476 49.54 -23.78 16.88
N MET G 477 48.62 -24.76 17.01
CA MET G 477 48.25 -25.58 15.86
C MET G 477 47.62 -24.74 14.77
N THR G 478 46.72 -23.82 15.14
CA THR G 478 46.09 -22.95 14.14
C THR G 478 47.11 -22.05 13.47
N ILE G 479 48.05 -21.50 14.23
CA ILE G 479 49.08 -20.65 13.61
C ILE G 479 49.93 -21.46 12.64
N ALA G 480 50.32 -22.68 13.03
CA ALA G 480 51.11 -23.51 12.13
C ALA G 480 50.33 -23.87 10.87
N LYS G 481 49.06 -24.21 11.02
CA LYS G 481 48.24 -24.55 9.86
C LYS G 481 48.09 -23.35 8.93
N ASN G 482 47.92 -22.16 9.50
CA ASN G 482 47.84 -20.95 8.69
C ASN G 482 49.15 -20.71 7.95
N ALA G 483 50.28 -20.97 8.60
CA ALA G 483 51.57 -20.88 7.93
C ALA G 483 51.77 -21.96 6.87
N GLY G 484 50.91 -22.98 6.84
CA GLY G 484 50.98 -24.03 5.86
C GLY G 484 51.55 -25.35 6.35
N VAL G 485 52.15 -25.37 7.53
CA VAL G 485 52.75 -26.57 8.09
C VAL G 485 51.72 -27.31 8.92
N GLU G 486 51.76 -28.64 8.86
CA GLU G 486 50.84 -29.45 9.65
C GLU G 486 51.09 -29.22 11.14
N GLY G 487 50.01 -28.96 11.89
CA GLY G 487 50.17 -28.47 13.24
C GLY G 487 50.64 -29.52 14.24
N SER G 488 50.16 -30.76 14.07
CA SER G 488 50.47 -31.79 15.05
C SER G 488 51.97 -32.10 15.09
N LEU G 489 52.62 -32.14 13.93
CA LEU G 489 54.05 -32.38 13.89
C LEU G 489 54.82 -31.29 14.62
N VAL G 490 54.46 -30.02 14.37
CA VAL G 490 55.12 -28.90 15.01
C VAL G 490 54.92 -28.96 16.52
N VAL G 491 53.69 -29.24 16.96
CA VAL G 491 53.42 -29.31 18.39
C VAL G 491 54.21 -30.43 19.05
N GLU G 492 54.28 -31.60 18.39
CA GLU G 492 55.03 -32.72 18.94
C GLU G 492 56.52 -32.40 19.02
N LYS G 493 57.07 -31.74 17.99
CA LYS G 493 58.49 -31.40 18.01
C LYS G 493 58.80 -30.35 19.07
N ILE G 494 57.90 -29.40 19.30
CA ILE G 494 58.13 -28.42 20.36
C ILE G 494 58.03 -29.09 21.73
N LEU G 495 57.02 -29.95 21.93
CA LEU G 495 56.84 -30.60 23.22
C LEU G 495 57.98 -31.58 23.51
N GLN G 496 58.32 -32.42 22.54
CA GLN G 496 59.36 -33.42 22.73
C GLN G 496 60.76 -32.85 22.57
N GLY G 497 60.89 -31.60 22.12
CA GLY G 497 62.18 -30.97 21.97
C GLY G 497 62.64 -30.30 23.25
N SER G 498 63.76 -29.59 23.14
CA SER G 498 64.32 -28.89 24.29
C SER G 498 63.46 -27.69 24.67
N ALA G 499 63.63 -27.22 25.90
CA ALA G 499 62.87 -26.10 26.39
C ALA G 499 63.34 -24.80 25.73
N GLU G 500 62.52 -23.75 25.90
CA GLU G 500 62.79 -22.44 25.31
C GLU G 500 62.93 -22.53 23.79
N LEU G 501 62.13 -23.40 23.18
CA LEU G 501 62.14 -23.58 21.73
C LEU G 501 60.70 -23.59 21.22
N GLY G 502 60.45 -22.81 20.18
CA GLY G 502 59.12 -22.73 19.59
C GLY G 502 59.24 -22.52 18.09
N TYR G 503 58.07 -22.53 17.43
CA TYR G 503 58.03 -22.41 15.97
C TYR G 503 57.87 -20.96 15.56
N ASP G 504 58.83 -20.46 14.79
CA ASP G 504 58.72 -19.16 14.14
C ASP G 504 58.01 -19.38 12.81
N ALA G 505 56.69 -19.15 12.81
CA ALA G 505 55.90 -19.38 11.60
C ALA G 505 56.24 -18.38 10.50
N MET G 506 56.91 -17.27 10.83
CA MET G 506 57.28 -16.30 9.82
C MET G 506 58.54 -16.73 9.06
N GLN G 507 59.62 -17.00 9.80
CA GLN G 507 60.85 -17.45 9.16
C GLN G 507 60.77 -18.92 8.74
N GLY G 508 60.03 -19.74 9.47
CA GLY G 508 59.91 -21.15 9.16
C GLY G 508 60.90 -22.05 9.86
N GLU G 509 61.42 -21.64 11.01
CA GLU G 509 62.41 -22.43 11.73
C GLU G 509 62.05 -22.46 13.22
N TYR G 510 62.52 -23.51 13.90
CA TYR G 510 62.37 -23.62 15.34
C TYR G 510 63.48 -22.83 16.02
N VAL G 511 63.12 -21.81 16.79
CA VAL G 511 64.09 -20.91 17.41
C VAL G 511 63.70 -20.68 18.86
N ASN G 512 64.50 -19.85 19.53
CA ASN G 512 64.25 -19.46 20.91
C ASN G 512 63.35 -18.23 20.90
N MET G 513 62.08 -18.41 21.29
CA MET G 513 61.09 -17.37 21.07
C MET G 513 61.41 -16.11 21.87
N VAL G 514 61.74 -16.26 23.16
CA VAL G 514 61.97 -15.09 24.00
C VAL G 514 63.25 -14.37 23.58
N GLU G 515 64.29 -15.12 23.21
CA GLU G 515 65.54 -14.50 22.80
C GLU G 515 65.44 -13.88 21.41
N LYS G 516 64.77 -14.56 20.48
CA LYS G 516 64.68 -14.07 19.10
C LYS G 516 63.76 -12.87 18.97
N GLY G 517 62.84 -12.67 19.91
CA GLY G 517 61.95 -11.53 19.88
C GLY G 517 60.48 -11.83 19.56
N ILE G 518 60.08 -13.10 19.53
CA ILE G 518 58.70 -13.46 19.30
C ILE G 518 58.05 -13.63 20.68
N ILE G 519 57.41 -12.55 21.16
CA ILE G 519 56.88 -12.51 22.51
C ILE G 519 55.41 -12.11 22.47
N ASP G 520 54.70 -12.45 23.55
CA ASP G 520 53.34 -12.02 23.79
C ASP G 520 53.24 -11.62 25.26
N PRO G 521 52.50 -10.55 25.57
CA PRO G 521 52.30 -10.20 26.97
C PRO G 521 51.56 -11.30 27.72
N THR G 522 51.96 -11.52 28.97
CA THR G 522 51.29 -12.54 29.78
C THR G 522 49.85 -12.16 30.07
N LYS G 523 49.57 -10.86 30.20
CA LYS G 523 48.21 -10.41 30.44
C LYS G 523 47.28 -10.84 29.32
N VAL G 524 47.74 -10.73 28.07
CA VAL G 524 46.89 -11.01 26.92
C VAL G 524 46.45 -12.47 26.94
N VAL G 525 47.42 -13.39 27.06
CA VAL G 525 47.09 -14.81 27.02
C VAL G 525 46.31 -15.22 28.27
N ARG G 526 46.66 -14.66 29.43
CA ARG G 526 45.95 -15.00 30.66
C ARG G 526 44.48 -14.61 30.56
N THR G 527 44.21 -13.36 30.16
CA THR G 527 42.82 -12.92 30.05
C THR G 527 42.09 -13.68 28.93
N ALA G 528 42.78 -13.97 27.83
CA ALA G 528 42.15 -14.72 26.75
C ALA G 528 41.70 -16.09 27.22
N LEU G 529 42.59 -16.82 27.88
CA LEU G 529 42.24 -18.15 28.37
C LEU G 529 41.14 -18.08 29.43
N LEU G 530 41.24 -17.13 30.36
CA LEU G 530 40.23 -17.01 31.40
C LEU G 530 38.85 -16.72 30.81
N ASP G 531 38.79 -15.79 29.85
CA ASP G 531 37.51 -15.41 29.27
C ASP G 531 36.94 -16.53 28.39
N ALA G 532 37.81 -17.25 27.66
CA ALA G 532 37.33 -18.37 26.86
C ALA G 532 36.75 -19.47 27.75
N ALA G 533 37.45 -19.80 28.85
CA ALA G 533 36.93 -20.78 29.78
C ALA G 533 35.61 -20.31 30.39
N GLY G 534 35.53 -19.03 30.74
CA GLY G 534 34.30 -18.52 31.32
C GLY G 534 33.12 -18.60 30.38
N VAL G 535 33.31 -18.19 29.13
CA VAL G 535 32.21 -18.19 28.17
C VAL G 535 31.81 -19.62 27.81
N ALA G 536 32.78 -20.53 27.72
CA ALA G 536 32.43 -21.93 27.46
C ALA G 536 31.66 -22.52 28.63
N SER G 537 32.06 -22.21 29.86
CA SER G 537 31.33 -22.69 31.03
C SER G 537 29.92 -22.11 31.08
N LEU G 538 29.78 -20.84 30.71
CA LEU G 538 28.45 -20.22 30.66
C LEU G 538 27.56 -20.88 29.62
N LEU G 539 28.14 -21.21 28.46
CA LEU G 539 27.38 -21.95 27.45
C LEU G 539 26.97 -23.32 27.96
N SER G 540 27.86 -23.98 28.72
CA SER G 540 27.54 -25.30 29.26
C SER G 540 26.46 -25.22 30.34
N THR G 541 26.45 -24.15 31.14
CA THR G 541 25.42 -24.00 32.17
C THR G 541 24.04 -23.75 31.59
N ALA G 542 23.95 -23.26 30.36
CA ALA G 542 22.67 -22.92 29.78
C ALA G 542 21.83 -24.18 29.55
N GLU G 543 20.64 -24.20 30.14
CA GLU G 543 19.72 -25.32 30.00
C GLU G 543 18.44 -24.94 29.28
N ALA G 544 18.27 -23.67 28.92
CA ALA G 544 17.08 -23.22 28.23
C ALA G 544 17.39 -21.88 27.55
N VAL G 545 16.96 -21.74 26.31
CA VAL G 545 17.15 -20.51 25.54
C VAL G 545 15.78 -20.03 25.08
N VAL G 546 15.44 -18.80 25.44
CA VAL G 546 14.16 -18.19 25.09
C VAL G 546 14.42 -17.18 23.98
N THR G 547 13.83 -17.44 22.81
CA THR G 547 13.98 -16.58 21.64
C THR G 547 12.60 -16.09 21.20
N GLU G 548 12.60 -15.11 20.30
CA GLU G 548 11.37 -14.50 19.82
C GLU G 548 11.02 -15.02 18.43
N ILE G 549 9.73 -15.21 18.18
CA ILE G 549 9.24 -15.71 16.91
C ILE G 549 9.27 -14.58 15.89
N PRO G 550 9.99 -14.74 14.77
CA PRO G 550 10.08 -13.72 13.72
C PRO G 550 8.89 -13.78 12.74
#